data_8YS4
#
_entry.id   8YS4
#
_cell.length_a   1.00
_cell.length_b   1.00
_cell.length_c   1.00
_cell.angle_alpha   90.00
_cell.angle_beta   90.00
_cell.angle_gamma   90.00
#
_symmetry.space_group_name_H-M   'P 1'
#
loop_
_entity.id
_entity.type
_entity.pdbx_description
1 polymer 'Spike glycoprotein E1'
2 polymer 'Spike glycoprotein E2'
3 polymer 'Capsid protein'
4 polymer 'Very low-density lipoprotein receptor'
5 polymer 'Very low-density lipoprotein receptor'
6 non-polymer 'CALCIUM ION'
#
loop_
_entity_poly.entity_id
_entity_poly.type
_entity_poly.pdbx_seq_one_letter_code
_entity_poly.pdbx_strand_id
1 'polypeptide(L)'
;YEHTAVMPNKVGIPYKALVERPGYAPVHLQIQLVNTRIIPSTNLEYITCKYKTKVPSPVVKCCGATQCTSKPHPDYQCQV
FSGVYPFMWGGAYCFCDTENTQMSEAYVERSEECSIDHAKAYKVHTGTVQAMVNITYGSVSWRSADVYVNGETPAKIGDA
KLIIGPLSSAWSPFDNKVVVYGHEVYNYDFPEYGTGKAGSFGDLQSRTSTSNDLYANTNLKLQRPQAGIVHTPFTQVPSG
FERWKKDKGAPLNDVAPFGCSIALEPLRAENCAVGSIPISIDIPDAAFTRISETPTVSDLECKITECTYAFDFGGIATVA
YKSSKAGNCPIHSPSGVAVIKENDVTLAESGSFTFHFSTANIHPAFKLQVCTSAVTCKGDCKPPKDHIVDYPAQHTESFT
SAISATAWSWIKVLVGGTSAFIVLGLIATAVVALVLFFHRH
;
A,D,G,J
2 'polypeptide(L)'
;DLDTHFTQYKLARPYIADCPNCGHSRCDSPIAIEEVRGDAHAGVIRIQTSAMFGLKTDGVDLAYMSFMNGKTQKSIKIDN
LHVRTSAPCSLVSHHGYYILAQCPPGDTVTVGFHDGPNRHTCTVAHKVEFRPVGREKYRHPPEHGVELPCNRYTHKRADQ
GHYVEMHQPGLVADHSLLSIHSAKVKITVPSGAQVKYYCKCPDVRKGITSSDHTTTCTDVKQCRAYLIDNKKWVYNSGRL
PRGEGDTFKGKLHVPFVPVKAKCIATLAPEPLVEHKHRTLILHLHPDHPTLLTTRSLGSDANPTRQWIERPTTVNFTVTG
EGLEYTWGNHPPKRVWAQESGEGNPHGWPHEVVVYYYNRYPLTTIIGLCTCVAIIMVSCVTSVWLLCRTRNLCITPYKLA
PNAQVPILLALLCCIKPTRA
;
B,E,H,K
3 'polypeptide(L)'
;MFPYPTLNYPPMAPINPMAYRDPNPPRRRWRPFRPPLAAQIEDLRRSIASLTLKQRAPNPPAGPPANRKKPAPKPKPAQA
KKKRPPPPAKKQKRKPKPGKRQRMCMKLESDKTFPIMLNGQVNGYACVVGGRVFKPLHVEGRIDNEQLAAIKLKKASIYD
LEYGDVPQCMKSDTLQYTSDKPPGFYNWHHGAVQYENNRFTVPRGVGGKGDSGRPILDNKGRVVAIVLGGVNEGSRTALS
VVTWNQKGVTVKDTPEGSEPW
;
C,F,I,L
4 'polypeptide(L)' PTCGAHEFQCSTSSCIPISWVCDDDADCSDQSDESLEQCGR M,N,O,P
5 'polypeptide(L)' RTCRIHEISCGAHSTQCIPVSWRCDGENDCDSGEDEENCGN Q,R,S,T
#
# COMPACT_ATOMS: atom_id res chain seq x y z
N TYR A 1 -7.11 10.10 -34.80
CA TYR A 1 -6.75 11.40 -34.23
C TYR A 1 -7.80 11.84 -33.22
N GLU A 2 -7.36 12.52 -32.17
CA GLU A 2 -8.23 12.93 -31.07
C GLU A 2 -8.32 14.45 -31.02
N HIS A 3 -9.54 14.97 -30.92
CA HIS A 3 -9.79 16.40 -30.90
C HIS A 3 -10.65 16.72 -29.68
N THR A 4 -10.15 17.60 -28.81
CA THR A 4 -10.84 17.98 -27.59
C THR A 4 -11.21 19.45 -27.66
N ALA A 5 -12.39 19.79 -27.15
CA ALA A 5 -12.88 21.16 -27.13
C ALA A 5 -13.97 21.27 -26.06
N VAL A 6 -14.66 22.40 -26.05
CA VAL A 6 -15.77 22.65 -25.13
C VAL A 6 -16.95 23.16 -25.96
N MET A 7 -18.06 22.47 -25.90
CA MET A 7 -19.29 22.86 -26.57
C MET A 7 -20.27 23.42 -25.54
N PRO A 8 -21.16 24.34 -25.94
CA PRO A 8 -22.16 24.85 -24.99
C PRO A 8 -23.39 23.95 -24.93
N ASN A 9 -24.16 24.14 -23.86
CA ASN A 9 -25.31 23.28 -23.58
C ASN A 9 -26.57 23.90 -24.19
N LYS A 10 -26.59 23.95 -25.51
CA LYS A 10 -27.76 24.34 -26.29
C LYS A 10 -28.13 23.21 -27.23
N VAL A 11 -29.43 23.05 -27.47
CA VAL A 11 -29.92 21.88 -28.18
C VAL A 11 -29.85 22.05 -29.69
N GLY A 12 -30.54 23.05 -30.21
CA GLY A 12 -30.65 23.16 -31.65
C GLY A 12 -29.47 23.81 -32.36
N ILE A 13 -28.49 24.30 -31.62
CA ILE A 13 -27.38 25.07 -32.17
C ILE A 13 -26.20 24.13 -32.42
N PRO A 14 -25.78 23.92 -33.67
CA PRO A 14 -24.66 23.01 -33.93
C PRO A 14 -23.31 23.63 -33.62
N TYR A 15 -22.38 22.77 -33.24
CA TYR A 15 -21.01 23.18 -32.94
C TYR A 15 -20.12 22.75 -34.10
N LYS A 16 -19.42 23.70 -34.69
CA LYS A 16 -18.60 23.47 -35.87
C LYS A 16 -17.13 23.65 -35.52
N ALA A 17 -16.30 22.73 -35.98
CA ALA A 17 -14.87 22.78 -35.69
C ALA A 17 -14.10 22.19 -36.87
N LEU A 18 -12.84 22.59 -36.99
CA LEU A 18 -11.96 22.18 -38.07
C LEU A 18 -10.75 21.50 -37.46
N VAL A 19 -10.69 20.17 -37.54
CA VAL A 19 -9.57 19.45 -36.98
C VAL A 19 -8.36 19.57 -37.90
N GLU A 20 -7.18 19.68 -37.31
CA GLU A 20 -5.95 19.98 -38.05
C GLU A 20 -4.91 18.93 -37.71
N ARG A 21 -4.94 17.83 -38.44
CA ARG A 21 -3.86 16.86 -38.36
C ARG A 21 -2.67 17.34 -39.17
N PRO A 22 -1.46 17.32 -38.61
CA PRO A 22 -0.28 17.78 -39.37
C PRO A 22 0.07 16.83 -40.49
N GLY A 23 0.36 17.41 -41.66
CA GLY A 23 0.64 16.64 -42.85
C GLY A 23 -0.59 16.22 -43.63
N TYR A 24 -1.78 16.54 -43.17
CA TYR A 24 -3.02 16.11 -43.78
C TYR A 24 -3.95 17.30 -43.97
N ALA A 25 -4.96 17.12 -44.82
CA ALA A 25 -5.93 18.17 -45.06
C ALA A 25 -6.88 18.30 -43.87
N PRO A 26 -7.34 19.50 -43.57
CA PRO A 26 -8.33 19.67 -42.50
C PRO A 26 -9.66 19.04 -42.84
N VAL A 27 -10.36 18.58 -41.80
CA VAL A 27 -11.64 17.89 -41.92
C VAL A 27 -12.67 18.66 -41.10
N HIS A 28 -13.80 18.99 -41.72
CA HIS A 28 -14.86 19.67 -41.01
C HIS A 28 -15.56 18.71 -40.04
N LEU A 29 -15.99 19.25 -38.90
CA LEU A 29 -16.63 18.48 -37.84
C LEU A 29 -17.87 19.22 -37.37
N GLN A 30 -18.94 18.47 -37.09
CA GLN A 30 -20.20 19.07 -36.70
C GLN A 30 -20.87 18.18 -35.66
N ILE A 31 -20.98 18.67 -34.43
CA ILE A 31 -21.64 17.96 -33.34
C ILE A 31 -22.90 18.72 -32.96
N GLN A 32 -24.03 18.01 -32.90
CA GLN A 32 -25.30 18.62 -32.54
C GLN A 32 -26.02 17.73 -31.54
N LEU A 33 -26.63 18.36 -30.55
CA LEU A 33 -27.44 17.65 -29.57
C LEU A 33 -28.88 17.57 -30.05
N VAL A 34 -29.58 16.52 -29.60
CA VAL A 34 -31.01 16.36 -29.85
C VAL A 34 -31.81 16.38 -28.55
N ASN A 35 -31.35 15.63 -27.55
CA ASN A 35 -31.98 15.57 -26.23
C ASN A 35 -30.93 15.85 -25.17
N THR A 36 -31.41 16.25 -24.00
CA THR A 36 -30.54 16.35 -22.82
C THR A 36 -31.42 16.06 -21.60
N ARG A 37 -31.28 14.88 -21.03
CA ARG A 37 -32.17 14.41 -19.98
C ARG A 37 -31.41 14.22 -18.68
N ILE A 38 -31.88 14.85 -17.61
CA ILE A 38 -31.36 14.65 -16.27
C ILE A 38 -32.30 13.72 -15.53
N ILE A 39 -31.81 12.57 -15.11
CA ILE A 39 -32.62 11.50 -14.55
C ILE A 39 -32.22 11.28 -13.10
N PRO A 40 -32.93 11.88 -12.15
CA PRO A 40 -32.63 11.62 -10.74
C PRO A 40 -33.11 10.25 -10.30
N SER A 41 -32.48 9.76 -9.24
CA SER A 41 -32.82 8.46 -8.68
C SER A 41 -33.87 8.65 -7.59
N THR A 42 -35.00 7.96 -7.73
CA THR A 42 -36.14 8.15 -6.85
C THR A 42 -36.52 6.85 -6.17
N ASN A 43 -37.06 6.96 -4.96
CA ASN A 43 -37.63 5.82 -4.25
C ASN A 43 -38.98 6.21 -3.68
N LEU A 44 -39.97 5.36 -3.91
CA LEU A 44 -41.33 5.64 -3.48
C LEU A 44 -41.46 5.45 -1.97
N GLU A 45 -42.16 6.36 -1.32
CA GLU A 45 -42.43 6.26 0.11
C GLU A 45 -43.86 5.87 0.41
N TYR A 46 -44.83 6.64 -0.08
CA TYR A 46 -46.23 6.25 0.07
C TYR A 46 -47.04 6.88 -1.05
N ILE A 47 -48.22 6.32 -1.28
CA ILE A 47 -49.20 6.91 -2.15
C ILE A 47 -50.33 7.45 -1.29
N THR A 48 -51.17 8.29 -1.90
CA THR A 48 -52.31 8.84 -1.20
C THR A 48 -53.47 8.95 -2.18
N CYS A 49 -54.69 8.79 -1.66
CA CYS A 49 -55.88 8.89 -2.50
C CYS A 49 -57.06 9.27 -1.62
N LYS A 50 -58.25 9.32 -2.22
CA LYS A 50 -59.48 9.55 -1.49
C LYS A 50 -59.87 8.28 -0.74
N TYR A 51 -60.37 8.45 0.48
CA TYR A 51 -60.77 7.30 1.27
C TYR A 51 -62.17 6.85 0.90
N LYS A 52 -62.56 5.71 1.46
CA LYS A 52 -63.93 5.23 1.38
C LYS A 52 -64.20 4.48 2.68
N THR A 53 -65.09 5.02 3.51
CA THR A 53 -65.37 4.44 4.81
C THR A 53 -66.55 3.47 4.69
N LYS A 54 -66.29 2.20 4.99
CA LYS A 54 -67.34 1.19 4.97
C LYS A 54 -67.90 1.00 6.36
N VAL A 55 -69.18 0.65 6.43
CA VAL A 55 -69.87 0.43 7.69
C VAL A 55 -70.48 -0.96 7.68
N PRO A 56 -70.08 -1.84 8.57
CA PRO A 56 -70.72 -3.17 8.66
C PRO A 56 -72.10 -3.05 9.28
N SER A 57 -72.84 -4.15 9.21
CA SER A 57 -74.18 -4.19 9.75
C SER A 57 -74.14 -4.18 11.27
N PRO A 58 -74.87 -3.28 11.93
CA PRO A 58 -74.89 -3.28 13.40
C PRO A 58 -75.69 -4.45 13.94
N VAL A 59 -75.36 -4.83 15.18
CA VAL A 59 -76.16 -5.83 15.87
C VAL A 59 -77.19 -5.10 16.72
N VAL A 60 -78.39 -5.65 16.77
CA VAL A 60 -79.50 -5.06 17.52
C VAL A 60 -79.94 -6.10 18.54
N LYS A 61 -79.39 -6.01 19.74
CA LYS A 61 -79.81 -6.88 20.82
C LYS A 61 -81.19 -6.35 21.23
N CYS A 62 -82.15 -7.23 21.47
CA CYS A 62 -83.49 -6.77 21.83
C CYS A 62 -83.56 -6.34 23.29
N CYS A 63 -82.92 -7.08 24.18
CA CYS A 63 -82.72 -6.62 25.56
C CYS A 63 -81.49 -7.31 26.13
N GLY A 64 -80.45 -6.52 26.39
CA GLY A 64 -79.16 -7.01 26.83
C GLY A 64 -78.10 -5.95 26.59
N ALA A 65 -76.88 -6.40 26.40
CA ALA A 65 -75.76 -5.52 26.09
C ALA A 65 -74.71 -6.31 25.34
N THR A 66 -74.14 -5.70 24.30
CA THR A 66 -73.07 -6.31 23.52
C THR A 66 -71.93 -5.30 23.39
N GLN A 67 -70.79 -5.62 23.98
CA GLN A 67 -69.58 -4.81 23.88
C GLN A 67 -68.71 -5.32 22.75
N CYS A 68 -67.81 -4.45 22.27
CA CYS A 68 -66.87 -4.80 21.23
C CYS A 68 -65.45 -4.66 21.75
N THR A 69 -64.55 -5.43 21.16
CA THR A 69 -63.13 -5.36 21.47
C THR A 69 -62.47 -4.33 20.57
N SER A 70 -61.14 -4.31 20.56
CA SER A 70 -60.38 -3.44 19.69
C SER A 70 -59.90 -4.25 18.49
N LYS A 71 -60.24 -3.79 17.30
CA LYS A 71 -59.87 -4.52 16.10
C LYS A 71 -58.70 -3.83 15.40
N PRO A 72 -57.81 -4.60 14.76
CA PRO A 72 -56.66 -3.98 14.05
C PRO A 72 -57.07 -3.39 12.70
N HIS A 73 -57.74 -2.26 12.76
CA HIS A 73 -58.24 -1.58 11.57
C HIS A 73 -57.87 -0.11 11.62
N PRO A 74 -57.64 0.51 10.46
CA PRO A 74 -57.34 1.95 10.46
C PRO A 74 -58.58 2.77 10.75
N ASP A 75 -58.47 3.63 11.78
CA ASP A 75 -59.53 4.53 12.25
C ASP A 75 -60.80 3.77 12.63
N TYR A 76 -60.63 2.65 13.32
CA TYR A 76 -61.78 1.86 13.76
C TYR A 76 -62.50 2.57 14.90
N GLN A 77 -63.84 2.46 14.90
CA GLN A 77 -64.65 3.17 15.88
C GLN A 77 -65.74 2.25 16.44
N CYS A 78 -65.94 2.33 17.75
CA CYS A 78 -67.01 1.65 18.46
C CYS A 78 -67.72 2.62 19.39
N GLN A 79 -69.05 2.55 19.42
CA GLN A 79 -69.83 3.24 20.44
C GLN A 79 -71.20 2.58 20.54
N VAL A 80 -71.61 2.24 21.76
CA VAL A 80 -72.82 1.47 22.01
C VAL A 80 -73.94 2.42 22.44
N PHE A 81 -75.07 2.35 21.76
CA PHE A 81 -76.25 3.17 22.08
C PHE A 81 -77.28 2.31 22.80
N SER A 82 -77.79 2.82 23.93
CA SER A 82 -78.66 2.06 24.80
C SER A 82 -80.09 2.56 24.70
N GLY A 83 -81.02 1.65 24.49
CA GLY A 83 -82.43 2.00 24.44
C GLY A 83 -82.85 2.64 23.14
N VAL A 84 -82.71 1.92 22.03
CA VAL A 84 -83.01 2.51 20.73
C VAL A 84 -84.44 2.25 20.31
N TYR A 85 -84.93 1.01 20.49
CA TYR A 85 -86.25 0.50 20.06
C TYR A 85 -86.49 0.77 18.58
N PRO A 86 -85.83 0.05 17.68
CA PRO A 86 -85.94 0.37 16.26
C PRO A 86 -87.20 -0.19 15.62
N PHE A 87 -87.57 0.43 14.51
CA PHE A 87 -88.70 -0.01 13.69
C PHE A 87 -88.16 -0.50 12.35
N MET A 88 -88.74 -1.59 11.86
CA MET A 88 -88.45 -2.04 10.50
C MET A 88 -89.77 -2.20 9.76
N TRP A 89 -89.74 -2.81 8.59
CA TRP A 89 -90.97 -3.09 7.85
C TRP A 89 -91.66 -4.22 8.60
N GLY A 90 -93.00 -4.21 8.65
CA GLY A 90 -93.72 -5.23 9.37
C GLY A 90 -93.56 -5.13 10.87
N GLY A 91 -94.00 -4.02 11.46
CA GLY A 91 -94.02 -3.87 12.89
C GLY A 91 -92.65 -3.56 13.48
N ALA A 92 -92.65 -3.42 14.80
CA ALA A 92 -91.42 -3.12 15.53
C ALA A 92 -90.49 -4.32 15.54
N TYR A 93 -89.19 -4.03 15.53
CA TYR A 93 -88.19 -5.09 15.45
C TYR A 93 -88.00 -5.78 16.80
N CYS A 94 -88.05 -5.04 17.90
CA CYS A 94 -87.74 -5.59 19.21
C CYS A 94 -88.95 -5.48 20.14
N PHE A 95 -88.86 -6.18 21.26
CA PHE A 95 -89.94 -6.24 22.24
C PHE A 95 -89.59 -5.56 23.55
N CYS A 96 -88.39 -5.79 24.07
CA CYS A 96 -87.97 -5.30 25.38
C CYS A 96 -87.84 -3.78 25.31
N ASP A 97 -88.86 -3.08 25.78
CA ASP A 97 -88.95 -1.64 25.59
C ASP A 97 -87.99 -0.89 26.50
N THR A 98 -87.39 0.18 25.95
CA THR A 98 -86.46 1.09 26.61
C THR A 98 -85.22 0.41 27.20
N GLU A 99 -84.86 -0.77 26.69
CA GLU A 99 -83.61 -1.42 27.07
C GLU A 99 -83.14 -2.22 25.85
N ASN A 100 -82.30 -1.60 25.03
CA ASN A 100 -81.88 -2.15 23.77
C ASN A 100 -80.42 -1.78 23.56
N THR A 101 -79.82 -2.23 22.45
CA THR A 101 -78.41 -1.97 22.20
C THR A 101 -78.14 -2.06 20.70
N GLN A 102 -77.48 -1.04 20.16
CA GLN A 102 -77.03 -1.03 18.77
C GLN A 102 -75.52 -0.93 18.70
N MET A 103 -74.91 -1.68 17.79
CA MET A 103 -73.45 -1.78 17.72
C MET A 103 -72.83 -0.57 17.01
N SER A 104 -73.10 -0.46 15.70
CA SER A 104 -72.72 0.66 14.85
C SER A 104 -71.20 0.90 14.84
N GLU A 105 -70.48 -0.07 14.27
CA GLU A 105 -69.05 0.07 14.06
C GLU A 105 -68.78 0.61 12.68
N ALA A 106 -67.63 1.30 12.54
CA ALA A 106 -67.25 1.93 11.29
C ALA A 106 -65.76 1.75 11.08
N TYR A 107 -65.33 1.91 9.82
CA TYR A 107 -64.01 1.47 9.39
C TYR A 107 -63.64 2.15 8.07
N VAL A 108 -62.40 2.64 7.96
CA VAL A 108 -61.95 3.44 6.83
C VAL A 108 -60.97 2.62 6.01
N GLU A 109 -61.17 2.60 4.68
CA GLU A 109 -60.29 1.84 3.80
C GLU A 109 -60.11 2.59 2.48
N ARG A 110 -59.24 2.05 1.64
CA ARG A 110 -58.95 2.65 0.35
C ARG A 110 -60.13 2.50 -0.61
N SER A 111 -60.30 3.49 -1.47
CA SER A 111 -61.39 3.48 -2.44
C SER A 111 -61.01 2.63 -3.64
N GLU A 112 -62.01 2.38 -4.50
CA GLU A 112 -61.76 1.64 -5.73
C GLU A 112 -60.98 2.47 -6.73
N GLU A 113 -61.14 3.80 -6.69
CA GLU A 113 -60.46 4.70 -7.62
C GLU A 113 -58.98 4.87 -7.31
N CYS A 114 -58.49 4.35 -6.18
CA CYS A 114 -57.10 4.56 -5.78
C CYS A 114 -56.10 3.86 -6.69
N SER A 115 -56.55 2.88 -7.49
CA SER A 115 -55.67 2.24 -8.45
C SER A 115 -55.43 3.08 -9.69
N ILE A 116 -56.18 4.17 -9.88
CA ILE A 116 -56.13 4.97 -11.10
C ILE A 116 -55.47 6.33 -10.85
N ASP A 117 -56.04 7.15 -9.98
CA ASP A 117 -55.46 8.45 -9.65
C ASP A 117 -55.01 8.47 -8.20
N HIS A 118 -53.71 8.65 -8.00
CA HIS A 118 -53.11 8.68 -6.68
C HIS A 118 -51.79 9.45 -6.79
N ALA A 119 -51.54 10.31 -5.82
CA ALA A 119 -50.31 11.08 -5.81
C ALA A 119 -49.20 10.26 -5.18
N LYS A 120 -48.07 10.17 -5.87
CA LYS A 120 -46.95 9.37 -5.42
C LYS A 120 -45.88 10.26 -4.83
N ALA A 121 -45.39 9.91 -3.64
CA ALA A 121 -44.43 10.71 -2.90
C ALA A 121 -43.03 10.13 -3.09
N TYR A 122 -42.07 10.98 -3.42
CA TYR A 122 -40.71 10.57 -3.73
C TYR A 122 -39.71 11.47 -3.04
N LYS A 123 -38.54 10.93 -2.74
CA LYS A 123 -37.34 11.75 -2.58
C LYS A 123 -36.34 11.40 -3.66
N VAL A 124 -35.71 12.42 -4.23
CA VAL A 124 -34.81 12.24 -5.35
C VAL A 124 -33.38 12.31 -4.85
N HIS A 125 -32.46 11.79 -5.65
CA HIS A 125 -31.03 11.91 -5.43
C HIS A 125 -30.39 12.11 -6.79
N THR A 126 -29.14 12.59 -6.77
CA THR A 126 -28.44 12.86 -8.02
C THR A 126 -28.11 11.55 -8.73
N GLY A 127 -28.46 11.46 -10.01
CA GLY A 127 -28.29 10.24 -10.75
C GLY A 127 -27.54 10.42 -12.05
N THR A 128 -28.06 9.85 -13.12
CA THR A 128 -27.38 9.85 -14.41
C THR A 128 -27.88 10.98 -15.31
N VAL A 129 -26.98 11.51 -16.11
CA VAL A 129 -27.30 12.44 -17.18
C VAL A 129 -26.93 11.78 -18.51
N GLN A 130 -27.86 11.80 -19.46
CA GLN A 130 -27.58 11.26 -20.79
C GLN A 130 -28.18 12.18 -21.83
N ALA A 131 -27.64 12.10 -23.05
CA ALA A 131 -28.01 13.00 -24.13
C ALA A 131 -28.16 12.18 -25.40
N MET A 132 -28.26 12.87 -26.53
CA MET A 132 -28.34 12.21 -27.84
C MET A 132 -27.67 13.12 -28.86
N VAL A 133 -26.57 12.67 -29.44
CA VAL A 133 -25.73 13.52 -30.26
C VAL A 133 -25.95 13.19 -31.73
N ASN A 134 -25.65 14.17 -32.58
CA ASN A 134 -25.69 14.04 -34.03
C ASN A 134 -24.31 14.41 -34.57
N ILE A 135 -23.69 13.51 -35.33
CA ILE A 135 -22.30 13.64 -35.71
C ILE A 135 -22.16 13.45 -37.22
N THR A 136 -21.43 14.37 -37.86
CA THR A 136 -20.94 14.17 -39.21
C THR A 136 -19.52 14.73 -39.30
N TYR A 137 -18.74 14.18 -40.23
CA TYR A 137 -17.37 14.60 -40.43
C TYR A 137 -16.94 14.23 -41.84
N GLY A 138 -16.24 15.15 -42.51
CA GLY A 138 -15.74 14.89 -43.84
C GLY A 138 -16.85 14.73 -44.85
N SER A 139 -16.86 13.58 -45.53
CA SER A 139 -17.91 13.24 -46.48
C SER A 139 -18.89 12.21 -45.92
N VAL A 140 -18.76 11.85 -44.65
CA VAL A 140 -19.66 10.88 -44.03
C VAL A 140 -20.95 11.59 -43.64
N SER A 141 -22.08 10.91 -43.83
CA SER A 141 -23.38 11.48 -43.55
C SER A 141 -23.64 11.52 -42.04
N TRP A 142 -24.83 12.01 -41.68
CA TRP A 142 -25.19 12.17 -40.28
C TRP A 142 -25.42 10.82 -39.62
N ARG A 143 -24.87 10.66 -38.42
CA ARG A 143 -25.08 9.48 -37.59
C ARG A 143 -25.42 9.92 -36.18
N SER A 144 -26.27 9.15 -35.51
CA SER A 144 -26.76 9.56 -34.20
C SER A 144 -26.97 8.35 -33.31
N ALA A 145 -26.54 8.48 -32.05
CA ALA A 145 -26.87 7.52 -31.00
C ALA A 145 -26.72 8.21 -29.66
N ASP A 146 -27.47 7.72 -28.67
CA ASP A 146 -27.49 8.34 -27.35
C ASP A 146 -26.27 7.94 -26.53
N VAL A 147 -25.66 8.94 -25.89
CA VAL A 147 -24.44 8.73 -25.11
C VAL A 147 -24.73 8.98 -23.64
N TYR A 148 -23.72 8.79 -22.81
CA TYR A 148 -23.82 9.03 -21.38
C TYR A 148 -22.92 10.21 -21.06
N VAL A 149 -23.44 11.21 -20.35
CA VAL A 149 -22.64 12.39 -20.06
C VAL A 149 -21.72 12.30 -18.85
N ASN A 150 -20.75 11.40 -18.97
CA ASN A 150 -19.70 11.19 -17.98
C ASN A 150 -18.40 11.11 -18.76
N GLY A 151 -17.31 11.63 -18.18
CA GLY A 151 -16.03 11.62 -18.86
C GLY A 151 -15.50 10.23 -19.16
N GLU A 152 -15.70 9.32 -18.22
CA GLU A 152 -15.20 7.96 -18.32
C GLU A 152 -15.71 7.06 -19.46
N THR A 153 -17.00 7.11 -19.77
CA THR A 153 -17.53 6.22 -20.81
C THR A 153 -17.57 6.70 -22.25
N PRO A 154 -17.01 5.89 -23.15
CA PRO A 154 -17.05 6.18 -24.59
C PRO A 154 -18.17 5.42 -25.30
N ALA A 155 -18.75 6.08 -26.30
CA ALA A 155 -19.83 5.51 -27.08
C ALA A 155 -19.50 5.69 -28.55
N LYS A 156 -19.20 4.59 -29.24
CA LYS A 156 -18.83 4.67 -30.64
C LYS A 156 -20.06 4.94 -31.50
N ILE A 157 -19.86 5.76 -32.52
CA ILE A 157 -20.88 6.10 -33.51
C ILE A 157 -20.22 6.11 -34.88
N GLY A 158 -20.80 5.35 -35.81
CA GLY A 158 -20.17 5.14 -37.10
C GLY A 158 -18.86 4.39 -36.95
N ASP A 159 -17.74 5.09 -37.17
CA ASP A 159 -16.42 4.57 -36.87
C ASP A 159 -15.67 5.45 -35.88
N ALA A 160 -16.34 6.44 -35.31
CA ALA A 160 -15.70 7.38 -34.38
C ALA A 160 -15.82 6.86 -32.95
N LYS A 161 -15.46 7.70 -31.99
CA LYS A 161 -15.55 7.33 -30.57
C LYS A 161 -15.66 8.62 -29.77
N LEU A 162 -16.84 8.89 -29.23
CA LEU A 162 -17.14 10.15 -28.58
C LEU A 162 -17.15 9.96 -27.06
N ILE A 163 -16.49 10.85 -26.34
CA ILE A 163 -16.53 10.89 -24.89
C ILE A 163 -17.09 12.25 -24.50
N ILE A 164 -18.38 12.31 -24.17
CA ILE A 164 -19.01 13.56 -23.79
C ILE A 164 -18.62 13.85 -22.35
N GLY A 165 -18.10 15.04 -22.11
CA GLY A 165 -17.57 15.39 -20.81
C GLY A 165 -18.67 15.67 -19.81
N PRO A 166 -18.28 15.79 -18.54
CA PRO A 166 -19.26 16.06 -17.49
C PRO A 166 -19.82 17.47 -17.58
N LEU A 167 -21.07 17.62 -17.17
CA LEU A 167 -21.70 18.93 -17.14
C LEU A 167 -21.06 19.79 -16.06
N SER A 168 -20.85 21.06 -16.38
CA SER A 168 -20.17 21.98 -15.47
C SER A 168 -21.08 22.51 -14.37
N SER A 169 -22.37 22.20 -14.40
CA SER A 169 -23.31 22.67 -13.39
C SER A 169 -24.07 21.49 -12.81
N ALA A 170 -24.15 21.43 -11.48
CA ALA A 170 -24.92 20.42 -10.79
C ALA A 170 -26.36 20.86 -10.54
N TRP A 171 -26.87 21.80 -11.32
CA TRP A 171 -28.23 22.30 -11.14
C TRP A 171 -29.24 21.26 -11.61
N SER A 172 -30.36 21.17 -10.89
CA SER A 172 -31.44 20.26 -11.20
C SER A 172 -32.72 20.93 -10.72
N PRO A 173 -33.80 20.87 -11.52
CA PRO A 173 -35.02 21.59 -11.12
C PRO A 173 -35.77 20.95 -9.96
N PHE A 174 -35.51 19.67 -9.68
CA PHE A 174 -36.24 18.96 -8.64
C PHE A 174 -35.75 19.36 -7.26
N ASP A 175 -36.67 19.41 -6.31
CA ASP A 175 -36.34 19.69 -4.91
C ASP A 175 -35.93 18.38 -4.25
N ASN A 176 -35.84 18.37 -2.93
CA ASN A 176 -35.51 17.12 -2.24
C ASN A 176 -36.68 16.15 -2.23
N LYS A 177 -37.92 16.66 -2.21
CA LYS A 177 -39.11 15.83 -2.19
C LYS A 177 -40.08 16.31 -3.26
N VAL A 178 -40.63 15.38 -4.04
CA VAL A 178 -41.54 15.71 -5.13
C VAL A 178 -42.81 14.88 -5.02
N VAL A 179 -43.88 15.38 -5.63
CA VAL A 179 -45.16 14.68 -5.70
C VAL A 179 -45.52 14.54 -7.17
N VAL A 180 -45.77 13.31 -7.60
CA VAL A 180 -46.10 13.01 -9.00
C VAL A 180 -47.57 12.60 -9.03
N TYR A 181 -48.45 13.51 -9.42
CA TYR A 181 -49.87 13.21 -9.55
C TYR A 181 -50.24 13.19 -11.02
N GLY A 182 -50.52 12.00 -11.55
CA GLY A 182 -51.04 11.88 -12.89
C GLY A 182 -50.02 12.20 -13.95
N HIS A 183 -50.17 13.38 -14.55
CA HIS A 183 -49.34 13.85 -15.65
C HIS A 183 -48.20 14.74 -15.15
N GLU A 184 -48.46 15.55 -14.13
CA GLU A 184 -47.56 16.62 -13.72
C GLU A 184 -46.82 16.29 -12.43
N VAL A 185 -45.82 17.11 -12.15
CA VAL A 185 -44.89 16.93 -11.03
C VAL A 185 -44.94 18.19 -10.17
N TYR A 186 -45.04 18.02 -8.86
CA TYR A 186 -45.09 19.15 -7.93
C TYR A 186 -43.94 19.07 -6.95
N ASN A 187 -43.40 20.23 -6.59
CA ASN A 187 -42.41 20.34 -5.52
C ASN A 187 -43.14 20.55 -4.21
N TYR A 188 -43.03 19.59 -3.30
CA TYR A 188 -43.88 19.57 -2.12
C TYR A 188 -43.15 18.90 -0.98
N ASP A 189 -43.69 19.03 0.23
CA ASP A 189 -43.18 18.40 1.42
C ASP A 189 -44.19 17.38 1.95
N PHE A 190 -43.69 16.35 2.60
CA PHE A 190 -44.59 15.32 3.07
C PHE A 190 -44.74 15.38 4.58
N PRO A 191 -45.82 14.81 5.10
CA PRO A 191 -45.91 14.54 6.54
C PRO A 191 -45.12 13.33 7.02
N GLU A 192 -44.36 12.65 6.14
CA GLU A 192 -43.39 11.60 6.48
C GLU A 192 -44.05 10.37 7.10
N TYR A 193 -45.23 10.02 6.61
CA TYR A 193 -45.96 8.76 6.81
C TYR A 193 -46.46 8.54 8.25
N GLY A 194 -46.04 9.37 9.19
CA GLY A 194 -46.51 9.16 10.54
C GLY A 194 -47.67 10.05 10.84
N THR A 195 -47.60 11.28 10.36
CA THR A 195 -48.58 12.30 10.68
C THR A 195 -49.49 12.57 9.48
N GLY A 196 -50.61 13.21 9.77
CA GLY A 196 -51.51 13.73 8.76
C GLY A 196 -52.64 14.43 9.46
N LYS A 197 -52.92 15.68 9.09
CA LYS A 197 -53.83 16.52 9.87
C LYS A 197 -55.26 16.47 9.36
N ALA A 198 -55.64 15.35 8.74
CA ALA A 198 -57.00 14.93 8.40
C ALA A 198 -57.64 15.75 7.27
N GLY A 199 -57.02 16.83 6.83
CA GLY A 199 -57.66 17.63 5.83
C GLY A 199 -56.75 18.30 4.83
N SER A 200 -55.45 17.99 4.83
CA SER A 200 -54.53 18.70 3.95
C SER A 200 -53.92 17.79 2.89
N PHE A 201 -53.08 16.82 3.26
CA PHE A 201 -52.56 15.91 2.25
C PHE A 201 -52.39 14.47 2.72
N GLY A 202 -52.22 14.21 4.00
CA GLY A 202 -51.83 12.89 4.42
C GLY A 202 -52.86 12.21 5.30
N ASP A 203 -54.13 12.34 4.95
CA ASP A 203 -55.16 11.66 5.71
C ASP A 203 -55.33 10.21 5.28
N LEU A 204 -54.60 9.76 4.27
CA LEU A 204 -54.56 8.35 3.91
C LEU A 204 -53.18 8.08 3.30
N GLN A 205 -52.33 7.38 4.04
CA GLN A 205 -50.96 7.13 3.63
C GLN A 205 -50.75 5.63 3.54
N SER A 206 -50.60 5.11 2.33
CA SER A 206 -50.35 3.69 2.10
C SER A 206 -49.01 3.54 1.40
N ARG A 207 -48.17 2.63 1.92
CA ARG A 207 -46.80 2.51 1.42
C ARG A 207 -46.73 1.95 0.00
N THR A 208 -47.72 1.17 -0.39
CA THR A 208 -47.77 0.60 -1.73
C THR A 208 -49.23 0.63 -2.19
N SER A 209 -49.45 0.60 -3.50
CA SER A 209 -50.80 0.56 -4.03
C SER A 209 -51.52 -0.74 -3.72
N THR A 210 -50.79 -1.82 -3.42
CA THR A 210 -51.38 -3.10 -3.04
C THR A 210 -51.02 -3.50 -1.62
N SER A 211 -50.62 -2.54 -0.80
CA SER A 211 -50.22 -2.85 0.58
C SER A 211 -51.44 -3.17 1.43
N ASN A 212 -51.19 -3.90 2.52
CA ASN A 212 -52.26 -4.29 3.43
C ASN A 212 -52.43 -3.30 4.57
N ASP A 213 -51.32 -2.89 5.21
CA ASP A 213 -51.39 -1.93 6.29
C ASP A 213 -51.65 -0.54 5.75
N LEU A 214 -52.50 0.21 6.45
CA LEU A 214 -52.95 1.52 6.00
C LEU A 214 -53.02 2.48 7.18
N TYR A 215 -52.58 3.71 6.97
CA TYR A 215 -52.71 4.77 7.95
C TYR A 215 -53.80 5.73 7.50
N ALA A 216 -54.71 6.07 8.41
CA ALA A 216 -55.80 6.99 8.09
C ALA A 216 -56.30 7.64 9.37
N ASN A 217 -56.28 8.97 9.42
CA ASN A 217 -57.01 9.71 10.44
C ASN A 217 -57.89 10.73 9.74
N THR A 218 -59.20 10.51 9.80
CA THR A 218 -60.17 11.37 9.14
C THR A 218 -61.16 11.99 10.13
N ASN A 219 -60.84 11.95 11.43
CA ASN A 219 -61.70 12.41 12.53
C ASN A 219 -63.06 11.74 12.50
N LEU A 220 -63.06 10.41 12.34
CA LEU A 220 -64.30 9.65 12.29
C LEU A 220 -64.95 9.61 13.66
N LYS A 221 -66.27 9.79 13.69
CA LYS A 221 -67.03 9.79 14.93
C LYS A 221 -68.46 9.40 14.61
N LEU A 222 -69.02 8.51 15.43
CA LEU A 222 -70.36 7.98 15.18
C LEU A 222 -71.42 8.81 15.91
N GLN A 223 -72.63 8.79 15.37
CA GLN A 223 -73.76 9.53 15.92
C GLN A 223 -74.89 8.57 16.28
N ARG A 224 -75.81 9.07 17.07
CA ARG A 224 -76.93 8.26 17.55
C ARG A 224 -77.98 8.11 16.46
N PRO A 225 -78.40 6.89 16.13
CA PRO A 225 -79.54 6.73 15.22
C PRO A 225 -80.83 7.15 15.91
N GLN A 226 -81.65 7.92 15.21
CA GLN A 226 -82.78 8.59 15.83
C GLN A 226 -84.09 7.97 15.38
N ALA A 227 -85.10 8.13 16.24
CA ALA A 227 -86.52 7.86 15.94
C ALA A 227 -86.78 6.40 15.58
N GLY A 228 -85.98 5.49 16.13
CA GLY A 228 -86.17 4.07 15.88
C GLY A 228 -85.94 3.63 14.46
N ILE A 229 -84.84 4.06 13.86
CA ILE A 229 -84.47 3.71 12.49
C ILE A 229 -83.16 2.96 12.54
N VAL A 230 -83.10 1.81 11.86
CA VAL A 230 -81.90 0.99 11.84
C VAL A 230 -80.92 1.51 10.80
N HIS A 231 -80.00 2.37 11.21
CA HIS A 231 -78.92 2.82 10.35
C HIS A 231 -77.76 3.29 11.23
N THR A 232 -76.57 3.33 10.63
CA THR A 232 -75.37 3.78 11.33
C THR A 232 -74.86 5.11 10.77
N PRO A 233 -75.11 6.23 11.43
CA PRO A 233 -74.61 7.51 10.93
C PRO A 233 -73.25 7.88 11.52
N PHE A 234 -72.57 8.79 10.83
CA PHE A 234 -71.24 9.22 11.20
C PHE A 234 -70.96 10.55 10.54
N THR A 235 -70.22 11.41 11.24
CA THR A 235 -69.71 12.65 10.67
C THR A 235 -68.19 12.61 10.70
N GLN A 236 -67.58 12.96 9.57
CA GLN A 236 -66.13 13.05 9.49
C GLN A 236 -65.77 14.18 8.54
N VAL A 237 -64.54 14.66 8.66
CA VAL A 237 -64.05 15.77 7.83
C VAL A 237 -63.87 15.29 6.40
N PRO A 238 -63.98 16.17 5.40
CA PRO A 238 -63.82 15.75 4.01
C PRO A 238 -62.37 15.42 3.69
N SER A 239 -62.16 14.91 2.48
CA SER A 239 -60.87 14.37 2.09
C SER A 239 -59.85 15.47 1.86
N GLY A 240 -58.62 15.23 2.32
CA GLY A 240 -57.55 16.16 2.05
C GLY A 240 -56.98 16.04 0.66
N PHE A 241 -57.04 14.84 0.08
CA PHE A 241 -56.59 14.65 -1.29
C PHE A 241 -57.54 15.31 -2.28
N GLU A 242 -58.84 15.30 -1.98
CA GLU A 242 -59.80 16.00 -2.79
C GLU A 242 -59.64 17.51 -2.66
N ARG A 243 -59.23 17.99 -1.49
CA ARG A 243 -58.96 19.40 -1.30
C ARG A 243 -57.67 19.83 -1.96
N TRP A 244 -56.65 18.96 -1.96
CA TRP A 244 -55.36 19.29 -2.55
C TRP A 244 -55.45 19.47 -4.07
N LYS A 245 -56.33 18.70 -4.73
CA LYS A 245 -56.51 18.83 -6.17
C LYS A 245 -57.17 20.14 -6.56
N LYS A 246 -57.82 20.83 -5.63
CA LYS A 246 -58.33 22.17 -5.89
C LYS A 246 -57.29 23.24 -5.56
N ASP A 247 -56.70 23.16 -4.37
CA ASP A 247 -55.75 24.16 -3.89
C ASP A 247 -54.30 23.75 -4.12
N LYS A 248 -53.94 23.41 -5.35
CA LYS A 248 -52.54 23.23 -5.71
C LYS A 248 -52.15 24.29 -6.72
N GLY A 249 -50.92 24.77 -6.64
CA GLY A 249 -50.49 25.87 -7.45
C GLY A 249 -50.09 25.47 -8.85
N ALA A 250 -48.93 25.96 -9.29
CA ALA A 250 -48.51 25.55 -10.62
C ALA A 250 -47.54 24.39 -10.52
N PRO A 251 -47.63 23.41 -11.43
CA PRO A 251 -46.72 22.27 -11.38
C PRO A 251 -45.33 22.65 -11.82
N LEU A 252 -44.38 21.75 -11.58
CA LEU A 252 -42.97 22.02 -11.86
C LEU A 252 -42.67 22.14 -13.35
N ASN A 253 -43.53 21.61 -14.22
CA ASN A 253 -43.31 21.77 -15.65
C ASN A 253 -43.87 23.09 -16.20
N ASP A 254 -44.29 24.00 -15.34
CA ASP A 254 -44.61 25.38 -15.73
C ASP A 254 -43.81 26.42 -14.97
N VAL A 255 -43.02 26.01 -13.98
CA VAL A 255 -42.26 26.94 -13.16
C VAL A 255 -40.75 26.80 -13.38
N ALA A 256 -40.29 25.69 -13.95
CA ALA A 256 -38.86 25.37 -14.00
C ALA A 256 -38.09 26.34 -14.90
N PRO A 257 -36.94 26.82 -14.45
CA PRO A 257 -36.14 27.73 -15.26
C PRO A 257 -35.43 27.00 -16.39
N PHE A 258 -34.80 27.79 -17.26
CA PHE A 258 -34.01 27.35 -18.43
C PHE A 258 -34.82 26.55 -19.45
N GLY A 259 -36.15 26.61 -19.38
CA GLY A 259 -36.99 25.88 -20.31
C GLY A 259 -36.90 24.37 -20.21
N CYS A 260 -36.82 23.84 -19.00
CA CYS A 260 -36.70 22.39 -18.81
C CYS A 260 -38.09 21.78 -18.89
N SER A 261 -38.39 21.12 -20.01
CA SER A 261 -39.61 20.34 -20.10
C SER A 261 -39.45 19.06 -19.30
N ILE A 262 -40.43 18.77 -18.44
CA ILE A 262 -40.34 17.66 -17.50
C ILE A 262 -41.13 16.49 -18.04
N ALA A 263 -40.47 15.34 -18.18
CA ALA A 263 -41.08 14.11 -18.64
C ALA A 263 -41.39 13.23 -17.43
N LEU A 264 -41.88 12.01 -17.68
CA LEU A 264 -42.48 11.34 -16.55
C LEU A 264 -42.01 9.91 -16.31
N GLU A 265 -41.78 9.12 -17.36
CA GLU A 265 -41.71 7.66 -17.15
C GLU A 265 -40.38 7.26 -16.51
N PRO A 266 -39.24 7.91 -16.78
CA PRO A 266 -38.13 7.85 -15.80
C PRO A 266 -38.04 9.05 -14.87
N LEU A 267 -39.01 9.97 -14.93
CA LEU A 267 -38.98 11.27 -14.24
C LEU A 267 -37.71 12.06 -14.61
N ARG A 268 -37.69 12.49 -15.87
CA ARG A 268 -36.56 13.22 -16.40
C ARG A 268 -36.77 14.72 -16.26
N ALA A 269 -35.78 15.49 -16.74
CA ALA A 269 -35.90 16.94 -16.92
C ALA A 269 -35.24 17.24 -18.26
N GLU A 270 -36.05 17.19 -19.32
CA GLU A 270 -35.52 17.21 -20.68
C GLU A 270 -35.16 18.63 -21.12
N ASN A 271 -34.03 18.74 -21.83
CA ASN A 271 -33.68 19.90 -22.65
C ASN A 271 -33.50 21.18 -21.84
N CYS A 272 -32.68 21.11 -20.79
CA CYS A 272 -32.28 22.31 -20.09
C CYS A 272 -31.16 23.01 -20.85
N ALA A 273 -30.84 24.23 -20.41
CA ALA A 273 -29.77 25.01 -21.04
C ALA A 273 -28.98 25.72 -19.94
N VAL A 274 -27.97 25.05 -19.41
CA VAL A 274 -27.15 25.61 -18.34
C VAL A 274 -25.74 25.04 -18.45
N GLY A 275 -24.74 25.91 -18.38
CA GLY A 275 -23.36 25.47 -18.40
C GLY A 275 -22.88 25.08 -19.79
N SER A 276 -21.78 24.34 -19.80
CA SER A 276 -21.18 23.88 -21.05
C SER A 276 -20.76 22.42 -20.91
N ILE A 277 -20.71 21.73 -22.04
CA ILE A 277 -20.36 20.31 -22.08
C ILE A 277 -19.05 20.13 -22.83
N PRO A 278 -17.98 19.70 -22.18
CA PRO A 278 -16.74 19.37 -22.92
C PRO A 278 -16.91 18.13 -23.77
N ILE A 279 -16.09 18.05 -24.82
CA ILE A 279 -16.18 16.99 -25.81
C ILE A 279 -14.78 16.43 -26.07
N SER A 280 -14.77 15.23 -26.64
CA SER A 280 -13.54 14.58 -27.10
C SER A 280 -13.94 13.50 -28.11
N ILE A 281 -13.42 13.59 -29.33
CA ILE A 281 -13.85 12.71 -30.42
C ILE A 281 -12.63 12.08 -31.07
N ASP A 282 -12.67 10.76 -31.26
CA ASP A 282 -11.62 10.01 -31.95
C ASP A 282 -12.02 9.85 -33.40
N ILE A 283 -11.53 10.75 -34.24
CA ILE A 283 -11.79 10.66 -35.68
C ILE A 283 -10.97 9.53 -36.27
N PRO A 284 -11.52 8.69 -37.15
CA PRO A 284 -10.73 7.62 -37.77
C PRO A 284 -9.61 8.17 -38.64
N ASP A 285 -8.51 7.41 -38.71
CA ASP A 285 -7.35 7.83 -39.47
C ASP A 285 -7.54 7.69 -40.98
N ALA A 286 -8.55 6.98 -41.43
CA ALA A 286 -8.81 6.83 -42.86
C ALA A 286 -9.64 7.97 -43.44
N ALA A 287 -10.08 8.92 -42.62
CA ALA A 287 -10.82 10.07 -43.10
C ALA A 287 -9.91 11.24 -43.45
N PHE A 288 -8.62 11.14 -43.18
CA PHE A 288 -7.67 12.20 -43.44
C PHE A 288 -6.94 11.92 -44.75
N THR A 289 -7.10 12.81 -45.73
CA THR A 289 -6.35 12.71 -46.97
C THR A 289 -5.05 13.50 -46.86
N ARG A 290 -4.09 13.14 -47.72
CA ARG A 290 -2.80 13.80 -47.71
C ARG A 290 -2.94 15.23 -48.23
N ILE A 291 -2.08 16.12 -47.73
CA ILE A 291 -2.21 17.54 -48.03
C ILE A 291 -1.82 17.86 -49.46
N SER A 292 -1.01 17.01 -50.10
CA SER A 292 -0.59 17.25 -51.47
C SER A 292 -1.68 16.94 -52.49
N GLU A 293 -2.72 16.19 -52.12
CA GLU A 293 -3.82 15.88 -53.01
C GLU A 293 -4.99 16.83 -52.85
N THR A 294 -4.73 18.07 -52.44
CA THR A 294 -5.76 19.06 -52.17
C THR A 294 -5.41 20.36 -52.89
N PRO A 295 -6.41 21.15 -53.26
CA PRO A 295 -6.12 22.47 -53.86
C PRO A 295 -5.46 23.41 -52.88
N THR A 296 -4.62 24.29 -53.43
CA THR A 296 -3.92 25.32 -52.66
C THR A 296 -4.32 26.67 -53.20
N VAL A 297 -5.09 27.43 -52.43
CA VAL A 297 -5.62 28.70 -52.89
C VAL A 297 -4.70 29.83 -52.44
N SER A 298 -4.81 30.96 -53.13
CA SER A 298 -4.02 32.14 -52.83
C SER A 298 -4.74 33.35 -53.38
N ASP A 299 -4.34 34.53 -52.89
CA ASP A 299 -4.86 35.84 -53.27
C ASP A 299 -6.37 35.92 -53.04
N LEU A 300 -6.74 35.83 -51.77
CA LEU A 300 -8.13 35.91 -51.33
C LEU A 300 -8.45 37.33 -50.88
N GLU A 301 -9.53 37.89 -51.41
CA GLU A 301 -10.04 39.18 -50.98
C GLU A 301 -11.54 39.04 -50.73
N CYS A 302 -11.97 39.42 -49.53
CA CYS A 302 -13.34 39.21 -49.09
C CYS A 302 -14.03 40.54 -48.84
N LYS A 303 -15.22 40.70 -49.42
CA LYS A 303 -16.03 41.90 -49.23
C LYS A 303 -17.42 41.48 -48.78
N ILE A 304 -17.87 42.02 -47.65
CA ILE A 304 -19.19 41.69 -47.12
C ILE A 304 -20.22 42.53 -47.85
N THR A 305 -21.13 41.87 -48.57
CA THR A 305 -22.10 42.58 -49.38
C THR A 305 -23.17 43.23 -48.51
N GLU A 306 -23.92 42.43 -47.75
CA GLU A 306 -25.00 42.91 -46.92
C GLU A 306 -24.96 42.19 -45.58
N CYS A 307 -25.13 42.93 -44.50
CA CYS A 307 -25.14 42.36 -43.16
C CYS A 307 -26.27 42.98 -42.35
N THR A 308 -26.68 42.26 -41.30
CA THR A 308 -27.72 42.71 -40.38
C THR A 308 -27.56 41.98 -39.05
N TYR A 309 -28.28 42.50 -38.05
CA TYR A 309 -28.26 42.00 -36.67
C TYR A 309 -29.00 40.69 -36.46
N ALA A 310 -29.73 40.18 -37.46
CA ALA A 310 -30.86 39.27 -37.23
C ALA A 310 -30.42 37.93 -36.66
N PHE A 311 -31.37 37.26 -36.01
CA PHE A 311 -31.11 36.00 -35.33
C PHE A 311 -30.76 34.90 -36.32
N ASP A 312 -31.38 34.91 -37.49
CA ASP A 312 -31.08 33.93 -38.52
C ASP A 312 -29.86 34.37 -39.31
N PHE A 313 -29.57 33.69 -40.41
CA PHE A 313 -28.39 33.98 -41.22
C PHE A 313 -28.69 35.19 -42.10
N GLY A 314 -28.45 36.37 -41.56
CA GLY A 314 -28.76 37.61 -42.23
C GLY A 314 -27.59 38.32 -42.89
N GLY A 315 -26.45 37.67 -43.04
CA GLY A 315 -25.29 38.27 -43.66
C GLY A 315 -24.90 37.52 -44.92
N ILE A 316 -24.47 38.25 -45.95
CA ILE A 316 -24.03 37.70 -47.21
C ILE A 316 -22.66 38.28 -47.54
N ALA A 317 -21.70 37.42 -47.85
CA ALA A 317 -20.36 37.85 -48.22
C ALA A 317 -19.90 37.07 -49.44
N THR A 318 -18.97 37.68 -50.18
CA THR A 318 -18.38 37.06 -51.37
C THR A 318 -16.86 37.11 -51.25
N VAL A 319 -16.22 36.04 -51.73
CA VAL A 319 -14.76 35.90 -51.64
C VAL A 319 -14.24 35.63 -53.05
N ALA A 320 -13.32 36.48 -53.51
CA ALA A 320 -12.65 36.30 -54.79
C ALA A 320 -11.31 35.62 -54.57
N TYR A 321 -11.08 34.52 -55.28
CA TYR A 321 -9.94 33.66 -55.00
C TYR A 321 -9.25 33.26 -56.30
N LYS A 322 -8.18 32.50 -56.15
CA LYS A 322 -7.45 31.92 -57.27
C LYS A 322 -6.79 30.65 -56.77
N SER A 323 -7.05 29.52 -57.43
CA SER A 323 -6.63 28.22 -56.93
C SER A 323 -5.85 27.47 -57.99
N SER A 324 -5.03 26.53 -57.51
CA SER A 324 -4.21 25.73 -58.42
C SER A 324 -5.04 24.69 -59.16
N LYS A 325 -5.98 24.05 -58.48
CA LYS A 325 -6.79 23.01 -59.11
C LYS A 325 -8.20 23.07 -58.56
N ALA A 326 -9.08 22.26 -59.14
CA ALA A 326 -10.49 22.25 -58.80
C ALA A 326 -10.79 21.15 -57.80
N GLY A 327 -11.50 21.50 -56.74
CA GLY A 327 -11.82 20.52 -55.71
C GLY A 327 -12.66 21.16 -54.61
N ASN A 328 -12.74 20.46 -53.48
CA ASN A 328 -13.51 20.89 -52.33
C ASN A 328 -12.61 21.03 -51.11
N CYS A 329 -12.86 22.06 -50.31
CA CYS A 329 -12.20 22.20 -49.02
C CYS A 329 -13.11 23.00 -48.10
N PRO A 330 -13.16 22.65 -46.82
CA PRO A 330 -14.13 23.29 -45.92
C PRO A 330 -13.73 24.69 -45.50
N ILE A 331 -14.74 25.46 -45.11
CA ILE A 331 -14.56 26.80 -44.58
C ILE A 331 -15.03 26.83 -43.13
N HIS A 332 -14.42 27.71 -42.35
CA HIS A 332 -14.71 27.81 -40.92
C HIS A 332 -14.19 29.13 -40.40
N SER A 333 -14.98 29.79 -39.55
CA SER A 333 -14.52 31.00 -38.87
C SER A 333 -14.17 30.65 -37.44
N PRO A 334 -12.90 30.71 -37.04
CA PRO A 334 -12.53 30.30 -35.68
C PRO A 334 -12.95 31.28 -34.60
N SER A 335 -13.24 32.52 -34.95
CA SER A 335 -13.65 33.49 -33.94
C SER A 335 -15.12 33.32 -33.59
N GLY A 336 -15.52 33.95 -32.50
CA GLY A 336 -16.91 33.97 -32.07
C GLY A 336 -17.72 35.14 -32.61
N VAL A 337 -17.14 35.93 -33.52
CA VAL A 337 -17.85 37.08 -34.07
C VAL A 337 -18.97 36.63 -35.00
N ALA A 338 -18.78 35.53 -35.73
CA ALA A 338 -19.81 35.06 -36.65
C ALA A 338 -19.76 33.55 -36.76
N VAL A 339 -20.90 32.97 -37.11
CA VAL A 339 -21.00 31.57 -37.47
C VAL A 339 -21.29 31.48 -38.96
N ILE A 340 -20.96 30.35 -39.56
CA ILE A 340 -21.03 30.16 -41.01
C ILE A 340 -22.11 29.14 -41.32
N LYS A 341 -22.97 29.47 -42.28
CA LYS A 341 -24.04 28.55 -42.66
C LYS A 341 -23.50 27.38 -43.47
N GLU A 342 -22.59 27.64 -44.40
CA GLU A 342 -22.07 26.59 -45.25
C GLU A 342 -20.97 25.79 -44.54
N ASN A 343 -20.69 24.61 -45.08
CA ASN A 343 -19.65 23.75 -44.57
C ASN A 343 -18.46 23.60 -45.52
N ASP A 344 -18.72 23.52 -46.82
CA ASP A 344 -17.65 23.39 -47.80
C ASP A 344 -18.11 24.00 -49.13
N VAL A 345 -17.14 24.30 -49.98
CA VAL A 345 -17.39 24.94 -51.26
C VAL A 345 -16.74 24.12 -52.37
N THR A 346 -17.26 24.27 -53.59
CA THR A 346 -16.68 23.66 -54.77
C THR A 346 -15.88 24.73 -55.51
N LEU A 347 -14.59 24.50 -55.66
CA LEU A 347 -13.68 25.49 -56.21
C LEU A 347 -13.38 25.20 -57.68
N ALA A 348 -12.72 26.18 -58.31
CA ALA A 348 -12.31 26.10 -59.70
C ALA A 348 -11.02 26.89 -59.83
N GLU A 349 -10.65 27.23 -61.06
CA GLU A 349 -9.44 28.01 -61.31
C GLU A 349 -9.83 29.48 -61.44
N SER A 350 -9.57 30.25 -60.39
CA SER A 350 -9.74 31.71 -60.32
C SER A 350 -11.19 32.12 -60.61
N GLY A 351 -12.07 31.71 -59.71
CA GLY A 351 -13.47 32.10 -59.78
C GLY A 351 -13.89 32.93 -58.59
N SER A 352 -15.05 32.61 -58.02
CA SER A 352 -15.54 33.26 -56.81
C SER A 352 -16.56 32.36 -56.15
N PHE A 353 -16.78 32.57 -54.85
CA PHE A 353 -17.82 31.85 -54.13
C PHE A 353 -18.39 32.75 -53.05
N THR A 354 -19.61 32.42 -52.62
CA THR A 354 -20.35 33.22 -51.65
C THR A 354 -20.81 32.33 -50.50
N PHE A 355 -21.01 32.95 -49.34
CA PHE A 355 -21.44 32.23 -48.16
C PHE A 355 -22.33 33.12 -47.31
N HIS A 356 -23.07 32.48 -46.40
CA HIS A 356 -23.99 33.17 -45.51
C HIS A 356 -23.51 33.06 -44.07
N PHE A 357 -23.68 34.14 -43.32
CA PHE A 357 -23.21 34.18 -41.94
C PHE A 357 -24.19 34.94 -41.08
N SER A 358 -24.08 34.74 -39.77
CA SER A 358 -24.91 35.42 -38.77
C SER A 358 -24.02 36.03 -37.71
N THR A 359 -24.35 37.24 -37.28
CA THR A 359 -23.52 37.96 -36.32
C THR A 359 -24.38 38.89 -35.50
N ALA A 360 -23.81 39.36 -34.39
CA ALA A 360 -24.49 40.29 -33.50
C ALA A 360 -23.82 41.65 -33.45
N ASN A 361 -22.69 41.83 -34.12
CA ASN A 361 -21.92 43.07 -34.06
C ASN A 361 -22.40 44.05 -35.13
N ILE A 362 -22.15 45.33 -34.89
CA ILE A 362 -22.35 46.33 -35.94
C ILE A 362 -21.25 46.21 -36.99
N HIS A 363 -20.00 46.12 -36.53
CA HIS A 363 -18.86 45.97 -37.43
C HIS A 363 -18.20 44.62 -37.16
N PRO A 364 -18.45 43.61 -37.98
CA PRO A 364 -17.81 42.31 -37.75
C PRO A 364 -16.35 42.34 -38.18
N ALA A 365 -15.47 41.85 -37.31
CA ALA A 365 -14.05 41.76 -37.58
C ALA A 365 -13.57 40.32 -37.50
N PHE A 366 -14.34 39.41 -38.08
CA PHE A 366 -14.00 38.00 -38.06
C PHE A 366 -13.08 37.65 -39.22
N LYS A 367 -12.54 36.44 -39.17
CA LYS A 367 -11.74 35.87 -40.25
C LYS A 367 -12.17 34.43 -40.45
N LEU A 368 -12.01 33.94 -41.67
CA LEU A 368 -12.32 32.55 -41.98
C LEU A 368 -11.19 31.93 -42.77
N GLN A 369 -11.03 30.62 -42.62
CA GLN A 369 -9.98 29.87 -43.28
C GLN A 369 -10.60 28.93 -44.31
N VAL A 370 -10.16 29.06 -45.55
CA VAL A 370 -10.56 28.17 -46.63
C VAL A 370 -9.31 27.55 -47.23
N CYS A 371 -9.30 26.22 -47.36
CA CYS A 371 -8.21 25.44 -47.95
C CYS A 371 -6.88 25.69 -47.23
N THR A 372 -6.92 25.57 -45.90
CA THR A 372 -5.88 26.02 -44.93
C THR A 372 -5.19 27.33 -45.32
N SER A 373 -6.01 28.32 -45.67
CA SER A 373 -5.55 29.68 -45.93
C SER A 373 -6.61 30.65 -45.44
N ALA A 374 -6.18 31.68 -44.72
CA ALA A 374 -7.11 32.58 -44.05
C ALA A 374 -7.22 33.92 -44.78
N VAL A 375 -8.33 34.61 -44.53
CA VAL A 375 -8.60 35.93 -45.10
C VAL A 375 -9.55 36.66 -44.16
N THR A 376 -9.28 37.95 -43.92
CA THR A 376 -10.06 38.75 -43.00
C THR A 376 -11.21 39.45 -43.72
N CYS A 377 -12.35 39.56 -43.04
CA CYS A 377 -13.54 40.21 -43.58
C CYS A 377 -14.03 41.28 -42.62
N LYS A 378 -14.30 42.47 -43.13
CA LYS A 378 -14.84 43.57 -42.35
C LYS A 378 -16.06 44.15 -43.06
N GLY A 379 -16.95 44.77 -42.29
CA GLY A 379 -18.15 45.33 -42.88
C GLY A 379 -18.98 46.08 -41.85
N ASP A 380 -20.19 46.44 -42.26
CA ASP A 380 -21.15 47.15 -41.42
C ASP A 380 -22.50 46.45 -41.51
N CYS A 381 -23.26 46.54 -40.41
CA CYS A 381 -24.53 45.84 -40.30
C CYS A 381 -25.64 46.81 -39.87
N LYS A 382 -26.88 46.44 -40.21
CA LYS A 382 -28.06 47.28 -40.00
C LYS A 382 -29.03 46.63 -39.02
N PRO A 383 -29.84 47.44 -38.35
CA PRO A 383 -30.83 46.92 -37.41
C PRO A 383 -31.94 46.23 -38.19
N PRO A 384 -32.49 45.14 -37.65
CA PRO A 384 -33.56 44.43 -38.36
C PRO A 384 -34.94 45.00 -38.09
N LYS A 385 -35.83 44.80 -39.06
CA LYS A 385 -37.18 45.35 -38.95
C LYS A 385 -38.06 44.55 -38.00
N ASP A 386 -37.82 43.25 -37.87
CA ASP A 386 -38.68 42.38 -37.08
C ASP A 386 -38.45 42.60 -35.59
N HIS A 387 -39.54 42.58 -34.82
CA HIS A 387 -39.49 42.81 -33.39
C HIS A 387 -39.38 41.50 -32.61
N ILE A 388 -40.16 40.49 -32.96
CA ILE A 388 -40.19 39.23 -32.24
C ILE A 388 -40.18 38.10 -33.26
N VAL A 389 -39.26 37.15 -33.08
CA VAL A 389 -39.19 35.96 -33.91
C VAL A 389 -39.47 34.74 -33.03
N ASP A 390 -39.61 33.58 -33.68
CA ASP A 390 -39.95 32.35 -32.97
C ASP A 390 -38.87 31.29 -33.11
N TYR A 391 -37.60 31.69 -33.18
CA TYR A 391 -36.49 30.77 -33.19
C TYR A 391 -35.35 31.38 -32.38
N PRO A 392 -34.51 30.56 -31.75
CA PRO A 392 -33.43 31.11 -30.93
C PRO A 392 -32.31 31.70 -31.77
N ALA A 393 -31.49 32.51 -31.12
CA ALA A 393 -30.39 33.17 -31.81
C ALA A 393 -29.28 32.18 -32.12
N GLN A 394 -28.75 32.27 -33.34
CA GLN A 394 -27.65 31.41 -33.75
C GLN A 394 -26.32 31.86 -33.14
N HIS A 395 -26.12 33.18 -33.03
CA HIS A 395 -24.87 33.73 -32.56
C HIS A 395 -24.86 33.81 -31.03
N THR A 396 -23.77 34.37 -30.49
CA THR A 396 -23.66 34.65 -29.06
C THR A 396 -23.26 36.10 -28.90
N GLU A 397 -24.11 36.88 -28.24
CA GLU A 397 -23.84 38.30 -28.02
C GLU A 397 -22.77 38.46 -26.95
N SER A 398 -21.77 39.30 -27.24
CA SER A 398 -20.68 39.56 -26.32
C SER A 398 -20.91 40.89 -25.60
N PHE A 399 -19.90 41.33 -24.84
CA PHE A 399 -20.02 42.58 -24.09
C PHE A 399 -19.88 43.80 -24.99
N THR A 400 -19.02 43.73 -26.00
CA THR A 400 -18.76 44.85 -26.90
C THR A 400 -19.44 44.68 -28.25
N SER A 401 -20.57 43.99 -28.28
CA SER A 401 -21.27 43.75 -29.53
C SER A 401 -22.18 44.91 -29.94
N ALA A 402 -22.36 45.91 -29.08
CA ALA A 402 -23.29 46.99 -29.34
C ALA A 402 -22.62 48.31 -29.65
N ILE A 403 -21.34 48.46 -29.36
CA ILE A 403 -20.67 49.75 -29.52
C ILE A 403 -20.29 49.94 -30.99
N SER A 404 -20.71 51.05 -31.56
CA SER A 404 -20.43 51.36 -32.95
C SER A 404 -19.09 52.10 -33.05
N ALA A 405 -18.74 52.55 -34.26
CA ALA A 405 -17.51 53.30 -34.44
C ALA A 405 -17.65 54.73 -33.95
N THR A 406 -18.82 55.34 -34.15
CA THR A 406 -19.06 56.69 -33.66
C THR A 406 -19.14 56.72 -32.14
N ALA A 407 -19.70 55.68 -31.53
CA ALA A 407 -19.80 55.65 -30.08
C ALA A 407 -18.44 55.43 -29.41
N TRP A 408 -17.52 54.76 -30.11
CA TRP A 408 -16.19 54.58 -29.54
C TRP A 408 -15.31 55.80 -29.75
N SER A 409 -15.67 56.68 -30.70
CA SER A 409 -14.95 57.94 -30.83
C SER A 409 -15.26 58.87 -29.67
N TRP A 410 -16.50 58.85 -29.17
CA TRP A 410 -16.85 59.64 -28.00
C TRP A 410 -16.33 59.03 -26.71
N ILE A 411 -16.03 57.73 -26.70
CA ILE A 411 -15.37 57.13 -25.54
C ILE A 411 -13.92 57.60 -25.45
N LYS A 412 -13.22 57.64 -26.58
CA LYS A 412 -11.82 58.03 -26.59
C LYS A 412 -11.63 59.52 -26.37
N VAL A 413 -12.58 60.34 -26.82
CA VAL A 413 -12.50 61.78 -26.58
C VAL A 413 -12.75 62.09 -25.10
N LEU A 414 -13.75 61.45 -24.51
CA LEU A 414 -14.08 61.69 -23.10
C LEU A 414 -13.04 61.11 -22.15
N VAL A 415 -12.24 60.16 -22.60
CA VAL A 415 -11.17 59.58 -21.78
C VAL A 415 -9.84 60.25 -22.06
N GLY A 416 -9.49 60.40 -23.34
CA GLY A 416 -8.17 60.93 -23.70
C GLY A 416 -7.98 62.39 -23.36
N GLY A 417 -9.01 63.21 -23.59
CA GLY A 417 -8.86 64.66 -23.37
C GLY A 417 -8.86 65.02 -21.89
N THR A 418 -9.74 64.40 -21.10
CA THR A 418 -9.83 64.76 -19.69
C THR A 418 -8.68 64.18 -18.87
N SER A 419 -8.12 63.04 -19.29
CA SER A 419 -6.93 62.53 -18.62
C SER A 419 -5.72 63.39 -18.95
N ALA A 420 -5.63 63.90 -20.19
CA ALA A 420 -4.54 64.77 -20.56
C ALA A 420 -4.70 66.18 -19.99
N PHE A 421 -5.89 66.54 -19.52
CA PHE A 421 -6.08 67.81 -18.86
C PHE A 421 -5.54 67.79 -17.43
N ILE A 422 -5.30 66.61 -16.87
CA ILE A 422 -4.61 66.52 -15.59
C ILE A 422 -3.10 66.42 -15.80
N VAL A 423 -2.68 65.89 -16.94
CA VAL A 423 -1.25 65.82 -17.26
C VAL A 423 -0.69 67.23 -17.50
N LEU A 424 -1.47 68.09 -18.13
CA LEU A 424 -1.10 69.50 -18.24
C LEU A 424 -1.06 70.16 -16.87
N GLY A 425 -1.99 69.82 -15.99
CA GLY A 425 -1.94 70.32 -14.63
C GLY A 425 -0.79 69.76 -13.83
N LEU A 426 -0.48 68.47 -14.03
CA LEU A 426 0.63 67.86 -13.29
C LEU A 426 1.99 68.32 -13.79
N ILE A 427 2.10 68.64 -15.09
CA ILE A 427 3.36 69.18 -15.61
C ILE A 427 3.52 70.66 -15.28
N ALA A 428 2.44 71.33 -14.87
CA ALA A 428 2.54 72.74 -14.51
C ALA A 428 3.19 72.93 -13.14
N THR A 429 2.89 72.06 -12.19
CA THR A 429 3.49 72.16 -10.86
C THR A 429 4.94 71.74 -10.84
N ALA A 430 5.38 70.94 -11.82
CA ALA A 430 6.77 70.53 -11.91
C ALA A 430 7.63 71.52 -12.69
N VAL A 431 7.02 72.56 -13.26
CA VAL A 431 7.75 73.58 -13.99
C VAL A 431 8.02 74.81 -13.11
N VAL A 432 6.99 75.29 -12.41
CA VAL A 432 7.19 76.44 -11.53
C VAL A 432 7.97 76.06 -10.28
N ALA A 433 7.99 74.79 -9.91
CA ALA A 433 8.94 74.33 -8.89
C ALA A 433 10.37 74.45 -9.40
N LEU A 434 10.59 74.15 -10.68
CA LEU A 434 11.92 74.30 -11.27
C LEU A 434 12.29 75.76 -11.44
N VAL A 435 11.31 76.62 -11.71
CA VAL A 435 11.58 78.05 -11.84
C VAL A 435 11.94 78.66 -10.49
N LEU A 436 11.19 78.31 -9.44
CA LEU A 436 11.48 78.84 -8.12
C LEU A 436 12.75 78.23 -7.52
N PHE A 437 13.11 77.02 -7.95
CA PHE A 437 14.39 76.44 -7.53
C PHE A 437 15.56 77.17 -8.19
N PHE A 438 15.40 77.61 -9.43
CA PHE A 438 16.45 78.37 -10.09
C PHE A 438 16.53 79.81 -9.59
N HIS A 439 15.48 80.31 -8.96
CA HIS A 439 15.53 81.61 -8.29
C HIS A 439 16.31 81.54 -6.99
N ARG A 440 16.45 80.35 -6.40
CA ARG A 440 17.24 80.22 -5.18
C ARG A 440 18.72 80.43 -5.43
N HIS A 441 19.19 80.11 -6.63
CA HIS A 441 20.58 80.33 -7.02
C HIS A 441 20.68 80.45 -8.54
N ASP B 1 -69.64 -14.98 -21.33
CA ASP B 1 -71.07 -15.27 -21.47
C ASP B 1 -71.88 -14.55 -20.38
N LEU B 2 -73.20 -14.54 -20.56
CA LEU B 2 -74.09 -13.90 -19.60
C LEU B 2 -74.18 -14.69 -18.30
N ASP B 3 -74.07 -16.01 -18.38
CA ASP B 3 -74.10 -16.83 -17.18
C ASP B 3 -72.77 -16.83 -16.43
N THR B 4 -71.70 -16.36 -17.07
CA THR B 4 -70.40 -16.28 -16.39
C THR B 4 -70.39 -15.14 -15.38
N HIS B 5 -70.90 -13.97 -15.77
CA HIS B 5 -70.84 -12.80 -14.91
C HIS B 5 -71.87 -12.86 -13.78
N PHE B 6 -73.03 -13.46 -14.03
CA PHE B 6 -74.09 -13.59 -13.04
C PHE B 6 -73.96 -14.87 -12.22
N THR B 7 -72.75 -15.40 -12.05
CA THR B 7 -72.56 -16.70 -11.40
C THR B 7 -72.86 -16.61 -9.91
N GLN B 8 -72.32 -15.60 -9.23
CA GLN B 8 -72.56 -15.41 -7.81
C GLN B 8 -73.69 -14.46 -7.51
N TYR B 9 -74.15 -13.68 -8.50
CA TYR B 9 -75.26 -12.76 -8.26
C TYR B 9 -76.61 -13.48 -8.23
N LYS B 10 -76.68 -14.71 -8.73
CA LYS B 10 -77.89 -15.49 -8.59
C LYS B 10 -78.00 -16.15 -7.22
N LEU B 11 -76.94 -16.08 -6.42
CA LEU B 11 -76.94 -16.56 -5.05
C LEU B 11 -77.43 -15.52 -4.05
N ALA B 12 -77.72 -14.31 -4.52
CA ALA B 12 -78.09 -13.20 -3.66
C ALA B 12 -79.51 -12.73 -3.96
N ARG B 13 -80.09 -12.01 -3.00
CA ARG B 13 -81.47 -11.57 -3.11
C ARG B 13 -81.59 -10.07 -2.84
N PRO B 14 -82.59 -9.42 -3.41
CA PRO B 14 -82.88 -8.03 -3.02
C PRO B 14 -83.41 -7.96 -1.60
N TYR B 15 -83.19 -6.82 -0.96
CA TYR B 15 -83.65 -6.60 0.41
C TYR B 15 -84.40 -5.28 0.47
N ILE B 16 -84.99 -5.02 1.64
CA ILE B 16 -85.72 -3.79 1.90
C ILE B 16 -84.98 -3.07 3.03
N ALA B 17 -84.53 -1.84 2.76
CA ALA B 17 -83.81 -1.07 3.77
C ALA B 17 -84.44 0.29 3.94
N ASP B 18 -83.82 1.14 4.74
CA ASP B 18 -84.36 2.47 5.04
C ASP B 18 -83.92 3.46 3.98
N CYS B 19 -84.89 4.17 3.41
CA CYS B 19 -84.62 5.23 2.44
C CYS B 19 -85.30 6.50 2.91
N PRO B 20 -84.56 7.59 3.13
CA PRO B 20 -85.21 8.86 3.47
C PRO B 20 -85.87 9.48 2.25
N ASN B 21 -87.06 10.05 2.47
CA ASN B 21 -87.80 10.86 1.50
C ASN B 21 -88.13 10.09 0.22
N CYS B 22 -88.98 9.08 0.37
CA CYS B 22 -89.67 8.52 -0.78
C CYS B 22 -90.57 9.57 -1.42
N GLY B 23 -91.59 9.97 -0.68
CA GLY B 23 -92.36 11.17 -0.91
C GLY B 23 -92.07 12.10 0.25
N HIS B 24 -92.92 12.04 1.26
CA HIS B 24 -92.77 12.78 2.50
C HIS B 24 -92.76 11.84 3.69
N SER B 25 -92.09 10.69 3.58
CA SER B 25 -92.37 9.62 4.53
C SER B 25 -91.16 8.98 5.19
N ARG B 26 -90.00 9.00 4.53
CA ARG B 26 -88.77 8.27 4.89
C ARG B 26 -89.07 6.79 5.22
N CYS B 27 -89.43 6.07 4.16
CA CYS B 27 -90.11 4.78 4.24
C CYS B 27 -89.14 3.68 4.65
N ASP B 28 -89.61 2.45 4.52
CA ASP B 28 -88.76 1.28 4.34
C ASP B 28 -89.09 0.76 2.94
N SER B 29 -88.40 1.32 1.95
CA SER B 29 -88.70 1.10 0.55
C SER B 29 -87.90 -0.06 0.00
N PRO B 30 -88.39 -0.71 -1.07
CA PRO B 30 -87.59 -1.76 -1.73
C PRO B 30 -86.34 -1.24 -2.43
N ILE B 31 -86.26 0.06 -2.70
CA ILE B 31 -85.07 0.69 -3.25
C ILE B 31 -84.43 1.52 -2.14
N ALA B 32 -83.17 1.24 -1.84
CA ALA B 32 -82.41 2.05 -0.90
C ALA B 32 -81.14 2.53 -1.58
N ILE B 33 -80.94 3.83 -1.62
CA ILE B 33 -79.75 4.39 -2.26
C ILE B 33 -78.61 4.37 -1.26
N GLU B 34 -77.58 3.59 -1.56
CA GLU B 34 -76.34 3.56 -0.78
C GLU B 34 -75.16 3.77 -1.70
N GLU B 35 -74.21 4.60 -1.27
CA GLU B 35 -72.87 4.72 -1.84
C GLU B 35 -72.89 5.12 -3.32
N VAL B 36 -73.33 6.35 -3.55
CA VAL B 36 -73.19 6.96 -4.87
C VAL B 36 -71.75 7.41 -5.04
N ARG B 37 -71.14 7.04 -6.16
CA ARG B 37 -69.76 7.42 -6.47
C ARG B 37 -69.77 8.33 -7.69
N GLY B 38 -69.24 9.54 -7.53
CA GLY B 38 -69.29 10.53 -8.59
C GLY B 38 -67.97 11.19 -8.90
N ASP B 39 -66.89 10.42 -8.89
CA ASP B 39 -65.52 10.93 -9.06
C ASP B 39 -64.99 10.76 -10.47
N ALA B 40 -65.84 10.87 -11.49
CA ALA B 40 -65.42 10.72 -12.88
C ALA B 40 -65.42 12.08 -13.57
N HIS B 41 -64.98 12.10 -14.82
CA HIS B 41 -64.70 13.33 -15.54
C HIS B 41 -65.76 13.74 -16.55
N ALA B 42 -66.94 13.10 -16.54
CA ALA B 42 -67.94 13.50 -17.51
C ALA B 42 -69.35 13.51 -16.94
N GLY B 43 -69.50 13.60 -15.63
CA GLY B 43 -70.83 13.53 -15.05
C GLY B 43 -71.45 12.16 -15.07
N VAL B 44 -70.64 11.11 -15.18
CA VAL B 44 -71.11 9.74 -15.10
C VAL B 44 -70.92 9.24 -13.67
N ILE B 45 -71.97 8.64 -13.10
CA ILE B 45 -71.97 8.17 -11.72
C ILE B 45 -72.38 6.71 -11.70
N ARG B 46 -72.03 6.04 -10.60
CA ARG B 46 -72.43 4.65 -10.36
C ARG B 46 -73.17 4.58 -9.03
N ILE B 47 -74.45 4.25 -9.10
CA ILE B 47 -75.31 4.17 -7.93
C ILE B 47 -75.49 2.71 -7.54
N GLN B 48 -75.54 2.44 -6.24
CA GLN B 48 -75.82 1.10 -5.74
C GLN B 48 -77.16 1.12 -5.03
N THR B 49 -78.13 0.39 -5.56
CA THR B 49 -79.45 0.30 -4.97
C THR B 49 -79.54 -0.96 -4.12
N SER B 50 -80.77 -1.31 -3.72
CA SER B 50 -81.01 -2.55 -3.00
C SER B 50 -81.68 -3.61 -3.86
N ALA B 51 -82.36 -3.23 -4.93
CA ALA B 51 -82.97 -4.20 -5.83
C ALA B 51 -81.90 -4.85 -6.71
N MET B 52 -82.28 -5.95 -7.35
CA MET B 52 -81.38 -6.71 -8.22
C MET B 52 -81.84 -6.57 -9.66
N PHE B 53 -80.94 -6.12 -10.52
CA PHE B 53 -81.24 -5.88 -11.92
C PHE B 53 -80.68 -7.01 -12.79
N GLY B 54 -81.39 -7.30 -13.86
CA GLY B 54 -80.97 -8.36 -14.78
C GLY B 54 -81.06 -9.77 -14.22
N LEU B 55 -82.14 -10.08 -13.51
CA LEU B 55 -82.31 -11.41 -12.92
C LEU B 55 -83.78 -11.74 -12.80
N LYS B 56 -84.15 -12.94 -13.22
CA LYS B 56 -85.48 -13.50 -12.99
C LYS B 56 -85.42 -14.47 -11.82
N THR B 57 -86.50 -15.24 -11.63
CA THR B 57 -86.47 -16.35 -10.69
C THR B 57 -85.46 -17.41 -11.11
N ASP B 58 -85.36 -17.66 -12.41
CA ASP B 58 -84.31 -18.50 -12.97
C ASP B 58 -83.68 -17.84 -14.18
N GLY B 59 -82.42 -18.16 -14.43
CA GLY B 59 -81.72 -17.63 -15.58
C GLY B 59 -81.41 -16.14 -15.45
N VAL B 60 -81.11 -15.52 -16.59
CA VAL B 60 -80.84 -14.10 -16.67
C VAL B 60 -81.70 -13.50 -17.77
N ASP B 61 -81.99 -12.20 -17.63
CA ASP B 61 -82.70 -11.44 -18.65
C ASP B 61 -82.39 -9.97 -18.42
N LEU B 62 -81.81 -9.30 -19.42
CA LEU B 62 -81.40 -7.92 -19.24
C LEU B 62 -82.57 -6.94 -19.21
N ALA B 63 -83.76 -7.35 -19.61
CA ALA B 63 -84.94 -6.49 -19.56
C ALA B 63 -85.78 -6.72 -18.31
N TYR B 64 -85.34 -7.58 -17.40
CA TYR B 64 -86.10 -7.92 -16.21
C TYR B 64 -85.38 -7.43 -14.96
N MET B 65 -86.15 -6.95 -14.00
CA MET B 65 -85.64 -6.56 -12.69
C MET B 65 -86.22 -7.49 -11.62
N SER B 66 -85.55 -7.51 -10.47
CA SER B 66 -85.96 -8.36 -9.36
C SER B 66 -85.92 -7.56 -8.07
N PHE B 67 -86.98 -7.65 -7.29
CA PHE B 67 -87.08 -6.99 -6.00
C PHE B 67 -88.09 -7.75 -5.17
N MET B 68 -88.23 -7.37 -3.90
CA MET B 68 -89.23 -8.00 -3.05
C MET B 68 -90.04 -6.96 -2.29
N ASN B 69 -91.33 -7.25 -2.14
CA ASN B 69 -92.20 -6.56 -1.19
C ASN B 69 -92.65 -7.57 -0.16
N GLY B 70 -92.49 -7.24 1.12
CA GLY B 70 -92.77 -8.22 2.15
C GLY B 70 -91.68 -9.28 2.17
N LYS B 71 -92.09 -10.52 2.44
CA LYS B 71 -91.17 -11.65 2.44
C LYS B 71 -91.11 -12.37 1.10
N THR B 72 -91.92 -11.97 0.13
CA THR B 72 -92.01 -12.65 -1.15
C THR B 72 -91.33 -11.80 -2.22
N GLN B 73 -90.51 -12.45 -3.04
CA GLN B 73 -89.83 -11.77 -4.13
C GLN B 73 -90.79 -11.52 -5.29
N LYS B 74 -90.34 -10.72 -6.25
CA LYS B 74 -91.11 -10.42 -7.44
C LYS B 74 -90.17 -10.26 -8.62
N SER B 75 -90.73 -10.41 -9.82
CA SER B 75 -89.98 -10.24 -11.06
C SER B 75 -90.89 -9.63 -12.10
N ILE B 76 -90.48 -8.51 -12.67
CA ILE B 76 -91.28 -7.76 -13.63
C ILE B 76 -90.37 -7.37 -14.79
N LYS B 77 -90.93 -6.58 -15.71
CA LYS B 77 -90.19 -6.03 -16.83
C LYS B 77 -89.82 -4.58 -16.52
N ILE B 78 -88.59 -4.21 -16.85
CA ILE B 78 -88.13 -2.83 -16.65
C ILE B 78 -88.85 -1.96 -17.67
N ASP B 79 -89.85 -1.21 -17.21
CA ASP B 79 -90.66 -0.39 -18.10
C ASP B 79 -90.23 1.08 -18.07
N ASN B 80 -90.29 1.71 -16.89
CA ASN B 80 -89.90 3.10 -16.73
C ASN B 80 -88.99 3.18 -15.50
N LEU B 81 -87.71 2.92 -15.71
CA LEU B 81 -86.70 3.08 -14.67
C LEU B 81 -85.90 4.32 -15.01
N HIS B 82 -85.95 5.32 -14.14
CA HIS B 82 -85.34 6.61 -14.41
C HIS B 82 -84.40 6.98 -13.26
N VAL B 83 -83.34 7.70 -13.62
CA VAL B 83 -82.42 8.30 -12.66
C VAL B 83 -82.48 9.80 -12.87
N ARG B 84 -82.77 10.55 -11.81
CA ARG B 84 -83.01 11.97 -11.90
C ARG B 84 -82.17 12.70 -10.86
N THR B 85 -81.44 13.73 -11.28
CA THR B 85 -80.66 14.55 -10.37
C THR B 85 -81.18 15.97 -10.30
N SER B 86 -81.15 16.70 -11.42
CA SER B 86 -81.91 17.92 -11.60
C SER B 86 -82.56 17.98 -12.97
N ALA B 87 -82.04 17.25 -13.95
CA ALA B 87 -82.58 16.98 -15.27
C ALA B 87 -82.52 15.48 -15.46
N PRO B 88 -83.43 14.89 -16.26
CA PRO B 88 -83.48 13.43 -16.38
C PRO B 88 -82.24 12.81 -17.02
N CYS B 89 -81.51 12.04 -16.24
CA CYS B 89 -80.29 11.40 -16.72
C CYS B 89 -80.61 10.26 -17.67
N SER B 90 -79.70 10.03 -18.62
CA SER B 90 -79.77 8.91 -19.54
C SER B 90 -78.91 7.80 -18.97
N LEU B 91 -79.56 6.80 -18.37
CA LEU B 91 -78.83 5.72 -17.74
C LEU B 91 -78.19 4.81 -18.78
N VAL B 92 -77.03 4.25 -18.43
CA VAL B 92 -76.20 3.53 -19.37
C VAL B 92 -76.49 2.03 -19.30
N SER B 93 -76.35 1.45 -18.12
CA SER B 93 -76.56 0.01 -17.96
C SER B 93 -76.90 -0.28 -16.50
N HIS B 94 -77.10 -1.56 -16.21
CA HIS B 94 -77.40 -2.01 -14.86
C HIS B 94 -76.97 -3.47 -14.73
N HIS B 95 -76.47 -3.83 -13.55
CA HIS B 95 -75.99 -5.19 -13.32
C HIS B 95 -76.11 -5.50 -11.84
N GLY B 96 -77.15 -6.26 -11.48
CA GLY B 96 -77.33 -6.66 -10.11
C GLY B 96 -77.76 -5.52 -9.21
N TYR B 97 -76.93 -5.18 -8.22
CA TYR B 97 -77.25 -4.10 -7.30
C TYR B 97 -76.98 -2.73 -7.87
N TYR B 98 -76.31 -2.62 -9.03
CA TYR B 98 -75.67 -1.39 -9.46
C TYR B 98 -76.35 -0.81 -10.68
N ILE B 99 -76.46 0.52 -10.70
CA ILE B 99 -76.94 1.27 -11.85
C ILE B 99 -75.83 2.24 -12.28
N LEU B 100 -75.60 2.31 -13.58
CA LEU B 100 -74.68 3.29 -14.16
C LEU B 100 -75.48 4.30 -14.94
N ALA B 101 -75.23 5.59 -14.70
CA ALA B 101 -75.96 6.66 -15.37
C ALA B 101 -75.02 7.82 -15.62
N GLN B 102 -75.44 8.71 -16.52
CA GLN B 102 -74.70 9.92 -16.87
C GLN B 102 -75.57 11.12 -16.53
N CYS B 103 -75.16 11.90 -15.53
CA CYS B 103 -76.07 12.84 -14.89
C CYS B 103 -75.55 14.27 -14.92
N PRO B 104 -76.44 15.25 -15.07
CA PRO B 104 -76.07 16.66 -14.85
C PRO B 104 -75.84 16.94 -13.38
N PRO B 105 -75.15 18.02 -13.04
CA PRO B 105 -74.91 18.33 -11.62
C PRO B 105 -76.17 18.72 -10.87
N GLY B 106 -76.14 18.49 -9.57
CA GLY B 106 -77.29 18.79 -8.73
C GLY B 106 -77.01 18.41 -7.29
N ASP B 107 -78.04 18.53 -6.46
CA ASP B 107 -77.90 18.32 -5.03
C ASP B 107 -78.62 17.08 -4.50
N THR B 108 -79.40 16.39 -5.33
CA THR B 108 -80.12 15.20 -4.91
C THR B 108 -80.03 14.16 -6.01
N VAL B 109 -80.14 12.88 -5.63
CA VAL B 109 -80.18 11.76 -6.57
C VAL B 109 -81.49 11.02 -6.34
N THR B 110 -82.24 10.79 -7.41
CA THR B 110 -83.57 10.18 -7.34
C THR B 110 -83.68 9.07 -8.37
N VAL B 111 -84.03 7.86 -7.93
CA VAL B 111 -84.31 6.74 -8.83
C VAL B 111 -85.71 6.22 -8.55
N GLY B 112 -86.19 5.36 -9.43
CA GLY B 112 -87.49 4.73 -9.23
C GLY B 112 -87.89 3.92 -10.45
N PHE B 113 -88.78 2.95 -10.21
CA PHE B 113 -89.30 2.10 -11.27
C PHE B 113 -90.83 2.12 -11.26
N HIS B 114 -91.47 1.20 -11.99
CA HIS B 114 -92.92 1.17 -12.06
C HIS B 114 -93.41 -0.27 -11.99
N ASP B 115 -94.18 -0.60 -10.96
CA ASP B 115 -94.80 -1.93 -10.89
C ASP B 115 -96.11 -1.99 -11.67
N GLY B 116 -97.14 -1.39 -11.12
CA GLY B 116 -98.41 -1.19 -11.76
C GLY B 116 -98.75 0.29 -11.74
N PRO B 117 -99.67 0.67 -10.85
CA PRO B 117 -99.82 2.07 -10.48
C PRO B 117 -98.94 2.45 -9.29
N ASN B 118 -97.96 1.60 -8.95
CA ASN B 118 -97.03 1.91 -7.87
C ASN B 118 -95.94 2.86 -8.34
N ARG B 119 -95.29 3.52 -7.38
CA ARG B 119 -94.33 4.57 -7.68
C ARG B 119 -92.90 4.19 -7.30
N HIS B 120 -92.64 3.87 -6.03
CA HIS B 120 -91.38 3.30 -5.54
C HIS B 120 -90.16 4.17 -5.86
N THR B 121 -90.13 5.37 -5.28
CA THR B 121 -89.02 6.29 -5.48
C THR B 121 -88.16 6.38 -4.23
N CYS B 122 -86.99 7.01 -4.38
CA CYS B 122 -86.06 7.22 -3.27
C CYS B 122 -85.17 8.40 -3.63
N THR B 123 -85.07 9.37 -2.73
CA THR B 123 -84.30 10.59 -2.97
C THR B 123 -83.33 10.81 -1.82
N VAL B 124 -82.03 10.77 -2.13
CA VAL B 124 -81.00 10.98 -1.13
C VAL B 124 -80.32 12.32 -1.45
N ALA B 125 -79.63 12.88 -0.47
CA ALA B 125 -78.92 14.14 -0.63
C ALA B 125 -77.45 13.84 -0.87
N HIS B 126 -77.01 14.09 -2.10
CA HIS B 126 -75.63 13.87 -2.51
C HIS B 126 -75.25 14.95 -3.51
N LYS B 127 -74.02 15.45 -3.38
CA LYS B 127 -73.56 16.57 -4.20
C LYS B 127 -72.75 16.02 -5.38
N VAL B 128 -73.43 15.78 -6.49
CA VAL B 128 -72.78 15.40 -7.74
C VAL B 128 -72.54 16.65 -8.57
N GLU B 129 -71.34 16.79 -9.10
CA GLU B 129 -70.94 17.97 -9.84
C GLU B 129 -70.19 17.56 -11.10
N PHE B 130 -70.02 18.52 -12.00
CA PHE B 130 -69.32 18.30 -13.26
C PHE B 130 -67.84 18.59 -13.08
N ARG B 131 -67.00 17.67 -13.53
CA ARG B 131 -65.56 17.83 -13.45
C ARG B 131 -64.98 17.82 -14.86
N PRO B 132 -64.65 18.99 -15.43
CA PRO B 132 -64.00 19.01 -16.74
C PRO B 132 -62.56 18.53 -16.65
N VAL B 133 -62.06 18.05 -17.78
CA VAL B 133 -60.67 17.61 -17.91
C VAL B 133 -59.94 18.63 -18.78
N GLY B 134 -58.78 19.08 -18.30
CA GLY B 134 -57.96 20.01 -19.04
C GLY B 134 -57.90 21.38 -18.39
N ARG B 135 -57.61 22.38 -19.22
CA ARG B 135 -57.41 23.74 -18.77
C ARG B 135 -58.55 24.68 -19.13
N GLU B 136 -59.70 24.15 -19.55
CA GLU B 136 -60.88 24.96 -19.84
C GLU B 136 -62.06 24.39 -19.08
N LYS B 137 -62.79 25.26 -18.40
CA LYS B 137 -63.94 24.86 -17.61
C LYS B 137 -65.19 24.94 -18.48
N TYR B 138 -65.69 23.80 -18.91
CA TYR B 138 -66.87 23.71 -19.75
C TYR B 138 -67.98 22.98 -19.02
N ARG B 139 -69.22 23.38 -19.29
CA ARG B 139 -70.37 22.79 -18.62
C ARG B 139 -70.85 21.49 -19.25
N HIS B 140 -70.40 21.16 -20.46
CA HIS B 140 -70.88 19.99 -21.17
C HIS B 140 -69.80 19.59 -22.15
N PRO B 141 -69.56 18.29 -22.36
CA PRO B 141 -68.46 17.87 -23.24
C PRO B 141 -68.75 18.20 -24.70
N PRO B 142 -67.77 18.75 -25.42
CA PRO B 142 -68.03 19.24 -26.77
C PRO B 142 -68.09 18.09 -27.78
N GLU B 143 -68.58 18.44 -28.97
CA GLU B 143 -68.60 17.47 -30.05
C GLU B 143 -67.27 17.39 -30.79
N HIS B 144 -66.37 18.36 -30.57
CA HIS B 144 -65.06 18.34 -31.18
C HIS B 144 -64.09 19.10 -30.29
N GLY B 145 -62.80 18.84 -30.49
CA GLY B 145 -61.77 19.51 -29.71
C GLY B 145 -60.49 18.71 -29.66
N VAL B 146 -59.94 18.51 -28.47
CA VAL B 146 -58.73 17.74 -28.29
C VAL B 146 -59.02 16.62 -27.29
N GLU B 147 -58.21 15.57 -27.34
CA GLU B 147 -58.41 14.38 -26.53
C GLU B 147 -57.37 14.33 -25.41
N LEU B 148 -57.84 14.13 -24.19
CA LEU B 148 -57.00 14.10 -23.01
C LEU B 148 -57.34 12.88 -22.17
N PRO B 149 -56.37 12.33 -21.44
CA PRO B 149 -56.64 11.13 -20.62
C PRO B 149 -57.50 11.47 -19.41
N CYS B 150 -58.64 10.81 -19.31
CA CYS B 150 -59.57 10.99 -18.22
C CYS B 150 -59.92 9.63 -17.63
N ASN B 151 -60.43 9.64 -16.40
CA ASN B 151 -60.81 8.42 -15.71
C ASN B 151 -62.31 8.37 -15.51
N ARG B 152 -62.91 7.21 -15.76
CA ARG B 152 -64.35 7.06 -15.71
C ARG B 152 -64.70 5.62 -15.41
N TYR B 153 -65.97 5.39 -15.10
CA TYR B 153 -66.46 4.04 -14.86
C TYR B 153 -66.74 3.35 -16.20
N THR B 154 -66.28 2.11 -16.32
CA THR B 154 -66.29 1.42 -17.60
C THR B 154 -67.68 0.96 -17.97
N HIS B 155 -67.83 0.61 -19.25
CA HIS B 155 -69.07 0.09 -19.80
C HIS B 155 -69.23 -1.41 -19.58
N LYS B 156 -68.12 -2.10 -19.32
CA LYS B 156 -68.15 -3.55 -19.19
C LYS B 156 -68.41 -4.11 -17.81
N ARG B 157 -69.30 -5.10 -17.77
CA ARG B 157 -69.66 -5.77 -16.52
C ARG B 157 -68.77 -7.01 -16.37
N ALA B 158 -67.68 -6.87 -15.63
CA ALA B 158 -66.74 -7.97 -15.44
C ALA B 158 -66.14 -7.87 -14.05
N ASP B 159 -65.26 -8.81 -13.74
CA ASP B 159 -64.67 -8.91 -12.40
C ASP B 159 -63.74 -7.73 -12.12
N GLN B 160 -62.66 -7.62 -12.92
CA GLN B 160 -61.69 -6.52 -12.91
C GLN B 160 -61.02 -6.29 -11.55
N GLY B 161 -60.98 -7.31 -10.69
CA GLY B 161 -60.15 -7.25 -9.49
C GLY B 161 -60.72 -6.52 -8.30
N HIS B 162 -61.99 -6.11 -8.34
CA HIS B 162 -62.61 -5.43 -7.20
C HIS B 162 -63.83 -6.23 -6.75
N TYR B 163 -63.95 -6.40 -5.43
CA TYR B 163 -64.92 -7.29 -4.85
C TYR B 163 -65.69 -6.60 -3.74
N VAL B 164 -66.88 -7.13 -3.46
CA VAL B 164 -67.73 -6.65 -2.36
C VAL B 164 -68.33 -7.88 -1.68
N GLU B 165 -68.27 -7.90 -0.34
CA GLU B 165 -68.70 -9.08 0.41
C GLU B 165 -70.22 -9.17 0.49
N MET B 166 -70.70 -10.39 0.65
CA MET B 166 -72.11 -10.67 0.93
C MET B 166 -72.21 -11.56 2.15
N HIS B 167 -73.33 -11.44 2.86
CA HIS B 167 -73.49 -12.08 4.16
C HIS B 167 -74.81 -12.82 4.23
N GLN B 168 -74.87 -13.80 5.12
CA GLN B 168 -76.13 -14.45 5.46
C GLN B 168 -77.03 -13.46 6.19
N PRO B 169 -78.30 -13.31 5.85
CA PRO B 169 -79.14 -12.31 6.55
C PRO B 169 -79.54 -12.59 8.02
N GLY B 170 -79.64 -11.55 8.87
CA GLY B 170 -80.07 -11.75 10.24
C GLY B 170 -81.55 -12.06 10.32
N LEU B 171 -82.08 -11.95 11.53
CA LEU B 171 -83.51 -12.16 11.73
C LEU B 171 -84.28 -10.99 11.17
N VAL B 172 -85.30 -11.28 10.36
CA VAL B 172 -86.20 -10.27 9.81
C VAL B 172 -87.55 -10.40 10.52
N ALA B 173 -88.03 -9.28 11.04
CA ALA B 173 -89.24 -9.29 11.87
C ALA B 173 -90.46 -9.09 10.98
N ASP B 174 -91.39 -10.05 11.05
CA ASP B 174 -92.65 -9.97 10.33
C ASP B 174 -93.80 -10.15 11.31
N HIS B 175 -94.78 -9.25 11.26
CA HIS B 175 -95.92 -9.30 12.15
C HIS B 175 -97.19 -9.83 11.49
N SER B 176 -97.17 -10.05 10.18
CA SER B 176 -98.35 -10.54 9.47
C SER B 176 -98.49 -12.06 9.57
N LEU B 177 -97.53 -12.75 10.17
CA LEU B 177 -97.59 -14.19 10.35
C LEU B 177 -98.10 -14.60 11.74
N LEU B 178 -98.53 -13.64 12.55
CA LEU B 178 -99.07 -13.90 13.87
C LEU B 178 -100.57 -13.61 13.84
N SER B 179 -101.37 -14.66 13.99
CA SER B 179 -102.82 -14.53 13.98
C SER B 179 -103.42 -15.36 15.11
N ILE B 180 -104.62 -14.99 15.53
CA ILE B 180 -105.34 -15.68 16.59
C ILE B 180 -106.14 -16.82 15.99
N HIS B 181 -106.05 -18.01 16.59
CA HIS B 181 -106.69 -19.19 16.03
C HIS B 181 -108.18 -19.22 16.38
N SER B 182 -108.49 -19.39 17.67
CA SER B 182 -109.84 -19.21 18.19
C SER B 182 -109.88 -18.14 19.26
N ALA B 183 -109.06 -18.28 20.30
CA ALA B 183 -108.79 -17.22 21.25
C ALA B 183 -107.32 -17.18 21.64
N LYS B 184 -106.48 -18.01 21.02
CA LYS B 184 -105.06 -18.10 21.30
C LYS B 184 -104.29 -17.92 20.00
N VAL B 185 -103.15 -17.23 20.10
CA VAL B 185 -102.40 -16.83 18.91
C VAL B 185 -101.69 -18.03 18.29
N LYS B 186 -101.64 -18.03 16.95
CA LYS B 186 -101.09 -19.13 16.17
C LYS B 186 -100.03 -18.59 15.23
N ILE B 187 -98.98 -19.38 15.02
CA ILE B 187 -97.85 -18.99 14.17
C ILE B 187 -97.97 -19.71 12.84
N THR B 188 -97.87 -18.96 11.74
CA THR B 188 -97.92 -19.51 10.40
C THR B 188 -96.50 -19.58 9.86
N VAL B 189 -95.99 -20.79 9.68
CA VAL B 189 -94.60 -21.01 9.27
C VAL B 189 -94.56 -21.56 7.85
N PRO B 190 -94.29 -20.74 6.84
CA PRO B 190 -94.30 -21.23 5.45
C PRO B 190 -92.96 -21.77 4.96
N SER B 191 -92.96 -23.05 4.57
CA SER B 191 -91.92 -23.68 3.73
C SER B 191 -90.52 -23.61 4.36
N GLY B 192 -90.40 -24.23 5.53
CA GLY B 192 -89.12 -24.28 6.24
C GLY B 192 -88.61 -22.94 6.71
N ALA B 193 -89.49 -22.12 7.29
CA ALA B 193 -89.13 -20.73 7.59
C ALA B 193 -88.35 -20.59 8.88
N GLN B 194 -88.50 -21.53 9.82
CA GLN B 194 -87.85 -21.52 11.14
C GLN B 194 -88.14 -20.22 11.90
N VAL B 195 -89.42 -20.02 12.18
CA VAL B 195 -89.90 -18.75 12.74
C VAL B 195 -89.57 -18.70 14.23
N LYS B 196 -88.86 -17.65 14.65
CA LYS B 196 -88.58 -17.40 16.05
C LYS B 196 -89.77 -16.68 16.70
N TYR B 197 -89.81 -16.71 18.03
CA TYR B 197 -90.86 -16.02 18.76
C TYR B 197 -90.34 -15.60 20.12
N TYR B 198 -91.02 -14.63 20.73
CA TYR B 198 -90.68 -14.17 22.08
C TYR B 198 -91.95 -13.62 22.70
N CYS B 199 -92.50 -14.35 23.66
CA CYS B 199 -93.74 -13.98 24.35
C CYS B 199 -93.43 -13.55 25.78
N LYS B 200 -94.07 -12.47 26.22
CA LYS B 200 -93.99 -12.04 27.61
C LYS B 200 -95.42 -11.86 28.13
N CYS B 201 -96.26 -12.85 27.90
CA CYS B 201 -97.66 -12.71 28.30
C CYS B 201 -97.88 -12.92 29.81
N PRO B 202 -97.56 -14.08 30.48
CA PRO B 202 -97.22 -13.95 31.90
C PRO B 202 -95.73 -13.95 32.21
N ASP B 203 -94.91 -14.44 31.27
CA ASP B 203 -93.48 -14.65 31.50
C ASP B 203 -92.85 -14.94 30.14
N VAL B 204 -91.54 -15.15 30.15
CA VAL B 204 -90.82 -15.46 28.93
C VAL B 204 -91.25 -16.83 28.40
N ARG B 205 -91.41 -16.92 27.09
CA ARG B 205 -91.79 -18.16 26.41
C ARG B 205 -91.07 -18.26 25.08
N LYS B 206 -89.79 -17.90 25.09
CA LYS B 206 -88.96 -17.91 23.87
C LYS B 206 -88.62 -19.30 23.33
N GLY B 207 -88.49 -19.39 22.02
CA GLY B 207 -88.14 -20.66 21.40
C GLY B 207 -88.14 -20.51 19.89
N ILE B 208 -87.67 -21.57 19.23
CA ILE B 208 -87.62 -21.65 17.77
C ILE B 208 -88.48 -22.82 17.33
N THR B 209 -89.38 -22.57 16.39
CA THR B 209 -90.27 -23.61 15.87
C THR B 209 -90.09 -23.73 14.37
N SER B 210 -90.61 -24.82 13.81
CA SER B 210 -90.53 -25.07 12.38
C SER B 210 -91.87 -25.24 11.70
N SER B 211 -92.94 -25.54 12.44
CA SER B 211 -94.28 -25.63 11.88
C SER B 211 -95.30 -25.47 13.01
N ASP B 212 -96.46 -24.90 12.66
CA ASP B 212 -97.64 -24.77 13.52
C ASP B 212 -97.32 -24.01 14.81
N HIS B 213 -97.24 -24.74 15.93
CA HIS B 213 -96.93 -24.24 17.27
C HIS B 213 -97.93 -23.15 17.68
N THR B 214 -99.17 -23.59 17.88
CA THR B 214 -100.22 -22.72 18.41
C THR B 214 -99.87 -22.26 19.82
N THR B 215 -99.57 -20.97 19.96
CA THR B 215 -99.14 -20.39 21.23
C THR B 215 -100.34 -20.29 22.17
N THR B 216 -100.11 -20.61 23.44
CA THR B 216 -101.19 -20.67 24.43
C THR B 216 -101.42 -19.33 25.13
N CYS B 217 -101.15 -18.21 24.47
CA CYS B 217 -101.35 -16.89 25.05
C CYS B 217 -102.41 -16.12 24.27
N THR B 218 -102.82 -14.99 24.83
CA THR B 218 -104.07 -14.33 24.42
C THR B 218 -103.87 -13.33 23.28
N ASP B 219 -103.06 -12.30 23.48
CA ASP B 219 -103.03 -11.16 22.59
C ASP B 219 -101.87 -11.25 21.60
N VAL B 220 -102.08 -10.67 20.42
CA VAL B 220 -101.04 -10.62 19.39
C VAL B 220 -100.09 -9.46 19.60
N LYS B 221 -100.41 -8.54 20.50
CA LYS B 221 -99.57 -7.38 20.76
C LYS B 221 -98.56 -7.62 21.88
N GLN B 222 -98.52 -8.82 22.46
CA GLN B 222 -97.59 -9.14 23.52
C GLN B 222 -96.66 -10.27 23.13
N CYS B 223 -96.40 -10.43 21.83
CA CYS B 223 -95.50 -11.48 21.37
C CYS B 223 -94.91 -11.07 20.03
N ARG B 224 -93.59 -11.09 19.94
CA ARG B 224 -92.90 -10.75 18.71
C ARG B 224 -92.61 -12.00 17.88
N ALA B 225 -92.38 -11.79 16.59
CA ALA B 225 -92.12 -12.87 15.67
C ALA B 225 -90.97 -12.49 14.74
N TYR B 226 -90.26 -13.51 14.26
CA TYR B 226 -89.15 -13.29 13.35
C TYR B 226 -89.21 -14.29 12.20
N LEU B 227 -88.14 -14.38 11.41
CA LEU B 227 -88.12 -15.24 10.24
C LEU B 227 -86.68 -15.50 9.86
N ILE B 228 -86.30 -16.78 9.77
CA ILE B 228 -84.93 -17.14 9.48
C ILE B 228 -84.84 -17.77 8.09
N ASP B 229 -84.53 -16.97 7.08
CA ASP B 229 -84.35 -17.51 5.74
C ASP B 229 -82.87 -17.35 5.35
N ASN B 230 -82.19 -18.48 5.14
CA ASN B 230 -80.78 -18.46 4.77
C ASN B 230 -80.47 -18.97 3.37
N LYS B 231 -81.52 -19.23 2.59
CA LYS B 231 -81.37 -19.75 1.24
C LYS B 231 -80.59 -18.79 0.36
N LYS B 232 -80.92 -17.51 0.42
CA LYS B 232 -80.27 -16.48 -0.38
C LYS B 232 -79.57 -15.47 0.52
N TRP B 233 -78.46 -14.94 0.03
CA TRP B 233 -77.59 -14.10 0.82
C TRP B 233 -77.80 -12.63 0.45
N VAL B 234 -77.26 -11.73 1.29
CA VAL B 234 -77.42 -10.29 1.06
C VAL B 234 -76.09 -9.59 1.29
N TYR B 235 -75.96 -8.42 0.69
CA TYR B 235 -74.82 -7.54 0.95
C TYR B 235 -74.95 -6.94 2.34
N ASN B 236 -73.82 -6.86 3.05
CA ASN B 236 -73.83 -6.40 4.45
C ASN B 236 -73.97 -4.88 4.47
N SER B 237 -75.21 -4.43 4.28
CA SER B 237 -75.48 -3.00 4.32
C SER B 237 -75.49 -2.49 5.76
N GLY B 238 -75.33 -1.19 5.90
CA GLY B 238 -75.39 -0.56 7.20
C GLY B 238 -76.78 -0.24 7.68
N ARG B 239 -77.81 -0.64 6.93
CA ARG B 239 -79.20 -0.39 7.29
C ARG B 239 -79.95 -1.67 7.64
N LEU B 240 -79.24 -2.75 7.92
CA LEU B 240 -79.85 -4.02 8.27
C LEU B 240 -79.23 -4.56 9.55
N PRO B 241 -80.02 -5.21 10.39
CA PRO B 241 -79.45 -5.87 11.57
C PRO B 241 -78.61 -7.08 11.18
N ARG B 242 -77.57 -7.33 11.95
CA ARG B 242 -76.61 -8.37 11.62
C ARG B 242 -77.15 -9.74 11.98
N GLY B 243 -76.43 -10.78 11.54
CA GLY B 243 -76.82 -12.16 11.79
C GLY B 243 -76.53 -12.64 13.20
N GLU B 244 -76.36 -13.95 13.33
CA GLU B 244 -76.26 -14.57 14.65
C GLU B 244 -74.81 -14.72 15.12
N GLY B 245 -74.00 -15.46 14.36
CA GLY B 245 -72.64 -15.73 14.76
C GLY B 245 -71.61 -15.30 13.74
N ASP B 246 -70.68 -16.19 13.41
CA ASP B 246 -69.70 -15.89 12.39
C ASP B 246 -70.36 -15.98 11.02
N THR B 247 -70.33 -14.87 10.29
CA THR B 247 -70.97 -14.78 8.98
C THR B 247 -69.91 -14.67 7.91
N PHE B 248 -70.05 -15.47 6.86
CA PHE B 248 -69.02 -15.63 5.84
C PHE B 248 -68.98 -14.41 4.91
N LYS B 249 -67.91 -14.35 4.13
CA LYS B 249 -67.78 -13.39 3.03
C LYS B 249 -67.88 -14.15 1.72
N GLY B 250 -68.65 -13.60 0.77
CA GLY B 250 -68.94 -14.31 -0.45
C GLY B 250 -68.27 -13.78 -1.68
N LYS B 251 -67.78 -12.53 -1.59
CA LYS B 251 -66.97 -11.87 -2.62
C LYS B 251 -67.70 -11.76 -3.96
N LEU B 252 -68.80 -11.00 -3.95
CA LEU B 252 -69.42 -10.60 -5.20
C LEU B 252 -68.52 -9.62 -5.92
N HIS B 253 -68.54 -9.67 -7.25
CA HIS B 253 -67.71 -8.78 -8.04
C HIS B 253 -68.45 -7.49 -8.34
N VAL B 254 -67.69 -6.40 -8.42
CA VAL B 254 -68.24 -5.08 -8.72
C VAL B 254 -68.23 -4.89 -10.24
N PRO B 255 -69.38 -4.61 -10.86
CA PRO B 255 -69.45 -4.57 -12.32
C PRO B 255 -68.66 -3.46 -13.00
N PHE B 256 -68.88 -2.21 -12.61
CA PHE B 256 -68.31 -1.07 -13.32
C PHE B 256 -67.11 -0.53 -12.54
N VAL B 257 -65.98 -1.18 -12.74
CA VAL B 257 -64.73 -0.78 -12.11
C VAL B 257 -64.17 0.44 -12.87
N PRO B 258 -63.75 1.50 -12.17
CA PRO B 258 -63.23 2.68 -12.87
C PRO B 258 -61.93 2.39 -13.62
N VAL B 259 -61.84 2.91 -14.84
CA VAL B 259 -60.70 2.71 -15.72
C VAL B 259 -60.33 4.05 -16.34
N LYS B 260 -59.09 4.14 -16.83
CA LYS B 260 -58.61 5.37 -17.44
C LYS B 260 -58.86 5.34 -18.94
N ALA B 261 -59.55 6.36 -19.44
CA ALA B 261 -59.96 6.42 -20.84
C ALA B 261 -59.49 7.70 -21.50
N LYS B 262 -59.99 7.99 -22.71
CA LYS B 262 -59.63 9.18 -23.46
C LYS B 262 -60.87 10.07 -23.58
N CYS B 263 -60.97 11.05 -22.71
CA CYS B 263 -62.06 12.01 -22.77
C CYS B 263 -61.75 13.07 -23.82
N ILE B 264 -62.71 13.98 -24.03
CA ILE B 264 -62.56 15.05 -25.01
C ILE B 264 -62.67 16.39 -24.28
N ALA B 265 -62.09 17.43 -24.87
CA ALA B 265 -62.00 18.72 -24.22
C ALA B 265 -62.13 19.83 -25.24
N THR B 266 -62.62 20.98 -24.80
CA THR B 266 -62.83 22.12 -25.68
C THR B 266 -61.49 22.74 -26.06
N LEU B 267 -61.50 23.47 -27.17
CA LEU B 267 -60.35 24.22 -27.65
C LEU B 267 -60.72 25.69 -27.71
N ALA B 268 -59.89 26.53 -27.10
CA ALA B 268 -60.16 27.96 -27.07
C ALA B 268 -59.92 28.58 -28.44
N PRO B 269 -60.57 29.71 -28.74
CA PRO B 269 -60.23 30.45 -29.95
C PRO B 269 -58.81 30.99 -29.89
N GLU B 270 -58.18 31.07 -31.06
CA GLU B 270 -56.79 31.45 -31.13
C GLU B 270 -56.61 32.92 -30.78
N PRO B 271 -55.56 33.27 -30.03
CA PRO B 271 -55.37 34.67 -29.63
C PRO B 271 -54.85 35.50 -30.80
N LEU B 272 -55.13 36.80 -30.73
CA LEU B 272 -54.57 37.75 -31.66
C LEU B 272 -53.24 38.24 -31.11
N VAL B 273 -52.17 38.05 -31.89
CA VAL B 273 -50.81 38.32 -31.44
C VAL B 273 -50.33 39.60 -32.10
N GLU B 274 -49.79 40.51 -31.29
CA GLU B 274 -49.25 41.77 -31.77
C GLU B 274 -47.88 42.01 -31.16
N HIS B 275 -46.94 42.46 -31.98
CA HIS B 275 -45.54 42.61 -31.56
C HIS B 275 -45.19 44.08 -31.40
N LYS B 276 -44.50 44.38 -30.30
CA LYS B 276 -43.90 45.70 -30.07
C LYS B 276 -42.43 45.51 -29.75
N HIS B 277 -41.75 46.57 -29.34
CA HIS B 277 -40.36 46.43 -28.91
C HIS B 277 -40.33 45.79 -27.54
N ARG B 278 -39.81 44.56 -27.47
CA ARG B 278 -39.57 43.76 -26.27
C ARG B 278 -40.83 43.38 -25.51
N THR B 279 -42.03 43.68 -26.02
CA THR B 279 -43.27 43.26 -25.40
C THR B 279 -44.08 42.43 -26.39
N LEU B 280 -45.06 41.71 -25.85
CA LEU B 280 -45.95 40.86 -26.63
C LEU B 280 -47.38 41.13 -26.19
N ILE B 281 -48.26 41.38 -27.15
CA ILE B 281 -49.65 41.76 -26.87
C ILE B 281 -50.56 40.64 -27.35
N LEU B 282 -51.42 40.16 -26.46
CA LEU B 282 -52.35 39.08 -26.76
C LEU B 282 -53.77 39.57 -26.51
N HIS B 283 -54.61 39.52 -27.54
CA HIS B 283 -56.04 39.79 -27.41
C HIS B 283 -56.75 38.45 -27.31
N LEU B 284 -57.15 38.09 -26.09
CA LEU B 284 -57.77 36.80 -25.82
C LEU B 284 -59.27 36.95 -25.79
N HIS B 285 -59.98 36.03 -26.46
CA HIS B 285 -61.44 36.05 -26.52
C HIS B 285 -61.96 34.67 -26.10
N PRO B 286 -62.04 34.41 -24.80
CA PRO B 286 -62.56 33.11 -24.35
C PRO B 286 -64.08 33.10 -24.28
N ASP B 287 -64.63 31.90 -24.44
CA ASP B 287 -66.04 31.67 -24.21
C ASP B 287 -66.32 30.88 -22.95
N HIS B 288 -65.27 30.33 -22.33
CA HIS B 288 -65.30 29.63 -21.06
C HIS B 288 -64.15 30.14 -20.22
N PRO B 289 -64.21 29.98 -18.90
CA PRO B 289 -63.05 30.33 -18.06
C PRO B 289 -61.82 29.53 -18.43
N THR B 290 -60.79 30.24 -18.90
CA THR B 290 -59.62 29.66 -19.55
C THR B 290 -58.36 30.08 -18.80
N LEU B 291 -57.40 29.17 -18.71
CA LEU B 291 -56.16 29.40 -17.97
C LEU B 291 -55.05 29.77 -18.93
N LEU B 292 -54.31 30.83 -18.60
CA LEU B 292 -53.17 31.28 -19.38
C LEU B 292 -51.96 31.37 -18.48
N THR B 293 -50.91 30.61 -18.78
CA THR B 293 -49.71 30.55 -17.95
C THR B 293 -48.49 30.82 -18.81
N THR B 294 -47.68 31.80 -18.41
CA THR B 294 -46.46 32.15 -19.11
C THR B 294 -45.26 31.96 -18.19
N ARG B 295 -44.09 31.84 -18.81
CA ARG B 295 -42.82 31.79 -18.10
C ARG B 295 -41.72 32.21 -19.06
N SER B 296 -40.56 32.55 -18.50
CA SER B 296 -39.40 32.92 -19.29
C SER B 296 -38.37 31.79 -19.25
N LEU B 297 -37.49 31.79 -20.25
CA LEU B 297 -36.52 30.72 -20.42
C LEU B 297 -35.13 31.09 -19.92
N GLY B 298 -35.05 31.92 -18.87
CA GLY B 298 -33.80 32.33 -18.30
C GLY B 298 -33.54 31.71 -16.95
N SER B 299 -32.59 32.31 -16.22
CA SER B 299 -32.26 31.83 -14.89
C SER B 299 -33.35 32.18 -13.89
N ASP B 300 -34.13 33.21 -14.16
CA ASP B 300 -35.32 33.55 -13.39
C ASP B 300 -36.53 33.33 -14.28
N ALA B 301 -37.39 32.39 -13.88
CA ALA B 301 -38.53 32.04 -14.71
C ALA B 301 -39.58 33.15 -14.71
N ASN B 302 -39.94 33.64 -13.52
CA ASN B 302 -41.00 34.60 -13.23
C ASN B 302 -42.30 34.05 -13.84
N PRO B 303 -42.95 33.09 -13.17
CA PRO B 303 -44.17 32.53 -13.73
C PRO B 303 -45.39 33.39 -13.42
N THR B 304 -46.29 33.48 -14.41
CA THR B 304 -47.59 34.08 -14.22
C THR B 304 -48.67 33.04 -14.45
N ARG B 305 -49.81 33.25 -13.82
CA ARG B 305 -50.94 32.32 -13.95
C ARG B 305 -52.22 33.07 -13.60
N GLN B 306 -53.21 33.02 -14.49
CA GLN B 306 -54.48 33.65 -14.23
C GLN B 306 -55.55 32.97 -15.06
N TRP B 307 -56.80 33.13 -14.63
CA TRP B 307 -57.96 32.58 -15.33
C TRP B 307 -58.66 33.70 -16.09
N ILE B 308 -58.79 33.54 -17.40
CA ILE B 308 -59.38 34.56 -18.25
C ILE B 308 -60.82 34.17 -18.54
N GLU B 309 -61.76 35.00 -18.07
CA GLU B 309 -63.18 34.75 -18.27
C GLU B 309 -63.86 35.79 -19.13
N ARG B 310 -63.20 36.90 -19.43
CA ARG B 310 -63.73 38.01 -20.20
C ARG B 310 -62.70 38.38 -21.26
N PRO B 311 -63.13 39.00 -22.38
CA PRO B 311 -62.16 39.47 -23.37
C PRO B 311 -61.25 40.56 -22.86
N THR B 312 -59.96 40.25 -22.72
CA THR B 312 -58.99 41.19 -22.16
C THR B 312 -57.71 41.13 -22.97
N THR B 313 -56.84 42.11 -22.75
CA THR B 313 -55.53 42.19 -23.37
C THR B 313 -54.47 42.10 -22.28
N VAL B 314 -53.45 41.28 -22.51
CA VAL B 314 -52.34 41.13 -21.58
C VAL B 314 -51.05 41.46 -22.31
N ASN B 315 -50.13 42.13 -21.61
CA ASN B 315 -48.82 42.47 -22.14
C ASN B 315 -47.76 41.74 -21.35
N PHE B 316 -46.86 41.04 -22.04
CA PHE B 316 -45.75 40.33 -21.42
C PHE B 316 -44.44 40.82 -22.01
N THR B 317 -43.51 41.18 -21.15
CA THR B 317 -42.20 41.64 -21.61
C THR B 317 -41.35 40.45 -22.01
N VAL B 318 -40.86 40.47 -23.24
CA VAL B 318 -40.05 39.40 -23.80
C VAL B 318 -38.65 39.94 -24.02
N THR B 319 -37.66 39.28 -23.45
CA THR B 319 -36.27 39.66 -23.64
C THR B 319 -35.63 38.75 -24.66
N GLY B 320 -34.31 38.86 -24.82
CA GLY B 320 -33.61 38.02 -25.76
C GLY B 320 -33.41 36.59 -25.31
N GLU B 321 -33.69 36.30 -24.04
CA GLU B 321 -33.60 34.92 -23.56
C GLU B 321 -34.78 34.09 -24.06
N GLY B 322 -35.97 34.66 -24.06
CA GLY B 322 -37.16 34.01 -24.58
C GLY B 322 -38.28 34.04 -23.58
N LEU B 323 -39.44 33.53 -24.03
CA LEU B 323 -40.63 33.40 -23.21
C LEU B 323 -41.54 32.38 -23.87
N GLU B 324 -42.20 31.56 -23.06
CA GLU B 324 -43.18 30.63 -23.57
C GLU B 324 -44.50 30.83 -22.84
N TYR B 325 -45.60 30.57 -23.55
CA TYR B 325 -46.94 30.75 -23.01
C TYR B 325 -47.85 29.67 -23.55
N THR B 326 -48.72 29.15 -22.70
CA THR B 326 -49.76 28.21 -23.10
C THR B 326 -51.11 28.84 -22.84
N TRP B 327 -51.97 28.85 -23.85
CA TRP B 327 -53.30 29.44 -23.75
C TRP B 327 -54.32 28.32 -23.93
N GLY B 328 -55.00 27.97 -22.84
CA GLY B 328 -56.00 26.92 -22.92
C GLY B 328 -55.38 25.56 -23.10
N ASN B 329 -56.02 24.73 -23.93
CA ASN B 329 -55.55 23.38 -24.21
C ASN B 329 -54.58 23.34 -25.38
N HIS B 330 -54.17 24.50 -25.90
CA HIS B 330 -53.24 24.58 -27.01
C HIS B 330 -51.84 24.14 -26.57
N PRO B 331 -51.02 23.68 -27.51
CA PRO B 331 -49.62 23.39 -27.19
C PRO B 331 -48.85 24.67 -26.87
N PRO B 332 -47.76 24.57 -26.11
CA PRO B 332 -46.98 25.77 -25.79
C PRO B 332 -46.29 26.36 -27.01
N LYS B 333 -46.13 27.69 -26.99
CA LYS B 333 -45.47 28.42 -28.05
C LYS B 333 -44.39 29.31 -27.46
N ARG B 334 -43.22 29.33 -28.08
CA ARG B 334 -42.09 30.11 -27.62
C ARG B 334 -41.81 31.25 -28.60
N VAL B 335 -41.47 32.42 -28.07
CA VAL B 335 -41.11 33.58 -28.87
C VAL B 335 -39.86 34.23 -28.27
N TRP B 336 -38.99 34.73 -29.14
CA TRP B 336 -37.77 35.41 -28.74
C TRP B 336 -37.80 36.83 -29.29
N ALA B 337 -37.11 37.74 -28.59
CA ALA B 337 -37.10 39.15 -28.95
C ALA B 337 -35.79 39.52 -29.62
N GLN B 338 -35.87 40.18 -30.75
CA GLN B 338 -34.69 40.61 -31.48
C GLN B 338 -34.21 41.94 -30.93
N GLU B 339 -33.22 42.54 -31.59
CA GLU B 339 -32.57 43.73 -31.06
C GLU B 339 -32.83 44.94 -31.96
N SER B 340 -34.09 45.14 -32.33
CA SER B 340 -34.49 46.19 -33.27
C SER B 340 -34.18 47.60 -32.77
N GLY B 341 -34.82 48.03 -31.69
CA GLY B 341 -34.57 49.36 -31.17
C GLY B 341 -35.27 50.43 -32.00
N GLU B 342 -35.05 51.68 -31.60
CA GLU B 342 -35.71 52.81 -32.27
C GLU B 342 -34.71 53.83 -32.79
N GLY B 343 -33.59 54.00 -32.11
CA GLY B 343 -32.64 55.06 -32.40
C GLY B 343 -31.70 54.72 -33.54
N ASN B 344 -30.64 55.51 -33.63
CA ASN B 344 -29.62 55.36 -34.66
C ASN B 344 -28.23 55.63 -34.07
N PRO B 345 -27.31 54.65 -34.10
CA PRO B 345 -26.02 54.85 -33.43
C PRO B 345 -25.02 55.66 -34.22
N HIS B 346 -25.17 55.80 -35.54
CA HIS B 346 -24.22 56.55 -36.36
C HIS B 346 -24.83 57.93 -36.65
N GLY B 347 -24.70 58.82 -35.67
CA GLY B 347 -25.26 60.15 -35.84
C GLY B 347 -24.86 61.14 -34.77
N TRP B 348 -25.76 62.09 -34.49
CA TRP B 348 -25.50 63.12 -33.50
C TRP B 348 -25.50 62.52 -32.09
N PRO B 349 -24.86 63.19 -31.12
CA PRO B 349 -24.84 62.65 -29.74
C PRO B 349 -26.19 62.51 -29.07
N HIS B 350 -27.22 63.24 -29.51
CA HIS B 350 -28.56 62.94 -28.99
C HIS B 350 -29.13 61.68 -29.63
N GLU B 351 -28.73 61.37 -30.86
CA GLU B 351 -29.20 60.14 -31.51
C GLU B 351 -28.47 58.91 -31.00
N VAL B 352 -27.21 59.05 -30.56
CA VAL B 352 -26.46 57.92 -30.04
C VAL B 352 -27.01 57.47 -28.69
N VAL B 353 -27.31 58.43 -27.81
CA VAL B 353 -27.77 58.13 -26.45
C VAL B 353 -29.16 57.51 -26.48
N VAL B 354 -30.03 57.99 -27.38
CA VAL B 354 -31.41 57.50 -27.48
C VAL B 354 -31.43 56.04 -27.94
N TYR B 355 -30.54 55.67 -28.87
CA TYR B 355 -30.47 54.28 -29.33
C TYR B 355 -29.99 53.34 -28.24
N TYR B 356 -28.99 53.76 -27.47
CA TYR B 356 -28.49 52.92 -26.40
C TYR B 356 -29.39 52.91 -25.18
N TYR B 357 -30.24 53.93 -25.03
CA TYR B 357 -31.19 53.93 -23.91
C TYR B 357 -32.29 52.89 -24.12
N ASN B 358 -32.71 52.70 -25.36
CA ASN B 358 -33.73 51.69 -25.65
C ASN B 358 -33.15 50.29 -25.59
N ARG B 359 -31.91 50.11 -26.07
CA ARG B 359 -31.28 48.80 -26.01
C ARG B 359 -30.93 48.42 -24.59
N TYR B 360 -30.29 49.34 -23.85
CA TYR B 360 -29.96 49.14 -22.44
C TYR B 360 -30.60 50.27 -21.60
N PRO B 361 -31.67 50.00 -20.86
CA PRO B 361 -32.28 51.05 -20.04
C PRO B 361 -31.85 50.97 -18.57
N LEU B 362 -30.76 50.25 -18.33
CA LEU B 362 -30.24 49.94 -17.00
C LEU B 362 -28.75 50.20 -16.86
N THR B 363 -28.00 50.31 -17.97
CA THR B 363 -26.57 50.52 -17.94
C THR B 363 -26.15 51.89 -18.46
N THR B 364 -26.84 52.40 -19.48
CA THR B 364 -26.46 53.67 -20.11
C THR B 364 -26.89 54.88 -19.30
N ILE B 365 -27.73 54.71 -18.27
CA ILE B 365 -28.03 55.82 -17.38
C ILE B 365 -27.03 55.89 -16.22
N ILE B 366 -26.24 54.84 -16.01
CA ILE B 366 -25.19 54.87 -15.00
C ILE B 366 -23.89 55.39 -15.61
N GLY B 367 -23.53 54.92 -16.80
CA GLY B 367 -22.35 55.41 -17.48
C GLY B 367 -22.45 56.84 -17.96
N LEU B 368 -23.67 57.35 -18.14
CA LEU B 368 -23.84 58.77 -18.43
C LEU B 368 -23.58 59.61 -17.19
N CYS B 369 -24.02 59.13 -16.02
CA CYS B 369 -23.76 59.86 -14.78
C CYS B 369 -22.32 59.69 -14.33
N THR B 370 -21.71 58.55 -14.62
CA THR B 370 -20.31 58.33 -14.26
C THR B 370 -19.36 59.19 -15.11
N CYS B 371 -19.66 59.34 -16.40
CA CYS B 371 -18.78 60.10 -17.28
C CYS B 371 -18.78 61.59 -16.95
N VAL B 372 -19.92 62.13 -16.48
CA VAL B 372 -19.92 63.50 -15.98
C VAL B 372 -19.43 63.61 -14.56
N ALA B 373 -19.32 62.49 -13.83
CA ALA B 373 -18.71 62.53 -12.51
C ALA B 373 -17.19 62.59 -12.61
N ILE B 374 -16.61 61.87 -13.55
CA ILE B 374 -15.15 61.92 -13.76
C ILE B 374 -14.74 63.26 -14.35
N ILE B 375 -15.55 63.79 -15.27
CA ILE B 375 -15.26 65.07 -15.91
C ILE B 375 -15.32 66.22 -14.89
N MET B 376 -16.31 66.18 -13.99
CA MET B 376 -16.40 67.18 -12.93
C MET B 376 -15.24 67.06 -11.95
N VAL B 377 -14.82 65.83 -11.63
CA VAL B 377 -13.68 65.62 -10.74
C VAL B 377 -12.39 66.08 -11.41
N SER B 378 -12.20 65.73 -12.68
CA SER B 378 -10.98 66.11 -13.39
C SER B 378 -10.92 67.60 -13.69
N CYS B 379 -12.07 68.27 -13.80
CA CYS B 379 -12.05 69.71 -14.02
C CYS B 379 -11.67 70.47 -12.75
N VAL B 380 -12.21 70.07 -11.59
CA VAL B 380 -11.87 70.75 -10.35
C VAL B 380 -10.53 70.31 -9.79
N THR B 381 -9.97 69.21 -10.28
CA THR B 381 -8.58 68.87 -9.97
C THR B 381 -7.61 69.73 -10.77
N SER B 382 -7.88 69.94 -12.05
CA SER B 382 -7.00 70.75 -12.89
C SER B 382 -7.02 72.22 -12.50
N VAL B 383 -8.19 72.79 -12.23
CA VAL B 383 -8.24 74.21 -11.85
C VAL B 383 -7.76 74.43 -10.42
N TRP B 384 -7.62 73.38 -9.62
CA TRP B 384 -6.88 73.50 -8.37
C TRP B 384 -5.38 73.45 -8.60
N LEU B 385 -4.93 73.06 -9.80
CA LEU B 385 -3.53 73.02 -10.15
C LEU B 385 -3.12 74.07 -11.18
N LEU B 386 -4.04 74.51 -12.03
CA LEU B 386 -3.73 75.63 -12.91
C LEU B 386 -3.75 76.95 -12.16
N CYS B 387 -4.70 77.13 -11.24
CA CYS B 387 -4.75 78.38 -10.48
C CYS B 387 -3.66 78.45 -9.42
N ARG B 388 -3.20 77.30 -8.93
CA ARG B 388 -2.05 77.29 -8.02
C ARG B 388 -0.77 77.66 -8.75
N THR B 389 -0.61 77.21 -10.00
CA THR B 389 0.55 77.56 -10.79
C THR B 389 0.55 79.05 -11.15
N ARG B 390 -0.62 79.60 -11.49
CA ARG B 390 -0.72 81.02 -11.78
C ARG B 390 -0.53 81.87 -10.52
N ASN B 391 -0.83 81.30 -9.36
CA ASN B 391 -0.55 82.00 -8.10
C ASN B 391 0.92 81.97 -7.72
N LEU B 392 1.74 81.17 -8.39
CA LEU B 392 3.19 81.21 -8.22
C LEU B 392 3.89 81.97 -9.34
N CYS B 393 3.15 82.42 -10.35
CA CYS B 393 3.70 83.37 -11.32
C CYS B 393 3.76 84.77 -10.75
N ILE B 394 2.77 85.13 -9.94
CA ILE B 394 2.56 86.52 -9.53
C ILE B 394 3.32 86.86 -8.26
N THR B 395 3.36 85.94 -7.30
CA THR B 395 4.06 86.18 -6.03
C THR B 395 5.57 86.42 -6.07
N PRO B 396 6.37 86.03 -7.07
CA PRO B 396 7.74 86.56 -7.12
C PRO B 396 7.93 87.77 -8.04
N TYR B 397 6.86 88.38 -8.52
CA TYR B 397 6.98 89.52 -9.42
C TYR B 397 6.17 90.71 -8.92
N LYS B 398 5.03 90.44 -8.29
CA LYS B 398 4.19 91.53 -7.78
C LYS B 398 4.72 92.09 -6.48
N LEU B 399 5.59 91.35 -5.79
CA LEU B 399 6.21 91.86 -4.57
C LEU B 399 7.19 92.98 -4.87
N ALA B 400 7.98 92.83 -5.92
CA ALA B 400 8.94 93.86 -6.33
C ALA B 400 8.53 94.41 -7.68
N PRO B 401 7.84 95.55 -7.73
CA PRO B 401 7.38 96.09 -9.03
C PRO B 401 8.49 96.69 -9.88
N ASN B 402 9.69 96.88 -9.33
CA ASN B 402 10.79 97.42 -10.12
C ASN B 402 11.38 96.39 -11.08
N ALA B 403 11.13 95.10 -10.86
CA ALA B 403 11.67 94.06 -11.71
C ALA B 403 10.94 94.03 -13.05
N GLN B 404 11.71 93.99 -14.14
CA GLN B 404 11.13 93.95 -15.47
C GLN B 404 10.59 92.55 -15.76
N VAL B 405 9.28 92.47 -15.95
CA VAL B 405 8.61 91.18 -16.22
C VAL B 405 8.91 90.78 -17.66
N PRO B 406 9.40 89.56 -17.90
CA PRO B 406 9.67 89.14 -19.28
C PRO B 406 8.39 88.94 -20.08
N ILE B 407 8.55 89.07 -21.40
CA ILE B 407 7.39 89.10 -22.29
C ILE B 407 6.77 87.73 -22.49
N LEU B 408 7.45 86.64 -22.13
CA LEU B 408 6.84 85.32 -22.23
C LEU B 408 5.86 85.07 -21.10
N LEU B 409 6.16 85.56 -19.90
CA LEU B 409 5.31 85.33 -18.75
C LEU B 409 4.09 86.25 -18.73
N ALA B 410 4.07 87.30 -19.56
CA ALA B 410 2.99 88.27 -19.54
C ALA B 410 1.68 87.68 -20.07
N LEU B 411 1.76 86.91 -21.16
CA LEU B 411 0.54 86.40 -21.77
C LEU B 411 0.59 84.88 -21.97
N LEU B 412 1.76 84.35 -22.30
CA LEU B 412 1.84 82.94 -22.67
C LEU B 412 1.82 82.03 -21.44
N CYS B 413 2.83 82.13 -20.58
CA CYS B 413 2.95 81.21 -19.46
C CYS B 413 1.93 81.52 -18.37
N CYS B 414 1.64 82.80 -18.13
CA CYS B 414 0.63 83.20 -17.16
C CYS B 414 -0.13 84.40 -17.70
N ILE B 415 -1.29 84.63 -17.12
CA ILE B 415 -2.34 85.42 -17.79
C ILE B 415 -2.16 86.93 -17.55
N LYS B 416 -1.69 87.33 -16.36
CA LYS B 416 -1.60 88.75 -16.03
C LYS B 416 -0.52 89.45 -16.84
N PRO B 417 -0.84 90.49 -17.59
CA PRO B 417 0.12 91.07 -18.53
C PRO B 417 1.05 92.08 -17.84
N THR B 418 1.89 92.71 -18.65
CA THR B 418 2.85 93.69 -18.16
C THR B 418 2.15 95.00 -17.86
N ARG B 419 2.85 95.85 -17.10
CA ARG B 419 2.36 97.17 -16.74
C ARG B 419 3.56 98.07 -16.46
N ALA B 420 3.27 99.25 -15.93
CA ALA B 420 4.25 100.29 -15.56
C ALA B 420 5.17 100.70 -16.71
N ASP C 111 12.21 105.52 10.93
CA ASP C 111 11.41 104.68 10.05
C ASP C 111 9.97 104.58 10.54
N LYS C 112 9.26 103.55 10.10
CA LYS C 112 7.87 103.36 10.48
C LYS C 112 7.56 101.86 10.42
N THR C 113 7.61 101.22 11.58
CA THR C 113 7.31 99.79 11.71
C THR C 113 6.39 99.59 12.90
N PHE C 114 5.51 98.60 12.80
CA PHE C 114 4.41 98.48 13.74
C PHE C 114 4.53 97.20 14.56
N PRO C 115 4.18 97.24 15.85
CA PRO C 115 4.16 96.01 16.66
C PRO C 115 2.80 95.34 16.64
N ILE C 116 2.82 94.02 16.79
CA ILE C 116 1.61 93.20 16.75
C ILE C 116 1.29 92.77 18.17
N MET C 117 0.10 93.15 18.65
CA MET C 117 -0.29 92.92 20.03
C MET C 117 -0.99 91.56 20.16
N LEU C 118 -0.57 90.78 21.15
CA LEU C 118 -1.24 89.53 21.52
C LEU C 118 -1.30 89.48 23.03
N ASN C 119 -2.48 89.79 23.58
CA ASN C 119 -2.74 89.89 25.02
C ASN C 119 -1.79 90.86 25.71
N GLY C 120 -1.52 92.00 25.05
CA GLY C 120 -0.76 93.07 25.65
C GLY C 120 0.74 92.97 25.50
N GLN C 121 1.26 91.89 24.93
CA GLN C 121 2.69 91.73 24.76
C GLN C 121 3.06 91.70 23.28
N VAL C 122 4.31 92.03 22.99
CA VAL C 122 4.82 92.09 21.62
C VAL C 122 5.31 90.70 21.25
N ASN C 123 4.88 90.21 20.08
CA ASN C 123 5.39 88.96 19.54
C ASN C 123 5.71 89.07 18.07
N GLY C 124 5.98 90.27 17.57
CA GLY C 124 6.36 90.46 16.19
C GLY C 124 6.34 91.91 15.74
N TYR C 125 7.02 92.21 14.64
CA TYR C 125 7.05 93.56 14.09
C TYR C 125 6.65 93.51 12.63
N ALA C 126 5.72 94.38 12.24
CA ALA C 126 5.20 94.42 10.87
C ALA C 126 5.77 95.64 10.15
N CYS C 127 6.46 95.38 9.04
CA CYS C 127 7.05 96.44 8.23
C CYS C 127 6.10 96.86 7.12
N VAL C 128 6.34 98.05 6.59
CA VAL C 128 5.59 98.57 5.46
C VAL C 128 6.58 99.04 4.39
N VAL C 129 6.37 98.56 3.16
CA VAL C 129 7.13 99.00 2.00
C VAL C 129 6.13 99.65 1.04
N GLY C 130 6.62 100.61 0.24
CA GLY C 130 5.79 101.30 -0.72
C GLY C 130 5.21 100.38 -1.78
N GLY C 131 3.91 100.12 -1.67
CA GLY C 131 3.23 99.20 -2.55
C GLY C 131 2.51 98.09 -1.82
N ARG C 132 3.13 97.52 -0.79
CA ARG C 132 2.55 96.41 -0.04
C ARG C 132 3.15 96.37 1.35
N VAL C 133 2.31 96.12 2.36
CA VAL C 133 2.76 95.96 3.74
C VAL C 133 3.25 94.53 3.92
N PHE C 134 3.91 94.27 5.05
CA PHE C 134 4.44 92.94 5.33
C PHE C 134 4.17 92.57 6.78
N LYS C 135 4.01 91.27 7.02
CA LYS C 135 3.73 90.70 8.33
C LYS C 135 4.05 89.20 8.31
N PRO C 136 4.85 88.70 9.25
CA PRO C 136 5.29 87.30 9.18
C PRO C 136 4.17 86.31 9.45
N LEU C 137 4.29 85.12 8.84
CA LEU C 137 3.24 84.12 8.94
C LEU C 137 3.26 83.41 10.29
N HIS C 138 4.43 83.23 10.90
CA HIS C 138 4.55 82.45 12.13
C HIS C 138 4.03 83.19 13.35
N VAL C 139 3.73 84.48 13.24
CA VAL C 139 3.24 85.27 14.35
C VAL C 139 1.75 85.53 14.15
N GLU C 140 1.11 86.05 15.20
CA GLU C 140 -0.32 86.34 15.18
C GLU C 140 -0.61 87.46 16.16
N GLY C 141 -1.79 88.05 16.01
CA GLY C 141 -2.23 89.08 16.93
C GLY C 141 -2.94 90.18 16.18
N ARG C 142 -3.08 91.32 16.86
CA ARG C 142 -3.79 92.47 16.34
C ARG C 142 -2.82 93.62 16.08
N ILE C 143 -3.00 94.31 14.95
CA ILE C 143 -2.15 95.44 14.64
C ILE C 143 -2.51 96.62 15.55
N ASP C 144 -1.58 97.57 15.66
CA ASP C 144 -1.72 98.71 16.56
C ASP C 144 -2.08 99.99 15.82
N ASN C 145 -2.94 99.90 14.81
CA ASN C 145 -3.36 101.08 14.06
C ASN C 145 -4.82 100.94 13.66
N GLU C 146 -5.54 102.08 13.70
CA GLU C 146 -6.93 102.08 13.26
C GLU C 146 -7.02 101.98 11.74
N GLN C 147 -6.09 102.62 11.03
CA GLN C 147 -6.10 102.58 9.58
C GLN C 147 -5.50 101.30 9.02
N LEU C 148 -4.81 100.52 9.85
CA LEU C 148 -4.35 99.19 9.47
C LEU C 148 -5.26 98.10 10.04
N ALA C 149 -6.37 98.47 10.65
CA ALA C 149 -7.34 97.50 11.16
C ALA C 149 -8.26 96.97 10.07
N ALA C 150 -8.28 97.61 8.90
CA ALA C 150 -9.10 97.19 7.77
C ALA C 150 -8.30 96.42 6.73
N ILE C 151 -7.10 95.96 7.08
CA ILE C 151 -6.25 95.24 6.14
C ILE C 151 -6.78 93.83 5.97
N LYS C 152 -7.00 93.43 4.71
CA LYS C 152 -7.47 92.09 4.40
C LYS C 152 -6.30 91.12 4.56
N LEU C 153 -6.26 90.42 5.70
CA LEU C 153 -5.21 89.46 5.97
C LEU C 153 -5.41 88.20 5.13
N LYS C 154 -4.31 87.65 4.64
CA LYS C 154 -4.36 86.42 3.87
C LYS C 154 -3.04 85.67 4.06
N LYS C 155 -3.09 84.36 3.87
CA LYS C 155 -1.92 83.51 4.01
C LYS C 155 -1.22 83.34 2.67
N ALA C 156 0.04 82.92 2.72
CA ALA C 156 0.84 82.74 1.52
C ALA C 156 1.84 81.62 1.77
N SER C 157 2.82 81.52 0.88
CA SER C 157 3.90 80.56 1.00
C SER C 157 4.98 81.12 1.92
N ILE C 158 6.17 80.52 1.89
CA ILE C 158 7.29 80.99 2.70
C ILE C 158 7.92 82.27 2.18
N TYR C 159 7.42 82.83 1.08
CA TYR C 159 7.86 84.13 0.59
C TYR C 159 7.38 85.27 1.47
N ASP C 160 6.42 85.03 2.37
CA ASP C 160 5.85 85.99 3.31
C ASP C 160 5.22 87.19 2.58
N LEU C 161 4.16 86.89 1.85
CA LEU C 161 3.41 87.89 1.09
C LEU C 161 2.12 88.23 1.83
N GLU C 162 1.96 89.51 2.17
CA GLU C 162 0.73 90.03 2.74
C GLU C 162 0.09 91.04 1.78
N TYR C 163 -1.18 91.34 2.03
CA TYR C 163 -1.94 92.24 1.19
C TYR C 163 -1.77 93.68 1.66
N GLY C 164 -1.14 94.50 0.83
CA GLY C 164 -0.96 95.90 1.13
C GLY C 164 -2.07 96.77 0.58
N ASP C 165 -3.26 96.69 1.18
CA ASP C 165 -4.43 97.43 0.72
C ASP C 165 -4.56 98.80 1.36
N VAL C 166 -3.46 99.39 1.82
CA VAL C 166 -3.51 100.71 2.44
C VAL C 166 -3.68 101.77 1.35
N PRO C 167 -4.48 102.83 1.58
CA PRO C 167 -4.62 103.87 0.56
C PRO C 167 -3.43 104.82 0.48
N GLN C 168 -3.60 105.89 -0.31
CA GLN C 168 -2.55 106.85 -0.63
C GLN C 168 -2.12 107.71 0.56
N CYS C 169 -2.87 107.65 1.68
CA CYS C 169 -2.66 108.59 2.80
C CYS C 169 -1.29 108.43 3.45
N MET C 170 -0.83 107.19 3.66
CA MET C 170 0.49 106.96 4.25
C MET C 170 1.43 106.22 3.29
N LYS C 171 1.16 106.28 1.98
CA LYS C 171 2.00 105.59 1.02
C LYS C 171 3.35 106.29 0.87
N SER C 172 4.27 105.58 0.21
CA SER C 172 5.67 105.97 0.00
C SER C 172 6.38 106.21 1.34
N ASP C 173 6.45 105.14 2.15
CA ASP C 173 7.10 105.22 3.45
C ASP C 173 8.56 104.79 3.40
N THR C 174 8.81 103.56 2.96
CA THR C 174 10.17 103.04 2.84
C THR C 174 10.41 102.65 1.39
N LEU C 175 11.40 103.28 0.76
CA LEU C 175 11.72 103.00 -0.63
C LEU C 175 12.46 101.68 -0.76
N GLN C 176 12.09 100.90 -1.76
CA GLN C 176 12.70 99.60 -1.97
C GLN C 176 14.09 99.75 -2.59
N TYR C 177 15.02 98.91 -2.13
CA TYR C 177 16.36 98.86 -2.71
C TYR C 177 16.41 97.77 -3.77
N THR C 178 17.05 98.09 -4.89
CA THR C 178 17.09 97.20 -6.04
C THR C 178 18.13 96.10 -5.83
N SER C 179 18.47 95.39 -6.89
CA SER C 179 19.50 94.36 -6.84
C SER C 179 20.88 95.02 -6.95
N ASP C 180 21.91 94.18 -7.20
CA ASP C 180 23.33 94.58 -7.22
C ASP C 180 23.74 95.24 -5.90
N LYS C 181 23.34 94.62 -4.80
CA LYS C 181 23.60 95.14 -3.47
C LYS C 181 25.07 94.94 -3.11
N PRO C 182 25.78 95.98 -2.69
CA PRO C 182 27.19 95.81 -2.32
C PRO C 182 27.31 95.14 -0.96
N PRO C 183 28.41 94.42 -0.72
CA PRO C 183 28.61 93.76 0.59
C PRO C 183 28.87 94.66 1.79
N GLY C 184 28.73 95.98 1.64
CA GLY C 184 29.16 96.92 2.67
C GLY C 184 28.23 97.04 3.86
N PHE C 185 28.21 98.23 4.46
CA PHE C 185 27.50 98.44 5.71
C PHE C 185 25.99 98.45 5.49
N TYR C 186 25.25 97.88 6.45
CA TYR C 186 23.80 97.89 6.43
C TYR C 186 23.29 98.16 7.83
N ASN C 187 22.25 99.01 7.93
CA ASN C 187 21.77 99.50 9.21
C ASN C 187 20.73 98.53 9.77
N TRP C 188 21.21 97.55 10.53
CA TRP C 188 20.31 96.75 11.36
C TRP C 188 19.88 97.58 12.56
N HIS C 189 18.69 97.27 13.09
CA HIS C 189 18.13 98.06 14.18
C HIS C 189 18.91 97.89 15.47
N HIS C 190 19.44 96.68 15.71
CA HIS C 190 20.21 96.41 16.93
C HIS C 190 21.69 96.23 16.65
N GLY C 191 22.19 96.78 15.54
CA GLY C 191 23.60 96.64 15.22
C GLY C 191 23.92 96.98 13.77
N ALA C 192 24.69 96.12 13.12
CA ALA C 192 25.06 96.32 11.73
C ALA C 192 25.35 94.98 11.08
N VAL C 193 25.05 94.89 9.79
CA VAL C 193 25.28 93.69 8.98
C VAL C 193 26.17 94.10 7.80
N GLN C 194 27.25 93.35 7.58
CA GLN C 194 28.18 93.64 6.48
C GLN C 194 28.49 92.36 5.69
N TYR C 195 27.57 92.00 4.78
CA TYR C 195 27.75 90.99 3.75
C TYR C 195 26.55 91.06 2.80
N GLU C 196 26.66 90.37 1.67
CA GLU C 196 25.64 90.38 0.63
C GLU C 196 25.05 89.00 0.36
N ASN C 197 25.89 87.97 0.20
CA ASN C 197 25.41 86.65 -0.20
C ASN C 197 24.58 86.00 0.91
N ASN C 198 25.09 86.00 2.14
CA ASN C 198 24.33 85.61 3.31
C ASN C 198 24.49 86.70 4.36
N ARG C 199 23.81 86.52 5.49
CA ARG C 199 23.86 87.51 6.55
C ARG C 199 25.17 87.42 7.31
N PHE C 200 25.71 88.59 7.66
CA PHE C 200 26.92 88.67 8.45
C PHE C 200 26.65 88.16 9.87
N THR C 201 27.66 87.52 10.46
CA THR C 201 27.52 86.91 11.78
C THR C 201 27.41 88.00 12.83
N VAL C 202 26.17 88.29 13.24
CA VAL C 202 25.90 89.27 14.29
C VAL C 202 26.33 88.65 15.63
N PRO C 203 26.77 89.45 16.60
CA PRO C 203 27.25 88.86 17.87
C PRO C 203 26.13 88.31 18.74
N ARG C 204 26.50 87.75 19.88
CA ARG C 204 25.54 87.14 20.78
C ARG C 204 24.71 88.22 21.49
N GLY C 205 23.70 87.77 22.22
CA GLY C 205 22.77 88.67 22.89
C GLY C 205 21.58 89.04 22.04
N VAL C 206 21.83 89.51 20.82
CA VAL C 206 20.74 89.76 19.89
C VAL C 206 20.22 88.42 19.35
N GLY C 207 18.98 88.43 18.87
CA GLY C 207 18.34 87.21 18.43
C GLY C 207 17.53 86.57 19.52
N GLY C 208 16.61 87.33 20.11
CA GLY C 208 15.77 86.83 21.19
C GLY C 208 14.51 86.18 20.67
N LYS C 209 13.35 86.75 20.99
CA LYS C 209 12.09 86.24 20.49
C LYS C 209 11.09 87.37 20.39
N GLY C 210 10.11 87.19 19.50
CA GLY C 210 9.03 88.15 19.39
C GLY C 210 9.36 89.42 18.62
N ASP C 211 10.48 89.44 17.89
CA ASP C 211 10.88 90.60 17.11
C ASP C 211 11.12 90.19 15.66
N SER C 212 10.18 89.42 15.11
CA SER C 212 10.23 89.03 13.71
C SER C 212 9.91 90.21 12.80
N GLY C 213 10.35 90.11 11.55
CA GLY C 213 9.95 91.06 10.54
C GLY C 213 10.63 92.40 10.61
N ARG C 214 11.67 92.55 11.41
CA ARG C 214 12.36 93.83 11.52
C ARG C 214 13.17 94.08 10.26
N PRO C 215 13.00 95.23 9.60
CA PRO C 215 13.73 95.49 8.36
C PRO C 215 15.20 95.78 8.61
N ILE C 216 16.02 95.44 7.62
CA ILE C 216 17.42 95.84 7.60
C ILE C 216 17.56 96.94 6.55
N LEU C 217 17.91 98.13 7.01
CA LEU C 217 17.89 99.34 6.19
C LEU C 217 19.20 99.47 5.41
N ASP C 218 19.40 100.64 4.80
CA ASP C 218 20.62 100.92 4.06
C ASP C 218 21.21 102.26 4.51
N ASN C 219 22.23 102.74 3.80
CA ASN C 219 22.81 104.04 4.11
C ASN C 219 21.88 105.18 3.72
N LYS C 220 20.97 104.96 2.76
CA LYS C 220 20.05 105.99 2.30
C LYS C 220 18.64 105.78 2.83
N GLY C 221 18.49 104.94 3.85
CA GLY C 221 17.17 104.64 4.40
C GLY C 221 16.27 103.83 3.49
N ARG C 222 16.82 102.84 2.80
CA ARG C 222 16.05 101.98 1.90
C ARG C 222 16.06 100.56 2.44
N VAL C 223 14.90 99.91 2.40
CA VAL C 223 14.76 98.54 2.90
C VAL C 223 15.38 97.57 1.91
N VAL C 224 16.06 96.55 2.42
CA VAL C 224 16.71 95.56 1.56
C VAL C 224 16.38 94.12 1.95
N ALA C 225 15.97 93.84 3.19
CA ALA C 225 15.66 92.47 3.60
C ALA C 225 14.78 92.53 4.85
N ILE C 226 14.12 91.40 5.12
CA ILE C 226 13.21 91.26 6.26
C ILE C 226 13.57 89.96 6.97
N VAL C 227 13.88 90.04 8.27
CA VAL C 227 14.32 88.88 9.03
C VAL C 227 13.14 87.97 9.33
N LEU C 228 13.42 86.67 9.45
CA LEU C 228 12.36 85.69 9.69
C LEU C 228 12.64 84.73 10.84
N GLY C 229 13.89 84.34 11.04
CA GLY C 229 14.17 83.32 12.03
C GLY C 229 15.63 83.28 12.41
N GLY C 230 16.01 82.21 13.13
CA GLY C 230 17.34 82.14 13.68
C GLY C 230 17.52 82.68 15.09
N VAL C 231 16.85 82.05 16.07
CA VAL C 231 17.05 82.41 17.48
C VAL C 231 18.51 82.24 17.90
N ASN C 232 19.11 81.11 17.55
CA ASN C 232 20.45 80.78 18.01
C ASN C 232 21.05 79.71 17.11
N GLU C 233 22.30 79.92 16.72
CA GLU C 233 23.07 78.91 16.01
C GLU C 233 24.29 78.41 16.78
N GLY C 234 24.68 79.11 17.84
CA GLY C 234 25.87 78.75 18.60
C GLY C 234 26.67 79.96 19.01
N SER C 235 27.94 80.02 18.60
CA SER C 235 28.78 81.17 18.95
C SER C 235 28.41 82.40 18.14
N ARG C 236 27.87 82.22 16.95
CA ARG C 236 27.39 83.32 16.11
C ARG C 236 25.91 83.15 15.87
N THR C 237 25.34 84.01 15.03
CA THR C 237 23.92 83.98 14.73
C THR C 237 23.70 84.35 13.27
N ALA C 238 23.09 83.44 12.51
CA ALA C 238 22.76 83.67 11.11
C ALA C 238 21.26 83.95 10.99
N LEU C 239 20.93 84.95 10.17
CA LEU C 239 19.56 85.41 10.01
C LEU C 239 19.01 84.92 8.68
N SER C 240 17.78 84.39 8.71
CA SER C 240 17.08 83.98 7.50
C SER C 240 16.24 85.15 7.01
N VAL C 241 16.67 85.77 5.92
CA VAL C 241 16.02 86.95 5.38
C VAL C 241 15.52 86.67 3.97
N VAL C 242 14.71 87.60 3.46
CA VAL C 242 14.24 87.58 2.07
C VAL C 242 15.08 88.57 1.27
N THR C 243 15.53 88.13 0.09
CA THR C 243 16.44 88.91 -0.73
C THR C 243 15.97 88.88 -2.17
N TRP C 244 16.47 89.83 -2.95
CA TRP C 244 16.17 89.91 -4.38
C TRP C 244 17.45 89.60 -5.13
N ASN C 245 17.40 88.62 -6.04
CA ASN C 245 18.64 87.96 -6.48
C ASN C 245 19.41 88.79 -7.49
N GLN C 246 18.87 88.96 -8.68
CA GLN C 246 19.63 89.64 -9.72
C GLN C 246 18.85 90.74 -10.43
N LYS C 247 17.55 90.55 -10.64
CA LYS C 247 16.73 91.54 -11.31
C LYS C 247 15.56 92.02 -10.47
N GLY C 248 15.27 91.37 -9.34
CA GLY C 248 14.19 91.79 -8.49
C GLY C 248 13.28 90.64 -8.08
N VAL C 249 13.62 89.43 -8.49
CA VAL C 249 12.83 88.27 -8.10
C VAL C 249 13.13 87.94 -6.65
N THR C 250 12.09 87.91 -5.82
CA THR C 250 12.25 87.76 -4.38
C THR C 250 12.61 86.33 -4.03
N VAL C 251 13.67 86.17 -3.23
CA VAL C 251 14.18 84.87 -2.83
C VAL C 251 14.13 84.78 -1.32
N LYS C 252 13.63 83.66 -0.81
CA LYS C 252 13.72 83.37 0.62
C LYS C 252 14.94 82.50 0.87
N ASP C 253 15.87 83.01 1.67
CA ASP C 253 17.12 82.33 1.97
C ASP C 253 17.13 81.92 3.45
N THR C 254 17.52 80.67 3.70
CA THR C 254 17.56 80.13 5.05
C THR C 254 18.88 79.41 5.28
N PRO C 255 19.31 79.45 6.54
CA PRO C 255 20.49 78.74 7.06
C PRO C 255 20.10 77.32 7.53
N GLU C 256 21.07 76.44 7.76
CA GLU C 256 20.77 75.07 8.17
C GLU C 256 20.20 75.08 9.58
N GLY C 257 18.98 74.55 9.72
CA GLY C 257 18.35 74.39 11.03
C GLY C 257 18.00 75.69 11.74
N SER C 258 17.44 76.66 11.03
CA SER C 258 17.09 77.95 11.62
C SER C 258 15.67 77.90 12.15
N GLU C 259 15.52 77.97 13.47
CA GLU C 259 14.20 78.05 14.07
C GLU C 259 13.57 79.42 13.78
N PRO C 260 12.27 79.47 13.51
CA PRO C 260 11.60 80.77 13.30
C PRO C 260 11.64 81.65 14.54
N TRP C 261 11.70 82.96 14.30
CA TRP C 261 11.92 83.93 15.36
C TRP C 261 11.29 85.26 14.97
N TYR D 1 -49.84 11.22 29.97
CA TYR D 1 -48.73 12.13 30.19
C TYR D 1 -47.69 11.97 29.09
N GLU D 2 -46.83 12.97 28.93
CA GLU D 2 -45.76 12.94 27.94
C GLU D 2 -44.44 13.24 28.62
N HIS D 3 -43.46 12.36 28.41
CA HIS D 3 -42.13 12.49 29.01
C HIS D 3 -41.10 12.52 27.91
N THR D 4 -40.40 13.66 27.77
CA THR D 4 -39.38 13.85 26.74
C THR D 4 -38.00 13.86 27.38
N ALA D 5 -37.06 13.16 26.75
CA ALA D 5 -35.72 13.03 27.29
C ALA D 5 -34.76 12.75 26.14
N VAL D 6 -33.50 12.47 26.50
CA VAL D 6 -32.44 12.17 25.53
C VAL D 6 -31.71 10.93 25.99
N MET D 7 -31.64 9.91 25.14
CA MET D 7 -30.97 8.66 25.47
C MET D 7 -29.75 8.49 24.57
N PRO D 8 -28.59 8.11 25.12
CA PRO D 8 -27.40 7.92 24.28
C PRO D 8 -27.51 6.68 23.41
N ASN D 9 -26.80 6.71 22.29
CA ASN D 9 -26.88 5.66 21.27
C ASN D 9 -26.02 4.48 21.69
N LYS D 10 -26.54 3.68 22.62
CA LYS D 10 -25.90 2.45 23.07
C LYS D 10 -26.93 1.34 23.04
N VAL D 11 -26.46 0.12 22.79
CA VAL D 11 -27.37 -1.00 22.57
C VAL D 11 -27.74 -1.70 23.87
N GLY D 12 -26.75 -2.27 24.55
CA GLY D 12 -27.05 -3.09 25.72
C GLY D 12 -27.47 -2.31 26.95
N ILE D 13 -27.08 -1.05 27.04
CA ILE D 13 -27.31 -0.25 28.24
C ILE D 13 -28.75 0.25 28.24
N PRO D 14 -29.53 -0.04 29.29
CA PRO D 14 -30.89 0.50 29.37
C PRO D 14 -30.88 1.94 29.85
N TYR D 15 -31.94 2.66 29.48
CA TYR D 15 -32.12 4.04 29.91
C TYR D 15 -33.23 4.07 30.95
N LYS D 16 -32.87 4.30 32.20
CA LYS D 16 -33.81 4.31 33.30
C LYS D 16 -34.16 5.74 33.70
N ALA D 17 -35.45 6.04 33.75
CA ALA D 17 -35.88 7.38 34.09
C ALA D 17 -37.19 7.30 34.86
N LEU D 18 -37.44 8.32 35.66
CA LEU D 18 -38.60 8.39 36.54
C LEU D 18 -39.48 9.54 36.07
N VAL D 19 -40.67 9.22 35.57
CA VAL D 19 -41.60 10.27 35.15
C VAL D 19 -42.32 10.82 36.37
N GLU D 20 -42.64 12.11 36.33
CA GLU D 20 -43.20 12.83 37.48
C GLU D 20 -44.44 13.60 37.03
N ARG D 21 -45.58 12.95 37.08
CA ARG D 21 -46.83 13.68 36.90
C ARG D 21 -47.19 14.41 38.20
N PRO D 22 -47.58 15.69 38.13
CA PRO D 22 -47.97 16.40 39.36
C PRO D 22 -49.28 15.86 39.92
N GLY D 23 -49.30 15.70 41.23
CA GLY D 23 -50.44 15.10 41.92
C GLY D 23 -50.50 13.60 41.88
N TYR D 24 -49.51 12.94 41.27
CA TYR D 24 -49.52 11.49 41.10
C TYR D 24 -48.17 10.93 41.54
N ALA D 25 -48.15 9.61 41.74
CA ALA D 25 -46.93 8.94 42.14
C ALA D 25 -45.94 8.89 40.99
N PRO D 26 -44.64 8.86 41.28
CA PRO D 26 -43.65 8.61 40.23
C PRO D 26 -43.78 7.21 39.66
N VAL D 27 -43.54 7.10 38.36
CA VAL D 27 -43.66 5.85 37.62
C VAL D 27 -42.31 5.58 36.96
N HIS D 28 -41.77 4.38 37.18
CA HIS D 28 -40.51 4.01 36.57
C HIS D 28 -40.69 3.79 35.07
N LEU D 29 -39.61 3.99 34.32
CA LEU D 29 -39.65 3.85 32.88
C LEU D 29 -38.27 3.39 32.40
N GLN D 30 -38.24 2.35 31.58
CA GLN D 30 -36.99 1.76 31.11
C GLN D 30 -37.08 1.52 29.62
N ILE D 31 -36.21 2.20 28.85
CA ILE D 31 -36.15 2.07 27.41
C ILE D 31 -34.79 1.50 27.04
N GLN D 32 -34.78 0.44 26.25
CA GLN D 32 -33.54 -0.23 25.88
C GLN D 32 -33.59 -0.59 24.40
N LEU D 33 -32.55 -0.22 23.66
CA LEU D 33 -32.45 -0.55 22.25
C LEU D 33 -32.04 -2.00 22.08
N VAL D 34 -32.57 -2.64 21.04
CA VAL D 34 -32.17 -3.98 20.65
C VAL D 34 -31.36 -3.98 19.36
N ASN D 35 -31.81 -3.22 18.36
CA ASN D 35 -31.10 -3.04 17.11
C ASN D 35 -31.10 -1.57 16.74
N THR D 36 -30.17 -1.20 15.86
CA THR D 36 -30.22 0.09 15.16
C THR D 36 -29.55 -0.07 13.81
N ARG D 37 -30.30 0.18 12.74
CA ARG D 37 -29.86 -0.09 11.38
C ARG D 37 -29.87 1.19 10.57
N ILE D 38 -28.81 1.40 9.79
CA ILE D 38 -28.73 2.48 8.82
C ILE D 38 -28.83 1.84 7.45
N ILE D 39 -29.91 2.14 6.72
CA ILE D 39 -30.19 1.44 5.46
C ILE D 39 -30.08 2.43 4.31
N PRO D 40 -28.95 2.50 3.61
CA PRO D 40 -28.82 3.44 2.50
C PRO D 40 -29.58 2.99 1.28
N SER D 41 -29.79 3.92 0.36
CA SER D 41 -30.48 3.67 -0.89
C SER D 41 -29.45 3.33 -1.95
N THR D 42 -29.56 2.14 -2.52
CA THR D 42 -28.57 1.61 -3.46
C THR D 42 -29.23 1.32 -4.80
N ASN D 43 -28.56 1.70 -5.89
CA ASN D 43 -28.98 1.33 -7.22
C ASN D 43 -27.84 0.63 -7.93
N LEU D 44 -28.13 -0.55 -8.49
CA LEU D 44 -27.09 -1.38 -9.08
C LEU D 44 -26.63 -0.81 -10.41
N GLU D 45 -25.32 -0.72 -10.59
CA GLU D 45 -24.75 -0.19 -11.83
C GLU D 45 -24.44 -1.31 -12.82
N TYR D 46 -23.58 -2.24 -12.44
CA TYR D 46 -23.29 -3.40 -13.27
C TYR D 46 -22.84 -4.56 -12.38
N ILE D 47 -22.62 -5.71 -13.02
CA ILE D 47 -22.02 -6.86 -12.37
C ILE D 47 -20.76 -7.24 -13.14
N THR D 48 -19.83 -7.89 -12.45
CA THR D 48 -18.62 -8.42 -13.05
C THR D 48 -18.47 -9.87 -12.65
N CYS D 49 -17.89 -10.67 -13.55
CA CYS D 49 -17.62 -12.07 -13.27
C CYS D 49 -16.52 -12.53 -14.22
N LYS D 50 -16.17 -13.82 -14.11
CA LYS D 50 -15.22 -14.42 -15.03
C LYS D 50 -15.84 -14.62 -16.40
N TYR D 51 -15.01 -14.60 -17.43
CA TYR D 51 -15.51 -14.79 -18.79
C TYR D 51 -15.32 -16.23 -19.24
N LYS D 52 -15.91 -16.53 -20.39
CA LYS D 52 -15.72 -17.81 -21.06
C LYS D 52 -15.68 -17.51 -22.56
N THR D 53 -14.54 -17.72 -23.18
CA THR D 53 -14.35 -17.40 -24.59
C THR D 53 -14.69 -18.63 -25.42
N LYS D 54 -15.81 -18.58 -26.13
CA LYS D 54 -16.22 -19.69 -26.96
C LYS D 54 -15.71 -19.47 -28.38
N VAL D 55 -15.24 -20.56 -28.99
CA VAL D 55 -14.72 -20.54 -30.35
C VAL D 55 -15.62 -21.40 -31.23
N PRO D 56 -16.19 -20.87 -32.29
CA PRO D 56 -16.93 -21.69 -33.24
C PRO D 56 -15.96 -22.45 -34.16
N SER D 57 -16.53 -23.29 -35.01
CA SER D 57 -15.72 -24.10 -35.90
C SER D 57 -15.09 -23.24 -36.99
N PRO D 58 -13.81 -23.44 -37.29
CA PRO D 58 -13.19 -22.67 -38.38
C PRO D 58 -13.63 -23.15 -39.76
N VAL D 59 -13.82 -22.18 -40.65
CA VAL D 59 -14.15 -22.48 -42.05
C VAL D 59 -12.84 -22.78 -42.76
N VAL D 60 -12.74 -23.97 -43.34
CA VAL D 60 -11.55 -24.39 -44.06
C VAL D 60 -11.93 -24.50 -45.54
N LYS D 61 -11.42 -23.56 -46.33
CA LYS D 61 -11.60 -23.57 -47.78
C LYS D 61 -10.45 -24.44 -48.27
N CYS D 62 -10.73 -25.40 -49.14
CA CYS D 62 -9.67 -26.32 -49.57
C CYS D 62 -8.78 -25.70 -50.64
N CYS D 63 -9.39 -25.07 -51.66
CA CYS D 63 -8.64 -24.38 -52.70
C CYS D 63 -9.36 -23.07 -52.97
N GLY D 64 -8.95 -22.01 -52.26
CA GLY D 64 -9.62 -20.73 -52.40
C GLY D 64 -9.25 -19.79 -51.27
N ALA D 65 -10.16 -18.86 -50.99
CA ALA D 65 -9.96 -17.89 -49.92
C ALA D 65 -11.32 -17.42 -49.43
N THR D 66 -11.33 -16.91 -48.19
CA THR D 66 -12.52 -16.34 -47.58
C THR D 66 -12.14 -15.06 -46.86
N GLN D 67 -13.14 -14.21 -46.61
CA GLN D 67 -12.98 -12.99 -45.83
C GLN D 67 -14.09 -12.92 -44.80
N CYS D 68 -13.86 -12.12 -43.75
CA CYS D 68 -14.86 -11.92 -42.72
C CYS D 68 -15.25 -10.46 -42.60
N THR D 69 -16.56 -10.24 -42.46
CA THR D 69 -17.08 -8.95 -42.05
C THR D 69 -17.25 -8.93 -40.54
N SER D 70 -17.38 -7.71 -40.00
CA SER D 70 -17.55 -7.56 -38.57
C SER D 70 -18.93 -8.03 -38.12
N LYS D 71 -19.00 -8.52 -36.89
CA LYS D 71 -20.21 -8.99 -36.26
C LYS D 71 -20.44 -8.23 -34.96
N PRO D 72 -21.69 -7.94 -34.57
CA PRO D 72 -21.88 -7.17 -33.34
C PRO D 72 -21.84 -8.06 -32.09
N HIS D 73 -20.62 -8.41 -31.70
CA HIS D 73 -20.30 -9.28 -30.59
C HIS D 73 -19.28 -8.61 -29.69
N PRO D 74 -19.28 -8.92 -28.40
CA PRO D 74 -18.26 -8.34 -27.50
C PRO D 74 -16.90 -8.97 -27.71
N ASP D 75 -15.91 -8.12 -28.03
CA ASP D 75 -14.51 -8.50 -28.26
C ASP D 75 -14.37 -9.53 -29.37
N TYR D 76 -15.10 -9.33 -30.46
CA TYR D 76 -15.10 -10.27 -31.57
C TYR D 76 -13.81 -10.14 -32.37
N GLN D 77 -13.19 -11.26 -32.71
CA GLN D 77 -11.93 -11.29 -33.43
C GLN D 77 -12.02 -12.30 -34.57
N CYS D 78 -11.62 -11.86 -35.76
CA CYS D 78 -11.49 -12.74 -36.92
C CYS D 78 -10.16 -12.52 -37.59
N GLN D 79 -9.69 -13.56 -38.29
CA GLN D 79 -8.44 -13.50 -39.02
C GLN D 79 -8.56 -14.42 -40.22
N VAL D 80 -7.59 -14.31 -41.13
CA VAL D 80 -7.50 -15.20 -42.28
C VAL D 80 -6.04 -15.65 -42.39
N PHE D 81 -5.83 -16.96 -42.33
CA PHE D 81 -4.50 -17.54 -42.43
C PHE D 81 -4.38 -18.30 -43.73
N SER D 82 -3.36 -18.00 -44.52
CA SER D 82 -3.24 -18.48 -45.88
C SER D 82 -2.28 -19.66 -45.96
N GLY D 83 -2.70 -20.70 -46.68
CA GLY D 83 -1.86 -21.85 -46.96
C GLY D 83 -1.58 -22.70 -45.75
N VAL D 84 -2.60 -23.37 -45.21
CA VAL D 84 -2.48 -24.09 -43.97
C VAL D 84 -2.19 -25.58 -44.19
N TYR D 85 -2.90 -26.22 -45.15
CA TYR D 85 -2.82 -27.63 -45.51
C TYR D 85 -3.00 -28.54 -44.30
N PRO D 86 -4.20 -28.68 -43.76
CA PRO D 86 -4.37 -29.46 -42.52
C PRO D 86 -4.42 -30.95 -42.78
N PHE D 87 -4.45 -31.70 -41.67
CA PHE D 87 -4.53 -33.15 -41.68
C PHE D 87 -5.59 -33.61 -40.70
N MET D 88 -6.49 -34.48 -41.13
CA MET D 88 -7.45 -35.12 -40.26
C MET D 88 -7.00 -36.55 -39.99
N TRP D 89 -7.95 -37.35 -39.52
CA TRP D 89 -7.76 -38.79 -39.34
C TRP D 89 -8.15 -39.35 -40.72
N GLY D 90 -7.32 -40.22 -41.29
CA GLY D 90 -7.56 -40.72 -42.63
C GLY D 90 -7.21 -39.72 -43.71
N GLY D 91 -5.92 -39.42 -43.84
CA GLY D 91 -5.44 -38.59 -44.93
C GLY D 91 -5.63 -37.12 -44.71
N ALA D 92 -5.11 -36.34 -45.64
CA ALA D 92 -5.21 -34.89 -45.58
C ALA D 92 -6.62 -34.43 -45.91
N TYR D 93 -6.89 -33.17 -45.58
CA TYR D 93 -8.23 -32.63 -45.76
C TYR D 93 -8.40 -31.91 -47.09
N CYS D 94 -7.32 -31.36 -47.66
CA CYS D 94 -7.44 -30.57 -48.86
C CYS D 94 -6.37 -30.97 -49.87
N PHE D 95 -6.65 -30.71 -51.15
CA PHE D 95 -5.78 -31.15 -52.22
C PHE D 95 -4.65 -30.18 -52.51
N CYS D 96 -4.98 -28.90 -52.69
CA CYS D 96 -4.01 -27.91 -53.17
C CYS D 96 -2.99 -27.60 -52.09
N ASP D 97 -1.73 -27.93 -52.35
CA ASP D 97 -0.64 -27.51 -51.47
C ASP D 97 -0.45 -26.01 -51.55
N THR D 98 -0.03 -25.42 -50.42
CA THR D 98 0.27 -24.01 -50.16
C THR D 98 -0.77 -23.00 -50.67
N GLU D 99 -2.00 -23.45 -50.84
CA GLU D 99 -3.11 -22.60 -51.30
C GLU D 99 -4.34 -23.05 -50.52
N ASN D 100 -4.58 -22.42 -49.38
CA ASN D 100 -5.61 -22.85 -48.45
C ASN D 100 -5.95 -21.66 -47.56
N THR D 101 -7.07 -21.78 -46.85
CA THR D 101 -7.51 -20.69 -45.98
C THR D 101 -8.30 -21.28 -44.81
N GLN D 102 -7.88 -20.93 -43.59
CA GLN D 102 -8.59 -21.30 -42.38
C GLN D 102 -9.11 -20.04 -41.70
N MET D 103 -10.38 -20.09 -41.28
CA MET D 103 -11.06 -18.88 -40.81
C MET D 103 -10.70 -18.58 -39.35
N SER D 104 -11.16 -19.44 -38.44
CA SER D 104 -10.86 -19.40 -37.01
C SER D 104 -11.20 -18.08 -36.34
N GLU D 105 -12.49 -17.81 -36.13
CA GLU D 105 -12.93 -16.64 -35.38
C GLU D 105 -13.13 -16.99 -33.90
N ALA D 106 -13.12 -15.95 -33.06
CA ALA D 106 -13.26 -16.10 -31.63
C ALA D 106 -14.12 -14.97 -31.08
N TYR D 107 -14.69 -15.20 -29.90
CA TYR D 107 -15.78 -14.36 -29.39
C TYR D 107 -15.86 -14.61 -27.88
N VAL D 108 -16.02 -13.53 -27.12
CA VAL D 108 -15.98 -13.57 -25.66
C VAL D 108 -17.41 -13.40 -25.15
N GLU D 109 -17.85 -14.30 -24.28
CA GLU D 109 -19.19 -14.23 -23.71
C GLU D 109 -19.12 -14.52 -22.22
N ARG D 110 -20.25 -14.26 -21.53
CA ARG D 110 -20.32 -14.44 -20.10
C ARG D 110 -20.28 -15.92 -19.72
N SER D 111 -19.62 -16.23 -18.61
CA SER D 111 -19.49 -17.61 -18.18
C SER D 111 -20.79 -18.11 -17.58
N GLU D 112 -20.86 -19.43 -17.38
CA GLU D 112 -22.07 -20.02 -16.82
C GLU D 112 -22.11 -19.97 -15.31
N GLU D 113 -21.01 -19.62 -14.65
CA GLU D 113 -20.96 -19.46 -13.20
C GLU D 113 -21.23 -18.02 -12.77
N CYS D 114 -21.62 -17.15 -13.70
CA CYS D 114 -21.85 -15.76 -13.35
C CYS D 114 -23.19 -15.53 -12.66
N SER D 115 -24.06 -16.52 -12.64
CA SER D 115 -25.34 -16.39 -11.95
C SER D 115 -25.26 -16.78 -10.49
N ILE D 116 -24.11 -17.24 -10.02
CA ILE D 116 -24.00 -17.76 -8.66
C ILE D 116 -22.99 -16.97 -7.84
N ASP D 117 -21.98 -16.38 -8.50
CA ASP D 117 -21.10 -15.47 -7.80
C ASP D 117 -20.63 -14.38 -8.75
N HIS D 118 -20.82 -13.14 -8.33
CA HIS D 118 -20.47 -11.97 -9.13
C HIS D 118 -20.39 -10.79 -8.17
N ALA D 119 -19.71 -9.74 -8.61
CA ALA D 119 -19.52 -8.56 -7.79
C ALA D 119 -20.51 -7.50 -8.24
N LYS D 120 -21.57 -7.31 -7.47
CA LYS D 120 -22.52 -6.25 -7.75
C LYS D 120 -21.92 -4.90 -7.41
N ALA D 121 -22.18 -3.91 -8.24
CA ALA D 121 -21.57 -2.58 -8.12
C ALA D 121 -22.67 -1.57 -7.84
N TYR D 122 -22.75 -1.11 -6.59
CA TYR D 122 -23.84 -0.26 -6.12
C TYR D 122 -23.37 1.17 -5.92
N LYS D 123 -24.30 2.11 -6.03
CA LYS D 123 -24.07 3.51 -5.69
C LYS D 123 -24.95 3.87 -4.51
N VAL D 124 -24.34 4.43 -3.47
CA VAL D 124 -24.98 4.60 -2.16
C VAL D 124 -25.31 6.07 -1.95
N HIS D 125 -26.57 6.35 -1.62
CA HIS D 125 -27.02 7.65 -1.14
C HIS D 125 -27.54 7.48 0.29
N THR D 126 -27.89 8.59 0.92
CA THR D 126 -28.39 8.55 2.28
C THR D 126 -29.80 7.95 2.33
N GLY D 127 -30.07 7.20 3.39
CA GLY D 127 -31.34 6.51 3.51
C GLY D 127 -31.93 6.52 4.90
N THR D 128 -32.95 5.69 5.11
CA THR D 128 -33.69 5.70 6.36
C THR D 128 -32.90 5.02 7.48
N VAL D 129 -33.25 5.37 8.71
CA VAL D 129 -32.69 4.75 9.90
C VAL D 129 -33.83 4.12 10.70
N GLN D 130 -33.70 2.85 11.03
CA GLN D 130 -34.67 2.15 11.85
C GLN D 130 -33.98 1.62 13.10
N ALA D 131 -34.78 1.10 14.03
CA ALA D 131 -34.28 0.58 15.30
C ALA D 131 -35.28 -0.43 15.84
N MET D 132 -35.05 -0.88 17.06
CA MET D 132 -35.99 -1.72 17.79
C MET D 132 -35.82 -1.46 19.27
N VAL D 133 -36.93 -1.31 19.97
CA VAL D 133 -36.91 -0.86 21.36
C VAL D 133 -37.58 -1.91 22.25
N ASN D 134 -37.12 -1.98 23.49
CA ASN D 134 -37.75 -2.79 24.54
C ASN D 134 -38.26 -1.83 25.60
N ILE D 135 -39.56 -1.87 25.85
CA ILE D 135 -40.25 -0.86 26.66
C ILE D 135 -40.91 -1.54 27.85
N THR D 136 -40.59 -1.08 29.06
CA THR D 136 -41.38 -1.39 30.23
C THR D 136 -41.56 -0.12 31.06
N TYR D 137 -42.71 -0.02 31.72
CA TYR D 137 -43.01 1.14 32.54
C TYR D 137 -43.95 0.73 33.65
N GLY D 138 -43.65 1.16 34.87
CA GLY D 138 -44.51 0.86 36.00
C GLY D 138 -44.56 -0.61 36.37
N SER D 139 -45.71 -1.23 36.14
CA SER D 139 -45.95 -2.62 36.54
C SER D 139 -46.45 -3.44 35.37
N VAL D 140 -45.91 -3.20 34.17
CA VAL D 140 -46.24 -4.01 33.01
C VAL D 140 -44.95 -4.67 32.52
N SER D 141 -45.12 -5.72 31.72
CA SER D 141 -44.00 -6.50 31.22
C SER D 141 -43.36 -5.78 30.03
N TRP D 142 -42.27 -6.36 29.52
CA TRP D 142 -41.57 -5.78 28.39
C TRP D 142 -42.35 -6.02 27.11
N ARG D 143 -42.55 -4.96 26.34
CA ARG D 143 -43.16 -5.03 25.02
C ARG D 143 -42.21 -4.41 24.01
N SER D 144 -42.02 -5.09 22.89
CA SER D 144 -41.05 -4.67 21.89
C SER D 144 -41.74 -4.39 20.56
N ALA D 145 -41.22 -3.40 19.85
CA ALA D 145 -41.76 -3.01 18.56
C ALA D 145 -40.67 -2.36 17.74
N ASP D 146 -40.89 -2.33 16.43
CA ASP D 146 -39.93 -1.75 15.48
C ASP D 146 -40.33 -0.31 15.17
N VAL D 147 -39.38 0.61 15.27
CA VAL D 147 -39.65 2.03 15.13
C VAL D 147 -38.83 2.60 13.98
N TYR D 148 -39.15 3.84 13.63
CA TYR D 148 -38.41 4.61 12.63
C TYR D 148 -37.70 5.76 13.33
N VAL D 149 -36.42 5.92 13.08
CA VAL D 149 -35.61 6.94 13.77
C VAL D 149 -35.74 8.21 12.94
N ASN D 150 -36.84 8.93 13.18
CA ASN D 150 -37.03 10.31 12.77
C ASN D 150 -38.08 10.89 13.70
N GLY D 151 -37.97 12.19 13.98
CA GLY D 151 -38.79 12.78 15.02
C GLY D 151 -40.25 13.03 14.71
N GLU D 152 -40.82 12.31 13.76
CA GLU D 152 -42.20 12.52 13.34
C GLU D 152 -43.07 11.29 13.42
N THR D 153 -42.59 10.13 13.00
CA THR D 153 -43.44 8.95 12.87
C THR D 153 -43.61 8.29 14.23
N PRO D 154 -44.84 8.16 14.75
CA PRO D 154 -45.05 7.50 16.03
C PRO D 154 -45.34 6.02 15.91
N ALA D 155 -44.98 5.29 16.95
CA ALA D 155 -45.20 3.84 17.00
C ALA D 155 -45.85 3.49 18.33
N LYS D 156 -46.88 2.65 18.26
CA LYS D 156 -47.61 2.24 19.46
C LYS D 156 -47.01 0.95 20.00
N ILE D 157 -46.39 1.03 21.17
CA ILE D 157 -45.80 -0.11 21.85
C ILE D 157 -46.72 -0.46 23.01
N GLY D 158 -47.62 -1.40 22.80
CA GLY D 158 -48.64 -1.68 23.80
C GLY D 158 -49.68 -0.60 23.84
N ASP D 159 -49.76 0.13 24.95
CA ASP D 159 -50.64 1.28 25.08
C ASP D 159 -49.89 2.60 25.04
N ALA D 160 -48.58 2.58 24.86
CA ALA D 160 -47.77 3.79 24.85
C ALA D 160 -47.70 4.35 23.44
N LYS D 161 -46.88 5.39 23.25
CA LYS D 161 -46.69 6.00 21.94
C LYS D 161 -45.34 6.67 21.93
N LEU D 162 -44.37 6.08 21.22
CA LEU D 162 -42.99 6.52 21.26
C LEU D 162 -42.63 7.21 19.95
N ILE D 163 -41.99 8.36 20.05
CA ILE D 163 -41.45 9.08 18.89
C ILE D 163 -39.95 9.18 19.10
N ILE D 164 -39.19 8.35 18.40
CA ILE D 164 -37.75 8.31 18.54
C ILE D 164 -37.17 9.44 17.69
N GLY D 165 -36.38 10.30 18.30
CA GLY D 165 -35.91 11.50 17.63
C GLY D 165 -34.78 11.20 16.68
N PRO D 166 -34.41 12.22 15.89
CA PRO D 166 -33.34 12.04 14.90
C PRO D 166 -31.99 11.87 15.57
N LEU D 167 -31.11 11.16 14.88
CA LEU D 167 -29.76 10.94 15.38
C LEU D 167 -28.97 12.23 15.37
N SER D 168 -28.09 12.38 16.36
CA SER D 168 -27.28 13.59 16.47
C SER D 168 -26.14 13.63 15.46
N SER D 169 -25.84 12.53 14.79
CA SER D 169 -24.78 12.49 13.79
C SER D 169 -25.29 11.80 12.53
N ALA D 170 -24.95 12.38 11.38
CA ALA D 170 -25.31 11.80 10.08
C ALA D 170 -24.22 10.91 9.51
N TRP D 171 -23.41 10.30 10.36
CA TRP D 171 -22.30 9.48 9.93
C TRP D 171 -22.79 8.13 9.44
N SER D 172 -22.33 7.73 8.26
CA SER D 172 -22.61 6.42 7.69
C SER D 172 -21.31 5.78 7.24
N PRO D 173 -21.11 4.49 7.45
CA PRO D 173 -19.82 3.87 7.11
C PRO D 173 -19.61 3.66 5.63
N PHE D 174 -20.68 3.59 4.84
CA PHE D 174 -20.54 3.33 3.42
C PHE D 174 -20.05 4.56 2.67
N ASP D 175 -19.27 4.32 1.62
CA ASP D 175 -18.82 5.38 0.74
C ASP D 175 -19.86 5.59 -0.36
N ASN D 176 -19.52 6.40 -1.37
CA ASN D 176 -20.47 6.63 -2.45
C ASN D 176 -20.58 5.42 -3.37
N LYS D 177 -19.49 4.68 -3.56
CA LYS D 177 -19.48 3.48 -4.39
C LYS D 177 -19.02 2.30 -3.54
N VAL D 178 -19.80 1.22 -3.57
CA VAL D 178 -19.46 0.00 -2.83
C VAL D 178 -19.58 -1.18 -3.78
N VAL D 179 -18.88 -2.26 -3.43
CA VAL D 179 -18.89 -3.52 -4.18
C VAL D 179 -19.33 -4.62 -3.24
N VAL D 180 -20.35 -5.37 -3.65
CA VAL D 180 -20.94 -6.42 -2.82
C VAL D 180 -20.62 -7.75 -3.47
N TYR D 181 -19.64 -8.47 -2.92
CA TYR D 181 -19.31 -9.81 -3.38
C TYR D 181 -19.59 -10.78 -2.24
N GLY D 182 -20.45 -11.77 -2.49
CA GLY D 182 -20.76 -12.76 -1.50
C GLY D 182 -21.60 -12.21 -0.37
N HIS D 183 -20.98 -12.08 0.81
CA HIS D 183 -21.64 -11.54 1.99
C HIS D 183 -20.83 -10.41 2.62
N GLU D 184 -19.84 -9.88 1.91
CA GLU D 184 -18.97 -8.84 2.42
C GLU D 184 -18.94 -7.67 1.46
N VAL D 185 -18.95 -6.46 2.00
CA VAL D 185 -18.95 -5.25 1.21
C VAL D 185 -17.57 -4.61 1.26
N TYR D 186 -17.23 -3.87 0.20
CA TYR D 186 -15.93 -3.26 0.05
C TYR D 186 -16.11 -1.80 -0.34
N ASN D 187 -15.21 -0.95 0.15
CA ASN D 187 -15.26 0.47 -0.18
C ASN D 187 -14.34 0.71 -1.38
N TYR D 188 -14.86 0.35 -2.55
CA TYR D 188 -14.10 0.34 -3.79
C TYR D 188 -14.67 1.33 -4.78
N ASP D 189 -13.84 1.78 -5.71
CA ASP D 189 -14.24 2.70 -6.75
C ASP D 189 -14.63 1.94 -8.02
N PHE D 190 -15.10 2.68 -9.02
CA PHE D 190 -15.70 2.04 -10.17
C PHE D 190 -14.99 2.44 -11.47
N PRO D 191 -14.81 1.49 -12.38
CA PRO D 191 -14.47 1.85 -13.77
C PRO D 191 -15.61 2.50 -14.56
N GLU D 192 -16.86 2.47 -14.06
CA GLU D 192 -18.01 3.22 -14.60
C GLU D 192 -18.41 2.78 -16.02
N TYR D 193 -18.38 1.48 -16.28
CA TYR D 193 -19.02 0.80 -17.40
C TYR D 193 -18.44 1.12 -18.79
N GLY D 194 -17.55 2.09 -18.89
CA GLY D 194 -17.00 2.38 -20.19
C GLY D 194 -15.54 2.03 -20.23
N THR D 195 -14.93 2.01 -19.06
CA THR D 195 -13.50 1.77 -18.94
C THR D 195 -13.27 0.40 -18.33
N GLY D 196 -12.15 -0.21 -18.70
CA GLY D 196 -11.70 -1.46 -18.12
C GLY D 196 -10.30 -1.72 -18.61
N LYS D 197 -9.37 -1.97 -17.70
CA LYS D 197 -7.95 -2.06 -18.04
C LYS D 197 -7.53 -3.48 -18.41
N ALA D 198 -8.48 -4.31 -18.85
CA ALA D 198 -8.30 -5.63 -19.45
C ALA D 198 -7.76 -6.69 -18.51
N GLY D 199 -7.36 -6.33 -17.30
CA GLY D 199 -6.88 -7.32 -16.37
C GLY D 199 -7.17 -7.03 -14.92
N SER D 200 -7.95 -6.00 -14.59
CA SER D 200 -8.09 -5.62 -13.18
C SER D 200 -9.51 -5.79 -12.64
N PHE D 201 -10.49 -5.03 -13.11
CA PHE D 201 -11.84 -5.22 -12.60
C PHE D 201 -12.95 -5.09 -13.64
N GLY D 202 -12.74 -4.37 -14.72
CA GLY D 202 -13.80 -4.12 -15.67
C GLY D 202 -13.55 -4.79 -17.00
N ASP D 203 -12.99 -5.99 -16.97
CA ASP D 203 -12.86 -6.77 -18.19
C ASP D 203 -14.18 -7.40 -18.61
N LEU D 204 -15.20 -7.36 -17.77
CA LEU D 204 -16.52 -7.85 -18.11
C LEU D 204 -17.53 -7.09 -17.26
N GLN D 205 -18.36 -6.27 -17.90
CA GLN D 205 -19.39 -5.51 -17.20
C GLN D 205 -20.72 -5.76 -17.89
N SER D 206 -21.73 -6.10 -17.10
CA SER D 206 -23.09 -6.29 -17.62
C SER D 206 -24.05 -5.56 -16.70
N ARG D 207 -24.97 -4.78 -17.30
CA ARG D 207 -25.89 -3.96 -16.53
C ARG D 207 -26.89 -4.78 -15.72
N THR D 208 -27.13 -6.02 -16.10
CA THR D 208 -28.04 -6.92 -15.42
C THR D 208 -27.42 -8.30 -15.49
N SER D 209 -27.64 -9.11 -14.45
CA SER D 209 -27.08 -10.45 -14.40
C SER D 209 -27.65 -11.40 -15.46
N THR D 210 -28.75 -11.03 -16.13
CA THR D 210 -29.31 -11.81 -17.22
C THR D 210 -29.53 -10.96 -18.45
N SER D 211 -28.67 -9.96 -18.69
CA SER D 211 -28.82 -9.06 -19.82
C SER D 211 -28.24 -9.68 -21.08
N ASN D 212 -28.33 -8.95 -22.19
CA ASN D 212 -27.81 -9.39 -23.47
C ASN D 212 -26.65 -8.55 -23.98
N ASP D 213 -26.54 -7.30 -23.55
CA ASP D 213 -25.47 -6.41 -24.01
C ASP D 213 -24.31 -6.49 -23.04
N LEU D 214 -23.15 -6.92 -23.52
CA LEU D 214 -21.99 -7.17 -22.69
C LEU D 214 -20.82 -6.31 -23.15
N TYR D 215 -20.10 -5.74 -22.19
CA TYR D 215 -18.84 -5.06 -22.45
C TYR D 215 -17.70 -5.98 -22.04
N ALA D 216 -16.70 -6.11 -22.92
CA ALA D 216 -15.55 -6.95 -22.61
C ALA D 216 -14.37 -6.51 -23.46
N ASN D 217 -13.32 -6.01 -22.81
CA ASN D 217 -12.00 -5.91 -23.44
C ASN D 217 -11.04 -6.78 -22.64
N THR D 218 -10.49 -7.80 -23.31
CA THR D 218 -9.57 -8.73 -22.70
C THR D 218 -8.27 -8.87 -23.49
N ASN D 219 -8.13 -8.06 -24.54
CA ASN D 219 -6.99 -8.14 -25.45
C ASN D 219 -6.88 -9.50 -26.17
N LEU D 220 -8.01 -10.03 -26.62
CA LEU D 220 -8.06 -11.33 -27.27
C LEU D 220 -7.43 -11.22 -28.65
N LYS D 221 -6.49 -12.11 -28.94
CA LYS D 221 -5.78 -12.11 -30.21
C LYS D 221 -5.66 -13.53 -30.72
N LEU D 222 -5.68 -13.69 -32.04
CA LEU D 222 -5.68 -15.00 -32.66
C LEU D 222 -4.29 -15.34 -33.19
N GLN D 223 -3.90 -16.60 -33.04
CA GLN D 223 -2.61 -17.09 -33.49
C GLN D 223 -2.81 -18.08 -34.63
N ARG D 224 -1.73 -18.30 -35.38
CA ARG D 224 -1.77 -19.14 -36.56
C ARG D 224 -1.83 -20.62 -36.15
N PRO D 225 -2.75 -21.40 -36.71
CA PRO D 225 -2.72 -22.84 -36.46
C PRO D 225 -1.51 -23.48 -37.12
N GLN D 226 -0.87 -24.40 -36.39
CA GLN D 226 0.48 -24.82 -36.72
C GLN D 226 0.52 -26.26 -37.23
N ALA D 227 1.43 -26.48 -38.18
CA ALA D 227 1.93 -27.81 -38.57
C ALA D 227 0.82 -28.72 -39.10
N GLY D 228 -0.12 -28.14 -39.85
CA GLY D 228 -1.12 -28.93 -40.53
C GLY D 228 -2.12 -29.66 -39.66
N ILE D 229 -2.65 -29.01 -38.64
CA ILE D 229 -3.79 -29.51 -37.89
C ILE D 229 -4.81 -28.38 -37.81
N VAL D 230 -6.05 -28.74 -37.53
CA VAL D 230 -7.13 -27.77 -37.44
C VAL D 230 -7.51 -27.59 -35.98
N HIS D 231 -7.25 -26.38 -35.48
CA HIS D 231 -7.64 -25.92 -34.15
C HIS D 231 -7.52 -24.42 -34.13
N THR D 232 -8.15 -23.80 -33.13
CA THR D 232 -8.11 -22.34 -33.00
C THR D 232 -7.29 -21.96 -31.79
N PRO D 233 -6.06 -21.48 -31.96
CA PRO D 233 -5.30 -21.01 -30.81
C PRO D 233 -5.43 -19.50 -30.60
N PHE D 234 -5.52 -19.08 -29.34
CA PHE D 234 -5.60 -17.67 -29.00
C PHE D 234 -4.81 -17.40 -27.74
N THR D 235 -4.41 -16.14 -27.56
CA THR D 235 -3.75 -15.69 -26.35
C THR D 235 -4.44 -14.42 -25.88
N GLN D 236 -4.81 -14.38 -24.60
CA GLN D 236 -5.50 -13.22 -24.06
C GLN D 236 -5.10 -13.03 -22.61
N VAL D 237 -5.34 -11.82 -22.12
CA VAL D 237 -5.03 -11.45 -20.74
C VAL D 237 -5.94 -12.23 -19.80
N PRO D 238 -5.42 -12.82 -18.72
CA PRO D 238 -6.28 -13.56 -17.79
C PRO D 238 -7.25 -12.65 -17.07
N SER D 239 -8.26 -13.28 -16.46
CA SER D 239 -9.42 -12.55 -15.95
C SER D 239 -9.06 -11.71 -14.74
N GLY D 240 -9.61 -10.49 -14.70
CA GLY D 240 -9.36 -9.59 -13.60
C GLY D 240 -10.21 -9.85 -12.37
N PHE D 241 -11.36 -10.51 -12.54
CA PHE D 241 -12.17 -10.87 -11.39
C PHE D 241 -11.47 -11.93 -10.53
N GLU D 242 -10.79 -12.88 -11.17
CA GLU D 242 -10.01 -13.85 -10.41
C GLU D 242 -8.77 -13.21 -9.80
N ARG D 243 -8.23 -12.17 -10.43
CA ARG D 243 -7.10 -11.45 -9.84
C ARG D 243 -7.55 -10.59 -8.68
N TRP D 244 -8.70 -9.92 -8.80
CA TRP D 244 -9.22 -9.10 -7.72
C TRP D 244 -9.64 -9.96 -6.52
N LYS D 245 -10.10 -11.18 -6.77
CA LYS D 245 -10.53 -12.07 -5.70
C LYS D 245 -9.39 -12.51 -4.79
N LYS D 246 -8.15 -12.47 -5.28
CA LYS D 246 -6.99 -12.75 -4.44
C LYS D 246 -6.42 -11.50 -3.80
N ASP D 247 -6.55 -10.35 -4.46
CA ASP D 247 -5.89 -9.12 -4.02
C ASP D 247 -6.84 -8.14 -3.34
N LYS D 248 -8.09 -8.51 -3.10
CA LYS D 248 -8.98 -7.64 -2.34
C LYS D 248 -8.55 -7.62 -0.88
N GLY D 249 -8.57 -6.44 -0.28
CA GLY D 249 -8.08 -6.29 1.07
C GLY D 249 -9.07 -6.73 2.11
N ALA D 250 -9.07 -6.07 3.24
CA ALA D 250 -10.06 -6.40 4.25
C ALA D 250 -11.41 -5.79 3.86
N PRO D 251 -12.51 -6.48 4.16
CA PRO D 251 -13.83 -5.95 3.83
C PRO D 251 -14.22 -4.78 4.72
N LEU D 252 -15.34 -4.13 4.40
CA LEU D 252 -15.82 -3.04 5.24
C LEU D 252 -16.34 -3.53 6.59
N ASN D 253 -16.75 -4.79 6.70
CA ASN D 253 -17.26 -5.32 7.95
C ASN D 253 -16.14 -5.77 8.90
N ASP D 254 -14.88 -5.48 8.58
CA ASP D 254 -13.77 -5.69 9.49
C ASP D 254 -12.92 -4.43 9.65
N VAL D 255 -13.32 -3.31 9.06
CA VAL D 255 -12.52 -2.09 9.02
C VAL D 255 -13.33 -0.95 9.63
N ALA D 256 -14.65 -1.07 9.59
CA ALA D 256 -15.55 0.02 9.97
C ALA D 256 -15.45 0.33 11.46
N PRO D 257 -15.41 1.60 11.85
CA PRO D 257 -15.27 1.94 13.27
C PRO D 257 -16.60 1.88 14.01
N PHE D 258 -16.59 2.30 15.27
CA PHE D 258 -17.76 2.43 16.14
C PHE D 258 -18.49 1.11 16.38
N GLY D 259 -17.81 -0.01 16.16
CA GLY D 259 -18.44 -1.30 16.40
C GLY D 259 -19.51 -1.70 15.43
N CYS D 260 -19.48 -1.15 14.22
CA CYS D 260 -20.52 -1.45 13.24
C CYS D 260 -20.38 -2.87 12.72
N SER D 261 -21.51 -3.57 12.65
CA SER D 261 -21.61 -4.89 12.03
C SER D 261 -22.51 -4.76 10.81
N ILE D 262 -22.04 -5.25 9.68
CA ILE D 262 -22.67 -5.00 8.38
C ILE D 262 -23.34 -6.27 7.90
N ALA D 263 -24.65 -6.18 7.65
CA ALA D 263 -25.43 -7.25 7.04
C ALA D 263 -25.72 -6.88 5.58
N LEU D 264 -26.51 -7.72 4.90
CA LEU D 264 -26.54 -7.61 3.46
C LEU D 264 -27.91 -7.51 2.80
N GLU D 265 -28.92 -8.22 3.32
CA GLU D 265 -30.16 -8.46 2.58
C GLU D 265 -30.96 -7.19 2.27
N PRO D 266 -31.07 -6.19 3.15
CA PRO D 266 -31.32 -4.82 2.67
C PRO D 266 -30.08 -3.91 2.65
N LEU D 267 -28.89 -4.46 2.89
CA LEU D 267 -27.62 -3.72 3.03
C LEU D 267 -27.73 -2.67 4.14
N ARG D 268 -27.85 -3.17 5.36
CA ARG D 268 -27.89 -2.33 6.54
C ARG D 268 -26.50 -2.25 7.16
N ALA D 269 -26.40 -1.45 8.22
CA ALA D 269 -25.18 -1.33 9.02
C ALA D 269 -25.60 -1.28 10.48
N GLU D 270 -25.52 -2.42 11.16
CA GLU D 270 -26.12 -2.57 12.47
C GLU D 270 -25.20 -2.06 13.57
N ASN D 271 -25.80 -1.40 14.56
CA ASN D 271 -25.22 -1.16 15.88
C ASN D 271 -23.99 -0.26 15.83
N CYS D 272 -24.11 0.88 15.15
CA CYS D 272 -23.06 1.89 15.11
C CYS D 272 -23.29 2.84 16.28
N ALA D 273 -22.51 2.68 17.35
CA ALA D 273 -22.75 3.40 18.60
C ALA D 273 -22.08 4.78 18.54
N VAL D 274 -22.79 5.73 17.95
CA VAL D 274 -22.31 7.11 17.82
C VAL D 274 -23.51 8.06 17.99
N GLY D 275 -23.28 9.17 18.66
CA GLY D 275 -24.32 10.17 18.83
C GLY D 275 -25.26 9.86 19.97
N SER D 276 -26.41 10.53 19.94
CA SER D 276 -27.43 10.35 20.97
C SER D 276 -28.80 10.47 20.32
N ILE D 277 -29.81 9.93 21.00
CA ILE D 277 -31.16 9.83 20.47
C ILE D 277 -32.15 10.52 21.40
N PRO D 278 -32.77 11.62 21.00
CA PRO D 278 -33.88 12.17 21.78
C PRO D 278 -35.10 11.26 21.72
N ILE D 279 -35.90 11.29 22.79
CA ILE D 279 -37.10 10.47 22.90
C ILE D 279 -38.26 11.34 23.39
N SER D 280 -39.47 10.84 23.15
CA SER D 280 -40.68 11.45 23.70
C SER D 280 -41.75 10.37 23.71
N ILE D 281 -42.06 9.85 24.90
CA ILE D 281 -42.93 8.68 25.04
C ILE D 281 -44.18 9.08 25.82
N ASP D 282 -45.34 8.73 25.28
CA ASP D 282 -46.63 9.06 25.88
C ASP D 282 -47.07 7.90 26.78
N ILE D 283 -46.86 8.05 28.08
CA ILE D 283 -47.29 7.09 29.09
C ILE D 283 -48.81 7.19 29.23
N PRO D 284 -49.53 6.07 29.27
CA PRO D 284 -50.99 6.15 29.42
C PRO D 284 -51.42 6.67 30.78
N ASP D 285 -52.63 7.24 30.81
CA ASP D 285 -53.15 7.84 32.03
C ASP D 285 -53.57 6.79 33.05
N ALA D 286 -53.79 5.55 32.63
CA ALA D 286 -54.20 4.50 33.55
C ALA D 286 -53.04 3.89 34.32
N ALA D 287 -51.80 4.27 34.01
CA ALA D 287 -50.64 3.77 34.73
C ALA D 287 -50.28 4.60 35.93
N PHE D 288 -50.99 5.70 36.17
CA PHE D 288 -50.68 6.62 37.26
C PHE D 288 -51.69 6.45 38.39
N THR D 289 -51.19 6.34 39.61
CA THR D 289 -52.02 6.31 40.80
C THR D 289 -51.86 7.61 41.58
N ARG D 290 -52.84 7.87 42.45
CA ARG D 290 -52.85 9.11 43.21
C ARG D 290 -51.74 9.11 44.27
N ILE D 291 -51.32 10.32 44.65
CA ILE D 291 -50.25 10.45 45.64
C ILE D 291 -50.78 10.12 47.03
N SER D 292 -52.08 10.33 47.28
CA SER D 292 -52.66 10.09 48.59
C SER D 292 -52.79 8.60 48.93
N GLU D 293 -52.72 7.73 47.92
CA GLU D 293 -52.81 6.29 48.14
C GLU D 293 -51.44 5.62 48.15
N THR D 294 -50.36 6.39 48.19
CA THR D 294 -49.03 5.82 48.14
C THR D 294 -48.33 5.97 49.49
N PRO D 295 -47.44 5.03 49.85
CA PRO D 295 -46.70 5.17 51.11
C PRO D 295 -45.73 6.33 51.07
N THR D 296 -45.57 6.98 52.22
CA THR D 296 -44.60 8.04 52.41
C THR D 296 -43.58 7.61 53.45
N VAL D 297 -42.31 7.88 53.16
CA VAL D 297 -41.22 7.42 54.01
C VAL D 297 -40.56 8.62 54.67
N SER D 298 -39.79 8.32 55.72
CA SER D 298 -39.05 9.34 56.46
C SER D 298 -37.88 8.69 57.16
N ASP D 299 -36.94 9.53 57.58
CA ASP D 299 -35.71 9.15 58.31
C ASP D 299 -34.89 8.14 57.51
N LEU D 300 -34.40 8.59 56.37
CA LEU D 300 -33.57 7.78 55.50
C LEU D 300 -32.09 8.07 55.78
N GLU D 301 -31.32 7.01 56.03
CA GLU D 301 -29.90 7.12 56.31
C GLU D 301 -29.16 6.12 55.45
N CYS D 302 -28.21 6.61 54.64
CA CYS D 302 -27.55 5.80 53.63
C CYS D 302 -26.09 5.61 53.96
N LYS D 303 -25.63 4.36 53.93
CA LYS D 303 -24.23 4.02 54.10
C LYS D 303 -23.82 3.03 53.02
N ILE D 304 -22.56 3.10 52.62
CA ILE D 304 -22.01 2.28 51.55
C ILE D 304 -21.08 1.26 52.19
N THR D 305 -21.49 -0.02 52.16
CA THR D 305 -20.66 -1.06 52.77
C THR D 305 -19.45 -1.38 51.90
N GLU D 306 -19.65 -1.50 50.59
CA GLU D 306 -18.58 -1.89 49.69
C GLU D 306 -18.79 -1.22 48.34
N CYS D 307 -17.68 -0.87 47.69
CA CYS D 307 -17.73 -0.30 46.36
C CYS D 307 -16.41 -0.55 45.66
N THR D 308 -16.44 -0.44 44.33
CA THR D 308 -15.24 -0.57 43.51
C THR D 308 -15.49 0.13 42.17
N TYR D 309 -14.41 0.20 41.37
CA TYR D 309 -14.41 0.85 40.06
C TYR D 309 -15.19 0.09 39.00
N ALA D 310 -15.57 -1.15 39.26
CA ALA D 310 -15.75 -2.16 38.23
C ALA D 310 -16.87 -1.82 37.24
N PHE D 311 -16.73 -2.39 36.03
CA PHE D 311 -17.69 -2.13 34.97
C PHE D 311 -19.05 -2.72 35.28
N ASP D 312 -19.09 -3.81 36.03
CA ASP D 312 -20.35 -4.40 36.48
C ASP D 312 -20.82 -3.68 37.74
N PHE D 313 -21.84 -4.22 38.39
CA PHE D 313 -22.42 -3.60 39.58
C PHE D 313 -21.59 -4.01 40.78
N GLY D 314 -20.53 -3.24 41.05
CA GLY D 314 -19.59 -3.53 42.09
C GLY D 314 -19.75 -2.74 43.38
N GLY D 315 -20.84 -2.04 43.57
CA GLY D 315 -21.09 -1.29 44.79
C GLY D 315 -22.31 -1.81 45.51
N ILE D 316 -22.22 -1.88 46.84
CA ILE D 316 -23.31 -2.34 47.69
C ILE D 316 -23.57 -1.27 48.75
N ALA D 317 -24.83 -0.86 48.89
CA ALA D 317 -25.21 0.11 49.91
C ALA D 317 -26.56 -0.29 50.49
N THR D 318 -26.67 -0.18 51.81
CA THR D 318 -27.90 -0.47 52.53
C THR D 318 -28.40 0.79 53.22
N VAL D 319 -29.70 1.04 53.15
CA VAL D 319 -30.30 2.20 53.80
C VAL D 319 -31.34 1.72 54.81
N ALA D 320 -31.69 2.61 55.73
CA ALA D 320 -32.70 2.35 56.75
C ALA D 320 -33.76 3.44 56.67
N TYR D 321 -35.02 3.04 56.77
CA TYR D 321 -36.15 3.93 56.51
C TYR D 321 -37.19 3.80 57.62
N LYS D 322 -38.23 4.62 57.50
CA LYS D 322 -39.44 4.51 58.31
C LYS D 322 -40.61 4.82 57.40
N SER D 323 -41.41 3.80 57.08
CA SER D 323 -42.50 3.94 56.14
C SER D 323 -43.83 4.08 56.85
N SER D 324 -44.76 4.79 56.21
CA SER D 324 -46.09 4.96 56.78
C SER D 324 -46.91 3.69 56.68
N LYS D 325 -46.79 2.97 55.56
CA LYS D 325 -47.46 1.69 55.40
C LYS D 325 -46.66 0.86 54.41
N ALA D 326 -46.99 -0.43 54.36
CA ALA D 326 -46.27 -1.36 53.49
C ALA D 326 -46.66 -1.16 52.04
N GLY D 327 -45.68 -1.29 51.15
CA GLY D 327 -45.93 -1.12 49.73
C GLY D 327 -44.62 -1.13 48.97
N ASN D 328 -44.75 -1.03 47.65
CA ASN D 328 -43.59 -1.00 46.75
C ASN D 328 -43.56 0.32 46.00
N CYS D 329 -42.38 0.93 45.94
CA CYS D 329 -42.19 2.18 45.23
C CYS D 329 -40.85 2.14 44.51
N PRO D 330 -40.73 2.83 43.38
CA PRO D 330 -39.48 2.76 42.61
C PRO D 330 -38.38 3.61 43.22
N ILE D 331 -37.15 3.21 42.94
CA ILE D 331 -35.96 3.99 43.31
C ILE D 331 -35.20 4.34 42.04
N HIS D 332 -34.54 5.49 42.06
CA HIS D 332 -33.83 6.00 40.90
C HIS D 332 -32.82 7.04 41.35
N SER D 333 -31.65 7.03 40.72
CA SER D 333 -30.63 8.05 40.98
C SER D 333 -30.55 8.99 39.80
N PRO D 334 -30.96 10.26 39.93
CA PRO D 334 -31.05 11.13 38.76
C PRO D 334 -29.70 11.59 38.24
N SER D 335 -28.64 11.58 39.06
CA SER D 335 -27.35 12.03 38.61
C SER D 335 -26.66 10.95 37.78
N GLY D 336 -25.59 11.35 37.11
CA GLY D 336 -24.80 10.44 36.29
C GLY D 336 -23.67 9.76 37.01
N VAL D 337 -23.53 9.95 38.32
CA VAL D 337 -22.45 9.33 39.07
C VAL D 337 -22.67 7.82 39.19
N ALA D 338 -23.89 7.42 39.56
CA ALA D 338 -24.20 6.02 39.80
C ALA D 338 -25.43 5.61 39.02
N VAL D 339 -25.41 4.39 38.49
CA VAL D 339 -26.58 3.74 37.95
C VAL D 339 -27.05 2.72 38.98
N ILE D 340 -28.32 2.34 38.89
CA ILE D 340 -28.95 1.47 39.89
C ILE D 340 -29.35 0.16 39.23
N LYS D 341 -28.97 -0.95 39.84
CA LYS D 341 -29.35 -2.26 39.30
C LYS D 341 -30.83 -2.53 39.49
N GLU D 342 -31.35 -2.26 40.69
CA GLU D 342 -32.75 -2.54 40.98
C GLU D 342 -33.64 -1.42 40.44
N ASN D 343 -34.91 -1.74 40.28
CA ASN D 343 -35.92 -0.77 39.86
C ASN D 343 -36.89 -0.42 40.97
N ASP D 344 -37.40 -1.42 41.69
CA ASP D 344 -38.30 -1.19 42.80
C ASP D 344 -37.91 -2.11 43.96
N VAL D 345 -38.27 -1.69 45.16
CA VAL D 345 -38.04 -2.46 46.38
C VAL D 345 -39.33 -2.48 47.20
N THR D 346 -39.65 -3.65 47.75
CA THR D 346 -40.76 -3.74 48.67
C THR D 346 -40.36 -3.15 50.03
N LEU D 347 -41.33 -2.57 50.71
CA LEU D 347 -41.08 -1.85 51.95
C LEU D 347 -42.05 -2.34 53.02
N ALA D 348 -41.56 -2.41 54.25
CA ALA D 348 -42.35 -2.81 55.40
C ALA D 348 -42.40 -1.64 56.39
N GLU D 349 -42.95 -1.91 57.57
CA GLU D 349 -43.06 -0.88 58.61
C GLU D 349 -41.70 -0.71 59.26
N SER D 350 -40.91 0.22 58.74
CA SER D 350 -39.59 0.63 59.26
C SER D 350 -38.62 -0.55 59.29
N GLY D 351 -38.30 -1.05 58.10
CA GLY D 351 -37.31 -2.08 57.96
C GLY D 351 -36.01 -1.56 57.37
N SER D 352 -35.40 -2.32 56.48
CA SER D 352 -34.19 -1.90 55.77
C SER D 352 -34.07 -2.71 54.48
N PHE D 353 -33.55 -2.07 53.44
CA PHE D 353 -33.29 -2.74 52.17
C PHE D 353 -31.92 -2.32 51.64
N THR D 354 -31.46 -3.01 50.61
CA THR D 354 -30.17 -2.73 50.00
C THR D 354 -30.32 -2.69 48.49
N PHE D 355 -29.31 -2.12 47.83
CA PHE D 355 -29.31 -2.03 46.38
C PHE D 355 -27.88 -2.16 45.87
N HIS D 356 -27.75 -2.46 44.58
CA HIS D 356 -26.46 -2.58 43.91
C HIS D 356 -26.30 -1.45 42.90
N PHE D 357 -25.12 -0.84 42.89
CA PHE D 357 -24.86 0.31 42.02
C PHE D 357 -23.49 0.16 41.39
N SER D 358 -23.21 1.03 40.41
CA SER D 358 -21.96 0.95 39.66
C SER D 358 -21.53 2.35 39.25
N THR D 359 -20.43 2.83 39.82
CA THR D 359 -19.88 4.14 39.51
C THR D 359 -18.50 3.98 38.86
N ALA D 360 -17.91 5.11 38.51
CA ALA D 360 -16.53 5.18 38.04
C ALA D 360 -15.70 6.15 38.85
N ASN D 361 -16.20 6.58 40.01
CA ASN D 361 -15.60 7.64 40.80
C ASN D 361 -14.79 7.05 41.95
N ILE D 362 -13.75 7.78 42.36
CA ILE D 362 -13.09 7.49 43.62
C ILE D 362 -14.05 7.73 44.78
N HIS D 363 -14.74 8.86 44.77
CA HIS D 363 -15.67 9.22 45.83
C HIS D 363 -17.04 9.50 45.24
N PRO D 364 -17.99 8.58 45.35
CA PRO D 364 -19.35 8.88 44.91
C PRO D 364 -20.03 9.88 45.84
N ALA D 365 -20.77 10.80 45.25
CA ALA D 365 -21.55 11.78 45.99
C ALA D 365 -22.97 11.88 45.44
N PHE D 366 -23.49 10.76 44.94
CA PHE D 366 -24.80 10.74 44.31
C PHE D 366 -25.91 10.74 45.35
N LYS D 367 -27.13 10.94 44.88
CA LYS D 367 -28.32 10.86 45.71
C LYS D 367 -29.38 10.06 44.97
N LEU D 368 -30.27 9.42 45.72
CA LEU D 368 -31.35 8.63 45.14
C LEU D 368 -32.63 8.95 45.89
N GLN D 369 -33.75 8.73 45.20
CA GLN D 369 -35.07 9.04 45.74
C GLN D 369 -35.86 7.75 45.93
N VAL D 370 -36.33 7.54 47.16
CA VAL D 370 -37.18 6.41 47.49
C VAL D 370 -38.54 6.96 47.90
N CYS D 371 -39.58 6.60 47.14
CA CYS D 371 -40.98 6.95 47.41
C CYS D 371 -41.17 8.46 47.50
N THR D 372 -40.81 9.15 46.40
CA THR D 372 -40.61 10.61 46.27
C THR D 372 -40.02 11.25 47.54
N SER D 373 -38.91 10.69 48.01
CA SER D 373 -38.16 11.23 49.14
C SER D 373 -36.68 10.94 48.92
N ALA D 374 -35.85 11.98 48.97
CA ALA D 374 -34.46 11.85 48.59
C ALA D 374 -33.56 11.58 49.80
N VAL D 375 -32.39 11.01 49.51
CA VAL D 375 -31.36 10.76 50.52
C VAL D 375 -30.01 10.78 49.79
N THR D 376 -28.98 11.26 50.48
CA THR D 376 -27.65 11.40 49.91
C THR D 376 -26.73 10.29 50.41
N CYS D 377 -25.92 9.75 49.50
CA CYS D 377 -24.97 8.68 49.81
C CYS D 377 -23.56 9.11 49.47
N LYS D 378 -22.61 8.77 50.34
CA LYS D 378 -21.20 9.08 50.12
C LYS D 378 -20.36 7.89 50.55
N GLY D 379 -19.14 7.82 50.02
CA GLY D 379 -18.25 6.74 50.40
C GLY D 379 -16.97 6.79 49.59
N ASP D 380 -16.12 5.79 49.83
CA ASP D 380 -14.88 5.60 49.09
C ASP D 380 -14.96 4.29 48.32
N CYS D 381 -14.21 4.21 47.22
CA CYS D 381 -14.23 3.04 46.36
C CYS D 381 -12.82 2.56 46.08
N LYS D 382 -12.70 1.28 45.78
CA LYS D 382 -11.43 0.56 45.64
C LYS D 382 -11.13 0.25 44.18
N PRO D 383 -9.86 0.05 43.83
CA PRO D 383 -9.53 -0.38 42.47
C PRO D 383 -10.02 -1.80 42.22
N PRO D 384 -10.29 -2.16 40.98
CA PRO D 384 -10.77 -3.51 40.69
C PRO D 384 -9.64 -4.51 40.43
N LYS D 385 -9.94 -5.77 40.72
CA LYS D 385 -8.93 -6.82 40.59
C LYS D 385 -8.70 -7.21 39.13
N ASP D 386 -9.76 -7.25 38.32
CA ASP D 386 -9.66 -7.74 36.97
C ASP D 386 -8.97 -6.74 36.06
N HIS D 387 -8.31 -7.25 35.03
CA HIS D 387 -7.58 -6.43 34.07
C HIS D 387 -8.35 -6.21 32.78
N ILE D 388 -9.01 -7.23 32.27
CA ILE D 388 -9.76 -7.15 31.01
C ILE D 388 -11.04 -7.96 31.18
N VAL D 389 -12.18 -7.35 30.86
CA VAL D 389 -13.46 -8.04 30.91
C VAL D 389 -14.06 -8.08 29.51
N ASP D 390 -15.24 -8.69 29.38
CA ASP D 390 -15.90 -8.84 28.09
C ASP D 390 -17.34 -8.37 28.16
N TYR D 391 -17.56 -7.19 28.75
CA TYR D 391 -18.86 -6.55 28.75
C TYR D 391 -18.63 -5.05 28.85
N PRO D 392 -19.44 -4.23 28.18
CA PRO D 392 -19.24 -2.78 28.24
C PRO D 392 -19.62 -2.21 29.59
N ALA D 393 -19.08 -1.02 29.85
CA ALA D 393 -19.27 -0.36 31.14
C ALA D 393 -20.70 0.14 31.29
N GLN D 394 -21.27 -0.04 32.49
CA GLN D 394 -22.59 0.50 32.76
C GLN D 394 -22.55 2.01 33.01
N HIS D 395 -21.48 2.49 33.64
CA HIS D 395 -21.39 3.87 34.06
C HIS D 395 -20.83 4.73 32.92
N THR D 396 -20.46 5.97 33.24
CA THR D 396 -19.91 6.90 32.26
C THR D 396 -18.77 7.68 32.90
N GLU D 397 -17.64 7.76 32.18
CA GLU D 397 -16.49 8.51 32.67
C GLU D 397 -16.73 10.01 32.57
N SER D 398 -16.20 10.75 33.53
CA SER D 398 -16.24 12.20 33.52
C SER D 398 -14.82 12.74 33.67
N PHE D 399 -14.70 14.06 33.75
CA PHE D 399 -13.40 14.68 33.93
C PHE D 399 -12.89 14.45 35.35
N THR D 400 -13.75 14.68 36.35
CA THR D 400 -13.35 14.65 37.75
C THR D 400 -13.63 13.32 38.42
N SER D 401 -13.72 12.24 37.64
CA SER D 401 -13.98 10.94 38.24
C SER D 401 -12.74 10.36 38.92
N ALA D 402 -11.55 10.71 38.43
CA ALA D 402 -10.32 10.10 38.91
C ALA D 402 -9.66 10.87 40.04
N ILE D 403 -10.13 12.07 40.37
CA ILE D 403 -9.46 12.90 41.35
C ILE D 403 -9.87 12.45 42.76
N SER D 404 -8.88 12.09 43.56
CA SER D 404 -9.12 11.63 44.92
C SER D 404 -9.17 12.83 45.87
N ALA D 405 -9.23 12.57 47.17
CA ALA D 405 -9.27 13.65 48.15
C ALA D 405 -7.91 14.31 48.28
N THR D 406 -6.83 13.51 48.36
CA THR D 406 -5.50 14.08 48.55
C THR D 406 -4.98 14.72 47.27
N ALA D 407 -5.42 14.25 46.10
CA ALA D 407 -5.03 14.89 44.86
C ALA D 407 -5.71 16.24 44.70
N TRP D 408 -6.95 16.36 45.17
CA TRP D 408 -7.64 17.65 45.07
C TRP D 408 -7.13 18.63 46.13
N SER D 409 -6.74 18.12 47.31
CA SER D 409 -6.16 18.98 48.32
C SER D 409 -4.73 19.39 47.98
N TRP D 410 -4.03 18.61 47.16
CA TRP D 410 -2.66 18.98 46.77
C TRP D 410 -2.66 20.13 45.78
N ILE D 411 -3.58 20.13 44.83
CA ILE D 411 -3.57 21.17 43.80
C ILE D 411 -4.15 22.46 44.34
N LYS D 412 -5.07 22.39 45.30
CA LYS D 412 -5.59 23.61 45.90
C LYS D 412 -4.63 24.23 46.91
N VAL D 413 -3.67 23.46 47.41
CA VAL D 413 -2.58 24.04 48.19
C VAL D 413 -1.66 24.82 47.27
N LEU D 414 -1.30 24.23 46.12
CA LEU D 414 -0.40 24.89 45.18
C LEU D 414 -1.07 26.06 44.46
N VAL D 415 -2.40 26.02 44.30
CA VAL D 415 -3.11 27.17 43.75
C VAL D 415 -3.12 28.31 44.76
N GLY D 416 -3.39 28.00 46.04
CA GLY D 416 -3.43 29.02 47.05
C GLY D 416 -2.08 29.54 47.49
N GLY D 417 -1.02 28.76 47.32
CA GLY D 417 0.30 29.20 47.75
C GLY D 417 0.85 30.26 46.82
N THR D 418 0.77 30.05 45.50
CA THR D 418 1.31 31.00 44.54
C THR D 418 0.45 32.26 44.48
N SER D 419 -0.85 32.14 44.76
CA SER D 419 -1.70 33.33 44.84
C SER D 419 -1.47 34.12 46.12
N ALA D 420 -0.99 33.45 47.18
CA ALA D 420 -0.65 34.17 48.40
C ALA D 420 0.66 34.92 48.29
N PHE D 421 1.61 34.39 47.51
CA PHE D 421 2.89 35.07 47.32
C PHE D 421 2.71 36.34 46.49
N ILE D 422 1.78 36.31 45.52
CA ILE D 422 1.54 37.47 44.68
C ILE D 422 0.90 38.59 45.47
N VAL D 423 -0.12 38.28 46.27
CA VAL D 423 -0.79 39.30 47.06
C VAL D 423 0.05 39.75 48.25
N LEU D 424 1.05 38.95 48.66
CA LEU D 424 2.01 39.46 49.64
C LEU D 424 2.92 40.51 49.02
N GLY D 425 3.35 40.29 47.78
CA GLY D 425 4.12 41.31 47.07
C GLY D 425 3.28 42.51 46.69
N LEU D 426 2.02 42.28 46.32
CA LEU D 426 1.14 43.39 45.90
C LEU D 426 0.72 44.26 47.08
N ILE D 427 0.63 43.68 48.27
CA ILE D 427 0.36 44.49 49.46
C ILE D 427 1.56 45.37 49.79
N ALA D 428 2.76 44.81 49.74
CA ALA D 428 3.96 45.55 50.11
C ALA D 428 4.37 46.57 49.04
N THR D 429 3.92 46.39 47.79
CA THR D 429 4.27 47.35 46.75
C THR D 429 3.50 48.66 46.91
N ALA D 430 2.22 48.57 47.29
CA ALA D 430 1.42 49.77 47.50
C ALA D 430 1.54 50.35 48.90
N VAL D 431 2.12 49.60 49.84
CA VAL D 431 2.37 50.16 51.17
C VAL D 431 3.50 51.19 51.12
N VAL D 432 4.59 50.88 50.41
CA VAL D 432 5.72 51.79 50.37
C VAL D 432 5.44 53.00 49.48
N ALA D 433 4.48 52.90 48.56
CA ALA D 433 4.05 54.08 47.82
C ALA D 433 3.29 55.06 48.72
N LEU D 434 2.63 54.54 49.75
CA LEU D 434 1.93 55.42 50.69
C LEU D 434 2.91 56.14 51.61
N VAL D 435 3.96 55.43 52.07
CA VAL D 435 4.94 56.09 52.95
C VAL D 435 5.87 56.99 52.15
N LEU D 436 6.04 56.75 50.85
CA LEU D 436 6.77 57.68 50.02
C LEU D 436 5.96 58.94 49.74
N PHE D 437 4.63 58.80 49.67
CA PHE D 437 3.74 59.94 49.52
C PHE D 437 3.48 60.67 50.82
N PHE D 438 3.86 60.08 51.97
CA PHE D 438 3.66 60.72 53.25
C PHE D 438 4.91 61.38 53.79
N HIS D 439 6.08 61.04 53.27
CA HIS D 439 7.31 61.72 53.69
C HIS D 439 7.40 63.12 53.09
N ARG D 440 6.79 63.33 51.92
CA ARG D 440 6.84 64.64 51.29
C ARG D 440 5.93 65.63 52.00
N HIS D 441 4.79 65.17 52.52
CA HIS D 441 3.88 66.02 53.26
C HIS D 441 3.08 65.21 54.27
N ASP E 1 -38.29 -39.40 -15.98
CA ASP E 1 -37.62 -40.63 -16.38
C ASP E 1 -36.20 -40.35 -16.87
N LEU E 2 -35.54 -41.38 -17.39
CA LEU E 2 -34.18 -41.24 -17.90
C LEU E 2 -34.18 -40.67 -19.31
N ASP E 3 -35.17 -41.04 -20.12
CA ASP E 3 -35.28 -40.51 -21.48
C ASP E 3 -35.72 -39.05 -21.51
N THR E 4 -36.21 -38.52 -20.39
CA THR E 4 -36.50 -37.09 -20.30
C THR E 4 -35.23 -36.26 -20.38
N HIS E 5 -34.13 -36.77 -19.83
CA HIS E 5 -32.85 -36.08 -19.86
C HIS E 5 -32.09 -36.33 -21.17
N PHE E 6 -32.15 -37.55 -21.69
CA PHE E 6 -31.46 -37.90 -22.92
C PHE E 6 -32.34 -37.71 -24.16
N THR E 7 -33.32 -36.81 -24.10
CA THR E 7 -34.22 -36.64 -25.24
C THR E 7 -33.57 -35.89 -26.39
N GLN E 8 -32.46 -35.19 -26.13
CA GLN E 8 -31.72 -34.52 -27.19
C GLN E 8 -30.36 -35.15 -27.46
N TYR E 9 -29.82 -35.93 -26.52
CA TYR E 9 -28.53 -36.58 -26.74
C TYR E 9 -28.65 -37.81 -27.63
N LYS E 10 -29.86 -38.30 -27.90
CA LYS E 10 -30.04 -39.33 -28.91
C LYS E 10 -29.74 -38.78 -30.30
N LEU E 11 -29.97 -37.49 -30.52
CA LEU E 11 -29.69 -36.86 -31.80
C LEU E 11 -28.22 -36.50 -31.98
N ALA E 12 -27.40 -36.65 -30.95
CA ALA E 12 -25.98 -36.32 -31.00
C ALA E 12 -25.15 -37.58 -31.08
N ARG E 13 -23.91 -37.42 -31.52
CA ARG E 13 -22.98 -38.53 -31.74
C ARG E 13 -21.60 -38.14 -31.25
N PRO E 14 -20.75 -39.10 -30.92
CA PRO E 14 -19.35 -38.80 -30.64
C PRO E 14 -18.62 -38.35 -31.89
N TYR E 15 -17.42 -37.80 -31.70
CA TYR E 15 -16.61 -37.37 -32.82
C TYR E 15 -15.14 -37.51 -32.47
N ILE E 16 -14.30 -37.45 -33.49
CA ILE E 16 -12.86 -37.62 -33.35
C ILE E 16 -12.21 -36.27 -33.61
N ALA E 17 -11.41 -35.80 -32.65
CA ALA E 17 -10.68 -34.55 -32.76
C ALA E 17 -9.30 -34.75 -32.18
N ASP E 18 -8.40 -33.84 -32.51
CA ASP E 18 -7.02 -34.00 -32.07
C ASP E 18 -6.85 -33.67 -30.60
N CYS E 19 -5.87 -34.31 -29.99
CA CYS E 19 -5.56 -34.13 -28.59
C CYS E 19 -4.05 -34.02 -28.49
N PRO E 20 -3.51 -32.98 -27.85
CA PRO E 20 -2.07 -32.94 -27.61
C PRO E 20 -1.68 -33.95 -26.55
N ASN E 21 -0.56 -34.64 -26.79
CA ASN E 21 -0.02 -35.69 -25.90
C ASN E 21 -1.04 -36.80 -25.65
N CYS E 22 -1.59 -37.34 -26.74
CA CYS E 22 -2.49 -38.49 -26.63
C CYS E 22 -1.74 -39.72 -26.14
N GLY E 23 -0.79 -40.18 -26.92
CA GLY E 23 0.21 -41.14 -26.53
C GLY E 23 1.51 -40.43 -26.19
N HIS E 24 2.38 -40.29 -27.18
CA HIS E 24 3.52 -39.38 -27.08
C HIS E 24 3.63 -38.44 -28.27
N SER E 25 2.66 -38.46 -29.20
CA SER E 25 2.87 -37.81 -30.49
C SER E 25 1.64 -37.09 -31.01
N ARG E 26 0.75 -36.64 -30.11
CA ARG E 26 -0.45 -35.82 -30.34
C ARG E 26 -1.31 -36.31 -31.53
N CYS E 27 -1.87 -37.50 -31.36
CA CYS E 27 -2.66 -38.10 -32.42
C CYS E 27 -4.07 -37.51 -32.43
N ASP E 28 -4.89 -38.01 -33.35
CA ASP E 28 -6.32 -37.71 -33.37
C ASP E 28 -7.05 -38.80 -32.60
N SER E 29 -7.77 -38.41 -31.55
CA SER E 29 -8.20 -39.38 -30.57
C SER E 29 -9.71 -39.36 -30.38
N PRO E 30 -10.31 -40.51 -30.05
CA PRO E 30 -11.75 -40.53 -29.72
C PRO E 30 -12.08 -39.79 -28.43
N ILE E 31 -11.11 -39.57 -27.55
CA ILE E 31 -11.26 -38.67 -26.42
C ILE E 31 -10.52 -37.38 -26.76
N ALA E 32 -11.24 -36.27 -26.72
CA ALA E 32 -10.65 -34.96 -27.00
C ALA E 32 -11.07 -34.01 -25.88
N ILE E 33 -10.13 -33.67 -25.02
CA ILE E 33 -10.44 -32.85 -23.85
C ILE E 33 -10.63 -31.40 -24.29
N GLU E 34 -11.83 -30.87 -24.07
CA GLU E 34 -12.11 -29.45 -24.27
C GLU E 34 -12.77 -28.91 -23.03
N GLU E 35 -12.35 -27.71 -22.61
CA GLU E 35 -13.02 -26.88 -21.61
C GLU E 35 -13.12 -27.60 -20.25
N VAL E 36 -11.96 -27.78 -19.63
CA VAL E 36 -11.94 -28.19 -18.23
C VAL E 36 -12.34 -27.01 -17.37
N ARG E 37 -13.28 -27.24 -16.45
CA ARG E 37 -13.82 -26.18 -15.61
C ARG E 37 -13.53 -26.52 -14.15
N GLY E 38 -12.53 -25.87 -13.57
CA GLY E 38 -12.14 -26.14 -12.21
C GLY E 38 -12.30 -24.93 -11.30
N ASP E 39 -13.41 -24.23 -11.44
CA ASP E 39 -13.69 -23.01 -10.68
C ASP E 39 -14.58 -23.26 -9.47
N ALA E 40 -14.79 -24.52 -9.09
CA ALA E 40 -15.64 -24.83 -7.94
C ALA E 40 -14.85 -24.66 -6.65
N HIS E 41 -15.39 -25.16 -5.54
CA HIS E 41 -14.91 -24.71 -4.25
C HIS E 41 -14.51 -25.86 -3.31
N ALA E 42 -14.36 -27.08 -3.82
CA ALA E 42 -13.77 -28.14 -3.00
C ALA E 42 -12.93 -29.10 -3.82
N GLY E 43 -12.31 -28.63 -4.89
CA GLY E 43 -11.53 -29.52 -5.74
C GLY E 43 -12.35 -30.45 -6.59
N VAL E 44 -13.58 -30.07 -6.92
CA VAL E 44 -14.42 -30.81 -7.85
C VAL E 44 -14.40 -30.08 -9.19
N ILE E 45 -14.16 -30.83 -10.26
CA ILE E 45 -14.05 -30.27 -11.61
C ILE E 45 -15.06 -30.95 -12.51
N ARG E 46 -15.31 -30.33 -13.65
CA ARG E 46 -16.14 -30.91 -14.70
C ARG E 46 -15.39 -30.83 -16.01
N ILE E 47 -15.23 -31.97 -16.67
CA ILE E 47 -14.50 -32.07 -17.93
C ILE E 47 -15.50 -32.36 -19.04
N GLN E 48 -15.26 -31.81 -20.22
CA GLN E 48 -16.04 -32.11 -21.41
C GLN E 48 -15.14 -32.83 -22.41
N THR E 49 -15.62 -33.95 -22.94
CA THR E 49 -14.83 -34.75 -23.86
C THR E 49 -15.50 -34.80 -25.23
N SER E 50 -15.04 -35.70 -26.09
CA SER E 50 -15.64 -35.91 -27.40
C SER E 50 -16.33 -37.27 -27.49
N ALA E 51 -16.71 -37.86 -26.37
CA ALA E 51 -17.39 -39.13 -26.32
C ALA E 51 -18.73 -38.98 -25.60
N MET E 52 -19.61 -39.96 -25.77
CA MET E 52 -20.90 -39.97 -25.10
C MET E 52 -20.95 -41.10 -24.10
N PHE E 53 -21.30 -40.76 -22.87
CA PHE E 53 -21.46 -41.73 -21.79
C PHE E 53 -22.93 -41.86 -21.47
N GLY E 54 -23.36 -43.07 -21.12
CA GLY E 54 -24.74 -43.32 -20.82
C GLY E 54 -25.59 -43.77 -21.99
N LEU E 55 -25.04 -43.79 -23.20
CA LEU E 55 -25.77 -44.22 -24.39
C LEU E 55 -25.01 -45.38 -25.04
N LYS E 56 -25.76 -46.38 -25.49
CA LYS E 56 -25.18 -47.54 -26.18
C LYS E 56 -25.74 -47.70 -27.59
N THR E 57 -26.12 -46.58 -28.21
CA THR E 57 -26.69 -46.47 -29.57
C THR E 57 -27.98 -47.26 -29.77
N ASP E 58 -28.62 -47.71 -28.69
CA ASP E 58 -29.90 -48.41 -28.78
C ASP E 58 -30.87 -47.96 -27.71
N GLY E 59 -30.46 -47.07 -26.80
CA GLY E 59 -31.30 -46.64 -25.71
C GLY E 59 -30.52 -45.86 -24.68
N VAL E 60 -30.88 -46.01 -23.41
CA VAL E 60 -30.23 -45.32 -22.31
C VAL E 60 -29.80 -46.36 -21.28
N ASP E 61 -28.51 -46.41 -20.97
CA ASP E 61 -27.98 -47.28 -19.94
C ASP E 61 -26.73 -46.64 -19.36
N LEU E 62 -26.72 -46.43 -18.05
CA LEU E 62 -25.67 -45.68 -17.40
C LEU E 62 -24.36 -46.44 -17.25
N ALA E 63 -24.32 -47.72 -17.63
CA ALA E 63 -23.09 -48.50 -17.58
C ALA E 63 -22.44 -48.63 -18.95
N TYR E 64 -22.84 -47.82 -19.92
CA TYR E 64 -22.37 -47.95 -21.29
C TYR E 64 -21.83 -46.63 -21.80
N MET E 65 -20.98 -46.72 -22.82
CA MET E 65 -20.40 -45.58 -23.50
C MET E 65 -20.31 -45.88 -24.98
N SER E 66 -20.19 -44.82 -25.79
CA SER E 66 -20.04 -45.00 -27.23
C SER E 66 -19.03 -44.00 -27.77
N PHE E 67 -18.34 -44.40 -28.82
CA PHE E 67 -17.31 -43.58 -29.46
C PHE E 67 -17.19 -44.01 -30.92
N MET E 68 -16.32 -43.34 -31.66
CA MET E 68 -16.07 -43.66 -33.06
C MET E 68 -14.63 -44.09 -33.24
N ASN E 69 -14.43 -45.19 -33.96
CA ASN E 69 -13.11 -45.63 -34.42
C ASN E 69 -13.15 -45.67 -35.94
N GLY E 70 -12.90 -44.52 -36.55
CA GLY E 70 -13.06 -44.36 -37.99
C GLY E 70 -14.39 -43.72 -38.32
N LYS E 71 -15.18 -44.39 -39.17
CA LYS E 71 -16.53 -43.95 -39.48
C LYS E 71 -17.59 -44.80 -38.80
N THR E 72 -17.18 -45.82 -38.04
CA THR E 72 -18.11 -46.73 -37.39
C THR E 72 -18.25 -46.34 -35.92
N GLN E 73 -19.47 -46.08 -35.48
CA GLN E 73 -19.72 -45.66 -34.11
C GLN E 73 -19.77 -46.89 -33.22
N LYS E 74 -18.69 -47.15 -32.49
CA LYS E 74 -18.64 -48.31 -31.62
C LYS E 74 -19.43 -48.05 -30.35
N SER E 75 -19.61 -49.10 -29.55
CA SER E 75 -20.28 -49.00 -28.26
C SER E 75 -19.78 -50.13 -27.37
N ILE E 76 -19.28 -49.77 -26.19
CA ILE E 76 -18.71 -50.72 -25.27
C ILE E 76 -19.30 -50.50 -23.88
N LYS E 77 -18.84 -51.28 -22.93
CA LYS E 77 -19.20 -51.14 -21.53
C LYS E 77 -18.06 -50.46 -20.78
N ILE E 78 -18.40 -49.58 -19.85
CA ILE E 78 -17.40 -48.83 -19.10
C ILE E 78 -16.71 -49.77 -18.14
N ASP E 79 -15.47 -50.14 -18.45
CA ASP E 79 -14.69 -51.05 -17.63
C ASP E 79 -13.72 -50.34 -16.71
N ASN E 80 -12.85 -49.48 -17.28
CA ASN E 80 -11.87 -48.73 -16.51
C ASN E 80 -11.84 -47.31 -17.07
N LEU E 81 -12.71 -46.46 -16.55
CA LEU E 81 -12.72 -45.04 -16.88
C LEU E 81 -12.00 -44.32 -15.76
N HIS E 82 -10.79 -43.83 -16.05
CA HIS E 82 -9.95 -43.22 -15.03
C HIS E 82 -9.70 -41.76 -15.37
N VAL E 83 -9.76 -40.92 -14.34
CA VAL E 83 -9.36 -39.52 -14.41
C VAL E 83 -8.27 -39.32 -13.38
N ARG E 84 -7.13 -38.77 -13.81
CA ARG E 84 -6.07 -38.47 -12.86
C ARG E 84 -5.49 -37.10 -13.17
N THR E 85 -5.06 -36.42 -12.11
CA THR E 85 -4.42 -35.12 -12.21
C THR E 85 -2.95 -35.18 -11.78
N SER E 86 -2.71 -35.58 -10.54
CA SER E 86 -1.38 -35.94 -10.06
C SER E 86 -1.53 -37.25 -9.31
N ALA E 87 -2.72 -37.45 -8.79
CA ALA E 87 -3.18 -38.67 -8.14
C ALA E 87 -4.48 -39.06 -8.82
N PRO E 88 -4.86 -40.35 -8.78
CA PRO E 88 -6.12 -40.76 -9.40
C PRO E 88 -7.32 -40.16 -8.67
N CYS E 89 -8.16 -39.46 -9.42
CA CYS E 89 -9.37 -38.88 -8.88
C CYS E 89 -10.48 -39.94 -8.79
N SER E 90 -11.50 -39.61 -8.00
CA SER E 90 -12.69 -40.44 -7.88
C SER E 90 -13.82 -39.72 -8.57
N LEU E 91 -14.25 -40.24 -9.72
CA LEU E 91 -15.27 -39.54 -10.49
C LEU E 91 -16.66 -39.75 -9.88
N VAL E 92 -17.54 -38.81 -10.19
CA VAL E 92 -18.86 -38.73 -9.55
C VAL E 92 -19.96 -39.19 -10.51
N SER E 93 -20.04 -38.58 -11.70
CA SER E 93 -21.09 -38.92 -12.64
C SER E 93 -20.61 -38.59 -14.05
N HIS E 94 -21.30 -39.17 -15.03
CA HIS E 94 -21.05 -38.89 -16.43
C HIS E 94 -22.37 -38.85 -17.18
N HIS E 95 -22.50 -37.87 -18.10
CA HIS E 95 -23.74 -37.68 -18.83
C HIS E 95 -23.39 -37.01 -20.16
N GLY E 96 -23.44 -37.79 -21.23
CA GLY E 96 -23.18 -37.24 -22.54
C GLY E 96 -21.73 -36.88 -22.76
N TYR E 97 -21.45 -35.62 -23.06
CA TYR E 97 -20.08 -35.20 -23.30
C TYR E 97 -19.29 -34.93 -22.03
N TYR E 98 -19.92 -35.00 -20.85
CA TYR E 98 -19.39 -34.40 -19.64
C TYR E 98 -19.07 -35.45 -18.59
N ILE E 99 -17.97 -35.27 -17.88
CA ILE E 99 -17.56 -36.10 -16.75
C ILE E 99 -17.39 -35.19 -15.53
N LEU E 100 -17.95 -35.60 -14.40
CA LEU E 100 -17.78 -34.90 -13.13
C LEU E 100 -16.84 -35.71 -12.26
N ALA E 101 -15.86 -35.05 -11.66
CA ALA E 101 -14.85 -35.75 -10.88
C ALA E 101 -14.35 -34.84 -9.77
N GLN E 102 -13.76 -35.46 -8.75
CA GLN E 102 -13.22 -34.77 -7.59
C GLN E 102 -11.71 -35.00 -7.57
N CYS E 103 -10.94 -34.00 -8.01
CA CYS E 103 -9.53 -34.23 -8.30
C CYS E 103 -8.63 -33.49 -7.32
N PRO E 104 -7.45 -34.04 -7.02
CA PRO E 104 -6.42 -33.29 -6.30
C PRO E 104 -5.77 -32.26 -7.19
N PRO E 105 -5.10 -31.25 -6.64
CA PRO E 105 -4.48 -30.22 -7.48
C PRO E 105 -3.30 -30.74 -8.29
N GLY E 106 -3.05 -30.06 -9.40
CA GLY E 106 -1.94 -30.42 -10.27
C GLY E 106 -1.95 -29.55 -11.52
N ASP E 107 -1.13 -29.95 -12.48
CA ASP E 107 -0.92 -29.16 -13.70
C ASP E 107 -1.40 -29.83 -14.97
N THR E 108 -1.91 -31.05 -14.91
CA THR E 108 -2.40 -31.75 -16.09
C THR E 108 -3.71 -32.43 -15.75
N VAL E 109 -4.57 -32.59 -16.75
CA VAL E 109 -5.82 -33.33 -16.61
C VAL E 109 -5.89 -34.35 -17.72
N THR E 110 -5.98 -35.64 -17.37
CA THR E 110 -6.01 -36.71 -18.36
C THR E 110 -7.09 -37.73 -18.03
N VAL E 111 -7.83 -38.15 -19.05
CA VAL E 111 -8.84 -39.19 -18.90
C VAL E 111 -8.57 -40.27 -19.94
N GLY E 112 -9.13 -41.44 -19.71
CA GLY E 112 -8.91 -42.56 -20.61
C GLY E 112 -9.87 -43.69 -20.33
N PHE E 113 -9.98 -44.59 -21.31
CA PHE E 113 -10.90 -45.70 -21.23
C PHE E 113 -10.36 -46.87 -22.04
N HIS E 114 -10.54 -48.08 -21.53
CA HIS E 114 -10.07 -49.29 -22.20
C HIS E 114 -11.17 -49.81 -23.11
N ASP E 115 -10.87 -49.90 -24.41
CA ASP E 115 -11.84 -50.45 -25.36
C ASP E 115 -11.77 -51.98 -25.38
N GLY E 116 -10.65 -52.53 -25.83
CA GLY E 116 -10.36 -53.93 -25.71
C GLY E 116 -9.10 -54.11 -24.89
N PRO E 117 -8.01 -54.46 -25.56
CA PRO E 117 -6.67 -54.26 -24.98
C PRO E 117 -6.06 -52.89 -25.29
N ASN E 118 -6.85 -51.94 -25.79
CA ASN E 118 -6.36 -50.62 -26.13
C ASN E 118 -6.38 -49.69 -24.91
N ARG E 119 -5.76 -48.52 -25.07
CA ARG E 119 -5.53 -47.62 -23.96
C ARG E 119 -6.33 -46.33 -24.04
N HIS E 120 -6.19 -45.57 -25.13
CA HIS E 120 -7.00 -44.38 -25.46
C HIS E 120 -6.91 -43.30 -24.38
N THR E 121 -5.71 -42.74 -24.24
CA THR E 121 -5.44 -41.70 -23.26
C THR E 121 -5.32 -40.34 -23.95
N CYS E 122 -5.67 -39.28 -23.25
CA CYS E 122 -5.55 -37.92 -23.75
C CYS E 122 -5.25 -36.98 -22.60
N THR E 123 -4.12 -36.28 -22.66
CA THR E 123 -3.60 -35.50 -21.53
C THR E 123 -3.49 -34.04 -21.93
N VAL E 124 -4.35 -33.19 -21.35
CA VAL E 124 -4.31 -31.77 -21.60
C VAL E 124 -3.54 -31.10 -20.46
N ALA E 125 -3.09 -29.87 -20.70
CA ALA E 125 -2.28 -29.11 -19.74
C ALA E 125 -3.12 -27.96 -19.20
N HIS E 126 -3.78 -28.20 -18.08
CA HIS E 126 -4.62 -27.21 -17.41
C HIS E 126 -4.27 -27.22 -15.93
N LYS E 127 -4.07 -26.03 -15.36
CA LYS E 127 -3.70 -25.92 -13.96
C LYS E 127 -4.96 -25.88 -13.11
N VAL E 128 -5.13 -26.89 -12.25
CA VAL E 128 -6.28 -26.98 -11.37
C VAL E 128 -5.79 -26.91 -9.93
N GLU E 129 -6.43 -26.06 -9.14
CA GLU E 129 -6.04 -25.79 -7.76
C GLU E 129 -7.12 -26.26 -6.81
N PHE E 130 -6.80 -26.19 -5.52
CA PHE E 130 -7.74 -26.43 -4.45
C PHE E 130 -8.14 -25.09 -3.86
N ARG E 131 -9.45 -24.88 -3.70
CA ARG E 131 -9.97 -23.61 -3.18
C ARG E 131 -10.71 -23.86 -1.89
N PRO E 132 -10.13 -23.58 -0.74
CA PRO E 132 -10.87 -23.73 0.52
C PRO E 132 -11.88 -22.62 0.69
N VAL E 133 -12.85 -22.87 1.55
CA VAL E 133 -13.86 -21.88 1.93
C VAL E 133 -13.56 -21.40 3.35
N GLY E 134 -13.52 -20.10 3.54
CA GLY E 134 -13.35 -19.52 4.85
C GLY E 134 -12.01 -18.84 5.03
N ARG E 135 -11.59 -18.75 6.29
CA ARG E 135 -10.39 -18.03 6.68
C ARG E 135 -9.28 -18.96 7.15
N GLU E 136 -9.37 -20.24 6.83
CA GLU E 136 -8.29 -21.20 7.06
C GLU E 136 -8.00 -21.90 5.74
N LYS E 137 -6.71 -22.11 5.47
CA LYS E 137 -6.27 -22.70 4.20
C LYS E 137 -5.99 -24.18 4.41
N TYR E 138 -7.04 -24.98 4.38
CA TYR E 138 -6.85 -26.41 4.48
C TYR E 138 -6.55 -27.00 3.10
N ARG E 139 -6.06 -28.25 3.09
CA ARG E 139 -5.67 -28.90 1.86
C ARG E 139 -6.50 -30.14 1.54
N HIS E 140 -7.47 -30.50 2.40
CA HIS E 140 -8.43 -31.55 2.14
C HIS E 140 -9.62 -31.29 3.04
N PRO E 141 -10.86 -31.51 2.60
CA PRO E 141 -12.02 -31.13 3.40
C PRO E 141 -12.15 -31.98 4.65
N PRO E 142 -12.36 -31.35 5.81
CA PRO E 142 -12.27 -32.07 7.08
C PRO E 142 -13.50 -32.92 7.35
N GLU E 143 -13.36 -33.76 8.38
CA GLU E 143 -14.49 -34.59 8.84
C GLU E 143 -15.51 -33.74 9.57
N HIS E 144 -15.06 -32.81 10.41
CA HIS E 144 -15.94 -31.99 11.23
C HIS E 144 -15.47 -30.55 11.18
N GLY E 145 -16.39 -29.63 11.47
CA GLY E 145 -16.03 -28.24 11.50
C GLY E 145 -17.22 -27.29 11.44
N VAL E 146 -17.13 -26.30 10.56
CA VAL E 146 -18.15 -25.26 10.42
C VAL E 146 -18.74 -25.37 9.03
N GLU E 147 -20.06 -25.46 8.94
CA GLU E 147 -20.75 -25.45 7.67
C GLU E 147 -20.79 -24.03 7.12
N LEU E 148 -20.28 -23.84 5.91
CA LEU E 148 -20.18 -22.55 5.28
C LEU E 148 -20.67 -22.65 3.85
N PRO E 149 -21.26 -21.57 3.30
CA PRO E 149 -21.75 -21.63 1.92
C PRO E 149 -20.60 -21.59 0.92
N CYS E 150 -20.70 -22.46 -0.10
CA CYS E 150 -19.70 -22.55 -1.15
C CYS E 150 -20.44 -22.60 -2.48
N ASN E 151 -19.69 -22.87 -3.56
CA ASN E 151 -20.29 -23.01 -4.87
C ASN E 151 -19.63 -24.17 -5.61
N ARG E 152 -20.41 -25.22 -5.89
CA ARG E 152 -19.89 -26.43 -6.49
C ARG E 152 -20.83 -26.91 -7.58
N TYR E 153 -20.28 -27.72 -8.48
CA TYR E 153 -21.06 -28.28 -9.57
C TYR E 153 -22.03 -29.34 -9.05
N THR E 154 -23.21 -29.40 -9.67
CA THR E 154 -24.30 -30.21 -9.17
C THR E 154 -24.08 -31.69 -9.44
N HIS E 155 -24.53 -32.52 -8.50
CA HIS E 155 -24.52 -33.96 -8.69
C HIS E 155 -25.51 -34.40 -9.78
N LYS E 156 -26.65 -33.73 -9.86
CA LYS E 156 -27.77 -34.20 -10.68
C LYS E 156 -27.64 -33.74 -12.13
N ARG E 157 -28.18 -34.57 -13.02
CA ARG E 157 -28.24 -34.29 -14.46
C ARG E 157 -29.62 -33.78 -14.81
N ALA E 158 -29.72 -32.49 -15.13
CA ALA E 158 -31.00 -31.87 -15.46
C ALA E 158 -30.72 -30.64 -16.33
N ASP E 159 -31.80 -30.01 -16.79
CA ASP E 159 -31.67 -28.88 -17.70
C ASP E 159 -31.13 -27.66 -16.97
N GLN E 160 -31.87 -27.16 -15.99
CA GLN E 160 -31.48 -26.12 -15.04
C GLN E 160 -31.09 -24.80 -15.69
N GLY E 161 -31.55 -24.53 -16.91
CA GLY E 161 -31.39 -23.21 -17.50
C GLY E 161 -30.05 -22.91 -18.12
N HIS E 162 -29.20 -23.91 -18.36
CA HIS E 162 -27.93 -23.73 -19.04
C HIS E 162 -27.87 -24.63 -20.26
N TYR E 163 -27.48 -24.08 -21.40
CA TYR E 163 -27.58 -24.77 -22.68
C TYR E 163 -26.26 -24.70 -23.43
N VAL E 164 -26.04 -25.70 -24.28
CA VAL E 164 -24.94 -25.71 -25.23
C VAL E 164 -25.54 -25.98 -26.60
N GLU E 165 -24.83 -25.57 -27.65
CA GLU E 165 -25.38 -25.52 -29.00
C GLU E 165 -24.69 -26.54 -29.89
N MET E 166 -25.49 -27.40 -30.53
CA MET E 166 -24.98 -28.41 -31.44
C MET E 166 -25.20 -27.99 -32.89
N HIS E 167 -24.49 -28.66 -33.79
CA HIS E 167 -24.39 -28.21 -35.18
C HIS E 167 -24.44 -29.41 -36.11
N GLN E 168 -24.77 -29.13 -37.36
CA GLN E 168 -24.68 -30.13 -38.41
C GLN E 168 -23.21 -30.29 -38.82
N PRO E 169 -22.67 -31.51 -38.82
CA PRO E 169 -21.24 -31.69 -39.10
C PRO E 169 -20.89 -31.40 -40.55
N GLY E 170 -19.64 -30.99 -40.75
CA GLY E 170 -19.13 -30.69 -42.07
C GLY E 170 -18.67 -31.94 -42.79
N LEU E 171 -17.92 -31.74 -43.86
CA LEU E 171 -17.36 -32.86 -44.60
C LEU E 171 -16.23 -33.48 -43.80
N VAL E 172 -16.27 -34.80 -43.65
CA VAL E 172 -15.21 -35.56 -42.99
C VAL E 172 -14.44 -36.33 -44.05
N ALA E 173 -13.13 -36.19 -44.05
CA ALA E 173 -12.28 -36.76 -45.09
C ALA E 173 -11.87 -38.16 -44.69
N ASP E 174 -12.18 -39.13 -45.55
CA ASP E 174 -11.77 -40.51 -45.35
C ASP E 174 -11.04 -40.99 -46.59
N HIS E 175 -9.87 -41.60 -46.41
CA HIS E 175 -9.07 -42.09 -47.52
C HIS E 175 -9.14 -43.61 -47.69
N SER E 176 -9.77 -44.31 -46.76
CA SER E 176 -9.87 -45.76 -46.84
C SER E 176 -11.00 -46.23 -47.75
N LEU E 177 -11.82 -45.31 -48.28
CA LEU E 177 -12.90 -45.64 -49.19
C LEU E 177 -12.51 -45.44 -50.65
N LEU E 178 -11.26 -45.14 -50.94
CA LEU E 178 -10.77 -44.97 -52.30
C LEU E 178 -9.84 -46.14 -52.62
N SER E 179 -10.26 -47.00 -53.55
CA SER E 179 -9.48 -48.16 -53.95
C SER E 179 -9.49 -48.27 -55.47
N ILE E 180 -8.48 -48.96 -55.99
CA ILE E 180 -8.35 -49.18 -57.42
C ILE E 180 -9.12 -50.45 -57.81
N HIS E 181 -9.92 -50.36 -58.87
CA HIS E 181 -10.77 -51.49 -59.25
C HIS E 181 -9.98 -52.53 -60.05
N SER E 182 -9.52 -52.16 -61.24
CA SER E 182 -8.58 -52.97 -62.00
C SER E 182 -7.31 -52.18 -62.31
N ALA E 183 -7.46 -51.01 -62.92
CA ALA E 183 -6.39 -50.04 -63.03
C ALA E 183 -6.91 -48.62 -62.84
N LYS E 184 -8.20 -48.46 -62.51
CA LYS E 184 -8.84 -47.17 -62.31
C LYS E 184 -9.49 -47.15 -60.94
N VAL E 185 -9.44 -45.99 -60.28
CA VAL E 185 -9.87 -45.88 -58.89
C VAL E 185 -11.38 -45.93 -58.79
N LYS E 186 -11.87 -46.57 -57.72
CA LYS E 186 -13.29 -46.80 -57.50
C LYS E 186 -13.68 -46.27 -56.13
N ILE E 187 -14.88 -45.72 -56.02
CA ILE E 187 -15.39 -45.13 -54.79
C ILE E 187 -16.37 -46.09 -54.15
N THR E 188 -16.17 -46.37 -52.86
CA THR E 188 -17.07 -47.24 -52.10
C THR E 188 -17.97 -46.36 -51.24
N VAL E 189 -19.26 -46.35 -51.56
CA VAL E 189 -20.22 -45.48 -50.90
C VAL E 189 -21.17 -46.32 -50.05
N PRO E 190 -20.98 -46.40 -48.73
CA PRO E 190 -21.85 -47.24 -47.91
C PRO E 190 -23.08 -46.53 -47.36
N SER E 191 -24.27 -47.05 -47.71
CA SER E 191 -25.55 -46.79 -47.04
C SER E 191 -25.94 -45.31 -47.05
N GLY E 192 -26.09 -44.76 -48.24
CA GLY E 192 -26.50 -43.38 -48.41
C GLY E 192 -25.47 -42.36 -47.92
N ALA E 193 -24.20 -42.58 -48.24
CA ALA E 193 -23.13 -41.78 -47.63
C ALA E 193 -22.93 -40.43 -48.32
N GLN E 194 -23.31 -40.32 -49.59
CA GLN E 194 -23.15 -39.11 -50.42
C GLN E 194 -21.69 -38.64 -50.45
N VAL E 195 -20.83 -39.49 -50.97
CA VAL E 195 -19.38 -39.27 -50.92
C VAL E 195 -19.00 -38.22 -51.96
N LYS E 196 -18.33 -37.16 -51.51
CA LYS E 196 -17.77 -36.16 -52.40
C LYS E 196 -16.41 -36.61 -52.91
N TYR E 197 -15.96 -35.97 -54.00
CA TYR E 197 -14.65 -36.28 -54.55
C TYR E 197 -14.10 -35.05 -55.25
N TYR E 198 -12.78 -35.06 -55.44
CA TYR E 198 -12.10 -33.97 -56.15
C TYR E 198 -10.83 -34.55 -56.77
N CYS E 199 -10.85 -34.70 -58.09
CA CYS E 199 -9.74 -35.27 -58.85
C CYS E 199 -9.04 -34.18 -59.64
N LYS E 200 -7.70 -34.20 -59.64
CA LYS E 200 -6.92 -33.32 -60.49
C LYS E 200 -5.92 -34.17 -61.28
N CYS E 201 -6.42 -35.23 -61.91
CA CYS E 201 -5.51 -36.14 -62.59
C CYS E 201 -5.07 -35.61 -63.97
N PRO E 202 -5.93 -35.31 -65.00
CA PRO E 202 -5.49 -34.27 -65.94
C PRO E 202 -6.09 -32.88 -65.69
N ASP E 203 -7.19 -32.81 -64.95
CA ASP E 203 -7.96 -31.57 -64.75
C ASP E 203 -8.95 -31.82 -63.63
N VAL E 204 -9.74 -30.80 -63.33
CA VAL E 204 -10.75 -30.92 -62.28
C VAL E 204 -11.85 -31.88 -62.72
N ARG E 205 -12.28 -32.72 -61.78
CA ARG E 205 -13.34 -33.69 -62.02
C ARG E 205 -14.22 -33.80 -60.78
N LYS E 206 -14.52 -32.65 -60.17
CA LYS E 206 -15.33 -32.59 -58.95
C LYS E 206 -16.80 -32.94 -59.13
N GLY E 207 -17.40 -33.54 -58.10
CA GLY E 207 -18.81 -33.89 -58.15
C GLY E 207 -19.20 -34.63 -56.89
N ILE E 208 -20.51 -34.85 -56.76
CA ILE E 208 -21.09 -35.58 -55.64
C ILE E 208 -21.80 -36.80 -56.19
N THR E 209 -21.50 -37.96 -55.61
CA THR E 209 -22.10 -39.21 -56.03
C THR E 209 -22.80 -39.87 -54.85
N SER E 210 -23.63 -40.86 -55.14
CA SER E 210 -24.37 -41.58 -54.13
C SER E 210 -24.12 -43.09 -54.12
N SER E 211 -23.60 -43.66 -55.20
CA SER E 211 -23.24 -45.07 -55.25
C SER E 211 -22.26 -45.28 -56.40
N ASP E 212 -21.36 -46.27 -56.21
CA ASP E 212 -20.41 -46.77 -57.19
C ASP E 212 -19.49 -45.66 -57.71
N HIS E 213 -19.74 -45.21 -58.95
CA HIS E 213 -19.02 -44.13 -59.65
C HIS E 213 -17.52 -44.47 -59.73
N THR E 214 -17.23 -45.50 -60.53
CA THR E 214 -15.85 -45.86 -60.84
C THR E 214 -15.17 -44.74 -61.59
N THR E 215 -14.20 -44.09 -60.93
CA THR E 215 -13.50 -42.94 -61.49
C THR E 215 -12.53 -43.41 -62.57
N THR E 216 -12.47 -42.67 -63.68
CA THR E 216 -11.67 -43.05 -64.84
C THR E 216 -10.23 -42.54 -64.78
N CYS E 217 -9.67 -42.37 -63.58
CA CYS E 217 -8.30 -41.90 -63.43
C CYS E 217 -7.44 -42.97 -62.75
N THR E 218 -6.14 -42.73 -62.74
CA THR E 218 -5.17 -43.80 -62.48
C THR E 218 -4.84 -43.97 -60.99
N ASP E 219 -4.30 -42.94 -60.37
CA ASP E 219 -3.70 -43.07 -59.05
C ASP E 219 -4.65 -42.65 -57.94
N VAL E 220 -4.48 -43.27 -56.77
CA VAL E 220 -5.28 -42.94 -55.59
C VAL E 220 -4.71 -41.75 -54.84
N LYS E 221 -3.50 -41.33 -55.20
CA LYS E 221 -2.86 -40.20 -54.53
C LYS E 221 -3.17 -38.84 -55.17
N GLN E 222 -3.93 -38.84 -56.25
CA GLN E 222 -4.27 -37.61 -56.95
C GLN E 222 -5.76 -37.34 -56.92
N CYS E 223 -6.46 -37.83 -55.90
CA CYS E 223 -7.89 -37.60 -55.79
C CYS E 223 -8.29 -37.69 -54.32
N ARG E 224 -8.96 -36.66 -53.82
CA ARG E 224 -9.42 -36.64 -52.44
C ARG E 224 -10.86 -37.14 -52.35
N ALA E 225 -11.23 -37.55 -51.14
CA ALA E 225 -12.56 -38.09 -50.90
C ALA E 225 -13.10 -37.53 -49.59
N TYR E 226 -14.44 -37.44 -49.51
CA TYR E 226 -15.08 -36.94 -48.30
C TYR E 226 -16.27 -37.83 -47.95
N LEU E 227 -17.11 -37.38 -47.02
CA LEU E 227 -18.22 -38.19 -46.54
C LEU E 227 -19.24 -37.27 -45.90
N ILE E 228 -20.48 -37.33 -46.37
CA ILE E 228 -21.53 -36.44 -45.87
C ILE E 228 -22.55 -37.25 -45.08
N ASP E 229 -22.35 -37.32 -43.77
CA ASP E 229 -23.32 -37.93 -42.86
C ASP E 229 -24.08 -36.82 -42.16
N ASN E 230 -25.41 -36.86 -42.26
CA ASN E 230 -26.25 -35.84 -41.67
C ASN E 230 -27.33 -36.42 -40.77
N LYS E 231 -27.27 -37.72 -40.46
CA LYS E 231 -28.27 -38.32 -39.57
C LYS E 231 -28.09 -37.85 -38.13
N LYS E 232 -26.84 -37.67 -37.70
CA LYS E 232 -26.54 -37.23 -36.35
C LYS E 232 -25.81 -35.88 -36.40
N TRP E 233 -25.68 -35.26 -35.23
CA TRP E 233 -25.20 -33.90 -35.11
C TRP E 233 -24.13 -33.82 -34.03
N VAL E 234 -23.25 -32.83 -34.14
CA VAL E 234 -22.11 -32.72 -33.23
C VAL E 234 -22.06 -31.31 -32.65
N TYR E 235 -21.43 -31.20 -31.48
CA TYR E 235 -21.15 -29.92 -30.88
C TYR E 235 -20.07 -29.20 -31.67
N ASN E 236 -20.23 -27.88 -31.85
CA ASN E 236 -19.30 -27.13 -32.70
C ASN E 236 -18.01 -26.90 -31.93
N SER E 237 -17.09 -27.85 -32.06
CA SER E 237 -15.78 -27.71 -31.45
C SER E 237 -14.95 -26.68 -32.22
N GLY E 238 -13.93 -26.17 -31.55
CA GLY E 238 -12.94 -25.36 -32.22
C GLY E 238 -11.90 -26.14 -32.99
N ARG E 239 -11.97 -27.48 -32.94
CA ARG E 239 -11.03 -28.35 -33.60
C ARG E 239 -11.69 -29.21 -34.67
N LEU E 240 -12.81 -28.73 -35.22
CA LEU E 240 -13.53 -29.40 -36.29
C LEU E 240 -13.81 -28.40 -37.40
N PRO E 241 -13.79 -28.83 -38.66
CA PRO E 241 -14.06 -27.89 -39.76
C PRO E 241 -15.55 -27.57 -39.87
N ARG E 242 -15.82 -26.29 -40.16
CA ARG E 242 -17.18 -25.80 -40.24
C ARG E 242 -17.88 -26.35 -41.48
N GLY E 243 -19.19 -26.59 -41.35
CA GLY E 243 -20.00 -27.12 -42.42
C GLY E 243 -20.23 -26.20 -43.61
N GLU E 244 -21.23 -26.55 -44.42
CA GLU E 244 -21.39 -25.93 -45.74
C GLU E 244 -22.08 -24.58 -45.65
N GLY E 245 -23.31 -24.55 -45.17
CA GLY E 245 -24.07 -23.32 -45.13
C GLY E 245 -24.65 -23.01 -43.77
N ASP E 246 -25.96 -22.86 -43.69
CA ASP E 246 -26.64 -22.54 -42.44
C ASP E 246 -26.72 -23.80 -41.60
N THR E 247 -25.87 -23.88 -40.57
CA THR E 247 -25.94 -24.94 -39.59
C THR E 247 -26.76 -24.45 -38.41
N PHE E 248 -27.78 -25.22 -38.03
CA PHE E 248 -28.80 -24.75 -37.12
C PHE E 248 -28.28 -24.68 -35.68
N LYS E 249 -29.03 -23.99 -34.84
CA LYS E 249 -28.64 -23.61 -33.50
C LYS E 249 -29.21 -24.53 -32.42
N GLY E 250 -29.51 -25.78 -32.76
CA GLY E 250 -30.24 -26.66 -31.86
C GLY E 250 -29.45 -26.99 -30.61
N LYS E 251 -30.16 -27.06 -29.49
CA LYS E 251 -29.56 -26.92 -28.18
C LYS E 251 -29.58 -28.22 -27.40
N LEU E 252 -28.53 -28.44 -26.61
CA LEU E 252 -28.47 -29.50 -25.62
C LEU E 252 -28.26 -28.88 -24.26
N HIS E 253 -28.85 -29.49 -23.24
CA HIS E 253 -28.67 -29.00 -21.88
C HIS E 253 -27.31 -29.39 -21.33
N VAL E 254 -26.80 -28.58 -20.41
CA VAL E 254 -25.56 -28.87 -19.70
C VAL E 254 -25.95 -29.57 -18.39
N PRO E 255 -25.46 -30.78 -18.14
CA PRO E 255 -25.97 -31.58 -17.01
C PRO E 255 -25.62 -31.05 -15.63
N PHE E 256 -24.35 -30.79 -15.37
CA PHE E 256 -23.89 -30.43 -14.02
C PHE E 256 -23.60 -28.94 -14.00
N VAL E 257 -24.63 -28.16 -13.69
CA VAL E 257 -24.56 -26.72 -13.58
C VAL E 257 -24.02 -26.37 -12.20
N PRO E 258 -23.49 -25.16 -11.98
CA PRO E 258 -23.16 -24.75 -10.61
C PRO E 258 -24.39 -24.63 -9.73
N VAL E 259 -24.20 -24.94 -8.45
CA VAL E 259 -25.25 -24.82 -7.45
C VAL E 259 -24.60 -24.39 -6.14
N LYS E 260 -25.29 -23.55 -5.37
CA LYS E 260 -24.76 -23.04 -4.11
C LYS E 260 -25.11 -24.01 -3.00
N ALA E 261 -24.09 -24.63 -2.42
CA ALA E 261 -24.28 -25.67 -1.42
C ALA E 261 -23.51 -25.30 -0.15
N LYS E 262 -23.46 -26.24 0.78
CA LYS E 262 -22.80 -26.05 2.07
C LYS E 262 -21.56 -26.91 2.13
N CYS E 263 -20.42 -26.29 2.42
CA CYS E 263 -19.15 -26.97 2.60
C CYS E 263 -18.73 -26.89 4.06
N ILE E 264 -17.94 -27.88 4.48
CA ILE E 264 -17.43 -27.95 5.85
C ILE E 264 -16.02 -27.39 5.86
N ALA E 265 -15.79 -26.37 6.67
CA ALA E 265 -14.48 -25.75 6.82
C ALA E 265 -13.90 -26.09 8.18
N THR E 266 -12.58 -25.98 8.29
CA THR E 266 -11.89 -26.37 9.51
C THR E 266 -12.15 -25.37 10.63
N LEU E 267 -11.82 -25.78 11.84
CA LEU E 267 -11.89 -24.93 13.02
C LEU E 267 -10.52 -24.91 13.69
N ALA E 268 -10.01 -23.72 13.96
CA ALA E 268 -8.71 -23.58 14.58
C ALA E 268 -8.76 -23.99 16.04
N PRO E 269 -7.63 -24.38 16.62
CA PRO E 269 -7.57 -24.55 18.08
C PRO E 269 -7.75 -23.22 18.78
N GLU E 270 -8.31 -23.29 19.98
CA GLU E 270 -8.61 -22.07 20.73
C GLU E 270 -7.34 -21.42 21.23
N PRO E 271 -7.23 -20.10 21.13
CA PRO E 271 -6.02 -19.42 21.58
C PRO E 271 -5.97 -19.32 23.11
N LEU E 272 -4.78 -19.05 23.61
CA LEU E 272 -4.55 -18.86 25.03
C LEU E 272 -4.53 -17.36 25.32
N VAL E 273 -5.48 -16.91 26.13
CA VAL E 273 -5.59 -15.50 26.48
C VAL E 273 -4.87 -15.25 27.80
N GLU E 274 -3.98 -14.25 27.80
CA GLU E 274 -3.31 -13.80 29.00
C GLU E 274 -3.50 -12.29 29.10
N HIS E 275 -4.03 -11.85 30.24
CA HIS E 275 -4.38 -10.45 30.40
C HIS E 275 -3.23 -9.67 31.04
N LYS E 276 -3.27 -8.36 30.85
CA LYS E 276 -2.30 -7.44 31.44
C LYS E 276 -2.98 -6.09 31.59
N HIS E 277 -2.23 -5.10 32.05
CA HIS E 277 -2.76 -3.75 32.13
C HIS E 277 -2.81 -3.16 30.73
N ARG E 278 -4.04 -3.05 30.19
CA ARG E 278 -4.32 -2.50 28.86
C ARG E 278 -3.57 -3.24 27.76
N THR E 279 -3.49 -4.56 27.89
CA THR E 279 -2.79 -5.40 26.91
C THR E 279 -3.44 -6.77 26.91
N LEU E 280 -3.68 -7.30 25.70
CA LEU E 280 -4.17 -8.66 25.52
C LEU E 280 -3.10 -9.48 24.83
N ILE E 281 -2.71 -10.60 25.44
CA ILE E 281 -1.64 -11.46 24.93
C ILE E 281 -2.28 -12.76 24.47
N LEU E 282 -2.04 -13.11 23.20
CA LEU E 282 -2.64 -14.29 22.57
C LEU E 282 -1.54 -15.24 22.14
N HIS E 283 -1.56 -16.46 22.65
CA HIS E 283 -0.68 -17.52 22.18
C HIS E 283 -1.47 -18.41 21.24
N LEU E 284 -1.06 -18.49 19.99
CA LEU E 284 -1.83 -19.16 18.96
C LEU E 284 -0.99 -20.26 18.36
N HIS E 285 -1.57 -21.46 18.26
CA HIS E 285 -0.86 -22.64 17.75
C HIS E 285 -1.70 -23.25 16.64
N PRO E 286 -1.61 -22.70 15.43
CA PRO E 286 -2.41 -23.21 14.32
C PRO E 286 -1.81 -24.46 13.70
N ASP E 287 -2.67 -25.20 12.99
CA ASP E 287 -2.24 -26.34 12.20
C ASP E 287 -2.32 -26.10 10.70
N HIS E 288 -3.02 -25.06 10.26
CA HIS E 288 -3.11 -24.60 8.90
C HIS E 288 -2.83 -23.10 8.92
N PRO E 289 -2.43 -22.51 7.77
CA PRO E 289 -2.30 -21.05 7.73
C PRO E 289 -3.63 -20.34 7.96
N THR E 290 -3.72 -19.65 9.08
CA THR E 290 -4.97 -19.15 9.64
C THR E 290 -4.90 -17.65 9.81
N LEU E 291 -6.00 -16.97 9.53
CA LEU E 291 -6.04 -15.51 9.46
C LEU E 291 -6.57 -14.94 10.77
N LEU E 292 -5.89 -13.90 11.27
CA LEU E 292 -6.31 -13.16 12.45
C LEU E 292 -6.42 -11.68 12.12
N THR E 293 -7.63 -11.13 12.25
CA THR E 293 -7.89 -9.72 11.98
C THR E 293 -8.55 -9.10 13.20
N THR E 294 -8.02 -7.97 13.66
CA THR E 294 -8.55 -7.25 14.81
C THR E 294 -8.91 -5.83 14.43
N ARG E 295 -9.74 -5.21 15.28
CA ARG E 295 -10.12 -3.82 15.16
C ARG E 295 -10.57 -3.33 16.52
N SER E 296 -10.58 -2.00 16.70
CA SER E 296 -11.06 -1.39 17.92
C SER E 296 -12.37 -0.68 17.67
N LEU E 297 -13.18 -0.58 18.72
CA LEU E 297 -14.54 -0.06 18.61
C LEU E 297 -14.64 1.42 18.94
N GLY E 298 -13.57 2.17 18.66
CA GLY E 298 -13.54 3.60 18.91
C GLY E 298 -13.83 4.41 17.65
N SER E 299 -13.33 5.65 17.66
CA SER E 299 -13.52 6.52 16.50
C SER E 299 -12.67 6.06 15.33
N ASP E 300 -11.46 5.58 15.59
CA ASP E 300 -10.62 4.96 14.58
C ASP E 300 -10.42 3.50 14.93
N ALA E 301 -10.67 2.64 13.95
CA ALA E 301 -10.65 1.20 14.23
C ALA E 301 -9.24 0.68 14.39
N ASN E 302 -8.29 1.21 13.60
CA ASN E 302 -6.90 0.78 13.48
C ASN E 302 -6.82 -0.72 13.20
N PRO E 303 -7.19 -1.17 12.00
CA PRO E 303 -7.28 -2.61 11.76
C PRO E 303 -5.93 -3.24 11.48
N THR E 304 -5.79 -4.49 11.92
CA THR E 304 -4.66 -5.33 11.58
C THR E 304 -5.16 -6.57 10.85
N ARG E 305 -4.27 -7.19 10.09
CA ARG E 305 -4.62 -8.38 9.31
C ARG E 305 -3.34 -9.13 9.02
N GLN E 306 -3.30 -10.42 9.39
CA GLN E 306 -2.12 -11.22 9.14
C GLN E 306 -2.50 -12.70 9.07
N TRP E 307 -1.67 -13.46 8.35
CA TRP E 307 -1.83 -14.90 8.24
C TRP E 307 -0.81 -15.58 9.14
N ILE E 308 -1.30 -16.48 10.00
CA ILE E 308 -0.47 -17.15 11.00
C ILE E 308 -0.20 -18.57 10.51
N GLU E 309 1.06 -18.87 10.23
CA GLU E 309 1.47 -20.21 9.79
C GLU E 309 2.17 -21.01 10.89
N ARG E 310 2.97 -20.36 11.71
CA ARG E 310 3.74 -20.96 12.78
C ARG E 310 3.14 -20.58 14.13
N PRO E 311 3.42 -21.34 15.19
CA PRO E 311 3.01 -20.93 16.54
C PRO E 311 3.69 -19.64 16.97
N THR E 312 2.89 -18.59 17.19
CA THR E 312 3.42 -17.28 17.54
C THR E 312 2.71 -16.69 18.75
N THR E 313 3.00 -15.41 19.03
CA THR E 313 2.44 -14.71 20.19
C THR E 313 2.33 -13.24 19.82
N VAL E 314 1.15 -12.65 20.01
CA VAL E 314 0.92 -11.25 19.70
C VAL E 314 0.37 -10.52 20.90
N ASN E 315 0.67 -9.22 20.97
CA ASN E 315 0.18 -8.35 22.04
C ASN E 315 -0.65 -7.24 21.42
N PHE E 316 -1.86 -7.04 21.92
CA PHE E 316 -2.78 -6.02 21.42
C PHE E 316 -3.08 -5.03 22.53
N THR E 317 -2.91 -3.75 22.24
CA THR E 317 -3.21 -2.77 23.26
C THR E 317 -4.70 -2.69 23.26
N VAL E 318 -5.30 -2.99 24.40
CA VAL E 318 -6.74 -2.94 24.52
C VAL E 318 -7.02 -1.70 25.34
N THR E 319 -7.75 -0.78 24.75
CA THR E 319 -8.05 0.45 25.45
C THR E 319 -9.41 0.33 26.15
N GLY E 320 -9.91 1.44 26.68
CA GLY E 320 -11.13 1.41 27.48
C GLY E 320 -12.41 1.28 26.70
N GLU E 321 -12.38 1.59 25.40
CA GLU E 321 -13.60 1.53 24.60
C GLU E 321 -13.83 0.18 23.94
N GLY E 322 -12.78 -0.62 23.77
CA GLY E 322 -12.97 -1.97 23.26
C GLY E 322 -11.97 -2.43 22.23
N LEU E 323 -12.01 -3.73 21.93
CA LEU E 323 -11.23 -4.33 20.86
C LEU E 323 -11.92 -5.63 20.47
N GLU E 324 -12.11 -5.84 19.18
CA GLU E 324 -12.76 -7.04 18.68
C GLU E 324 -11.79 -7.80 17.79
N TYR E 325 -11.60 -9.08 18.07
CA TYR E 325 -10.69 -9.91 17.31
C TYR E 325 -11.41 -11.18 16.88
N THR E 326 -11.11 -11.66 15.68
CA THR E 326 -11.64 -12.92 15.19
C THR E 326 -10.49 -13.77 14.68
N TRP E 327 -10.54 -15.07 14.99
CA TRP E 327 -9.42 -15.98 14.77
C TRP E 327 -9.91 -17.17 13.96
N GLY E 328 -9.60 -17.17 12.67
CA GLY E 328 -10.03 -18.27 11.82
C GLY E 328 -11.53 -18.22 11.58
N ASN E 329 -12.16 -19.38 11.67
CA ASN E 329 -13.59 -19.51 11.43
C ASN E 329 -14.41 -19.40 12.70
N HIS E 330 -13.84 -18.85 13.75
CA HIS E 330 -14.52 -18.62 15.01
C HIS E 330 -15.35 -17.34 14.95
N PRO E 331 -16.41 -17.24 15.77
CA PRO E 331 -17.12 -15.97 15.86
C PRO E 331 -16.26 -14.92 16.53
N PRO E 332 -16.50 -13.63 16.23
CA PRO E 332 -15.68 -12.58 16.82
C PRO E 332 -15.91 -12.41 18.32
N LYS E 333 -14.85 -12.00 19.01
CA LYS E 333 -14.89 -11.83 20.45
C LYS E 333 -14.43 -10.41 20.79
N ARG E 334 -15.19 -9.74 21.66
CA ARG E 334 -14.88 -8.38 22.08
C ARG E 334 -14.43 -8.39 23.54
N VAL E 335 -13.39 -7.63 23.84
CA VAL E 335 -12.83 -7.52 25.19
C VAL E 335 -12.63 -6.05 25.53
N TRP E 336 -12.93 -5.69 26.78
CA TRP E 336 -12.84 -4.32 27.26
C TRP E 336 -11.87 -4.25 28.43
N ALA E 337 -11.06 -3.20 28.46
CA ALA E 337 -10.05 -3.04 29.49
C ALA E 337 -10.58 -2.14 30.60
N GLN E 338 -10.44 -2.59 31.84
CA GLN E 338 -10.88 -1.82 33.00
C GLN E 338 -9.82 -0.79 33.36
N GLU E 339 -9.98 -0.16 34.53
CA GLU E 339 -9.10 0.91 34.95
C GLU E 339 -8.40 0.54 36.26
N SER E 340 -7.80 -0.65 36.29
CA SER E 340 -7.16 -1.15 37.51
C SER E 340 -5.93 -0.31 37.86
N GLY E 341 -4.96 -0.25 36.97
CA GLY E 341 -3.76 0.54 37.23
C GLY E 341 -2.83 -0.13 38.22
N GLU E 342 -1.80 0.62 38.61
CA GLU E 342 -0.75 0.09 39.48
C GLU E 342 -0.71 0.79 40.83
N GLY E 343 -0.56 2.11 40.86
CA GLY E 343 -0.33 2.83 42.09
C GLY E 343 -1.61 3.08 42.87
N ASN E 344 -1.50 3.98 43.85
CA ASN E 344 -2.64 4.37 44.66
C ASN E 344 -2.70 5.89 44.73
N PRO E 345 -3.91 6.47 44.78
CA PRO E 345 -4.02 7.93 44.90
C PRO E 345 -4.04 8.45 46.33
N HIS E 346 -4.23 7.59 47.32
CA HIS E 346 -4.20 7.98 48.72
C HIS E 346 -2.85 7.59 49.31
N GLY E 347 -2.14 8.57 49.86
CA GLY E 347 -0.86 8.28 50.47
C GLY E 347 0.20 9.35 50.23
N TRP E 348 1.46 8.91 50.17
CA TRP E 348 2.58 9.83 50.00
C TRP E 348 2.58 10.42 48.59
N PRO E 349 3.03 11.67 48.42
CA PRO E 349 2.94 12.31 47.10
C PRO E 349 3.91 11.77 46.07
N HIS E 350 4.81 10.85 46.41
CA HIS E 350 5.56 10.11 45.41
C HIS E 350 4.81 8.90 44.90
N GLU E 351 3.66 8.57 45.49
CA GLU E 351 2.80 7.50 45.02
C GLU E 351 1.58 8.01 44.27
N VAL E 352 1.19 9.28 44.49
CA VAL E 352 0.09 9.86 43.74
C VAL E 352 0.48 10.08 42.28
N VAL E 353 1.75 10.45 42.04
CA VAL E 353 2.24 10.62 40.68
C VAL E 353 2.34 9.26 39.97
N VAL E 354 2.64 8.20 40.73
CA VAL E 354 2.75 6.86 40.15
C VAL E 354 1.38 6.38 39.65
N TYR E 355 0.32 6.64 40.42
CA TYR E 355 -1.02 6.20 40.03
C TYR E 355 -1.53 6.97 38.82
N TYR E 356 -1.27 8.27 38.75
CA TYR E 356 -1.83 9.09 37.69
C TYR E 356 -0.98 9.11 36.42
N TYR E 357 0.30 8.75 36.51
CA TYR E 357 1.08 8.57 35.28
C TYR E 357 0.76 7.25 34.61
N ASN E 358 0.45 6.22 35.39
CA ASN E 358 0.09 4.93 34.85
C ASN E 358 -1.36 4.88 34.36
N ARG E 359 -2.15 5.91 34.64
CA ARG E 359 -3.52 6.02 34.17
C ARG E 359 -3.69 7.08 33.10
N TYR E 360 -3.02 8.22 33.22
CA TYR E 360 -3.08 9.31 32.26
C TYR E 360 -1.64 9.69 31.90
N PRO E 361 -1.01 8.96 30.97
CA PRO E 361 0.42 9.16 30.73
C PRO E 361 0.76 10.45 29.99
N LEU E 362 -0.21 11.12 29.38
CA LEU E 362 0.03 12.38 28.69
C LEU E 362 -0.39 13.59 29.50
N THR E 363 -1.48 13.47 30.27
CA THR E 363 -1.95 14.59 31.08
C THR E 363 -1.02 14.85 32.25
N THR E 364 -0.47 13.79 32.84
CA THR E 364 0.41 13.93 34.00
C THR E 364 1.75 14.58 33.62
N ILE E 365 2.32 14.19 32.47
CA ILE E 365 3.63 14.68 32.06
C ILE E 365 3.59 16.17 31.74
N ILE E 366 2.61 16.58 30.94
CA ILE E 366 2.50 18.01 30.61
C ILE E 366 1.80 18.80 31.71
N GLY E 367 1.13 18.14 32.64
CA GLY E 367 0.49 18.84 33.73
C GLY E 367 1.48 19.22 34.80
N LEU E 368 2.45 18.34 35.06
CA LEU E 368 3.48 18.63 36.04
C LEU E 368 4.47 19.67 35.52
N CYS E 369 4.76 19.66 34.23
CA CYS E 369 5.66 20.65 33.65
C CYS E 369 5.01 22.02 33.55
N THR E 370 3.68 22.06 33.42
CA THR E 370 2.96 23.33 33.51
C THR E 370 2.83 23.79 34.97
N CYS E 371 2.76 22.84 35.91
CA CYS E 371 2.60 23.21 37.31
C CYS E 371 3.90 23.76 37.90
N VAL E 372 5.06 23.28 37.44
CA VAL E 372 6.31 23.82 37.93
C VAL E 372 6.65 25.15 37.29
N ALA E 373 6.03 25.48 36.15
CA ALA E 373 6.24 26.80 35.55
C ALA E 373 5.52 27.89 36.33
N ILE E 374 4.35 27.57 36.88
CA ILE E 374 3.61 28.55 37.70
C ILE E 374 4.33 28.77 39.02
N ILE E 375 4.84 27.70 39.63
CA ILE E 375 5.55 27.83 40.90
C ILE E 375 6.94 28.43 40.74
N MET E 376 7.46 28.54 39.52
CA MET E 376 8.73 29.21 39.28
C MET E 376 8.53 30.67 38.91
N VAL E 377 7.52 30.98 38.09
CA VAL E 377 7.25 32.36 37.70
C VAL E 377 6.79 33.17 38.91
N SER E 378 5.85 32.62 39.68
CA SER E 378 5.32 33.34 40.84
C SER E 378 6.32 33.41 41.98
N CYS E 379 7.30 32.52 42.03
CA CYS E 379 8.34 32.62 43.05
C CYS E 379 9.29 33.77 42.73
N VAL E 380 9.72 33.90 41.47
CA VAL E 380 10.69 34.93 41.10
C VAL E 380 10.05 36.27 40.82
N THR E 381 8.71 36.36 40.87
CA THR E 381 8.02 37.64 40.80
C THR E 381 7.69 38.20 42.17
N SER E 382 7.29 37.33 43.11
CA SER E 382 7.01 37.77 44.47
C SER E 382 8.28 38.22 45.19
N VAL E 383 9.41 37.56 44.94
CA VAL E 383 10.68 38.03 45.50
C VAL E 383 11.28 39.18 44.69
N TRP E 384 10.78 39.41 43.48
CA TRP E 384 11.19 40.60 42.73
C TRP E 384 10.54 41.85 43.33
N LEU E 385 9.25 41.77 43.66
CA LEU E 385 8.59 42.88 44.31
C LEU E 385 9.04 43.03 45.76
N LEU E 386 9.45 41.93 46.40
CA LEU E 386 10.01 42.03 47.73
C LEU E 386 11.40 42.66 47.72
N CYS E 387 12.17 42.44 46.64
CA CYS E 387 13.47 43.08 46.52
C CYS E 387 13.32 44.58 46.24
N ARG E 388 12.27 44.97 45.52
CA ARG E 388 11.97 46.38 45.36
C ARG E 388 11.54 47.01 46.68
N THR E 389 10.76 46.27 47.47
CA THR E 389 10.38 46.74 48.80
C THR E 389 11.59 46.77 49.75
N ARG E 390 12.52 45.83 49.58
CA ARG E 390 13.75 45.85 50.36
C ARG E 390 14.62 47.03 49.96
N ASN E 391 14.68 47.35 48.66
CA ASN E 391 15.52 48.45 48.19
C ASN E 391 14.96 49.81 48.61
N LEU E 392 13.64 49.99 48.52
CA LEU E 392 13.02 51.24 48.92
C LEU E 392 12.92 51.40 50.44
N CYS E 393 13.25 50.37 51.20
CA CYS E 393 13.39 50.52 52.65
C CYS E 393 14.56 51.42 53.01
N ILE E 394 15.61 51.43 52.20
CA ILE E 394 16.92 51.93 52.63
C ILE E 394 17.21 53.31 52.09
N THR E 395 16.85 53.60 50.83
CA THR E 395 17.21 54.87 50.20
C THR E 395 16.58 56.12 50.83
N PRO E 396 15.44 56.06 51.56
CA PRO E 396 15.16 57.17 52.49
C PRO E 396 16.21 57.35 53.58
N TYR E 397 16.84 56.26 54.03
CA TYR E 397 17.63 56.30 55.25
C TYR E 397 19.14 56.16 55.02
N LYS E 398 19.57 55.62 53.87
CA LYS E 398 20.99 55.66 53.55
C LYS E 398 21.44 57.02 53.04
N LEU E 399 20.50 57.88 52.65
CA LEU E 399 20.84 59.22 52.20
C LEU E 399 21.21 60.13 53.36
N ALA E 400 20.67 59.86 54.54
CA ALA E 400 20.96 60.63 55.75
C ALA E 400 21.39 59.68 56.84
N PRO E 401 22.68 59.33 56.89
CA PRO E 401 23.16 58.41 57.94
C PRO E 401 23.14 59.00 59.34
N ASN E 402 23.02 60.31 59.48
CA ASN E 402 22.94 60.94 60.79
C ASN E 402 21.54 60.88 61.40
N ALA E 403 20.52 60.59 60.60
CA ALA E 403 19.16 60.52 61.10
C ALA E 403 18.94 59.25 61.92
N GLN E 404 18.12 59.37 62.96
CA GLN E 404 17.82 58.22 63.81
C GLN E 404 16.87 57.26 63.10
N VAL E 405 16.87 56.02 63.55
CA VAL E 405 16.14 54.94 62.89
C VAL E 405 15.11 54.33 63.85
N PRO E 406 13.87 54.17 63.43
CA PRO E 406 12.88 53.49 64.28
C PRO E 406 13.17 52.00 64.39
N ILE E 407 12.67 51.41 65.48
CA ILE E 407 12.89 49.99 65.71
C ILE E 407 11.90 49.13 64.93
N LEU E 408 10.82 49.70 64.42
CA LEU E 408 9.87 48.94 63.60
C LEU E 408 10.43 48.70 62.20
N LEU E 409 11.06 49.71 61.60
CA LEU E 409 11.55 49.62 60.23
C LEU E 409 12.94 49.00 60.16
N ALA E 410 13.53 48.64 61.30
CA ALA E 410 14.90 48.13 61.29
C ALA E 410 14.93 46.63 61.00
N LEU E 411 14.22 45.83 61.79
CA LEU E 411 14.27 44.38 61.67
C LEU E 411 12.97 43.75 61.22
N LEU E 412 11.82 44.41 61.43
CA LEU E 412 10.54 43.77 61.11
C LEU E 412 10.23 43.90 59.63
N CYS E 413 10.04 45.12 59.15
CA CYS E 413 9.72 45.31 57.73
C CYS E 413 10.93 45.16 56.84
N CYS E 414 12.10 45.62 57.28
CA CYS E 414 13.32 45.58 56.50
C CYS E 414 14.37 44.79 57.27
N ILE E 415 15.60 44.78 56.75
CA ILE E 415 16.64 43.89 57.24
C ILE E 415 17.77 44.64 57.97
N LYS E 416 18.00 45.91 57.63
CA LYS E 416 19.22 46.61 58.05
C LYS E 416 19.25 46.87 59.55
N PRO E 417 20.33 46.49 60.24
CA PRO E 417 20.44 46.80 61.67
C PRO E 417 21.09 48.15 61.91
N THR E 418 21.25 48.52 63.18
CA THR E 418 21.89 49.78 63.51
C THR E 418 23.40 49.67 63.30
N ARG E 419 23.97 50.65 62.60
CA ARG E 419 25.39 50.68 62.32
C ARG E 419 25.90 52.10 62.42
N ALA E 420 27.22 52.21 62.66
CA ALA E 420 27.96 53.47 62.84
C ALA E 420 27.38 54.36 63.93
N ASP F 111 35.41 75.34 48.65
CA ASP F 111 34.65 74.08 48.65
C ASP F 111 35.12 73.16 47.53
N LYS F 112 34.56 71.95 47.49
CA LYS F 112 34.89 70.96 46.48
C LYS F 112 33.60 70.49 45.83
N THR F 113 33.42 70.82 44.54
CA THR F 113 32.26 70.38 43.77
C THR F 113 32.74 70.20 42.33
N PHE F 114 33.09 68.97 41.97
CA PHE F 114 33.67 68.75 40.66
C PHE F 114 32.58 68.67 39.59
N PRO F 115 32.77 69.32 38.45
CA PRO F 115 31.76 69.30 37.39
C PRO F 115 31.85 68.00 36.59
N ILE F 116 30.92 67.85 35.64
CA ILE F 116 30.82 66.68 34.79
C ILE F 116 31.08 67.11 33.36
N MET F 117 32.00 66.42 32.69
CA MET F 117 32.41 66.75 31.33
C MET F 117 31.70 65.86 30.33
N LEU F 118 31.36 66.42 29.17
CA LEU F 118 30.87 65.65 28.04
C LEU F 118 31.28 66.38 26.77
N ASN F 119 32.29 65.85 26.09
CA ASN F 119 32.88 66.43 24.87
C ASN F 119 33.34 67.88 25.08
N GLY F 120 33.91 68.14 26.25
CA GLY F 120 34.48 69.45 26.57
C GLY F 120 33.56 70.43 27.27
N GLN F 121 32.31 70.52 26.85
CA GLN F 121 31.39 71.48 27.43
C GLN F 121 30.89 71.01 28.79
N VAL F 122 30.60 71.97 29.66
CA VAL F 122 30.15 71.69 31.02
C VAL F 122 28.63 71.61 31.02
N ASN F 123 28.10 70.50 31.53
CA ASN F 123 26.66 70.29 31.58
C ASN F 123 26.15 69.74 32.90
N GLY F 124 27.03 69.36 33.83
CA GLY F 124 26.58 68.83 35.10
C GLY F 124 27.60 69.09 36.18
N TYR F 125 27.14 68.97 37.43
CA TYR F 125 27.98 69.16 38.60
C TYR F 125 27.76 68.04 39.59
N ALA F 126 28.84 67.56 40.19
CA ALA F 126 28.80 66.49 41.19
C ALA F 126 29.40 67.01 42.49
N CYS F 127 28.70 66.78 43.59
CA CYS F 127 29.11 67.28 44.89
C CYS F 127 29.51 66.13 45.81
N VAL F 128 30.29 66.47 46.84
CA VAL F 128 30.78 65.52 47.82
C VAL F 128 30.27 65.93 49.18
N VAL F 129 29.60 65.01 49.87
CA VAL F 129 29.07 65.24 51.21
C VAL F 129 29.85 64.38 52.19
N GLY F 130 29.51 64.47 53.47
CA GLY F 130 30.11 63.60 54.45
C GLY F 130 29.68 62.15 54.28
N GLY F 131 30.60 61.32 53.77
CA GLY F 131 30.37 59.90 53.65
C GLY F 131 29.88 59.41 52.29
N ARG F 132 29.58 60.32 51.36
CA ARG F 132 29.01 59.90 50.08
C ARG F 132 29.30 60.95 49.03
N VAL F 133 29.00 60.61 47.78
CA VAL F 133 29.10 61.50 46.63
C VAL F 133 27.75 61.50 45.94
N PHE F 134 27.44 62.60 45.25
CA PHE F 134 26.18 62.76 44.54
C PHE F 134 26.40 63.11 43.08
N LYS F 135 25.42 62.76 42.26
CA LYS F 135 25.41 63.03 40.83
C LYS F 135 23.97 62.99 40.32
N PRO F 136 23.52 64.03 39.62
CA PRO F 136 22.14 64.02 39.10
C PRO F 136 22.00 63.08 37.90
N LEU F 137 20.75 62.67 37.68
CA LEU F 137 20.43 61.70 36.63
C LEU F 137 20.00 62.36 35.32
N HIS F 138 19.84 63.67 35.27
CA HIS F 138 19.37 64.33 34.06
C HIS F 138 20.50 64.64 33.09
N VAL F 139 21.75 64.30 33.43
CA VAL F 139 22.89 64.60 32.59
C VAL F 139 23.66 63.31 32.35
N GLU F 140 24.39 63.28 31.24
CA GLU F 140 25.28 62.18 30.89
C GLU F 140 26.67 62.73 30.66
N GLY F 141 27.67 62.03 31.17
CA GLY F 141 29.04 62.46 31.01
C GLY F 141 29.94 61.76 32.00
N ARG F 142 31.23 62.07 31.89
CA ARG F 142 32.26 61.46 32.71
C ARG F 142 32.92 62.53 33.57
N ILE F 143 33.08 62.23 34.87
CA ILE F 143 33.79 63.13 35.76
C ILE F 143 35.27 63.12 35.41
N ASP F 144 35.86 64.32 35.34
CA ASP F 144 37.26 64.46 34.95
C ASP F 144 38.22 63.98 36.02
N ASN F 145 37.78 63.85 37.27
CA ASN F 145 38.62 63.31 38.33
C ASN F 145 38.75 61.80 38.16
N GLU F 146 40.00 61.31 38.22
CA GLU F 146 40.22 59.88 38.04
C GLU F 146 39.81 59.08 39.27
N GLN F 147 39.96 59.67 40.47
CA GLN F 147 39.50 58.99 41.68
C GLN F 147 37.99 58.99 41.79
N LEU F 148 37.30 59.90 41.11
CA LEU F 148 35.85 59.98 41.13
C LEU F 148 35.21 59.33 39.91
N ALA F 149 36.01 58.65 39.08
CA ALA F 149 35.49 57.99 37.89
C ALA F 149 35.44 56.47 38.00
N ALA F 150 36.23 55.87 38.88
CA ALA F 150 36.24 54.43 39.07
C ALA F 150 35.24 53.95 40.10
N ILE F 151 34.45 54.85 40.68
CA ILE F 151 33.48 54.48 41.69
C ILE F 151 32.22 53.95 41.01
N LYS F 152 31.67 52.87 41.57
CA LYS F 152 30.43 52.30 41.06
C LYS F 152 29.23 53.16 41.45
N LEU F 153 28.89 54.13 40.61
CA LEU F 153 27.72 54.98 40.85
C LEU F 153 26.48 54.21 40.44
N LYS F 154 25.65 53.84 41.41
CA LYS F 154 24.44 53.07 41.14
C LYS F 154 23.23 53.99 41.00
N LYS F 155 22.39 53.69 40.01
CA LYS F 155 21.20 54.47 39.74
C LYS F 155 20.15 54.24 40.83
N ALA F 156 19.17 55.14 40.89
CA ALA F 156 18.13 55.06 41.90
C ALA F 156 16.88 55.77 41.39
N SER F 157 15.94 55.99 42.31
CA SER F 157 14.72 56.74 42.05
C SER F 157 14.97 58.23 42.25
N ILE F 158 13.90 59.00 42.39
CA ILE F 158 13.99 60.45 42.59
C ILE F 158 14.66 60.83 43.92
N TYR F 159 14.82 59.88 44.85
CA TYR F 159 15.54 60.15 46.09
C TYR F 159 17.04 60.31 45.87
N ASP F 160 17.56 59.89 44.71
CA ASP F 160 18.93 60.11 44.25
C ASP F 160 19.96 59.47 45.19
N LEU F 161 19.93 58.14 45.23
CA LEU F 161 20.95 57.37 45.94
C LEU F 161 22.14 57.11 45.03
N GLU F 162 23.32 57.51 45.49
CA GLU F 162 24.58 57.20 44.83
C GLU F 162 25.50 56.52 45.85
N TYR F 163 26.70 56.16 45.40
CA TYR F 163 27.63 55.39 46.22
C TYR F 163 28.90 56.18 46.45
N GLY F 164 29.21 56.45 47.71
CA GLY F 164 30.47 57.06 48.10
C GLY F 164 31.52 56.05 48.48
N ASP F 165 32.06 55.34 47.50
CA ASP F 165 33.02 54.28 47.75
C ASP F 165 34.46 54.78 47.92
N VAL F 166 34.69 56.07 47.79
CA VAL F 166 36.01 56.67 47.99
C VAL F 166 36.40 56.57 49.46
N PRO F 167 37.68 56.42 49.81
CA PRO F 167 38.06 56.26 51.22
C PRO F 167 37.99 57.54 52.05
N GLN F 168 38.44 57.45 53.30
CA GLN F 168 38.20 58.50 54.28
C GLN F 168 39.06 59.74 54.04
N CYS F 169 40.25 59.57 53.44
CA CYS F 169 41.29 60.60 53.50
C CYS F 169 40.97 61.85 52.68
N MET F 170 39.92 61.86 51.86
CA MET F 170 39.39 63.08 51.29
C MET F 170 37.90 63.24 51.59
N LYS F 171 37.32 62.34 52.37
CA LYS F 171 35.89 62.34 52.65
C LYS F 171 35.51 63.54 53.51
N SER F 172 34.23 63.92 53.40
CA SER F 172 33.57 64.97 54.19
C SER F 172 34.21 66.34 53.96
N ASP F 173 34.14 66.80 52.70
CA ASP F 173 34.47 68.19 52.40
C ASP F 173 33.45 69.14 53.02
N THR F 174 32.17 68.77 52.98
CA THR F 174 31.12 69.55 53.60
C THR F 174 30.17 68.61 54.34
N LEU F 175 29.37 69.20 55.23
CA LEU F 175 28.44 68.45 56.06
C LEU F 175 27.01 68.79 55.65
N GLN F 176 26.16 67.76 55.61
CA GLN F 176 24.75 67.96 55.31
C GLN F 176 24.05 68.65 56.47
N TYR F 177 22.95 69.34 56.14
CA TYR F 177 22.29 70.20 57.11
C TYR F 177 21.53 69.37 58.15
N THR F 178 21.54 69.88 59.39
CA THR F 178 20.83 69.26 60.50
C THR F 178 19.35 69.63 60.49
N SER F 179 18.66 69.41 61.59
CA SER F 179 17.26 69.80 61.72
C SER F 179 17.19 71.28 62.10
N ASP F 180 15.97 71.74 62.45
CA ASP F 180 15.65 73.12 62.84
C ASP F 180 16.02 74.11 61.73
N LYS F 181 15.31 73.98 60.62
CA LYS F 181 15.55 74.79 59.43
C LYS F 181 14.70 76.05 59.46
N PRO F 182 15.29 77.24 59.55
CA PRO F 182 14.50 78.48 59.51
C PRO F 182 14.23 78.88 58.08
N PRO F 183 13.42 79.92 57.84
CA PRO F 183 13.33 80.49 56.49
C PRO F 183 14.39 81.57 56.23
N GLY F 184 15.44 81.61 57.06
CA GLY F 184 16.45 82.65 56.98
C GLY F 184 17.42 82.55 55.81
N PHE F 185 18.60 83.13 55.98
CA PHE F 185 19.54 83.30 54.87
C PHE F 185 20.24 81.99 54.53
N TYR F 186 20.29 81.67 53.23
CA TYR F 186 21.03 80.53 52.72
C TYR F 186 21.85 80.98 51.52
N ASN F 187 23.10 80.52 51.47
CA ASN F 187 24.03 80.96 50.43
C ASN F 187 23.90 80.08 49.18
N TRP F 188 24.39 80.63 48.08
CA TRP F 188 24.24 80.03 46.77
C TRP F 188 25.42 80.48 45.92
N HIS F 189 25.73 79.70 44.87
CA HIS F 189 26.90 80.00 44.05
C HIS F 189 26.71 81.31 43.27
N HIS F 190 25.51 81.57 42.77
CA HIS F 190 25.25 82.81 42.06
C HIS F 190 24.69 83.91 42.96
N GLY F 191 24.38 83.61 44.22
CA GLY F 191 23.73 84.60 45.06
C GLY F 191 23.26 84.05 46.40
N ALA F 192 22.00 84.30 46.75
CA ALA F 192 21.46 83.86 48.02
C ALA F 192 19.99 83.50 47.87
N VAL F 193 19.51 82.69 48.81
CA VAL F 193 18.12 82.24 48.85
C VAL F 193 17.64 82.30 50.29
N GLN F 194 16.38 82.71 50.50
CA GLN F 194 15.80 82.74 51.85
C GLN F 194 14.42 82.07 51.84
N TYR F 195 14.40 80.74 51.88
CA TYR F 195 13.13 80.02 51.81
C TYR F 195 13.38 78.58 52.24
N GLU F 196 12.42 78.00 52.95
CA GLU F 196 12.51 76.64 53.47
C GLU F 196 11.47 75.72 52.88
N ASN F 197 10.20 76.15 52.83
CA ASN F 197 9.14 75.32 52.25
C ASN F 197 9.31 75.18 50.75
N ASN F 198 9.52 76.29 50.05
CA ASN F 198 9.85 76.32 48.63
C ASN F 198 11.25 76.89 48.47
N ARG F 199 11.62 77.22 47.25
CA ARG F 199 12.89 77.87 46.97
C ARG F 199 12.64 79.29 46.46
N PHE F 200 13.60 80.17 46.76
CA PHE F 200 13.41 81.60 46.57
C PHE F 200 13.32 82.01 45.11
N THR F 201 12.63 83.13 44.88
CA THR F 201 12.46 83.72 43.55
C THR F 201 13.72 84.52 43.22
N VAL F 202 14.75 83.79 42.82
CA VAL F 202 16.02 84.39 42.41
C VAL F 202 15.81 85.07 41.06
N PRO F 203 16.52 86.16 40.76
CA PRO F 203 16.37 86.81 39.45
C PRO F 203 17.03 86.03 38.32
N ARG F 204 17.06 86.63 37.13
CA ARG F 204 17.59 85.96 35.96
C ARG F 204 19.12 85.89 36.01
N GLY F 205 19.71 85.30 34.98
CA GLY F 205 21.11 84.97 35.01
C GLY F 205 21.31 83.55 35.49
N VAL F 206 20.91 83.27 36.73
CA VAL F 206 20.77 81.90 37.20
C VAL F 206 19.45 81.34 36.67
N GLY F 207 19.50 80.15 36.10
CA GLY F 207 18.37 79.62 35.37
C GLY F 207 18.72 79.28 33.95
N GLY F 208 19.99 78.99 33.71
CA GLY F 208 20.48 78.71 32.37
C GLY F 208 20.41 77.24 32.02
N LYS F 209 21.57 76.64 31.77
CA LYS F 209 21.64 75.22 31.43
C LYS F 209 22.96 74.67 31.96
N GLY F 210 22.89 73.48 32.55
CA GLY F 210 24.07 72.86 33.11
C GLY F 210 24.38 73.22 34.54
N ASP F 211 23.46 73.87 35.25
CA ASP F 211 23.65 74.25 36.63
C ASP F 211 23.07 73.23 37.60
N SER F 212 22.72 72.04 37.12
CA SER F 212 22.20 70.99 37.98
C SER F 212 23.29 70.45 38.90
N GLY F 213 22.93 70.14 40.13
CA GLY F 213 23.85 69.57 41.08
C GLY F 213 24.63 70.57 41.91
N ARG F 214 24.47 71.87 41.66
CA ARG F 214 25.16 72.86 42.47
C ARG F 214 24.53 72.93 43.86
N PRO F 215 25.31 72.76 44.92
CA PRO F 215 24.73 72.69 46.26
C PRO F 215 24.26 74.04 46.78
N ILE F 216 23.27 74.00 47.66
CA ILE F 216 22.77 75.18 48.37
C ILE F 216 23.21 75.06 49.82
N LEU F 217 23.96 76.04 50.29
CA LEU F 217 24.59 75.99 51.61
C LEU F 217 24.00 77.04 52.54
N ASP F 218 24.17 76.81 53.83
CA ASP F 218 23.72 77.72 54.87
C ASP F 218 24.81 78.76 55.14
N ASN F 219 24.65 79.53 56.22
CA ASN F 219 25.67 80.50 56.61
C ASN F 219 26.91 79.81 57.16
N LYS F 220 26.75 78.64 57.77
CA LYS F 220 27.85 77.93 58.39
C LYS F 220 28.51 76.91 57.47
N GLY F 221 28.36 77.08 56.15
CA GLY F 221 29.02 76.21 55.20
C GLY F 221 28.48 74.81 55.12
N ARG F 222 27.24 74.59 55.58
CA ARG F 222 26.62 73.27 55.58
C ARG F 222 25.59 73.18 54.46
N VAL F 223 25.68 72.13 53.66
CA VAL F 223 24.82 71.99 52.49
C VAL F 223 23.40 71.60 52.90
N VAL F 224 22.42 72.27 52.31
CA VAL F 224 21.01 72.02 52.60
C VAL F 224 20.33 71.28 51.46
N ALA F 225 20.41 71.82 50.24
CA ALA F 225 19.66 71.26 49.12
C ALA F 225 20.54 71.22 47.87
N ILE F 226 20.17 70.34 46.95
CA ILE F 226 20.86 70.16 45.68
C ILE F 226 19.85 70.38 44.56
N VAL F 227 20.15 71.32 43.66
CA VAL F 227 19.18 71.72 42.64
C VAL F 227 19.17 70.70 41.50
N LEU F 228 17.99 70.55 40.88
CA LEU F 228 17.85 69.68 39.71
C LEU F 228 17.01 70.26 38.59
N GLY F 229 16.25 71.33 38.81
CA GLY F 229 15.38 71.82 37.76
C GLY F 229 14.80 73.18 38.11
N GLY F 230 13.85 73.61 37.28
CA GLY F 230 13.30 74.94 37.43
C GLY F 230 14.02 76.03 36.65
N VAL F 231 14.00 75.93 35.32
CA VAL F 231 14.69 76.87 34.42
C VAL F 231 14.22 78.30 34.61
N ASN F 232 12.94 78.56 34.30
CA ASN F 232 12.41 79.92 34.35
C ASN F 232 10.89 79.83 34.51
N GLU F 233 10.38 80.37 35.60
CA GLU F 233 8.95 80.32 35.90
C GLU F 233 8.36 81.73 35.92
N GLY F 234 8.83 82.60 35.02
CA GLY F 234 8.31 83.94 34.91
C GLY F 234 9.10 84.96 35.71
N SER F 235 8.40 85.89 36.37
CA SER F 235 9.06 86.85 37.24
C SER F 235 9.65 86.18 38.48
N ARG F 236 8.99 85.14 38.98
CA ARG F 236 9.46 84.38 40.13
C ARG F 236 9.95 83.01 39.66
N THR F 237 11.22 82.72 39.90
CA THR F 237 11.83 81.47 39.47
C THR F 237 11.95 80.52 40.65
N ALA F 238 11.44 79.32 40.50
CA ALA F 238 11.49 78.30 41.53
C ALA F 238 12.51 77.23 41.16
N LEU F 239 13.01 76.54 42.18
CA LEU F 239 14.02 75.49 42.00
C LEU F 239 13.47 74.18 42.54
N SER F 240 13.60 73.12 41.75
CA SER F 240 13.23 71.78 42.17
C SER F 240 14.45 71.13 42.81
N VAL F 241 14.42 70.96 44.13
CA VAL F 241 15.57 70.49 44.89
C VAL F 241 15.16 69.25 45.69
N VAL F 242 16.16 68.61 46.28
CA VAL F 242 15.95 67.56 47.27
C VAL F 242 16.36 68.10 48.63
N THR F 243 15.72 67.59 49.68
CA THR F 243 15.97 68.05 51.04
C THR F 243 15.48 66.97 51.99
N TRP F 244 15.62 67.23 53.28
CA TRP F 244 15.12 66.35 54.33
C TRP F 244 13.95 67.04 54.99
N ASN F 245 12.80 66.36 55.07
CA ASN F 245 11.54 67.07 55.33
C ASN F 245 11.40 67.47 56.80
N GLN F 246 11.25 66.50 57.69
CA GLN F 246 11.03 66.84 59.09
C GLN F 246 11.95 66.08 60.03
N LYS F 247 12.24 64.81 59.74
CA LYS F 247 13.02 63.96 60.63
C LYS F 247 14.18 63.31 59.90
N GLY F 248 14.75 64.01 58.92
CA GLY F 248 15.90 63.53 58.20
C GLY F 248 15.60 62.62 57.02
N VAL F 249 14.33 62.34 56.73
CA VAL F 249 13.98 61.51 55.59
C VAL F 249 14.12 62.35 54.33
N THR F 250 14.95 61.87 53.40
CA THR F 250 15.29 62.65 52.21
C THR F 250 14.17 62.59 51.19
N VAL F 251 13.56 63.74 50.91
CA VAL F 251 12.45 63.85 49.98
C VAL F 251 12.89 64.69 48.78
N LYS F 252 12.07 64.68 47.74
CA LYS F 252 12.29 65.48 46.54
C LYS F 252 11.11 66.43 46.34
N ASP F 253 11.41 67.72 46.21
CA ASP F 253 10.40 68.75 46.02
C ASP F 253 10.48 69.27 44.59
N THR F 254 9.33 69.29 43.91
CA THR F 254 9.24 69.80 42.55
C THR F 254 8.06 70.75 42.44
N PRO F 255 8.27 72.02 42.14
CA PRO F 255 7.15 72.91 41.82
C PRO F 255 6.59 72.60 40.43
N GLU F 256 5.46 73.24 40.14
CA GLU F 256 4.72 72.97 38.91
C GLU F 256 5.47 73.48 37.69
N GLY F 257 5.49 72.67 36.63
CA GLY F 257 6.14 73.03 35.39
C GLY F 257 7.65 73.15 35.47
N SER F 258 8.30 72.30 36.24
CA SER F 258 9.74 72.37 36.47
C SER F 258 10.44 71.55 35.40
N GLU F 259 11.04 72.24 34.42
CA GLU F 259 11.83 71.56 33.40
C GLU F 259 13.16 71.10 33.99
N PRO F 260 13.74 70.01 33.45
CA PRO F 260 15.05 69.55 33.96
C PRO F 260 16.19 70.51 33.65
N TRP F 261 16.73 71.14 34.69
CA TRP F 261 17.77 72.15 34.54
C TRP F 261 19.01 71.78 35.36
N TYR G 1 36.05 11.10 -61.82
CA TYR G 1 36.24 12.10 -60.77
C TYR G 1 36.11 11.43 -59.41
N GLU G 2 37.11 11.62 -58.56
CA GLU G 2 37.05 11.15 -57.18
C GLU G 2 36.16 12.06 -56.36
N HIS G 3 35.53 11.48 -55.33
CA HIS G 3 34.74 12.24 -54.36
C HIS G 3 35.07 11.68 -52.99
N THR G 4 35.75 12.47 -52.17
CA THR G 4 36.18 12.05 -50.84
C THR G 4 35.43 12.87 -49.80
N ALA G 5 34.76 12.19 -48.88
CA ALA G 5 34.04 12.83 -47.79
C ALA G 5 33.89 11.83 -46.66
N VAL G 6 33.18 12.23 -45.61
CA VAL G 6 32.98 11.40 -44.43
C VAL G 6 31.50 11.09 -44.29
N MET G 7 31.20 10.04 -43.53
CA MET G 7 29.86 9.50 -43.40
C MET G 7 29.65 9.07 -41.95
N PRO G 8 28.49 9.33 -41.36
CA PRO G 8 28.18 8.70 -40.06
C PRO G 8 27.94 7.21 -40.22
N ASN G 9 28.36 6.45 -39.20
CA ASN G 9 28.27 5.00 -39.24
C ASN G 9 26.84 4.58 -38.86
N LYS G 10 25.95 4.70 -39.84
CA LYS G 10 24.55 4.36 -39.67
C LYS G 10 24.13 3.40 -40.78
N VAL G 11 23.05 2.67 -40.52
CA VAL G 11 22.61 1.63 -41.44
C VAL G 11 21.47 2.13 -42.31
N GLY G 12 20.39 2.60 -41.69
CA GLY G 12 19.22 2.99 -42.46
C GLY G 12 19.36 4.32 -43.18
N ILE G 13 20.10 5.26 -42.60
CA ILE G 13 20.16 6.62 -43.13
C ILE G 13 21.10 6.66 -44.34
N PRO G 14 20.62 7.08 -45.51
CA PRO G 14 21.52 7.21 -46.66
C PRO G 14 22.36 8.46 -46.57
N TYR G 15 23.40 8.49 -47.40
CA TYR G 15 24.32 9.63 -47.49
C TYR G 15 24.13 10.28 -48.85
N LYS G 16 23.50 11.45 -48.87
CA LYS G 16 23.24 12.18 -50.10
C LYS G 16 24.28 13.26 -50.29
N ALA G 17 24.83 13.35 -51.49
CA ALA G 17 25.85 14.33 -51.81
C ALA G 17 25.77 14.71 -53.27
N LEU G 18 26.32 15.88 -53.59
CA LEU G 18 26.40 16.38 -54.97
C LEU G 18 27.86 16.55 -55.32
N VAL G 19 28.24 16.07 -56.51
CA VAL G 19 29.62 16.12 -56.97
C VAL G 19 29.78 17.37 -57.84
N GLU G 20 30.70 18.24 -57.44
CA GLU G 20 30.92 19.51 -58.13
C GLU G 20 32.13 19.38 -59.03
N ARG G 21 31.88 19.24 -60.33
CA ARG G 21 32.93 19.14 -61.35
C ARG G 21 32.96 20.42 -62.16
N PRO G 22 34.12 21.04 -62.36
CA PRO G 22 34.17 22.28 -63.15
C PRO G 22 33.95 22.00 -64.63
N GLY G 23 33.07 22.80 -65.24
CA GLY G 23 32.70 22.62 -66.63
C GLY G 23 31.63 21.60 -66.89
N TYR G 24 31.13 20.93 -65.85
CA TYR G 24 30.11 19.90 -66.01
C TYR G 24 28.97 20.15 -65.03
N ALA G 25 27.79 19.67 -65.39
CA ALA G 25 26.64 19.77 -64.49
C ALA G 25 26.83 18.81 -63.32
N PRO G 26 26.43 19.23 -62.11
CA PRO G 26 26.59 18.33 -60.95
C PRO G 26 25.62 17.17 -60.99
N VAL G 27 26.09 16.02 -60.51
CA VAL G 27 25.30 14.80 -60.49
C VAL G 27 25.02 14.43 -59.04
N HIS G 28 24.00 13.60 -58.86
CA HIS G 28 23.57 13.17 -57.53
C HIS G 28 24.21 11.83 -57.19
N LEU G 29 24.83 11.76 -56.03
CA LEU G 29 25.48 10.55 -55.55
C LEU G 29 24.87 10.16 -54.21
N GLN G 30 24.39 8.92 -54.11
CA GLN G 30 23.76 8.42 -52.89
C GLN G 30 24.48 7.16 -52.44
N ILE G 31 24.81 7.11 -51.16
CA ILE G 31 25.51 5.98 -50.55
C ILE G 31 24.64 5.46 -49.42
N GLN G 32 24.31 4.18 -49.44
CA GLN G 32 23.56 3.58 -48.35
C GLN G 32 24.24 2.30 -47.89
N LEU G 33 24.33 2.14 -46.57
CA LEU G 33 24.85 0.92 -45.97
C LEU G 33 23.73 -0.07 -45.74
N VAL G 34 24.09 -1.35 -45.69
CA VAL G 34 23.10 -2.39 -45.46
C VAL G 34 23.45 -3.17 -44.20
N ASN G 35 24.68 -3.68 -44.14
CA ASN G 35 25.19 -4.37 -42.97
C ASN G 35 26.51 -3.74 -42.55
N THR G 36 26.92 -4.01 -41.32
CA THR G 36 28.22 -3.58 -40.82
C THR G 36 28.68 -4.65 -39.83
N ARG G 37 29.63 -5.47 -40.24
CA ARG G 37 30.06 -6.63 -39.46
C ARG G 37 31.46 -6.40 -38.91
N ILE G 38 31.64 -6.64 -37.61
CA ILE G 38 32.94 -6.63 -36.96
C ILE G 38 33.29 -8.08 -36.67
N ILE G 39 34.32 -8.59 -37.35
CA ILE G 39 34.64 -10.02 -37.28
C ILE G 39 35.99 -10.21 -36.61
N PRO G 40 36.03 -10.58 -35.34
CA PRO G 40 37.31 -10.86 -34.68
C PRO G 40 37.86 -12.23 -35.08
N SER G 41 39.13 -12.43 -34.75
CA SER G 41 39.80 -13.69 -35.01
C SER G 41 39.87 -14.49 -33.72
N THR G 42 39.36 -15.72 -33.76
CA THR G 42 39.18 -16.53 -32.56
C THR G 42 39.86 -17.88 -32.75
N ASN G 43 40.35 -18.44 -31.65
CA ASN G 43 40.88 -19.80 -31.63
C ASN G 43 40.27 -20.56 -30.46
N LEU G 44 39.82 -21.77 -30.72
CA LEU G 44 39.13 -22.56 -29.71
C LEU G 44 40.13 -23.19 -28.75
N GLU G 45 39.92 -23.01 -27.46
CA GLU G 45 40.77 -23.62 -26.44
C GLU G 45 40.27 -25.00 -26.05
N TYR G 46 39.04 -25.09 -25.55
CA TYR G 46 38.49 -26.36 -25.11
C TYR G 46 36.96 -26.27 -25.15
N ILE G 47 36.33 -27.43 -24.98
CA ILE G 47 34.87 -27.52 -24.84
C ILE G 47 34.56 -28.08 -23.46
N THR G 48 33.32 -27.87 -23.02
CA THR G 48 32.89 -28.28 -21.69
C THR G 48 31.50 -28.89 -21.77
N CYS G 49 31.31 -30.00 -21.06
CA CYS G 49 29.97 -30.59 -20.95
C CYS G 49 29.87 -31.30 -19.60
N LYS G 50 28.68 -31.84 -19.34
CA LYS G 50 28.46 -32.63 -18.14
C LYS G 50 29.25 -33.93 -18.21
N TYR G 51 29.75 -34.38 -17.07
CA TYR G 51 30.54 -35.61 -17.03
C TYR G 51 29.64 -36.82 -16.82
N LYS G 52 30.27 -37.99 -16.84
CA LYS G 52 29.59 -39.25 -16.52
C LYS G 52 30.66 -40.21 -16.02
N THR G 53 30.58 -40.59 -14.76
CA THR G 53 31.59 -41.46 -14.15
C THR G 53 31.12 -42.90 -14.26
N LYS G 54 31.80 -43.68 -15.09
CA LYS G 54 31.49 -45.09 -15.22
C LYS G 54 32.30 -45.89 -14.20
N VAL G 55 31.65 -46.90 -13.63
CA VAL G 55 32.32 -47.77 -12.67
C VAL G 55 32.46 -49.17 -13.26
N PRO G 56 33.68 -49.67 -13.43
CA PRO G 56 33.87 -51.06 -13.83
C PRO G 56 33.53 -52.00 -12.69
N SER G 57 33.33 -53.27 -13.07
CA SER G 57 33.00 -54.29 -12.09
C SER G 57 34.18 -54.56 -11.18
N PRO G 58 33.95 -54.78 -9.88
CA PRO G 58 35.05 -55.06 -8.96
C PRO G 58 35.37 -56.54 -8.86
N VAL G 59 36.61 -56.83 -8.45
CA VAL G 59 37.04 -58.19 -8.17
C VAL G 59 36.91 -58.44 -6.69
N VAL G 60 36.32 -59.58 -6.33
CA VAL G 60 36.10 -59.95 -4.94
C VAL G 60 37.04 -61.11 -4.63
N LYS G 61 38.16 -60.79 -3.98
CA LYS G 61 39.09 -61.83 -3.60
C LYS G 61 38.42 -62.57 -2.45
N CYS G 62 38.44 -63.90 -2.50
CA CYS G 62 37.81 -64.69 -1.45
C CYS G 62 38.71 -64.80 -0.22
N CYS G 63 39.99 -65.13 -0.43
CA CYS G 63 40.94 -65.25 0.68
C CYS G 63 42.25 -64.61 0.23
N GLY G 64 42.40 -63.32 0.47
CA GLY G 64 43.63 -62.64 0.11
C GLY G 64 43.39 -61.15 -0.03
N ALA G 65 44.37 -60.49 -0.67
CA ALA G 65 44.31 -59.06 -0.89
C ALA G 65 45.00 -58.73 -2.20
N THR G 66 44.68 -57.57 -2.74
CA THR G 66 45.22 -57.11 -4.01
C THR G 66 45.65 -55.66 -3.88
N GLN G 67 46.32 -55.16 -4.92
CA GLN G 67 46.68 -53.75 -5.02
C GLN G 67 46.33 -53.27 -6.42
N CYS G 68 46.56 -51.98 -6.67
CA CYS G 68 46.22 -51.39 -7.95
C CYS G 68 47.33 -50.48 -8.45
N THR G 69 47.37 -50.32 -9.76
CA THR G 69 48.33 -49.48 -10.45
C THR G 69 47.67 -48.18 -10.88
N SER G 70 48.50 -47.15 -11.04
CA SER G 70 48.03 -45.85 -11.49
C SER G 70 47.77 -45.92 -12.99
N LYS G 71 46.57 -46.34 -13.34
CA LYS G 71 46.17 -46.43 -14.75
C LYS G 71 45.98 -45.03 -15.32
N PRO G 72 46.33 -44.81 -16.59
CA PRO G 72 46.15 -43.48 -17.18
C PRO G 72 44.69 -43.22 -17.54
N HIS G 73 44.03 -42.41 -16.72
CA HIS G 73 42.62 -42.11 -16.86
C HIS G 73 42.36 -40.77 -16.20
N PRO G 74 41.39 -40.00 -16.67
CA PRO G 74 41.06 -38.74 -15.98
C PRO G 74 40.31 -39.00 -14.68
N ASP G 75 40.85 -38.42 -13.59
CA ASP G 75 40.30 -38.52 -12.23
C ASP G 75 40.17 -39.97 -11.77
N TYR G 76 41.15 -40.79 -12.11
CA TYR G 76 41.13 -42.21 -11.74
C TYR G 76 41.36 -42.36 -10.24
N GLN G 77 40.51 -43.15 -9.60
CA GLN G 77 40.59 -43.39 -8.16
C GLN G 77 40.58 -44.89 -7.90
N CYS G 78 41.21 -45.28 -6.78
CA CYS G 78 41.32 -46.66 -6.39
C CYS G 78 41.42 -46.75 -4.87
N GLN G 79 40.91 -47.87 -4.33
CA GLN G 79 41.04 -48.19 -2.92
C GLN G 79 40.92 -49.69 -2.77
N VAL G 80 41.19 -50.19 -1.57
CA VAL G 80 41.00 -51.61 -1.26
C VAL G 80 40.32 -51.69 0.10
N PHE G 81 39.18 -52.38 0.16
CA PHE G 81 38.42 -52.56 1.37
C PHE G 81 38.54 -54.01 1.82
N SER G 82 38.83 -54.22 3.10
CA SER G 82 39.12 -55.54 3.63
C SER G 82 38.00 -56.03 4.53
N GLY G 83 37.82 -57.35 4.55
CA GLY G 83 36.82 -57.97 5.38
C GLY G 83 35.39 -57.67 4.99
N VAL G 84 35.08 -57.71 3.69
CA VAL G 84 33.77 -57.25 3.24
C VAL G 84 32.70 -58.33 3.45
N TYR G 85 33.00 -59.58 3.09
CA TYR G 85 32.12 -60.75 3.14
C TYR G 85 30.78 -60.49 2.46
N PRO G 86 30.73 -60.40 1.13
CA PRO G 86 29.49 -60.03 0.45
C PRO G 86 28.51 -61.20 0.33
N PHE G 87 27.24 -60.83 0.18
CA PHE G 87 26.16 -61.78 -0.04
C PHE G 87 25.55 -61.52 -1.41
N MET G 88 25.51 -62.55 -2.24
CA MET G 88 24.83 -62.47 -3.52
C MET G 88 23.48 -63.18 -3.40
N TRP G 89 22.83 -63.36 -4.55
CA TRP G 89 21.60 -64.15 -4.60
C TRP G 89 22.05 -65.61 -4.48
N GLY G 90 21.26 -66.43 -3.79
CA GLY G 90 21.64 -67.82 -3.58
C GLY G 90 22.83 -67.96 -2.65
N GLY G 91 22.70 -67.46 -1.43
CA GLY G 91 23.72 -67.66 -0.42
C GLY G 91 24.89 -66.71 -0.57
N ALA G 92 25.91 -66.96 0.24
CA ALA G 92 27.09 -66.10 0.28
C ALA G 92 27.96 -66.32 -0.95
N TYR G 93 28.93 -65.44 -1.12
CA TYR G 93 29.83 -65.47 -2.27
C TYR G 93 31.17 -66.10 -1.95
N CYS G 94 31.76 -65.76 -0.81
CA CYS G 94 33.07 -66.26 -0.44
C CYS G 94 32.97 -67.12 0.81
N PHE G 95 34.13 -67.62 1.25
CA PHE G 95 34.18 -68.52 2.41
C PHE G 95 34.94 -67.94 3.59
N CYS G 96 36.03 -67.19 3.34
CA CYS G 96 36.88 -66.67 4.40
C CYS G 96 36.13 -65.60 5.17
N ASP G 97 35.79 -65.89 6.43
CA ASP G 97 35.04 -64.95 7.24
C ASP G 97 35.94 -63.81 7.70
N THR G 98 35.51 -62.58 7.42
CA THR G 98 36.20 -61.33 7.79
C THR G 98 37.62 -61.26 7.26
N GLU G 99 37.88 -61.86 6.09
CA GLU G 99 39.16 -61.71 5.41
C GLU G 99 38.89 -61.80 3.91
N ASN G 100 38.69 -60.64 3.30
CA ASN G 100 38.30 -60.55 1.89
C ASN G 100 38.83 -59.23 1.35
N THR G 101 38.53 -58.97 0.06
CA THR G 101 39.01 -57.75 -0.58
C THR G 101 38.10 -57.44 -1.77
N GLN G 102 37.59 -56.21 -1.81
CA GLN G 102 36.80 -55.72 -2.93
C GLN G 102 37.55 -54.59 -3.61
N MET G 103 37.37 -54.47 -4.93
CA MET G 103 38.19 -53.56 -5.73
C MET G 103 37.68 -52.14 -5.66
N SER G 104 36.46 -51.89 -6.18
CA SER G 104 35.79 -50.58 -6.23
C SER G 104 36.67 -49.53 -6.93
N GLU G 105 36.81 -49.73 -8.24
CA GLU G 105 37.58 -48.83 -9.10
C GLU G 105 36.63 -47.95 -9.89
N ALA G 106 36.93 -46.64 -9.96
CA ALA G 106 36.07 -45.67 -10.62
C ALA G 106 36.89 -44.77 -11.54
N TYR G 107 36.21 -44.14 -12.50
CA TYR G 107 36.87 -43.46 -13.61
C TYR G 107 35.84 -42.53 -14.25
N VAL G 108 36.29 -41.34 -14.66
CA VAL G 108 35.42 -40.27 -15.14
C VAL G 108 35.62 -40.11 -16.64
N GLU G 109 34.51 -40.06 -17.39
CA GLU G 109 34.54 -39.79 -18.82
C GLU G 109 33.47 -38.77 -19.15
N ARG G 110 33.46 -38.30 -20.40
CA ARG G 110 32.46 -37.33 -20.81
C ARG G 110 31.18 -38.02 -21.27
N SER G 111 30.08 -37.26 -21.22
CA SER G 111 28.76 -37.82 -21.47
C SER G 111 28.52 -38.02 -22.96
N GLU G 112 27.46 -38.76 -23.27
CA GLU G 112 27.06 -38.96 -24.65
C GLU G 112 26.29 -37.77 -25.21
N GLU G 113 25.85 -36.85 -24.36
CA GLU G 113 25.20 -35.63 -24.78
C GLU G 113 26.19 -34.52 -25.11
N CYS G 114 27.49 -34.79 -24.98
CA CYS G 114 28.52 -33.78 -25.23
C CYS G 114 28.61 -33.40 -26.70
N SER G 115 28.08 -34.22 -27.60
CA SER G 115 28.04 -33.90 -29.03
C SER G 115 26.90 -32.96 -29.39
N ILE G 116 26.02 -32.64 -28.45
CA ILE G 116 24.82 -31.84 -28.73
C ILE G 116 24.88 -30.49 -28.00
N ASP G 117 24.91 -30.50 -26.67
CA ASP G 117 25.03 -29.27 -25.90
C ASP G 117 26.38 -29.23 -25.22
N HIS G 118 27.17 -28.22 -25.57
CA HIS G 118 28.45 -27.96 -24.93
C HIS G 118 28.76 -26.49 -25.06
N ALA G 119 29.65 -26.01 -24.20
CA ALA G 119 30.10 -24.63 -24.26
C ALA G 119 31.51 -24.61 -24.82
N LYS G 120 31.73 -23.80 -25.85
CA LYS G 120 33.02 -23.71 -26.51
C LYS G 120 33.75 -22.47 -26.02
N ALA G 121 35.00 -22.64 -25.63
CA ALA G 121 35.79 -21.59 -25.01
C ALA G 121 36.71 -20.96 -26.05
N TYR G 122 36.51 -19.68 -26.33
CA TYR G 122 37.24 -18.98 -27.38
C TYR G 122 38.08 -17.85 -26.79
N LYS G 123 39.19 -17.54 -27.46
CA LYS G 123 40.01 -16.39 -27.14
C LYS G 123 39.98 -15.43 -28.32
N VAL G 124 39.59 -14.19 -28.07
CA VAL G 124 39.29 -13.22 -29.12
C VAL G 124 40.53 -12.37 -29.38
N HIS G 125 40.96 -12.34 -30.63
CA HIS G 125 42.04 -11.49 -31.11
C HIS G 125 41.47 -10.62 -32.22
N THR G 126 41.88 -9.35 -32.26
CA THR G 126 41.28 -8.36 -33.15
C THR G 126 41.53 -8.70 -34.62
N GLY G 127 40.46 -8.66 -35.41
CA GLY G 127 40.54 -9.10 -36.80
C GLY G 127 40.13 -8.06 -37.81
N THR G 128 39.19 -8.42 -38.70
CA THR G 128 38.83 -7.61 -39.85
C THR G 128 37.41 -7.07 -39.71
N VAL G 129 37.14 -6.02 -40.49
CA VAL G 129 35.82 -5.37 -40.55
C VAL G 129 35.41 -5.29 -42.01
N GLN G 130 34.19 -5.73 -42.32
CA GLN G 130 33.65 -5.62 -43.67
C GLN G 130 32.18 -5.23 -43.59
N ALA G 131 31.63 -4.76 -44.70
CA ALA G 131 30.29 -4.21 -44.72
C ALA G 131 29.68 -4.41 -46.11
N MET G 132 28.51 -3.82 -46.33
CA MET G 132 27.80 -3.89 -47.60
C MET G 132 27.24 -2.52 -47.94
N VAL G 133 27.55 -2.03 -49.15
CA VAL G 133 27.23 -0.67 -49.56
C VAL G 133 26.31 -0.72 -50.78
N ASN G 134 25.34 0.19 -50.83
CA ASN G 134 24.46 0.36 -51.96
C ASN G 134 24.89 1.58 -52.78
N ILE G 135 24.93 1.42 -54.10
CA ILE G 135 25.54 2.40 -55.00
C ILE G 135 24.49 2.85 -56.02
N THR G 136 24.33 4.17 -56.15
CA THR G 136 23.61 4.74 -57.28
C THR G 136 24.15 6.14 -57.55
N TYR G 137 24.20 6.49 -58.84
CA TYR G 137 24.58 7.84 -59.25
C TYR G 137 23.93 8.15 -60.59
N GLY G 138 23.59 9.42 -60.79
CA GLY G 138 22.99 9.90 -62.03
C GLY G 138 21.66 9.26 -62.35
N SER G 139 21.66 8.41 -63.38
CA SER G 139 20.50 7.60 -63.72
C SER G 139 20.76 6.10 -63.57
N VAL G 140 21.95 5.72 -63.10
CA VAL G 140 22.24 4.30 -62.86
C VAL G 140 21.49 3.84 -61.62
N SER G 141 20.89 2.65 -61.70
CA SER G 141 19.99 2.17 -60.67
C SER G 141 20.77 1.68 -59.44
N TRP G 142 20.02 1.23 -58.44
CA TRP G 142 20.60 0.76 -57.20
C TRP G 142 21.27 -0.61 -57.41
N ARG G 143 22.51 -0.74 -56.94
CA ARG G 143 23.17 -2.04 -56.93
C ARG G 143 24.13 -2.10 -55.76
N SER G 144 24.38 -3.32 -55.27
CA SER G 144 25.10 -3.52 -54.03
C SER G 144 26.18 -4.58 -54.20
N ALA G 145 27.27 -4.41 -53.45
CA ALA G 145 28.36 -5.38 -53.44
C ALA G 145 29.12 -5.25 -52.12
N ASP G 146 29.70 -6.36 -51.69
CA ASP G 146 30.46 -6.38 -50.44
C ASP G 146 31.80 -5.66 -50.61
N VAL G 147 32.20 -4.93 -49.57
CA VAL G 147 33.49 -4.24 -49.56
C VAL G 147 34.30 -4.70 -48.37
N TYR G 148 35.52 -4.19 -48.23
CA TYR G 148 36.37 -4.41 -47.07
C TYR G 148 36.68 -3.06 -46.44
N VAL G 149 36.50 -2.97 -45.13
CA VAL G 149 36.66 -1.72 -44.41
C VAL G 149 38.09 -1.68 -43.87
N ASN G 150 38.98 -1.09 -44.64
CA ASN G 150 40.37 -0.88 -44.24
C ASN G 150 40.83 0.41 -44.93
N GLY G 151 42.15 0.59 -45.04
CA GLY G 151 42.69 1.72 -45.77
C GLY G 151 43.33 1.40 -47.11
N GLU G 152 43.17 0.19 -47.64
CA GLU G 152 43.96 -0.21 -48.80
C GLU G 152 43.15 -0.81 -49.95
N THR G 153 42.07 -1.50 -49.64
CA THR G 153 41.41 -2.35 -50.64
C THR G 153 40.52 -1.53 -51.57
N PRO G 154 40.72 -1.60 -52.89
CA PRO G 154 39.77 -0.96 -53.81
C PRO G 154 38.63 -1.89 -54.19
N ALA G 155 37.39 -1.43 -54.10
CA ALA G 155 36.23 -2.22 -54.43
C ALA G 155 35.55 -1.65 -55.67
N LYS G 156 35.38 -2.49 -56.69
CA LYS G 156 34.80 -2.09 -57.97
C LYS G 156 33.34 -2.53 -58.00
N ILE G 157 32.44 -1.55 -57.87
CA ILE G 157 31.01 -1.81 -57.93
C ILE G 157 30.42 -0.99 -59.06
N GLY G 158 29.72 -1.66 -59.98
CA GLY G 158 29.21 -0.99 -61.17
C GLY G 158 30.36 -0.62 -62.07
N ASP G 159 30.43 0.67 -62.42
CA ASP G 159 31.55 1.21 -63.19
C ASP G 159 32.51 2.02 -62.34
N ALA G 160 32.17 2.29 -61.08
CA ALA G 160 32.97 3.13 -60.21
C ALA G 160 33.78 2.28 -59.23
N LYS G 161 34.93 2.80 -58.83
CA LYS G 161 35.79 2.15 -57.86
C LYS G 161 35.69 2.91 -56.54
N LEU G 162 35.24 2.22 -55.50
CA LEU G 162 35.00 2.83 -54.19
C LEU G 162 35.95 2.23 -53.17
N ILE G 163 36.62 3.09 -52.41
CA ILE G 163 37.47 2.67 -51.31
C ILE G 163 36.77 3.12 -50.03
N ILE G 164 36.31 2.16 -49.24
CA ILE G 164 35.71 2.44 -47.95
C ILE G 164 36.85 2.64 -46.96
N GLY G 165 36.83 3.77 -46.26
CA GLY G 165 37.89 4.07 -45.33
C GLY G 165 37.72 3.35 -44.02
N PRO G 166 38.76 3.37 -43.19
CA PRO G 166 38.71 2.67 -41.91
C PRO G 166 37.78 3.34 -40.91
N LEU G 167 37.35 2.55 -39.93
CA LEU G 167 36.48 3.06 -38.88
C LEU G 167 37.22 4.04 -37.98
N SER G 168 36.49 5.03 -37.48
CA SER G 168 37.09 6.06 -36.64
C SER G 168 37.33 5.59 -35.21
N SER G 169 36.84 4.42 -34.83
CA SER G 169 37.06 3.87 -33.50
C SER G 169 37.24 2.36 -33.59
N ALA G 170 38.17 1.84 -32.80
CA ALA G 170 38.43 0.40 -32.74
C ALA G 170 37.63 -0.29 -31.64
N TRP G 171 36.47 0.24 -31.29
CA TRP G 171 35.65 -0.35 -30.24
C TRP G 171 35.00 -1.64 -30.75
N SER G 172 35.13 -2.70 -29.96
CA SER G 172 34.50 -3.99 -30.23
C SER G 172 33.78 -4.48 -28.99
N PRO G 173 32.60 -5.08 -29.14
CA PRO G 173 31.86 -5.54 -27.95
C PRO G 173 32.47 -6.73 -27.25
N PHE G 174 33.33 -7.49 -27.92
CA PHE G 174 33.86 -8.71 -27.36
C PHE G 174 34.99 -8.43 -26.37
N ASP G 175 35.12 -9.32 -25.39
CA ASP G 175 36.19 -9.25 -24.41
C ASP G 175 37.36 -10.06 -24.96
N ASN G 176 38.39 -10.32 -24.14
CA ASN G 176 39.49 -11.17 -24.59
C ASN G 176 39.05 -12.62 -24.72
N LYS G 177 38.25 -13.10 -23.78
CA LYS G 177 37.79 -14.50 -23.76
C LYS G 177 36.28 -14.53 -23.75
N VAL G 178 35.69 -15.17 -24.76
CA VAL G 178 34.25 -15.35 -24.84
C VAL G 178 33.95 -16.84 -24.83
N VAL G 179 32.76 -17.19 -24.38
CA VAL G 179 32.30 -18.58 -24.36
C VAL G 179 30.98 -18.64 -25.13
N VAL G 180 30.86 -19.61 -26.03
CA VAL G 180 29.72 -19.74 -26.93
C VAL G 180 28.93 -20.97 -26.51
N TYR G 181 27.68 -20.77 -26.11
CA TYR G 181 26.80 -21.86 -25.71
C TYR G 181 25.55 -21.83 -26.56
N GLY G 182 25.50 -22.69 -27.57
CA GLY G 182 24.30 -22.79 -28.37
C GLY G 182 24.14 -21.65 -29.34
N HIS G 183 23.23 -20.74 -29.01
CA HIS G 183 22.84 -19.64 -29.88
C HIS G 183 23.48 -18.32 -29.49
N GLU G 184 23.83 -18.14 -28.22
CA GLU G 184 24.30 -16.86 -27.70
C GLU G 184 25.71 -16.98 -27.13
N VAL G 185 26.38 -15.83 -27.02
CA VAL G 185 27.74 -15.77 -26.53
C VAL G 185 27.75 -15.02 -25.19
N TYR G 186 28.82 -15.21 -24.43
CA TYR G 186 28.95 -14.61 -23.11
C TYR G 186 30.37 -14.07 -22.95
N ASN G 187 30.52 -13.14 -22.01
CA ASN G 187 31.81 -12.58 -21.66
C ASN G 187 32.20 -13.16 -20.31
N TYR G 188 32.87 -14.32 -20.33
CA TYR G 188 33.18 -15.06 -19.12
C TYR G 188 34.65 -15.47 -19.14
N ASP G 189 35.24 -15.53 -17.95
CA ASP G 189 36.64 -15.92 -17.80
C ASP G 189 36.78 -17.44 -17.74
N PHE G 190 37.99 -17.92 -18.01
CA PHE G 190 38.24 -19.34 -18.09
C PHE G 190 39.19 -19.78 -16.99
N PRO G 191 39.16 -21.07 -16.63
CA PRO G 191 40.26 -21.65 -15.87
C PRO G 191 41.48 -22.02 -16.70
N GLU G 192 41.44 -21.82 -18.02
CA GLU G 192 42.60 -21.88 -18.93
C GLU G 192 43.26 -23.25 -19.01
N TYR G 193 42.45 -24.32 -18.90
CA TYR G 193 42.81 -25.72 -19.18
C TYR G 193 43.83 -26.33 -18.21
N GLY G 194 44.38 -25.55 -17.30
CA GLY G 194 45.29 -26.11 -16.33
C GLY G 194 44.59 -26.27 -15.01
N THR G 195 43.57 -25.45 -14.81
CA THR G 195 42.83 -25.43 -13.56
C THR G 195 41.38 -25.83 -13.77
N GLY G 196 40.72 -26.15 -12.67
CA GLY G 196 39.31 -26.41 -12.63
C GLY G 196 38.91 -26.62 -11.19
N LYS G 197 37.89 -25.92 -10.73
CA LYS G 197 37.59 -25.90 -9.30
C LYS G 197 36.52 -26.92 -8.92
N ALA G 198 36.32 -27.93 -9.76
CA ALA G 198 35.51 -29.13 -9.53
C ALA G 198 34.01 -28.88 -9.43
N GLY G 199 33.58 -27.62 -9.36
CA GLY G 199 32.16 -27.36 -9.30
C GLY G 199 31.72 -26.09 -9.99
N SER G 200 32.60 -25.40 -10.71
CA SER G 200 32.29 -24.04 -11.16
C SER G 200 32.14 -23.93 -12.68
N PHE G 201 33.20 -24.11 -13.45
CA PHE G 201 33.02 -24.18 -14.90
C PHE G 201 33.94 -25.16 -15.61
N GLY G 202 35.13 -25.44 -15.09
CA GLY G 202 36.10 -26.19 -15.85
C GLY G 202 36.43 -27.52 -15.23
N ASP G 203 35.43 -28.21 -14.71
CA ASP G 203 35.68 -29.51 -14.12
C ASP G 203 35.74 -30.62 -15.17
N LEU G 204 35.51 -30.30 -16.44
CA LEU G 204 35.71 -31.25 -17.53
C LEU G 204 36.09 -30.44 -18.77
N GLN G 205 37.39 -30.39 -19.06
CA GLN G 205 37.90 -29.61 -20.18
C GLN G 205 38.56 -30.57 -21.16
N SER G 206 38.07 -30.58 -22.39
CA SER G 206 38.61 -31.42 -23.46
C SER G 206 39.01 -30.51 -24.62
N ARG G 207 40.20 -30.75 -25.18
CA ARG G 207 40.82 -29.80 -26.11
C ARG G 207 40.04 -29.68 -27.42
N THR G 208 39.32 -30.71 -27.82
CA THR G 208 38.37 -30.62 -28.91
C THR G 208 37.22 -31.56 -28.62
N SER G 209 36.27 -31.63 -29.57
CA SER G 209 35.05 -32.39 -29.35
C SER G 209 35.25 -33.89 -29.38
N THR G 210 36.38 -34.37 -29.91
CA THR G 210 36.65 -35.81 -29.95
C THR G 210 38.08 -36.11 -29.51
N SER G 211 38.60 -35.36 -28.55
CA SER G 211 39.97 -35.55 -28.11
C SER G 211 40.08 -36.79 -27.22
N ASN G 212 41.17 -37.53 -27.40
CA ASN G 212 41.45 -38.65 -26.49
C ASN G 212 41.91 -38.15 -25.13
N ASP G 213 42.62 -37.04 -25.09
CA ASP G 213 42.99 -36.42 -23.83
C ASP G 213 41.78 -35.73 -23.20
N LEU G 214 41.75 -35.70 -21.87
CA LEU G 214 40.63 -35.12 -21.14
C LEU G 214 41.09 -34.78 -19.75
N TYR G 215 41.03 -33.50 -19.38
CA TYR G 215 41.33 -33.06 -18.03
C TYR G 215 40.03 -32.93 -17.26
N ALA G 216 39.97 -33.55 -16.10
CA ALA G 216 38.73 -33.54 -15.31
C ALA G 216 39.07 -33.78 -13.85
N ASN G 217 38.87 -32.77 -13.01
CA ASN G 217 38.80 -32.98 -11.57
C ASN G 217 37.38 -32.79 -11.07
N THR G 218 36.91 -33.75 -10.28
CA THR G 218 35.52 -33.75 -9.82
C THR G 218 35.38 -34.14 -8.36
N ASN G 219 36.49 -34.16 -7.60
CA ASN G 219 36.54 -34.54 -6.18
C ASN G 219 35.92 -35.91 -5.94
N LEU G 220 36.25 -36.86 -6.83
CA LEU G 220 35.74 -38.22 -6.70
C LEU G 220 36.38 -38.90 -5.50
N LYS G 221 35.57 -39.62 -4.74
CA LYS G 221 36.07 -40.32 -3.56
C LYS G 221 35.27 -41.60 -3.39
N LEU G 222 35.97 -42.70 -3.21
CA LEU G 222 35.32 -44.01 -3.08
C LEU G 222 35.01 -44.30 -1.63
N GLN G 223 33.83 -44.87 -1.40
CA GLN G 223 33.37 -45.21 -0.06
C GLN G 223 33.29 -46.72 0.08
N ARG G 224 33.15 -47.16 1.32
CA ARG G 224 33.14 -48.58 1.63
C ARG G 224 31.78 -49.18 1.30
N PRO G 225 31.72 -50.30 0.60
CA PRO G 225 30.46 -51.04 0.49
C PRO G 225 30.06 -51.63 1.84
N GLN G 226 28.76 -51.74 2.06
CA GLN G 226 28.24 -51.95 3.41
C GLN G 226 27.36 -53.18 3.48
N ALA G 227 27.44 -53.87 4.62
CA ALA G 227 26.51 -54.92 5.06
C ALA G 227 26.48 -56.13 4.14
N GLY G 228 27.52 -56.35 3.36
CA GLY G 228 27.59 -57.54 2.53
C GLY G 228 26.76 -57.50 1.27
N ILE G 229 26.92 -56.43 0.48
CA ILE G 229 26.37 -56.37 -0.86
C ILE G 229 27.48 -55.90 -1.80
N VAL G 230 27.34 -56.24 -3.07
CA VAL G 230 28.34 -55.92 -4.08
C VAL G 230 27.85 -54.69 -4.84
N HIS G 231 28.49 -53.56 -4.60
CA HIS G 231 28.32 -52.35 -5.38
C HIS G 231 29.53 -51.48 -5.15
N THR G 232 29.75 -50.51 -6.04
CA THR G 232 30.81 -49.54 -5.84
C THR G 232 30.18 -48.17 -5.60
N PRO G 233 30.09 -47.71 -4.35
CA PRO G 233 29.57 -46.37 -4.10
C PRO G 233 30.67 -45.33 -4.05
N PHE G 234 30.38 -44.16 -4.60
CA PHE G 234 31.33 -43.07 -4.67
C PHE G 234 30.66 -41.77 -4.21
N THR G 235 31.42 -40.69 -4.25
CA THR G 235 30.94 -39.39 -3.79
C THR G 235 31.72 -38.31 -4.52
N GLN G 236 31.02 -37.41 -5.19
CA GLN G 236 31.68 -36.33 -5.92
C GLN G 236 30.78 -35.11 -5.93
N VAL G 237 31.40 -33.95 -6.11
CA VAL G 237 30.67 -32.69 -6.18
C VAL G 237 29.90 -32.67 -7.50
N PRO G 238 28.72 -32.03 -7.56
CA PRO G 238 27.93 -32.04 -8.80
C PRO G 238 28.54 -31.25 -9.94
N SER G 239 27.86 -31.24 -11.09
CA SER G 239 28.44 -30.75 -12.32
C SER G 239 28.57 -29.23 -12.31
N GLY G 240 29.73 -28.73 -12.75
CA GLY G 240 29.93 -27.31 -12.85
C GLY G 240 29.33 -26.70 -14.09
N PHE G 241 29.22 -27.49 -15.16
CA PHE G 241 28.53 -27.02 -16.35
C PHE G 241 27.03 -26.90 -16.11
N GLU G 242 26.47 -27.86 -15.38
CA GLU G 242 25.06 -27.79 -15.01
C GLU G 242 24.79 -26.61 -14.07
N ARG G 243 25.72 -26.35 -13.14
CA ARG G 243 25.59 -25.20 -12.26
C ARG G 243 25.76 -23.89 -13.01
N TRP G 244 26.56 -23.89 -14.08
CA TRP G 244 26.73 -22.68 -14.88
C TRP G 244 25.45 -22.36 -15.65
N LYS G 245 24.68 -23.37 -16.02
CA LYS G 245 23.49 -23.12 -16.83
C LYS G 245 22.34 -22.51 -16.04
N LYS G 246 22.36 -22.61 -14.70
CA LYS G 246 21.34 -21.95 -13.88
C LYS G 246 21.82 -20.57 -13.43
N ASP G 247 22.92 -20.52 -12.70
CA ASP G 247 23.50 -19.26 -12.23
C ASP G 247 24.26 -18.63 -13.39
N LYS G 248 23.52 -17.93 -14.24
CA LYS G 248 24.07 -17.42 -15.49
C LYS G 248 23.50 -16.04 -15.77
N GLY G 249 24.37 -15.14 -16.22
CA GLY G 249 23.97 -13.78 -16.47
C GLY G 249 23.30 -13.62 -17.83
N ALA G 250 23.12 -12.36 -18.19
CA ALA G 250 22.56 -12.05 -19.49
C ALA G 250 23.62 -12.27 -20.58
N PRO G 251 23.20 -12.69 -21.78
CA PRO G 251 24.17 -12.89 -22.86
C PRO G 251 24.65 -11.55 -23.41
N LEU G 252 25.66 -11.65 -24.28
CA LEU G 252 26.22 -10.44 -24.88
C LEU G 252 25.29 -9.83 -25.92
N ASN G 253 24.38 -10.61 -26.49
CA ASN G 253 23.44 -10.03 -27.45
C ASN G 253 22.24 -9.36 -26.78
N ASP G 254 22.20 -9.35 -25.45
CA ASP G 254 21.22 -8.56 -24.71
C ASP G 254 21.85 -7.44 -23.90
N VAL G 255 23.18 -7.27 -23.97
CA VAL G 255 23.90 -6.38 -23.07
C VAL G 255 24.71 -5.36 -23.86
N ALA G 256 25.11 -5.73 -25.08
CA ALA G 256 26.09 -4.94 -25.85
C ALA G 256 25.52 -3.59 -26.27
N PRO G 257 26.28 -2.51 -26.12
CA PRO G 257 25.77 -1.18 -26.45
C PRO G 257 25.76 -0.96 -27.96
N PHE G 258 25.28 0.24 -28.34
CA PHE G 258 25.21 0.74 -29.72
C PHE G 258 24.32 -0.11 -30.62
N GLY G 259 23.44 -0.94 -30.06
CA GLY G 259 22.57 -1.78 -30.85
C GLY G 259 23.28 -2.85 -31.64
N CYS G 260 24.27 -3.51 -31.04
CA CYS G 260 25.08 -4.49 -31.74
C CYS G 260 24.36 -5.83 -31.72
N SER G 261 23.75 -6.21 -32.85
CA SER G 261 23.27 -7.56 -33.00
C SER G 261 24.45 -8.50 -33.16
N ILE G 262 24.37 -9.68 -32.56
CA ILE G 262 25.50 -10.62 -32.49
C ILE G 262 25.08 -11.92 -33.15
N ALA G 263 25.79 -12.29 -34.21
CA ALA G 263 25.55 -13.53 -34.92
C ALA G 263 26.64 -14.54 -34.59
N LEU G 264 26.54 -15.74 -35.18
CA LEU G 264 27.24 -16.88 -34.61
C LEU G 264 28.31 -17.49 -35.50
N GLU G 265 27.97 -17.85 -36.75
CA GLU G 265 28.77 -18.85 -37.45
C GLU G 265 30.16 -18.39 -37.90
N PRO G 266 30.37 -17.13 -38.31
CA PRO G 266 31.72 -16.56 -38.23
C PRO G 266 31.98 -15.70 -37.01
N LEU G 267 31.02 -15.61 -36.08
CA LEU G 267 31.08 -14.80 -34.86
C LEU G 267 31.30 -13.32 -35.19
N ARG G 268 30.31 -12.74 -35.86
CA ARG G 268 30.38 -11.34 -36.21
C ARG G 268 29.69 -10.52 -35.13
N ALA G 269 29.61 -9.20 -35.32
CA ALA G 269 28.86 -8.30 -34.43
C ALA G 269 28.17 -7.30 -35.35
N GLU G 270 26.95 -7.62 -35.77
CA GLU G 270 26.31 -6.95 -36.88
C GLU G 270 25.69 -5.61 -36.47
N ASN G 271 25.77 -4.64 -37.38
CA ASN G 271 24.99 -3.40 -37.37
C ASN G 271 25.24 -2.52 -36.15
N CYS G 272 26.48 -2.49 -35.67
CA CYS G 272 26.85 -1.51 -34.66
C CYS G 272 26.91 -0.11 -35.28
N ALA G 273 26.65 0.90 -34.47
CA ALA G 273 26.62 2.29 -34.93
C ALA G 273 27.58 3.11 -34.09
N VAL G 274 28.85 3.13 -34.50
CA VAL G 274 29.89 3.86 -33.77
C VAL G 274 30.90 4.39 -34.78
N GLY G 275 31.28 5.66 -34.62
CA GLY G 275 32.35 6.23 -35.41
C GLY G 275 31.88 6.80 -36.73
N SER G 276 32.85 6.96 -37.65
CA SER G 276 32.60 7.52 -38.96
C SER G 276 33.39 6.74 -40.00
N ILE G 277 32.86 6.70 -41.22
CA ILE G 277 33.46 5.96 -42.33
C ILE G 277 33.78 6.90 -43.49
N PRO G 278 35.05 7.21 -43.75
CA PRO G 278 35.37 8.01 -44.94
C PRO G 278 35.25 7.19 -46.22
N ILE G 279 35.08 7.90 -47.33
CA ILE G 279 34.91 7.28 -48.63
C ILE G 279 35.81 7.92 -49.66
N SER G 280 35.99 7.22 -50.78
CA SER G 280 36.66 7.76 -51.96
C SER G 280 36.15 6.94 -53.15
N ILE G 281 35.23 7.52 -53.92
CA ILE G 281 34.61 6.83 -55.05
C ILE G 281 35.00 7.57 -56.33
N ASP G 282 35.53 6.82 -57.30
CA ASP G 282 35.95 7.38 -58.59
C ASP G 282 34.81 7.18 -59.58
N ILE G 283 33.99 8.21 -59.73
CA ILE G 283 32.86 8.16 -60.67
C ILE G 283 33.40 8.30 -62.09
N PRO G 284 32.98 7.46 -63.04
CA PRO G 284 33.40 7.63 -64.43
C PRO G 284 32.81 8.89 -65.04
N ASP G 285 33.50 9.38 -66.07
CA ASP G 285 33.07 10.57 -66.79
C ASP G 285 31.97 10.30 -67.80
N ALA G 286 31.62 9.02 -68.03
CA ALA G 286 30.53 8.69 -68.94
C ALA G 286 29.16 9.04 -68.38
N ALA G 287 29.07 9.29 -67.07
CA ALA G 287 27.84 9.76 -66.44
C ALA G 287 27.82 11.27 -66.26
N PHE G 288 28.78 11.98 -66.85
CA PHE G 288 28.89 13.43 -66.72
C PHE G 288 28.46 14.10 -68.02
N THR G 289 27.63 15.13 -67.91
CA THR G 289 27.19 15.92 -69.03
C THR G 289 27.78 17.33 -68.95
N ARG G 290 27.79 18.02 -70.09
CA ARG G 290 28.37 19.34 -70.17
C ARG G 290 27.41 20.40 -69.63
N ILE G 291 27.90 21.65 -69.58
CA ILE G 291 27.09 22.77 -69.13
C ILE G 291 25.98 23.06 -70.14
N SER G 292 26.28 22.92 -71.44
CA SER G 292 25.30 23.16 -72.48
C SER G 292 24.18 22.12 -72.51
N GLU G 293 24.41 20.94 -71.92
CA GLU G 293 23.36 19.93 -71.89
C GLU G 293 22.29 20.27 -70.85
N THR G 294 22.69 20.74 -69.67
CA THR G 294 21.73 21.01 -68.61
C THR G 294 21.03 22.34 -68.86
N PRO G 295 19.75 22.46 -68.46
CA PRO G 295 19.08 23.77 -68.57
C PRO G 295 19.27 24.62 -67.33
N THR G 296 19.66 25.87 -67.53
CA THR G 296 19.80 26.80 -66.42
C THR G 296 18.43 27.26 -65.93
N VAL G 297 18.35 27.57 -64.64
CA VAL G 297 17.12 28.05 -64.03
C VAL G 297 17.36 29.44 -63.47
N SER G 298 16.27 30.16 -63.25
CA SER G 298 16.34 31.53 -62.74
C SER G 298 15.00 31.88 -62.10
N ASP G 299 15.02 33.00 -61.36
CA ASP G 299 13.87 33.55 -60.63
C ASP G 299 13.28 32.52 -59.65
N LEU G 300 14.09 32.19 -58.65
CA LEU G 300 13.75 31.19 -57.66
C LEU G 300 13.18 31.84 -56.41
N GLU G 301 12.04 31.34 -55.94
CA GLU G 301 11.43 31.81 -54.70
C GLU G 301 10.84 30.60 -53.99
N CYS G 302 11.30 30.35 -52.77
CA CYS G 302 10.95 29.16 -52.00
C CYS G 302 10.17 29.56 -50.76
N LYS G 303 9.04 28.89 -50.54
CA LYS G 303 8.17 29.16 -49.40
C LYS G 303 7.82 27.84 -48.72
N ILE G 304 8.04 27.76 -47.41
CA ILE G 304 7.73 26.57 -46.63
C ILE G 304 6.29 26.69 -46.16
N THR G 305 5.42 25.82 -46.70
CA THR G 305 4.02 25.87 -46.33
C THR G 305 3.78 25.29 -44.94
N GLU G 306 4.43 24.17 -44.62
CA GLU G 306 4.17 23.47 -43.38
C GLU G 306 5.43 22.76 -42.93
N CYS G 307 5.78 22.89 -41.65
CA CYS G 307 6.93 22.22 -41.09
C CYS G 307 6.55 21.58 -39.76
N THR G 308 7.19 20.45 -39.45
CA THR G 308 6.97 19.76 -38.20
C THR G 308 8.32 19.29 -37.64
N TYR G 309 8.40 19.22 -36.32
CA TYR G 309 9.62 18.93 -35.59
C TYR G 309 10.02 17.46 -35.63
N ALA G 310 9.10 16.56 -35.97
CA ALA G 310 9.33 15.13 -35.88
C ALA G 310 10.33 14.66 -36.93
N PHE G 311 10.90 13.47 -36.71
CA PHE G 311 11.88 12.95 -37.66
C PHE G 311 11.29 12.00 -38.68
N ASP G 312 9.98 12.06 -38.90
CA ASP G 312 9.47 11.70 -40.20
C ASP G 312 9.65 12.90 -41.14
N PHE G 313 9.45 12.67 -42.43
CA PHE G 313 9.55 13.76 -43.40
C PHE G 313 8.31 14.65 -43.27
N GLY G 314 8.39 15.57 -42.31
CA GLY G 314 7.25 16.40 -41.98
C GLY G 314 7.46 17.86 -42.29
N GLY G 315 8.09 18.15 -43.43
CA GLY G 315 8.21 19.52 -43.89
C GLY G 315 7.98 19.60 -45.38
N ILE G 316 7.01 20.42 -45.81
CA ILE G 316 6.63 20.52 -47.21
C ILE G 316 6.79 21.95 -47.66
N ALA G 317 7.55 22.16 -48.73
CA ALA G 317 7.79 23.49 -49.27
C ALA G 317 7.54 23.49 -50.78
N THR G 318 7.01 24.60 -51.28
CA THR G 318 6.75 24.79 -52.70
C THR G 318 7.64 25.92 -53.21
N VAL G 319 8.32 25.67 -54.32
CA VAL G 319 9.24 26.65 -54.90
C VAL G 319 8.92 26.78 -56.39
N ALA G 320 8.80 28.02 -56.86
CA ALA G 320 8.49 28.32 -58.24
C ALA G 320 9.76 28.76 -58.96
N TYR G 321 9.99 28.21 -60.15
CA TYR G 321 11.20 28.48 -60.92
C TYR G 321 10.83 29.16 -62.24
N LYS G 322 11.87 29.41 -63.04
CA LYS G 322 11.69 29.85 -64.42
C LYS G 322 12.89 29.31 -65.20
N SER G 323 12.72 28.15 -65.81
CA SER G 323 13.81 27.48 -66.50
C SER G 323 13.85 27.85 -67.97
N SER G 324 15.01 27.61 -68.60
CA SER G 324 15.16 27.89 -70.02
C SER G 324 14.41 26.87 -70.86
N LYS G 325 14.48 25.59 -70.48
CA LYS G 325 13.80 24.53 -71.21
C LYS G 325 13.48 23.41 -70.24
N ALA G 326 12.77 22.39 -70.73
CA ALA G 326 12.46 21.23 -69.91
C ALA G 326 13.70 20.38 -69.71
N GLY G 327 13.70 19.62 -68.61
CA GLY G 327 14.83 18.78 -68.29
C GLY G 327 14.64 18.11 -66.95
N ASN G 328 15.75 17.53 -66.46
CA ASN G 328 15.77 16.83 -65.18
C ASN G 328 17.13 17.07 -64.54
N CYS G 329 17.17 17.90 -63.50
CA CYS G 329 18.43 18.09 -62.79
C CYS G 329 18.19 17.82 -61.31
N PRO G 330 19.20 17.26 -60.61
CA PRO G 330 19.00 16.91 -59.22
C PRO G 330 18.98 18.12 -58.29
N ILE G 331 18.30 17.96 -57.16
CA ILE G 331 18.30 18.96 -56.10
C ILE G 331 18.99 18.37 -54.89
N HIS G 332 19.56 19.26 -54.07
CA HIS G 332 20.32 18.84 -52.90
C HIS G 332 20.44 20.02 -51.95
N SER G 333 20.42 19.71 -50.65
CA SER G 333 20.67 20.70 -49.61
C SER G 333 22.02 20.42 -48.96
N PRO G 334 23.02 21.29 -49.14
CA PRO G 334 24.36 20.97 -48.62
C PRO G 334 24.49 21.12 -47.10
N SER G 335 23.65 21.94 -46.50
CA SER G 335 23.70 22.14 -45.06
C SER G 335 23.09 20.97 -44.33
N GLY G 336 23.43 20.85 -43.04
CA GLY G 336 22.90 19.80 -42.20
C GLY G 336 21.60 20.11 -41.51
N VAL G 337 20.98 21.25 -41.80
CA VAL G 337 19.71 21.59 -41.18
C VAL G 337 18.59 20.71 -41.69
N ALA G 338 18.58 20.42 -42.99
CA ALA G 338 17.51 19.64 -43.59
C ALA G 338 18.09 18.57 -44.51
N VAL G 339 17.39 17.44 -44.55
CA VAL G 339 17.64 16.39 -45.54
C VAL G 339 16.47 16.39 -46.51
N ILE G 340 16.70 15.91 -47.73
CA ILE G 340 15.73 16.00 -48.81
C ILE G 340 15.34 14.60 -49.24
N LYS G 341 14.03 14.36 -49.39
CA LYS G 341 13.55 13.02 -49.66
C LYS G 341 13.79 12.62 -51.12
N GLU G 342 13.46 13.49 -52.07
CA GLU G 342 13.67 13.17 -53.48
C GLU G 342 14.94 13.80 -54.00
N ASN G 343 15.51 13.18 -55.04
CA ASN G 343 16.76 13.63 -55.65
C ASN G 343 16.51 14.49 -56.88
N ASP G 344 15.84 13.94 -57.88
CA ASP G 344 15.61 14.65 -59.13
C ASP G 344 14.23 15.31 -59.11
N VAL G 345 13.89 15.98 -60.20
CA VAL G 345 12.62 16.69 -60.33
C VAL G 345 12.28 16.80 -61.80
N THR G 346 10.97 16.94 -62.09
CA THR G 346 10.47 17.13 -63.44
C THR G 346 10.34 18.63 -63.68
N LEU G 347 11.23 19.19 -64.49
CA LEU G 347 11.23 20.61 -64.79
C LEU G 347 10.32 20.89 -65.99
N ALA G 348 9.96 22.16 -66.13
CA ALA G 348 9.15 22.62 -67.25
C ALA G 348 9.53 24.07 -67.53
N GLU G 349 8.69 24.78 -68.28
CA GLU G 349 8.91 26.20 -68.56
C GLU G 349 8.16 27.01 -67.52
N SER G 350 8.87 27.44 -66.48
CA SER G 350 8.37 28.27 -65.37
C SER G 350 7.20 27.59 -64.65
N GLY G 351 7.51 26.46 -64.03
CA GLY G 351 6.57 25.72 -63.22
C GLY G 351 6.81 25.91 -61.74
N SER G 352 6.34 24.93 -60.95
CA SER G 352 6.53 24.96 -59.50
C SER G 352 6.47 23.53 -59.00
N PHE G 353 7.44 23.16 -58.14
CA PHE G 353 7.50 21.80 -57.62
C PHE G 353 7.56 21.83 -56.10
N THR G 354 7.15 20.71 -55.51
CA THR G 354 7.11 20.53 -54.06
C THR G 354 8.11 19.46 -53.66
N PHE G 355 8.84 19.72 -52.57
CA PHE G 355 9.79 18.75 -52.04
C PHE G 355 9.56 18.59 -50.55
N HIS G 356 9.84 17.39 -50.05
CA HIS G 356 9.61 17.03 -48.65
C HIS G 356 10.93 16.95 -47.92
N PHE G 357 11.01 17.60 -46.76
CA PHE G 357 12.23 17.64 -45.97
C PHE G 357 11.92 17.27 -44.52
N SER G 358 12.97 17.04 -43.74
CA SER G 358 12.84 16.70 -42.34
C SER G 358 13.97 17.35 -41.57
N THR G 359 13.65 18.36 -40.76
CA THR G 359 14.62 19.08 -39.95
C THR G 359 14.44 18.74 -38.48
N ALA G 360 15.29 19.34 -37.66
CA ALA G 360 15.17 19.28 -36.21
C ALA G 360 15.26 20.67 -35.59
N ASN G 361 14.91 21.70 -36.35
CA ASN G 361 15.01 23.09 -35.91
C ASN G 361 13.63 23.69 -35.76
N ILE G 362 13.51 24.63 -34.82
CA ILE G 362 12.27 25.40 -34.71
C ILE G 362 12.12 26.33 -35.91
N HIS G 363 13.19 27.03 -36.28
CA HIS G 363 13.20 27.88 -37.47
C HIS G 363 14.31 27.38 -38.41
N PRO G 364 13.98 26.69 -39.49
CA PRO G 364 15.02 26.24 -40.42
C PRO G 364 15.56 27.40 -41.23
N ALA G 365 16.86 27.32 -41.54
CA ALA G 365 17.54 28.35 -42.30
C ALA G 365 18.43 27.75 -43.38
N PHE G 366 18.04 26.58 -43.89
CA PHE G 366 18.83 25.89 -44.89
C PHE G 366 18.61 26.50 -46.27
N LYS G 367 19.46 26.09 -47.21
CA LYS G 367 19.30 26.45 -48.62
C LYS G 367 19.54 25.20 -49.45
N LEU G 368 18.95 25.20 -50.65
CA LEU G 368 19.11 24.07 -51.56
C LEU G 368 19.43 24.60 -52.95
N GLN G 369 20.10 23.75 -53.73
CA GLN G 369 20.52 24.10 -55.08
C GLN G 369 19.79 23.24 -56.10
N VAL G 370 19.32 23.89 -57.17
CA VAL G 370 18.68 23.20 -58.29
C VAL G 370 19.33 23.68 -59.59
N CYS G 371 19.90 22.73 -60.33
CA CYS G 371 20.67 22.97 -61.57
C CYS G 371 21.76 24.02 -61.37
N THR G 372 22.68 23.70 -60.44
CA THR G 372 23.75 24.56 -59.88
C THR G 372 23.32 26.03 -59.70
N SER G 373 22.14 26.20 -59.08
CA SER G 373 21.62 27.53 -58.74
C SER G 373 20.95 27.45 -57.38
N ALA G 374 21.38 28.29 -56.45
CA ALA G 374 20.95 28.19 -55.07
C ALA G 374 19.71 29.04 -54.82
N VAL G 375 18.99 28.69 -53.75
CA VAL G 375 17.83 29.43 -53.29
C VAL G 375 17.68 29.15 -51.79
N THR G 376 17.39 30.21 -51.02
CA THR G 376 17.31 30.12 -49.57
C THR G 376 15.86 29.94 -49.13
N CYS G 377 15.64 29.01 -48.20
CA CYS G 377 14.32 28.74 -47.64
C CYS G 377 14.34 28.97 -46.13
N LYS G 378 13.21 29.44 -45.60
CA LYS G 378 13.09 29.65 -44.16
C LYS G 378 11.62 29.53 -43.77
N GLY G 379 11.39 29.28 -42.49
CA GLY G 379 10.04 29.13 -42.00
C GLY G 379 10.00 28.89 -40.51
N ASP G 380 8.86 28.39 -40.04
CA ASP G 380 8.66 28.07 -38.63
C ASP G 380 8.07 26.67 -38.53
N CYS G 381 8.36 26.00 -37.42
CA CYS G 381 7.95 24.61 -37.22
C CYS G 381 7.25 24.45 -35.89
N LYS G 382 6.38 23.44 -35.83
CA LYS G 382 5.56 23.09 -34.68
C LYS G 382 6.01 21.76 -34.08
N PRO G 383 5.87 21.56 -32.77
CA PRO G 383 6.23 20.28 -32.16
C PRO G 383 5.27 19.18 -32.58
N PRO G 384 5.71 17.92 -32.57
CA PRO G 384 4.82 16.83 -32.95
C PRO G 384 3.97 16.34 -31.78
N LYS G 385 2.81 15.78 -32.12
CA LYS G 385 1.90 15.29 -31.10
C LYS G 385 2.35 13.97 -30.49
N ASP G 386 3.11 13.17 -31.23
CA ASP G 386 3.50 11.84 -30.78
C ASP G 386 4.58 11.92 -29.71
N HIS G 387 4.63 10.89 -28.88
CA HIS G 387 5.61 10.78 -27.81
C HIS G 387 6.69 9.75 -28.09
N ILE G 388 6.33 8.63 -28.69
CA ILE G 388 7.25 7.52 -28.94
C ILE G 388 6.89 6.91 -30.28
N VAL G 389 7.90 6.70 -31.13
CA VAL G 389 7.70 6.13 -32.45
C VAL G 389 8.63 4.93 -32.64
N ASP G 390 8.44 4.22 -33.73
CA ASP G 390 9.12 2.95 -33.99
C ASP G 390 10.20 3.04 -35.06
N TYR G 391 10.58 4.25 -35.49
CA TYR G 391 11.59 4.42 -36.51
C TYR G 391 12.62 5.44 -36.04
N PRO G 392 13.89 5.29 -36.43
CA PRO G 392 14.95 6.18 -35.94
C PRO G 392 14.87 7.55 -36.63
N ALA G 393 15.77 8.43 -36.19
CA ALA G 393 15.75 9.82 -36.63
C ALA G 393 16.40 9.97 -37.98
N GLN G 394 15.69 10.60 -38.92
CA GLN G 394 16.25 10.88 -40.23
C GLN G 394 17.22 12.07 -40.20
N HIS G 395 16.99 13.04 -39.32
CA HIS G 395 17.82 14.23 -39.28
C HIS G 395 18.97 14.04 -38.31
N THR G 396 19.65 15.13 -37.98
CA THR G 396 20.68 15.15 -36.94
C THR G 396 20.43 16.34 -36.04
N GLU G 397 20.76 16.19 -34.77
CA GLU G 397 20.47 17.21 -33.76
C GLU G 397 21.74 17.98 -33.43
N SER G 398 21.67 19.31 -33.55
CA SER G 398 22.80 20.18 -33.28
C SER G 398 22.61 20.89 -31.94
N PHE G 399 23.59 21.73 -31.60
CA PHE G 399 23.52 22.47 -30.34
C PHE G 399 22.52 23.61 -30.40
N THR G 400 22.50 24.36 -31.50
CA THR G 400 21.65 25.54 -31.64
C THR G 400 20.35 25.24 -32.37
N SER G 401 20.00 23.97 -32.56
CA SER G 401 18.79 23.61 -33.27
C SER G 401 17.54 23.74 -32.42
N ALA G 402 17.67 23.94 -31.12
CA ALA G 402 16.53 24.02 -30.23
C ALA G 402 16.15 25.44 -29.85
N ILE G 403 16.92 26.44 -30.27
CA ILE G 403 16.73 27.82 -29.83
C ILE G 403 15.69 28.49 -30.71
N SER G 404 14.59 28.95 -30.11
CA SER G 404 13.59 29.69 -30.82
C SER G 404 14.01 31.15 -30.98
N ALA G 405 13.23 31.91 -31.75
CA ALA G 405 13.57 33.30 -32.01
C ALA G 405 13.34 34.18 -30.79
N THR G 406 12.34 33.83 -29.97
CA THR G 406 12.08 34.61 -28.75
C THR G 406 13.20 34.43 -27.73
N ALA G 407 13.65 33.19 -27.54
CA ALA G 407 14.75 32.95 -26.61
C ALA G 407 16.09 33.43 -27.17
N TRP G 408 16.23 33.47 -28.50
CA TRP G 408 17.45 34.01 -29.09
C TRP G 408 17.52 35.51 -28.92
N SER G 409 16.37 36.20 -28.93
CA SER G 409 16.35 37.63 -28.66
C SER G 409 16.48 37.91 -27.17
N TRP G 410 16.05 36.98 -26.31
CA TRP G 410 16.18 37.20 -24.87
C TRP G 410 17.62 37.10 -24.40
N ILE G 411 18.42 36.23 -25.03
CA ILE G 411 19.85 36.20 -24.71
C ILE G 411 20.64 37.25 -25.47
N LYS G 412 20.02 37.93 -26.43
CA LYS G 412 20.68 38.99 -27.17
C LYS G 412 20.64 40.33 -26.46
N VAL G 413 19.86 40.45 -25.38
CA VAL G 413 19.89 41.64 -24.54
C VAL G 413 20.49 41.37 -23.17
N LEU G 414 20.67 40.10 -22.79
CA LEU G 414 21.33 39.77 -21.53
C LEU G 414 22.83 39.62 -21.68
N VAL G 415 23.35 39.67 -22.91
CA VAL G 415 24.78 39.65 -23.16
C VAL G 415 25.11 40.75 -24.15
N GLY G 416 24.07 41.31 -24.78
CA GLY G 416 24.27 42.38 -25.73
C GLY G 416 24.27 43.75 -25.07
N GLY G 417 23.20 44.05 -24.33
CA GLY G 417 23.10 45.33 -23.65
C GLY G 417 23.95 45.40 -22.39
N THR G 418 24.14 44.27 -21.72
CA THR G 418 24.92 44.27 -20.47
C THR G 418 26.41 44.45 -20.74
N SER G 419 26.94 43.76 -21.77
CA SER G 419 28.33 43.95 -22.15
C SER G 419 28.56 45.32 -22.75
N ALA G 420 27.55 45.91 -23.39
CA ALA G 420 27.66 47.28 -23.85
C ALA G 420 27.42 48.31 -22.75
N PHE G 421 26.92 47.88 -21.59
CA PHE G 421 26.75 48.79 -20.47
C PHE G 421 28.09 49.07 -19.79
N ILE G 422 29.00 48.09 -19.78
CA ILE G 422 30.34 48.32 -19.25
C ILE G 422 31.15 49.21 -20.19
N VAL G 423 30.78 49.28 -21.47
CA VAL G 423 31.42 50.22 -22.39
C VAL G 423 31.12 51.65 -21.97
N LEU G 424 29.89 51.91 -21.52
CA LEU G 424 29.54 53.23 -21.00
C LEU G 424 30.29 53.53 -19.71
N GLY G 425 30.44 52.54 -18.84
CA GLY G 425 31.15 52.75 -17.59
C GLY G 425 32.65 52.91 -17.78
N LEU G 426 33.21 52.30 -18.82
CA LEU G 426 34.64 52.41 -19.05
C LEU G 426 35.02 53.75 -19.66
N ILE G 427 34.17 54.29 -20.54
CA ILE G 427 34.51 55.57 -21.18
C ILE G 427 34.28 56.75 -20.26
N ALA G 428 33.48 56.58 -19.19
CA ALA G 428 33.36 57.64 -18.19
C ALA G 428 34.66 57.80 -17.42
N THR G 429 35.33 56.68 -17.15
CA THR G 429 36.68 56.72 -16.57
C THR G 429 37.67 57.34 -17.55
N ALA G 430 37.54 57.02 -18.84
CA ALA G 430 38.50 57.50 -19.83
C ALA G 430 38.35 59.00 -20.10
N VAL G 431 37.19 59.58 -19.82
CA VAL G 431 37.02 61.02 -19.98
C VAL G 431 37.24 61.79 -18.68
N VAL G 432 37.14 61.13 -17.52
CA VAL G 432 37.45 61.81 -16.27
C VAL G 432 38.97 61.93 -16.08
N ALA G 433 39.75 61.11 -16.79
CA ALA G 433 41.19 61.33 -16.84
C ALA G 433 41.56 62.47 -17.76
N LEU G 434 40.79 62.67 -18.84
CA LEU G 434 41.06 63.77 -19.75
C LEU G 434 40.58 65.10 -19.22
N VAL G 435 39.45 65.12 -18.49
CA VAL G 435 38.94 66.38 -17.97
C VAL G 435 39.70 66.84 -16.72
N LEU G 436 40.42 65.93 -16.05
CA LEU G 436 41.26 66.32 -14.94
C LEU G 436 42.67 66.69 -15.39
N PHE G 437 43.12 66.12 -16.52
CA PHE G 437 44.41 66.52 -17.09
C PHE G 437 44.35 67.94 -17.64
N PHE G 438 43.20 68.32 -18.21
CA PHE G 438 43.04 69.66 -18.76
C PHE G 438 42.91 70.73 -17.71
N HIS G 439 42.65 70.36 -16.45
CA HIS G 439 42.61 71.35 -15.37
C HIS G 439 43.99 71.90 -15.05
N ARG G 440 45.05 71.11 -15.29
CA ARG G 440 46.40 71.58 -15.02
C ARG G 440 46.82 72.62 -16.04
N HIS G 441 46.59 72.35 -17.32
CA HIS G 441 46.97 73.28 -18.39
C HIS G 441 46.12 73.05 -19.64
N ASP H 1 16.76 -52.78 -41.80
CA ASP H 1 16.17 -54.01 -41.30
C ASP H 1 16.07 -53.98 -39.78
N LEU H 2 15.03 -54.63 -39.23
CA LEU H 2 14.90 -54.74 -37.78
C LEU H 2 15.97 -55.64 -37.19
N ASP H 3 16.42 -56.64 -37.96
CA ASP H 3 17.43 -57.57 -37.46
C ASP H 3 18.81 -56.94 -37.35
N THR H 4 19.06 -55.82 -38.03
CA THR H 4 20.38 -55.19 -37.99
C THR H 4 20.65 -54.53 -36.64
N HIS H 5 19.59 -54.18 -35.92
CA HIS H 5 19.76 -53.52 -34.62
C HIS H 5 19.87 -54.53 -33.47
N PHE H 6 19.83 -55.82 -33.79
CA PHE H 6 19.86 -56.85 -32.76
C PHE H 6 20.95 -57.89 -32.99
N THR H 7 21.94 -57.61 -33.85
CA THR H 7 22.96 -58.61 -34.14
C THR H 7 23.89 -58.84 -32.94
N GLN H 8 24.28 -57.75 -32.27
CA GLN H 8 25.13 -57.87 -31.09
C GLN H 8 24.34 -58.02 -29.80
N TYR H 9 23.00 -57.89 -29.85
CA TYR H 9 22.21 -58.07 -28.65
C TYR H 9 21.75 -59.50 -28.42
N LYS H 10 21.87 -60.37 -29.42
CA LYS H 10 21.59 -61.79 -29.21
C LYS H 10 22.67 -62.46 -28.38
N LEU H 11 23.87 -61.90 -28.35
CA LEU H 11 24.98 -62.45 -27.57
C LEU H 11 24.94 -62.04 -26.11
N ALA H 12 23.99 -61.21 -25.71
CA ALA H 12 23.86 -60.74 -24.34
C ALA H 12 22.67 -61.41 -23.66
N ARG H 13 22.69 -61.35 -22.34
CA ARG H 13 21.67 -61.99 -21.50
C ARG H 13 21.29 -61.05 -20.37
N PRO H 14 20.11 -61.23 -19.78
CA PRO H 14 19.79 -60.53 -18.53
C PRO H 14 20.63 -61.04 -17.37
N TYR H 15 20.53 -60.32 -16.26
CA TYR H 15 21.25 -60.72 -15.05
C TYR H 15 20.51 -60.23 -13.83
N ILE H 16 20.84 -60.82 -12.69
CA ILE H 16 20.28 -60.44 -11.40
C ILE H 16 21.33 -59.64 -10.65
N ALA H 17 21.01 -58.38 -10.37
CA ALA H 17 21.87 -57.52 -9.56
C ALA H 17 20.99 -56.83 -8.52
N ASP H 18 21.61 -56.44 -7.42
CA ASP H 18 20.85 -55.89 -6.31
C ASP H 18 20.38 -54.48 -6.61
N CYS H 19 19.24 -54.12 -6.01
CA CYS H 19 18.73 -52.78 -6.10
C CYS H 19 17.96 -52.57 -4.82
N PRO H 20 18.02 -51.36 -4.23
CA PRO H 20 17.28 -51.13 -3.00
C PRO H 20 15.79 -51.02 -3.26
N ASN H 21 15.01 -51.42 -2.24
CA ASN H 21 13.58 -51.14 -2.14
C ASN H 21 12.77 -51.76 -3.27
N CYS H 22 12.83 -53.09 -3.38
CA CYS H 22 11.79 -53.80 -4.12
C CYS H 22 10.46 -53.63 -3.42
N GLY H 23 10.38 -54.21 -2.23
CA GLY H 23 9.28 -54.03 -1.31
C GLY H 23 9.77 -53.14 -0.20
N HIS H 24 10.26 -53.76 0.88
CA HIS H 24 10.72 -53.05 2.05
C HIS H 24 12.19 -53.27 2.38
N SER H 25 12.85 -54.27 1.82
CA SER H 25 14.11 -54.73 2.41
C SER H 25 15.18 -55.08 1.37
N ARG H 26 15.36 -54.21 0.37
CA ARG H 26 16.52 -54.12 -0.57
C ARG H 26 16.90 -55.47 -1.18
N CYS H 27 16.02 -55.93 -2.05
CA CYS H 27 16.07 -57.24 -2.72
C CYS H 27 17.28 -57.46 -3.60
N ASP H 28 17.35 -58.65 -4.20
CA ASP H 28 18.12 -58.91 -5.41
C ASP H 28 17.12 -59.23 -6.51
N SER H 29 17.07 -58.40 -7.54
CA SER H 29 15.95 -58.47 -8.47
C SER H 29 16.44 -58.58 -9.91
N PRO H 30 15.65 -59.21 -10.80
CA PRO H 30 15.98 -59.16 -12.22
C PRO H 30 15.92 -57.76 -12.82
N ILE H 31 15.06 -56.90 -12.28
CA ILE H 31 15.03 -55.49 -12.67
C ILE H 31 15.94 -54.74 -11.70
N ALA H 32 16.91 -54.02 -12.25
CA ALA H 32 17.86 -53.27 -11.43
C ALA H 32 18.16 -51.97 -12.15
N ILE H 33 17.68 -50.85 -11.60
CA ILE H 33 17.79 -49.56 -12.27
C ILE H 33 19.21 -49.04 -12.14
N GLU H 34 19.90 -48.91 -13.26
CA GLU H 34 21.24 -48.36 -13.32
C GLU H 34 21.28 -47.22 -14.34
N GLU H 35 21.83 -46.08 -13.92
CA GLU H 35 22.11 -44.93 -14.78
C GLU H 35 20.86 -44.38 -15.46
N VAL H 36 19.98 -43.81 -14.64
CA VAL H 36 18.88 -43.00 -15.17
C VAL H 36 19.44 -41.71 -15.75
N ARG H 37 18.99 -41.34 -16.94
CA ARG H 37 19.46 -40.15 -17.64
C ARG H 37 18.28 -39.23 -17.89
N GLY H 38 18.36 -38.00 -17.38
CA GLY H 38 17.24 -37.09 -17.44
C GLY H 38 17.57 -35.69 -17.90
N ASP H 39 18.44 -35.54 -18.90
CA ASP H 39 18.91 -34.24 -19.34
C ASP H 39 18.22 -33.74 -20.61
N ALA H 40 16.97 -34.13 -20.83
CA ALA H 40 16.24 -33.70 -22.01
C ALA H 40 15.44 -32.43 -21.70
N HIS H 41 14.51 -32.06 -22.58
CA HIS H 41 13.80 -30.80 -22.45
C HIS H 41 12.27 -30.94 -22.35
N ALA H 42 11.74 -32.14 -22.16
CA ALA H 42 10.31 -32.24 -21.93
C ALA H 42 9.99 -33.33 -20.91
N GLY H 43 10.91 -33.63 -20.01
CA GLY H 43 10.67 -34.67 -19.05
C GLY H 43 10.72 -36.07 -19.61
N VAL H 44 11.34 -36.26 -20.76
CA VAL H 44 11.58 -37.59 -21.31
C VAL H 44 12.93 -38.10 -20.82
N ILE H 45 12.93 -39.30 -20.25
CA ILE H 45 14.12 -39.87 -19.63
C ILE H 45 14.38 -41.23 -20.26
N ARG H 46 15.61 -41.71 -20.07
CA ARG H 46 16.02 -43.02 -20.55
C ARG H 46 16.53 -43.83 -19.37
N ILE H 47 15.99 -45.03 -19.19
CA ILE H 47 16.27 -45.88 -18.04
C ILE H 47 16.92 -47.15 -18.53
N GLN H 48 18.10 -47.46 -18.01
CA GLN H 48 18.80 -48.70 -18.32
C GLN H 48 18.59 -49.68 -17.15
N THR H 49 18.20 -50.90 -17.48
CA THR H 49 17.92 -51.92 -16.48
C THR H 49 18.75 -53.15 -16.78
N SER H 50 18.47 -54.24 -16.07
CA SER H 50 19.15 -55.50 -16.31
C SER H 50 18.36 -56.47 -17.18
N ALA H 51 17.05 -56.27 -17.29
CA ALA H 51 16.24 -57.16 -18.11
C ALA H 51 16.42 -56.84 -19.59
N MET H 52 15.97 -57.75 -20.44
CA MET H 52 16.04 -57.59 -21.89
C MET H 52 14.64 -57.52 -22.46
N PHE H 53 14.37 -56.46 -23.22
CA PHE H 53 13.06 -56.23 -23.81
C PHE H 53 13.14 -56.46 -25.31
N GLY H 54 12.28 -57.32 -25.82
CA GLY H 54 12.25 -57.62 -27.23
C GLY H 54 13.04 -58.83 -27.68
N LEU H 55 13.49 -59.65 -26.74
CA LEU H 55 14.28 -60.82 -27.09
C LEU H 55 13.81 -62.12 -26.46
N LYS H 56 13.95 -63.19 -27.27
CA LYS H 56 13.55 -64.56 -26.94
C LYS H 56 14.44 -65.57 -27.67
N THR H 57 14.43 -66.84 -27.25
CA THR H 57 15.29 -67.85 -27.86
C THR H 57 15.14 -67.81 -29.37
N ASP H 58 13.91 -67.68 -29.87
CA ASP H 58 13.67 -67.56 -31.30
C ASP H 58 14.31 -66.26 -31.79
N GLY H 59 14.14 -65.19 -31.02
CA GLY H 59 14.72 -63.90 -31.31
C GLY H 59 13.91 -62.88 -32.11
N VAL H 60 14.33 -61.62 -32.01
CA VAL H 60 13.74 -60.50 -32.72
C VAL H 60 12.23 -60.25 -32.51
N ASP H 61 11.75 -60.41 -31.29
CA ASP H 61 10.34 -60.15 -31.02
C ASP H 61 10.19 -58.98 -30.04
N LEU H 62 9.50 -57.93 -30.49
CA LEU H 62 9.30 -56.73 -29.68
C LEU H 62 8.46 -56.90 -28.41
N ALA H 63 7.38 -57.67 -28.49
CA ALA H 63 6.49 -57.87 -27.36
C ALA H 63 7.13 -58.59 -26.17
N TYR H 64 7.95 -59.59 -26.44
CA TYR H 64 8.57 -60.39 -25.39
C TYR H 64 9.64 -59.73 -24.50
N MET H 65 9.64 -60.15 -23.24
CA MET H 65 10.56 -59.72 -22.19
C MET H 65 11.43 -60.90 -21.80
N SER H 66 12.74 -60.67 -21.74
CA SER H 66 13.68 -61.68 -21.25
C SER H 66 14.21 -61.26 -19.89
N PHE H 67 14.13 -62.17 -18.93
CA PHE H 67 14.71 -61.98 -17.60
C PHE H 67 15.04 -63.36 -17.04
N MET H 68 15.61 -63.40 -15.85
CA MET H 68 15.88 -64.69 -15.25
C MET H 68 15.69 -64.70 -13.74
N ASN H 69 15.29 -65.86 -13.24
CA ASN H 69 15.30 -66.18 -11.83
C ASN H 69 16.24 -67.34 -11.61
N GLY H 70 17.09 -67.24 -10.59
CA GLY H 70 18.11 -68.24 -10.37
C GLY H 70 19.18 -68.23 -11.44
N LYS H 71 19.28 -69.31 -12.21
CA LYS H 71 20.27 -69.42 -13.28
C LYS H 71 19.64 -69.72 -14.63
N THR H 72 18.31 -69.73 -14.71
CA THR H 72 17.61 -70.11 -15.93
C THR H 72 16.96 -68.87 -16.55
N GLN H 73 17.33 -68.56 -17.79
CA GLN H 73 16.77 -67.42 -18.49
C GLN H 73 15.34 -67.70 -18.90
N LYS H 74 14.44 -66.76 -18.62
CA LYS H 74 13.02 -66.90 -18.93
C LYS H 74 12.66 -66.06 -20.15
N SER H 75 11.40 -66.19 -20.57
CA SER H 75 10.88 -65.43 -21.71
C SER H 75 9.39 -65.26 -21.50
N ILE H 76 8.95 -64.02 -21.35
CA ILE H 76 7.59 -63.72 -20.95
C ILE H 76 7.06 -62.56 -21.79
N LYS H 77 5.82 -62.67 -22.26
CA LYS H 77 5.18 -61.60 -22.99
C LYS H 77 4.98 -60.38 -22.10
N ILE H 78 5.25 -59.20 -22.63
CA ILE H 78 5.10 -57.95 -21.89
C ILE H 78 3.62 -57.68 -21.70
N ASP H 79 3.17 -57.64 -20.44
CA ASP H 79 1.78 -57.37 -20.13
C ASP H 79 1.59 -56.04 -19.40
N ASN H 80 2.23 -55.86 -18.25
CA ASN H 80 2.10 -54.64 -17.46
C ASN H 80 3.49 -54.17 -17.07
N LEU H 81 4.14 -53.45 -17.97
CA LEU H 81 5.42 -52.80 -17.69
C LEU H 81 5.14 -51.33 -17.49
N HIS H 82 5.49 -50.81 -16.31
CA HIS H 82 5.12 -49.45 -15.95
C HIS H 82 6.31 -48.70 -15.38
N VAL H 83 6.39 -47.41 -15.69
CA VAL H 83 7.35 -46.50 -15.10
C VAL H 83 6.58 -45.46 -14.31
N ARG H 84 6.94 -45.30 -13.05
CA ARG H 84 6.24 -44.38 -12.16
C ARG H 84 7.26 -43.50 -11.43
N THR H 85 7.07 -42.18 -11.49
CA THR H 85 7.92 -41.26 -10.77
C THR H 85 7.21 -40.64 -9.57
N SER H 86 6.12 -39.92 -9.80
CA SER H 86 5.13 -39.59 -8.79
C SER H 86 3.71 -39.79 -9.30
N ALA H 87 3.52 -39.76 -10.60
CA ALA H 87 2.33 -40.18 -11.33
C ALA H 87 2.82 -41.19 -12.36
N PRO H 88 1.95 -42.09 -12.82
CA PRO H 88 2.39 -43.06 -13.84
C PRO H 88 2.77 -42.40 -15.15
N CYS H 89 3.99 -42.67 -15.61
CA CYS H 89 4.48 -42.13 -16.86
C CYS H 89 3.92 -42.91 -18.04
N SER H 90 4.16 -42.38 -19.24
CA SER H 90 3.77 -43.04 -20.48
C SER H 90 5.04 -43.42 -21.22
N LEU H 91 5.34 -44.72 -21.28
CA LEU H 91 6.58 -45.15 -21.90
C LEU H 91 6.46 -45.09 -23.42
N VAL H 92 7.61 -44.86 -24.06
CA VAL H 92 7.66 -44.64 -25.51
C VAL H 92 8.03 -45.94 -26.21
N SER H 93 9.19 -46.50 -25.89
CA SER H 93 9.65 -47.73 -26.54
C SER H 93 10.67 -48.40 -25.63
N HIS H 94 11.26 -49.49 -26.13
CA HIS H 94 12.27 -50.24 -25.41
C HIS H 94 13.11 -51.02 -26.39
N HIS H 95 14.38 -51.21 -26.05
CA HIS H 95 15.32 -51.93 -26.91
C HIS H 95 16.43 -52.49 -26.02
N GLY H 96 16.36 -53.79 -25.74
CA GLY H 96 17.41 -54.43 -24.98
C GLY H 96 17.37 -54.06 -23.51
N TYR H 97 18.38 -53.34 -23.04
CA TYR H 97 18.48 -52.96 -21.64
C TYR H 97 17.73 -51.68 -21.31
N TYR H 98 17.15 -51.01 -22.30
CA TYR H 98 16.81 -49.59 -22.18
C TYR H 98 15.31 -49.35 -22.32
N ILE H 99 14.81 -48.40 -21.54
CA ILE H 99 13.42 -47.95 -21.61
C ILE H 99 13.41 -46.45 -21.82
N LEU H 100 12.66 -45.99 -22.82
CA LEU H 100 12.44 -44.56 -23.04
C LEU H 100 11.02 -44.24 -22.59
N ALA H 101 10.91 -43.31 -21.64
CA ALA H 101 9.61 -42.96 -21.07
C ALA H 101 9.55 -41.45 -20.89
N GLN H 102 8.32 -40.94 -20.79
CA GLN H 102 8.05 -39.51 -20.64
C GLN H 102 7.41 -39.29 -19.28
N CYS H 103 8.14 -38.71 -18.34
CA CYS H 103 7.74 -38.74 -16.95
C CYS H 103 7.48 -37.35 -16.38
N PRO H 104 6.50 -37.21 -15.49
CA PRO H 104 6.37 -35.97 -14.72
C PRO H 104 7.45 -35.88 -13.66
N PRO H 105 7.75 -34.68 -13.20
CA PRO H 105 8.83 -34.49 -12.22
C PRO H 105 8.45 -34.88 -10.80
N GLY H 106 9.24 -35.76 -10.22
CA GLY H 106 9.04 -36.21 -8.86
C GLY H 106 10.31 -36.82 -8.30
N ASP H 107 10.42 -36.90 -6.98
CA ASP H 107 11.58 -37.51 -6.36
C ASP H 107 11.50 -39.01 -6.63
N THR H 108 12.65 -39.60 -6.97
CA THR H 108 12.86 -41.03 -7.24
C THR H 108 12.30 -41.51 -8.59
N VAL H 109 12.48 -42.80 -8.85
CA VAL H 109 12.00 -43.43 -10.07
C VAL H 109 11.60 -44.87 -9.77
N THR H 110 10.68 -45.42 -10.54
CA THR H 110 10.28 -46.81 -10.30
C THR H 110 9.85 -47.55 -11.56
N VAL H 111 10.32 -48.78 -11.71
CA VAL H 111 9.93 -49.61 -12.84
C VAL H 111 9.57 -50.99 -12.33
N GLY H 112 8.74 -51.69 -13.09
CA GLY H 112 8.30 -53.01 -12.67
C GLY H 112 7.56 -53.72 -13.78
N PHE H 113 7.30 -55.01 -13.57
CA PHE H 113 6.62 -55.83 -14.55
C PHE H 113 5.95 -57.01 -13.85
N HIS H 114 4.74 -57.35 -14.30
CA HIS H 114 4.03 -58.51 -13.79
C HIS H 114 4.42 -59.74 -14.60
N ASP H 115 4.88 -60.79 -13.91
CA ASP H 115 5.20 -62.05 -14.57
C ASP H 115 4.02 -63.03 -14.54
N GLY H 116 3.61 -63.43 -13.34
CA GLY H 116 2.39 -64.17 -13.16
C GLY H 116 1.48 -63.38 -12.26
N PRO H 117 1.36 -63.81 -11.00
CA PRO H 117 0.85 -62.93 -9.94
C PRO H 117 1.93 -62.13 -9.22
N ASN H 118 3.18 -62.21 -9.65
CA ASN H 118 4.29 -61.56 -8.97
C ASN H 118 4.39 -60.08 -9.35
N ARG H 119 4.95 -59.29 -8.44
CA ARG H 119 4.97 -57.84 -8.60
C ARG H 119 6.23 -57.34 -9.30
N HIS H 120 7.41 -57.65 -8.73
CA HIS H 120 8.72 -57.49 -9.37
C HIS H 120 9.03 -56.03 -9.75
N THR H 121 9.10 -55.17 -8.74
CA THR H 121 9.38 -53.75 -8.95
C THR H 121 10.69 -53.35 -8.27
N CYS H 122 11.28 -52.27 -8.75
CA CYS H 122 12.47 -51.69 -8.14
C CYS H 122 12.29 -50.17 -8.03
N THR H 123 12.99 -49.56 -7.08
CA THR H 123 12.82 -48.14 -6.81
C THR H 123 14.15 -47.53 -6.38
N VAL H 124 14.63 -46.55 -7.13
CA VAL H 124 15.84 -45.82 -6.78
C VAL H 124 15.48 -44.36 -6.55
N ALA H 125 16.41 -43.63 -5.93
CA ALA H 125 16.20 -42.24 -5.55
C ALA H 125 16.98 -41.35 -6.52
N HIS H 126 16.29 -40.87 -7.55
CA HIS H 126 16.86 -39.97 -8.54
C HIS H 126 16.00 -38.72 -8.64
N LYS H 127 16.64 -37.59 -8.90
CA LYS H 127 15.96 -36.30 -8.99
C LYS H 127 15.74 -35.99 -10.46
N VAL H 128 14.51 -36.19 -10.93
CA VAL H 128 14.11 -35.85 -12.29
C VAL H 128 13.24 -34.60 -12.23
N GLU H 129 13.56 -33.62 -13.08
CA GLU H 129 12.86 -32.34 -13.07
C GLU H 129 12.49 -31.97 -14.50
N PHE H 130 11.34 -31.31 -14.62
CA PHE H 130 10.92 -30.77 -15.90
C PHE H 130 11.80 -29.58 -16.28
N ARG H 131 12.20 -29.52 -17.55
CA ARG H 131 13.14 -28.52 -18.04
C ARG H 131 12.54 -27.78 -19.24
N PRO H 132 11.90 -26.65 -19.00
CA PRO H 132 11.31 -25.90 -20.12
C PRO H 132 12.37 -25.27 -21.01
N VAL H 133 12.00 -25.06 -22.27
CA VAL H 133 12.86 -24.41 -23.25
C VAL H 133 12.33 -23.00 -23.50
N GLY H 134 13.22 -22.02 -23.44
CA GLY H 134 12.87 -20.65 -23.73
C GLY H 134 12.96 -19.76 -22.51
N ARG H 135 12.25 -18.63 -22.59
CA ARG H 135 12.27 -17.62 -21.55
C ARG H 135 10.97 -17.56 -20.76
N GLU H 136 10.16 -18.60 -20.83
CA GLU H 136 8.94 -18.71 -20.05
C GLU H 136 8.95 -20.04 -19.32
N LYS H 137 8.69 -20.01 -18.01
CA LYS H 137 8.87 -21.19 -17.16
C LYS H 137 7.55 -21.94 -17.01
N TYR H 138 7.18 -22.65 -18.08
CA TYR H 138 5.96 -23.43 -18.06
C TYR H 138 6.18 -24.76 -17.34
N ARG H 139 5.07 -25.44 -17.04
CA ARG H 139 5.11 -26.69 -16.29
C ARG H 139 4.66 -27.91 -17.08
N HIS H 140 4.22 -27.72 -18.33
CA HIS H 140 3.85 -28.83 -19.22
C HIS H 140 3.87 -28.29 -20.63
N PRO H 141 4.28 -29.08 -21.63
CA PRO H 141 4.34 -28.58 -23.02
C PRO H 141 2.96 -28.30 -23.58
N PRO H 142 2.78 -27.04 -23.96
CA PRO H 142 1.53 -26.51 -24.49
C PRO H 142 1.23 -27.02 -25.89
N GLU H 143 -0.06 -27.10 -26.19
CA GLU H 143 -0.53 -27.55 -27.47
C GLU H 143 -0.08 -26.60 -28.58
N HIS H 144 -0.06 -25.31 -28.29
CA HIS H 144 0.26 -24.34 -29.32
C HIS H 144 1.21 -23.30 -28.75
N GLY H 145 1.90 -22.60 -29.64
CA GLY H 145 2.84 -21.59 -29.24
C GLY H 145 3.89 -21.32 -30.31
N VAL H 146 5.16 -21.33 -29.92
CA VAL H 146 6.26 -21.11 -30.85
C VAL H 146 7.20 -22.30 -30.73
N GLU H 147 8.03 -22.50 -31.77
CA GLU H 147 8.96 -23.62 -31.77
C GLU H 147 10.40 -23.16 -31.65
N LEU H 148 11.11 -23.76 -30.69
CA LEU H 148 12.51 -23.45 -30.44
C LEU H 148 13.29 -24.74 -30.40
N PRO H 149 14.56 -24.68 -30.81
CA PRO H 149 15.41 -25.89 -30.82
C PRO H 149 15.62 -26.44 -29.41
N CYS H 150 15.57 -27.75 -29.28
CA CYS H 150 15.76 -28.41 -27.99
C CYS H 150 16.44 -29.74 -28.22
N ASN H 151 17.05 -30.27 -27.17
CA ASN H 151 17.72 -31.57 -27.23
C ASN H 151 16.91 -32.60 -26.45
N ARG H 152 16.69 -33.75 -27.07
CA ARG H 152 15.92 -34.81 -26.43
C ARG H 152 16.38 -36.15 -26.98
N TYR H 153 16.05 -37.20 -26.25
CA TYR H 153 16.41 -38.55 -26.67
C TYR H 153 15.54 -38.99 -27.84
N THR H 154 16.17 -39.61 -28.83
CA THR H 154 15.51 -39.85 -30.10
C THR H 154 14.58 -41.06 -30.02
N HIS H 155 13.70 -41.16 -31.01
CA HIS H 155 12.74 -42.24 -31.12
C HIS H 155 13.38 -43.54 -31.60
N LYS H 156 14.31 -43.41 -32.53
CA LYS H 156 14.87 -44.57 -33.19
C LYS H 156 16.05 -45.32 -32.60
N ARG H 157 15.87 -46.64 -32.53
CA ARG H 157 16.94 -47.53 -32.11
C ARG H 157 17.86 -47.80 -33.31
N ALA H 158 19.14 -47.48 -33.16
CA ALA H 158 20.13 -47.67 -34.21
C ALA H 158 21.52 -47.70 -33.57
N ASP H 159 22.56 -47.61 -34.40
CA ASP H 159 23.92 -47.58 -33.89
C ASP H 159 24.28 -46.18 -33.40
N GLN H 160 24.27 -45.20 -34.31
CA GLN H 160 24.36 -43.76 -34.04
C GLN H 160 25.66 -43.33 -33.36
N GLY H 161 26.71 -44.15 -33.42
CA GLY H 161 28.04 -43.70 -33.05
C GLY H 161 28.35 -43.68 -31.56
N HIS H 162 27.42 -44.09 -30.70
CA HIS H 162 27.68 -44.19 -29.27
C HIS H 162 27.58 -45.64 -28.86
N TYR H 163 28.58 -46.13 -28.11
CA TYR H 163 28.70 -47.54 -27.79
C TYR H 163 28.87 -47.72 -26.29
N VAL H 164 28.51 -48.92 -25.82
CA VAL H 164 28.76 -49.34 -24.45
C VAL H 164 29.43 -50.70 -24.53
N GLU H 165 30.16 -51.04 -23.47
CA GLU H 165 31.00 -52.23 -23.47
C GLU H 165 30.32 -53.37 -22.73
N MET H 166 30.50 -54.59 -23.24
CA MET H 166 29.98 -55.79 -22.63
C MET H 166 31.13 -56.76 -22.38
N HIS H 167 31.00 -57.56 -21.31
CA HIS H 167 32.11 -58.32 -20.78
C HIS H 167 31.70 -59.76 -20.55
N GLN H 168 32.69 -60.62 -20.39
CA GLN H 168 32.45 -61.99 -19.98
C GLN H 168 31.99 -62.01 -18.52
N PRO H 169 30.93 -62.74 -18.25
CA PRO H 169 30.37 -62.81 -16.89
C PRO H 169 31.29 -63.42 -15.84
N GLY H 170 31.24 -62.83 -14.64
CA GLY H 170 32.01 -63.27 -13.50
C GLY H 170 31.41 -64.52 -12.88
N LEU H 171 32.17 -65.21 -12.04
CA LEU H 171 31.66 -66.42 -11.40
C LEU H 171 30.43 -66.07 -10.60
N VAL H 172 29.40 -66.91 -10.72
CA VAL H 172 28.13 -66.69 -10.06
C VAL H 172 27.92 -67.79 -9.02
N ALA H 173 27.65 -67.40 -7.79
CA ALA H 173 27.57 -68.35 -6.69
C ALA H 173 26.16 -68.88 -6.56
N ASP H 174 26.00 -70.20 -6.63
CA ASP H 174 24.73 -70.86 -6.45
C ASP H 174 24.87 -71.93 -5.37
N HIS H 175 23.95 -71.92 -4.41
CA HIS H 175 23.98 -72.87 -3.31
C HIS H 175 22.96 -73.99 -3.45
N SER H 176 22.06 -73.92 -4.43
CA SER H 176 21.05 -74.93 -4.62
C SER H 176 21.56 -76.15 -5.38
N LEU H 177 22.80 -76.11 -5.86
CA LEU H 177 23.40 -77.23 -6.58
C LEU H 177 24.29 -78.08 -5.69
N LEU H 178 24.32 -77.82 -4.37
CA LEU H 178 25.09 -78.61 -3.42
C LEU H 178 24.11 -79.39 -2.55
N SER H 179 24.13 -80.72 -2.69
CA SER H 179 23.24 -81.59 -1.93
C SER H 179 24.04 -82.77 -1.40
N ILE H 180 23.53 -83.38 -0.35
CA ILE H 180 24.16 -84.55 0.28
C ILE H 180 23.64 -85.80 -0.41
N HIS H 181 24.57 -86.70 -0.76
CA HIS H 181 24.19 -87.90 -1.52
C HIS H 181 23.62 -88.97 -0.60
N SER H 182 24.46 -89.51 0.29
CA SER H 182 24.01 -90.37 1.37
C SER H 182 24.41 -89.81 2.72
N ALA H 183 25.70 -89.54 2.92
CA ALA H 183 26.19 -88.76 4.03
C ALA H 183 27.30 -87.81 3.61
N LYS H 184 27.61 -87.76 2.31
CA LYS H 184 28.67 -86.91 1.76
C LYS H 184 28.08 -86.04 0.66
N VAL H 185 28.55 -84.80 0.57
CA VAL H 185 27.96 -83.80 -0.30
C VAL H 185 28.31 -84.10 -1.76
N LYS H 186 27.36 -83.83 -2.65
CA LYS H 186 27.47 -84.13 -4.06
C LYS H 186 27.19 -82.87 -4.88
N ILE H 187 27.91 -82.71 -5.98
CA ILE H 187 27.79 -81.53 -6.83
C ILE H 187 26.98 -81.89 -8.07
N THR H 188 25.95 -81.11 -8.37
CA THR H 188 25.12 -81.31 -9.55
C THR H 188 25.56 -80.31 -10.63
N VAL H 189 26.14 -80.81 -11.71
CA VAL H 189 26.70 -79.98 -12.76
C VAL H 189 25.86 -80.12 -14.02
N PRO H 190 24.97 -79.16 -14.31
CA PRO H 190 24.12 -79.30 -15.51
C PRO H 190 24.69 -78.70 -16.79
N SER H 191 24.87 -79.56 -17.80
CA SER H 191 25.05 -79.18 -19.21
C SER H 191 26.29 -78.31 -19.44
N GLY H 192 27.45 -78.87 -19.09
CA GLY H 192 28.72 -78.17 -19.29
C GLY H 192 28.89 -76.95 -18.43
N ALA H 193 28.54 -77.03 -17.15
CA ALA H 193 28.47 -75.84 -16.30
C ALA H 193 29.83 -75.42 -15.75
N GLN H 194 30.78 -76.37 -15.63
CA GLN H 194 32.11 -76.16 -15.07
C GLN H 194 32.06 -75.54 -13.68
N VAL H 195 31.46 -76.29 -12.76
CA VAL H 195 31.17 -75.79 -11.41
C VAL H 195 32.44 -75.79 -10.59
N LYS H 196 32.79 -74.63 -10.04
CA LYS H 196 33.90 -74.50 -9.10
C LYS H 196 33.46 -74.88 -7.70
N TYR H 197 34.43 -75.17 -6.83
CA TYR H 197 34.13 -75.48 -5.45
C TYR H 197 35.30 -75.07 -4.57
N TYR H 198 35.02 -74.93 -3.28
CA TYR H 198 36.05 -74.59 -2.29
C TYR H 198 35.59 -75.15 -0.95
N CYS H 199 36.24 -76.21 -0.49
CA CYS H 199 35.87 -76.84 0.77
C CYS H 199 36.98 -76.77 1.83
N LYS H 200 36.60 -76.33 3.02
CA LYS H 200 37.53 -76.20 4.14
C LYS H 200 37.05 -77.10 5.26
N CYS H 201 36.74 -78.36 4.94
CA CYS H 201 36.19 -79.24 5.94
C CYS H 201 37.25 -79.82 6.90
N PRO H 202 38.34 -80.56 6.50
CA PRO H 202 39.54 -80.48 7.33
C PRO H 202 40.63 -79.53 6.82
N ASP H 203 40.57 -79.18 5.54
CA ASP H 203 41.63 -78.41 4.87
C ASP H 203 41.09 -77.97 3.52
N VAL H 204 41.89 -77.24 2.75
CA VAL H 204 41.41 -76.75 1.45
C VAL H 204 41.15 -77.90 0.49
N ARG H 205 39.93 -77.95 -0.05
CA ARG H 205 39.55 -78.97 -1.01
C ARG H 205 39.15 -78.37 -2.37
N LYS H 206 39.50 -77.11 -2.59
CA LYS H 206 39.10 -76.41 -3.80
C LYS H 206 39.45 -77.20 -5.06
N GLY H 207 38.55 -77.20 -6.02
CA GLY H 207 38.74 -77.92 -7.26
C GLY H 207 37.80 -77.45 -8.36
N ILE H 208 38.14 -77.77 -9.60
CA ILE H 208 37.31 -77.42 -10.74
C ILE H 208 36.82 -78.73 -11.34
N THR H 209 35.51 -78.85 -11.58
CA THR H 209 34.99 -80.09 -12.11
C THR H 209 34.01 -79.80 -13.24
N SER H 210 33.68 -80.85 -13.99
CA SER H 210 32.75 -80.73 -15.11
C SER H 210 31.55 -81.63 -15.01
N SER H 211 31.59 -82.69 -14.19
CA SER H 211 30.44 -83.56 -13.96
C SER H 211 30.65 -84.32 -12.66
N ASP H 212 29.53 -84.62 -11.99
CA ASP H 212 29.45 -85.45 -10.79
C ASP H 212 30.32 -84.91 -9.66
N HIS H 213 31.45 -85.59 -9.40
CA HIS H 213 32.45 -85.24 -8.39
C HIS H 213 31.80 -85.19 -7.00
N THR H 214 31.39 -86.37 -6.53
CA THR H 214 30.89 -86.53 -5.17
C THR H 214 31.97 -86.20 -4.16
N THR H 215 31.79 -85.09 -3.44
CA THR H 215 32.78 -84.60 -2.49
C THR H 215 32.77 -85.48 -1.24
N THR H 216 33.95 -85.80 -0.72
CA THR H 216 34.10 -86.71 0.41
C THR H 216 34.02 -86.02 1.76
N CYS H 217 33.29 -84.92 1.88
CA CYS H 217 33.13 -84.20 3.13
C CYS H 217 31.68 -84.21 3.59
N THR H 218 31.46 -83.76 4.83
CA THR H 218 30.22 -84.05 5.54
C THR H 218 29.13 -83.01 5.30
N ASP H 219 29.39 -81.75 5.65
CA ASP H 219 28.34 -80.75 5.74
C ASP H 219 28.30 -79.87 4.49
N VAL H 220 27.09 -79.39 4.17
CA VAL H 220 26.90 -78.49 3.04
C VAL H 220 27.20 -77.05 3.41
N LYS H 221 27.36 -76.74 4.69
CA LYS H 221 27.63 -75.39 5.15
C LYS H 221 29.12 -75.08 5.25
N GLN H 222 29.99 -76.03 4.89
CA GLN H 222 31.43 -75.81 4.95
C GLN H 222 32.07 -75.94 3.56
N CYS H 223 31.26 -75.73 2.54
CA CYS H 223 31.76 -75.75 1.18
C CYS H 223 31.00 -74.74 0.31
N ARG H 224 31.73 -73.95 -0.46
CA ARG H 224 31.08 -73.02 -1.38
C ARG H 224 31.07 -73.59 -2.79
N ALA H 225 30.17 -73.06 -3.61
CA ALA H 225 30.02 -73.52 -4.98
C ALA H 225 29.84 -72.32 -5.90
N TYR H 226 30.25 -72.49 -7.15
CA TYR H 226 30.14 -71.44 -8.16
C TYR H 226 29.60 -72.01 -9.45
N LEU H 227 29.64 -71.22 -10.52
CA LEU H 227 29.08 -71.65 -11.81
C LEU H 227 29.73 -70.80 -12.90
N ILE H 228 30.33 -71.46 -13.89
CA ILE H 228 31.01 -70.75 -14.97
C ILE H 228 30.25 -70.92 -16.27
N ASP H 229 29.34 -69.98 -16.55
CA ASP H 229 28.61 -70.04 -17.81
C ASP H 229 29.10 -68.90 -18.68
N ASN H 230 29.71 -69.26 -19.81
CA ASN H 230 30.25 -68.26 -20.73
C ASN H 230 29.50 -68.16 -22.07
N LYS H 231 28.37 -68.83 -22.19
CA LYS H 231 27.65 -68.77 -23.46
C LYS H 231 27.27 -67.35 -23.83
N LYS H 232 26.85 -66.56 -22.85
CA LYS H 232 26.41 -65.19 -23.07
C LYS H 232 27.25 -64.22 -22.26
N TRP H 233 27.44 -63.02 -22.80
CA TRP H 233 28.28 -61.99 -22.23
C TRP H 233 27.40 -60.87 -21.68
N VAL H 234 27.72 -60.39 -20.48
CA VAL H 234 26.88 -59.42 -19.80
C VAL H 234 27.55 -58.05 -19.85
N TYR H 235 26.82 -57.03 -19.41
CA TYR H 235 27.35 -55.68 -19.30
C TYR H 235 28.16 -55.56 -18.02
N ASN H 236 29.25 -54.79 -18.07
CA ASN H 236 30.16 -54.66 -16.93
C ASN H 236 29.54 -53.71 -15.90
N SER H 237 28.54 -54.22 -15.20
CA SER H 237 27.82 -53.43 -14.22
C SER H 237 28.63 -53.29 -12.94
N GLY H 238 28.41 -52.16 -12.25
CA GLY H 238 29.12 -51.92 -11.01
C GLY H 238 28.66 -52.75 -9.84
N ARG H 239 27.54 -53.46 -9.98
CA ARG H 239 27.00 -54.30 -8.91
C ARG H 239 27.13 -55.78 -9.22
N LEU H 240 28.04 -56.15 -10.13
CA LEU H 240 28.34 -57.53 -10.47
C LEU H 240 29.81 -57.81 -10.22
N PRO H 241 30.16 -58.95 -9.62
CA PRO H 241 31.57 -59.28 -9.45
C PRO H 241 32.22 -59.62 -10.79
N ARG H 242 33.51 -59.30 -10.89
CA ARG H 242 34.21 -59.44 -12.15
C ARG H 242 34.64 -60.88 -12.38
N GLY H 243 35.29 -61.13 -13.51
CA GLY H 243 35.78 -62.45 -13.85
C GLY H 243 37.15 -62.74 -13.27
N GLU H 244 37.70 -63.88 -13.66
CA GLU H 244 39.01 -64.31 -13.16
C GLU H 244 40.14 -63.64 -13.92
N GLY H 245 40.21 -63.86 -15.23
CA GLY H 245 41.32 -63.34 -16.02
C GLY H 245 41.06 -61.98 -16.61
N ASP H 246 41.19 -61.86 -17.92
CA ASP H 246 40.99 -60.59 -18.63
C ASP H 246 39.67 -60.67 -19.38
N THR H 247 38.65 -60.00 -18.85
CA THR H 247 37.37 -59.90 -19.54
C THR H 247 37.51 -58.99 -20.75
N PHE H 248 36.99 -59.44 -21.89
CA PHE H 248 37.26 -58.78 -23.15
C PHE H 248 36.34 -57.58 -23.35
N LYS H 249 36.70 -56.73 -24.31
CA LYS H 249 35.95 -55.54 -24.65
C LYS H 249 35.04 -55.85 -25.84
N GLY H 250 33.73 -55.90 -25.59
CA GLY H 250 32.77 -56.10 -26.65
C GLY H 250 31.77 -54.97 -26.71
N LYS H 251 31.78 -54.22 -27.81
CA LYS H 251 30.97 -53.02 -27.92
C LYS H 251 29.50 -53.36 -28.13
N LEU H 252 28.65 -52.42 -27.74
CA LEU H 252 27.20 -52.58 -27.83
C LEU H 252 26.60 -51.19 -27.99
N HIS H 253 25.76 -51.01 -29.00
CA HIS H 253 25.18 -49.70 -29.27
C HIS H 253 24.08 -49.37 -28.26
N VAL H 254 23.96 -48.08 -27.95
CA VAL H 254 22.85 -47.60 -27.13
C VAL H 254 21.73 -47.17 -28.08
N PRO H 255 20.48 -47.55 -27.81
CA PRO H 255 19.40 -47.30 -28.77
C PRO H 255 19.01 -45.84 -28.94
N PHE H 256 18.72 -45.13 -27.87
CA PHE H 256 18.14 -43.79 -27.94
C PHE H 256 19.21 -42.79 -27.55
N VAL H 257 19.97 -42.34 -28.54
CA VAL H 257 21.00 -41.33 -28.34
C VAL H 257 20.31 -39.97 -28.22
N PRO H 258 20.93 -38.98 -27.56
CA PRO H 258 20.36 -37.63 -27.63
C PRO H 258 20.51 -37.04 -29.02
N VAL H 259 19.48 -36.32 -29.44
CA VAL H 259 19.47 -35.66 -30.74
C VAL H 259 18.93 -34.25 -30.52
N LYS H 260 19.20 -33.37 -31.47
CA LYS H 260 18.77 -31.99 -31.42
C LYS H 260 17.52 -31.82 -32.27
N ALA H 261 16.40 -31.47 -31.64
CA ALA H 261 15.11 -31.40 -32.32
C ALA H 261 14.45 -30.04 -32.11
N LYS H 262 13.19 -29.92 -32.51
CA LYS H 262 12.43 -28.69 -32.32
C LYS H 262 11.35 -28.92 -31.27
N CYS H 263 11.31 -28.03 -30.28
CA CYS H 263 10.39 -28.13 -29.16
C CYS H 263 9.44 -26.96 -29.17
N ILE H 264 8.20 -27.21 -28.76
CA ILE H 264 7.20 -26.17 -28.66
C ILE H 264 7.42 -25.38 -27.36
N ALA H 265 6.95 -24.14 -27.34
CA ALA H 265 7.21 -23.26 -26.20
C ALA H 265 6.12 -22.20 -26.16
N THR H 266 5.73 -21.80 -24.95
CA THR H 266 4.57 -20.95 -24.77
C THR H 266 4.87 -19.51 -25.16
N LEU H 267 3.81 -18.74 -25.37
CA LEU H 267 3.88 -17.31 -25.62
C LEU H 267 3.04 -16.57 -24.58
N ALA H 268 3.64 -15.57 -23.95
CA ALA H 268 2.96 -14.75 -22.97
C ALA H 268 2.02 -13.78 -23.66
N PRO H 269 0.98 -13.33 -22.97
CA PRO H 269 0.04 -12.38 -23.56
C PRO H 269 0.77 -11.08 -23.86
N GLU H 270 0.45 -10.43 -24.98
CA GLU H 270 1.13 -9.19 -25.35
C GLU H 270 0.82 -8.11 -24.32
N PRO H 271 1.81 -7.28 -24.02
CA PRO H 271 1.63 -6.21 -23.04
C PRO H 271 0.84 -5.05 -23.63
N LEU H 272 0.18 -4.31 -22.75
CA LEU H 272 -0.58 -3.15 -23.19
C LEU H 272 0.41 -2.02 -23.03
N VAL H 273 0.67 -1.30 -24.10
CA VAL H 273 1.64 -0.22 -24.04
C VAL H 273 1.05 1.16 -24.20
N GLU H 274 1.35 2.02 -23.22
CA GLU H 274 0.90 3.40 -23.26
C GLU H 274 2.10 4.31 -23.06
N HIS H 275 2.07 5.45 -23.75
CA HIS H 275 3.22 6.34 -23.87
C HIS H 275 3.07 7.56 -22.98
N LYS H 276 4.21 8.14 -22.62
CA LYS H 276 4.28 9.40 -21.92
C LYS H 276 5.47 10.18 -22.48
N HIS H 277 5.79 11.32 -21.88
CA HIS H 277 6.93 12.11 -22.35
C HIS H 277 8.21 11.44 -21.89
N ARG H 278 8.94 10.86 -22.85
CA ARG H 278 10.19 10.11 -22.62
C ARG H 278 10.00 8.97 -21.62
N THR H 279 8.90 8.24 -21.75
CA THR H 279 8.58 7.18 -20.80
C THR H 279 7.71 6.14 -21.50
N LEU H 280 8.12 4.88 -21.41
CA LEU H 280 7.35 3.76 -21.92
C LEU H 280 6.79 2.98 -20.74
N ILE H 281 5.48 2.74 -20.74
CA ILE H 281 4.80 2.03 -19.67
C ILE H 281 4.24 0.74 -20.22
N LEU H 282 4.56 -0.38 -19.57
CA LEU H 282 4.12 -1.70 -20.00
C LEU H 282 3.28 -2.34 -18.91
N HIS H 283 2.08 -2.78 -19.28
CA HIS H 283 1.21 -3.54 -18.40
C HIS H 283 1.36 -5.00 -18.73
N LEU H 284 2.02 -5.75 -17.85
CA LEU H 284 2.36 -7.15 -18.09
C LEU H 284 1.45 -8.01 -17.24
N HIS H 285 0.78 -8.99 -17.87
CA HIS H 285 -0.11 -9.91 -17.18
C HIS H 285 0.27 -11.34 -17.57
N PRO H 286 1.27 -11.92 -16.92
CA PRO H 286 1.70 -13.27 -17.27
C PRO H 286 0.94 -14.34 -16.47
N ASP H 287 0.95 -15.55 -17.03
CA ASP H 287 0.44 -16.72 -16.34
C ASP H 287 1.51 -17.71 -15.94
N HIS H 288 2.75 -17.48 -16.37
CA HIS H 288 3.94 -18.22 -15.95
C HIS H 288 5.01 -17.20 -15.62
N PRO H 289 6.01 -17.57 -14.80
CA PRO H 289 7.18 -16.69 -14.62
C PRO H 289 7.91 -16.40 -15.92
N THR H 290 7.87 -15.14 -16.34
CA THR H 290 8.26 -14.71 -17.68
C THR H 290 9.39 -13.69 -17.59
N LEU H 291 10.35 -13.79 -18.49
CA LEU H 291 11.55 -12.96 -18.46
C LEU H 291 11.37 -11.72 -19.32
N LEU H 292 11.74 -10.56 -18.76
CA LEU H 292 11.67 -9.29 -19.46
C LEU H 292 13.04 -8.62 -19.34
N THR H 293 13.73 -8.47 -20.47
CA THR H 293 15.05 -7.86 -20.51
C THR H 293 15.02 -6.65 -21.44
N THR H 294 15.55 -5.52 -20.97
CA THR H 294 15.63 -4.31 -21.75
C THR H 294 17.08 -3.82 -21.86
N ARG H 295 17.32 -3.00 -22.86
CA ARG H 295 18.60 -2.33 -23.04
C ARG H 295 18.38 -1.08 -23.88
N SER H 296 19.33 -0.15 -23.80
CA SER H 296 19.28 1.06 -24.60
C SER H 296 20.30 0.99 -25.73
N LEU H 297 20.03 1.75 -26.79
CA LEU H 297 20.80 1.67 -28.03
C LEU H 297 21.85 2.78 -28.13
N GLY H 298 22.47 3.15 -27.02
CA GLY H 298 23.46 4.21 -27.02
C GLY H 298 24.82 3.79 -26.53
N SER H 299 25.58 4.75 -26.00
CA SER H 299 26.91 4.45 -25.48
C SER H 299 26.84 3.65 -24.19
N ASP H 300 25.89 3.98 -23.33
CA ASP H 300 25.65 3.23 -22.10
C ASP H 300 24.38 2.42 -22.29
N ALA H 301 24.50 1.10 -22.17
CA ALA H 301 23.34 0.23 -22.41
C ALA H 301 22.34 0.32 -21.28
N ASN H 302 22.81 0.28 -20.03
CA ASN H 302 22.04 0.18 -18.78
C ASN H 302 21.06 -0.98 -18.89
N PRO H 303 21.54 -2.23 -18.80
CA PRO H 303 20.64 -3.36 -19.01
C PRO H 303 19.90 -3.80 -17.75
N THR H 304 18.62 -4.10 -17.92
CA THR H 304 17.81 -4.64 -16.85
C THR H 304 17.35 -6.04 -17.25
N ARG H 305 17.11 -6.88 -16.24
CA ARG H 305 16.48 -8.18 -16.46
C ARG H 305 15.76 -8.55 -15.17
N GLN H 306 14.60 -9.20 -15.33
CA GLN H 306 13.79 -9.62 -14.20
C GLN H 306 12.78 -10.66 -14.67
N TRP H 307 12.30 -11.45 -13.72
CA TRP H 307 11.27 -12.45 -13.98
C TRP H 307 9.95 -11.95 -13.43
N ILE H 308 8.94 -11.88 -14.29
CA ILE H 308 7.63 -11.36 -13.94
C ILE H 308 6.71 -12.53 -13.65
N GLU H 309 6.19 -12.60 -12.43
CA GLU H 309 5.28 -13.66 -12.02
C GLU H 309 3.86 -13.18 -11.74
N ARG H 310 3.72 -11.99 -11.17
CA ARG H 310 2.47 -11.34 -10.85
C ARG H 310 2.16 -10.28 -11.91
N PRO H 311 0.90 -9.87 -12.04
CA PRO H 311 0.61 -8.73 -12.93
C PRO H 311 1.12 -7.42 -12.40
N THR H 312 2.20 -6.90 -12.97
CA THR H 312 2.83 -5.65 -12.55
C THR H 312 2.81 -4.67 -13.72
N THR H 313 3.29 -3.46 -13.43
CA THR H 313 3.49 -2.43 -14.45
C THR H 313 4.87 -1.80 -14.24
N VAL H 314 5.61 -1.63 -15.33
CA VAL H 314 6.97 -1.11 -15.26
C VAL H 314 7.08 0.10 -16.18
N ASN H 315 7.98 1.02 -15.81
CA ASN H 315 8.21 2.23 -16.57
C ASN H 315 9.66 2.26 -17.02
N PHE H 316 9.88 2.59 -18.29
CA PHE H 316 11.22 2.66 -18.87
C PHE H 316 11.40 4.01 -19.52
N THR H 317 12.52 4.67 -19.21
CA THR H 317 12.78 6.02 -19.71
C THR H 317 13.44 5.91 -21.08
N VAL H 318 12.64 6.10 -22.12
CA VAL H 318 13.16 6.09 -23.49
C VAL H 318 13.72 7.47 -23.79
N THR H 319 14.96 7.52 -24.23
CA THR H 319 15.57 8.77 -24.68
C THR H 319 15.52 8.84 -26.20
N GLY H 320 16.15 9.87 -26.77
CA GLY H 320 16.19 10.00 -28.21
C GLY H 320 17.12 9.05 -28.91
N GLU H 321 18.00 8.39 -28.17
CA GLU H 321 18.90 7.41 -28.75
C GLU H 321 18.19 6.09 -29.02
N GLY H 322 17.29 5.68 -28.12
CA GLY H 322 16.50 4.49 -28.36
C GLY H 322 16.38 3.57 -27.17
N LEU H 323 15.59 2.51 -27.32
CA LEU H 323 15.43 1.48 -26.30
C LEU H 323 14.96 0.22 -27.00
N GLU H 324 15.37 -0.93 -26.48
CA GLU H 324 14.97 -2.23 -27.01
C GLU H 324 14.53 -3.10 -25.85
N TYR H 325 13.38 -3.76 -26.00
CA TYR H 325 12.87 -4.63 -24.95
C TYR H 325 12.34 -5.92 -25.56
N THR H 326 12.60 -7.03 -24.87
CA THR H 326 12.01 -8.32 -25.21
C THR H 326 11.15 -8.78 -24.04
N TRP H 327 10.08 -9.51 -24.36
CA TRP H 327 9.13 -9.97 -23.34
C TRP H 327 8.79 -11.41 -23.66
N GLY H 328 9.33 -12.35 -22.89
CA GLY H 328 9.05 -13.76 -23.14
C GLY H 328 9.73 -14.24 -24.40
N ASN H 329 9.01 -15.04 -25.18
CA ASN H 329 9.50 -15.57 -26.45
C ASN H 329 9.15 -14.66 -27.63
N HIS H 330 8.63 -13.46 -27.36
CA HIS H 330 8.32 -12.52 -28.42
C HIS H 330 9.61 -11.97 -29.04
N PRO H 331 9.56 -11.54 -30.30
CA PRO H 331 10.73 -10.88 -30.89
C PRO H 331 10.95 -9.52 -30.25
N PRO H 332 12.20 -9.02 -30.27
CA PRO H 332 12.47 -7.71 -29.66
C PRO H 332 11.85 -6.56 -30.43
N LYS H 333 11.46 -5.53 -29.70
CA LYS H 333 10.88 -4.32 -30.27
C LYS H 333 11.71 -3.12 -29.87
N ARG H 334 11.83 -2.16 -30.78
CA ARG H 334 12.62 -0.96 -30.56
C ARG H 334 11.74 0.28 -30.66
N VAL H 335 11.92 1.20 -29.71
CA VAL H 335 11.14 2.42 -29.64
C VAL H 335 12.07 3.62 -29.45
N TRP H 336 11.81 4.70 -30.18
CA TRP H 336 12.59 5.92 -30.11
C TRP H 336 11.69 7.07 -29.66
N ALA H 337 12.11 7.79 -28.64
CA ALA H 337 11.32 8.89 -28.12
C ALA H 337 11.47 10.12 -29.00
N GLN H 338 10.36 10.83 -29.20
CA GLN H 338 10.38 12.07 -29.96
C GLN H 338 10.62 13.24 -29.00
N GLU H 339 10.48 14.46 -29.51
CA GLU H 339 10.79 15.65 -28.73
C GLU H 339 9.55 16.54 -28.60
N SER H 340 8.43 15.94 -28.20
CA SER H 340 7.16 16.66 -28.11
C SER H 340 7.20 17.76 -27.05
N GLY H 341 7.68 17.44 -25.85
CA GLY H 341 7.84 18.44 -24.82
C GLY H 341 6.52 18.80 -24.13
N GLU H 342 6.64 19.73 -23.18
CA GLU H 342 5.50 20.16 -22.36
C GLU H 342 5.52 21.68 -22.19
N GLY H 343 5.67 22.40 -23.28
CA GLY H 343 5.64 23.85 -23.21
C GLY H 343 5.56 24.47 -24.58
N ASN H 344 5.75 25.79 -24.62
CA ASN H 344 5.81 26.51 -25.88
C ASN H 344 7.10 27.33 -25.94
N PRO H 345 7.72 27.43 -27.13
CA PRO H 345 8.99 28.16 -27.22
C PRO H 345 8.83 29.65 -27.38
N HIS H 346 7.67 30.13 -27.82
CA HIS H 346 7.43 31.55 -28.03
C HIS H 346 6.38 32.05 -27.05
N GLY H 347 6.66 33.18 -26.42
CA GLY H 347 5.70 33.75 -25.50
C GLY H 347 6.31 34.45 -24.30
N TRP H 348 5.62 34.38 -23.17
CA TRP H 348 6.08 35.04 -21.96
C TRP H 348 7.31 34.34 -21.39
N PRO H 349 8.15 35.06 -20.64
CA PRO H 349 9.30 34.40 -20.00
C PRO H 349 8.94 33.34 -18.97
N HIS H 350 7.73 33.38 -18.41
CA HIS H 350 7.34 32.35 -17.45
C HIS H 350 6.91 31.05 -18.13
N GLU H 351 6.73 31.05 -19.45
CA GLU H 351 6.46 29.83 -20.19
C GLU H 351 7.55 29.47 -21.19
N VAL H 352 8.44 30.40 -21.51
CA VAL H 352 9.58 30.08 -22.38
C VAL H 352 10.56 29.18 -21.64
N VAL H 353 10.84 29.50 -20.37
CA VAL H 353 11.83 28.76 -19.60
C VAL H 353 11.30 27.38 -19.19
N VAL H 354 9.97 27.22 -19.11
CA VAL H 354 9.44 25.91 -18.75
C VAL H 354 9.42 24.96 -19.93
N TYR H 355 9.55 25.48 -21.15
CA TYR H 355 9.69 24.59 -22.32
C TYR H 355 11.08 24.00 -22.38
N TYR H 356 12.11 24.79 -22.09
CA TYR H 356 13.48 24.29 -22.10
C TYR H 356 13.84 23.56 -20.82
N TYR H 357 13.06 23.71 -19.75
CA TYR H 357 13.33 22.96 -18.53
C TYR H 357 12.93 21.51 -18.68
N ASN H 358 11.85 21.24 -19.40
CA ASN H 358 11.48 19.85 -19.68
C ASN H 358 12.37 19.24 -20.72
N ARG H 359 12.73 20.01 -21.76
CA ARG H 359 13.56 19.49 -22.84
C ARG H 359 15.00 19.31 -22.40
N TYR H 360 15.56 20.29 -21.71
CA TYR H 360 16.95 20.25 -21.25
C TYR H 360 16.97 20.58 -19.76
N PRO H 361 16.71 19.60 -18.89
CA PRO H 361 16.74 19.88 -17.45
C PRO H 361 18.15 20.00 -16.90
N LEU H 362 19.16 19.47 -17.59
CA LEU H 362 20.51 19.47 -17.06
C LEU H 362 21.24 20.76 -17.37
N THR H 363 20.85 21.49 -18.41
CA THR H 363 21.55 22.69 -18.82
C THR H 363 20.84 23.98 -18.42
N THR H 364 19.51 23.96 -18.25
CA THR H 364 18.80 25.19 -17.94
C THR H 364 19.01 25.63 -16.50
N ILE H 365 19.26 24.69 -15.59
CA ILE H 365 19.58 25.06 -14.21
C ILE H 365 20.96 25.71 -14.16
N ILE H 366 21.95 25.12 -14.83
CA ILE H 366 23.29 25.68 -14.87
C ILE H 366 23.45 26.74 -15.96
N GLY H 367 22.38 27.06 -16.69
CA GLY H 367 22.42 28.14 -17.66
C GLY H 367 21.75 29.39 -17.14
N LEU H 368 20.67 29.22 -16.37
CA LEU H 368 20.02 30.37 -15.75
C LEU H 368 20.86 30.93 -14.61
N CYS H 369 21.53 30.05 -13.87
CA CYS H 369 22.38 30.52 -12.77
C CYS H 369 23.64 31.21 -13.29
N THR H 370 24.10 30.84 -14.49
CA THR H 370 25.18 31.58 -15.12
C THR H 370 24.70 32.93 -15.61
N CYS H 371 23.43 33.05 -15.98
CA CYS H 371 22.89 34.34 -16.42
C CYS H 371 22.76 35.32 -15.27
N VAL H 372 22.40 34.84 -14.08
CA VAL H 372 22.30 35.71 -12.91
C VAL H 372 23.63 35.92 -12.22
N ALA H 373 24.68 35.21 -12.63
CA ALA H 373 26.02 35.44 -12.11
C ALA H 373 26.81 36.43 -12.96
N ILE H 374 26.58 36.42 -14.28
CA ILE H 374 27.21 37.42 -15.15
C ILE H 374 26.60 38.79 -14.89
N ILE H 375 25.29 38.84 -14.66
CA ILE H 375 24.61 40.11 -14.36
C ILE H 375 25.10 40.67 -13.03
N MET H 376 25.19 39.81 -12.00
CA MET H 376 25.59 40.27 -10.69
C MET H 376 27.08 40.60 -10.60
N VAL H 377 27.92 40.01 -11.47
CA VAL H 377 29.32 40.40 -11.49
C VAL H 377 29.57 41.60 -12.39
N SER H 378 28.58 41.98 -13.21
CA SER H 378 28.68 43.20 -14.00
C SER H 378 27.89 44.35 -13.41
N CYS H 379 26.92 44.07 -12.53
CA CYS H 379 26.26 45.13 -11.79
C CYS H 379 27.12 45.67 -10.65
N VAL H 380 28.11 44.89 -10.19
CA VAL H 380 29.06 45.39 -9.20
C VAL H 380 30.23 46.11 -9.83
N THR H 381 30.43 45.98 -11.14
CA THR H 381 31.35 46.85 -11.85
C THR H 381 30.68 48.14 -12.31
N SER H 382 29.39 48.31 -12.01
CA SER H 382 28.72 49.58 -12.24
C SER H 382 29.02 50.55 -11.10
N VAL H 383 28.62 50.18 -9.89
CA VAL H 383 28.80 51.05 -8.72
C VAL H 383 30.26 51.17 -8.32
N TRP H 384 31.12 50.24 -8.75
CA TRP H 384 32.55 50.43 -8.56
C TRP H 384 33.11 51.45 -9.54
N LEU H 385 32.44 51.67 -10.68
CA LEU H 385 32.94 52.59 -11.69
C LEU H 385 32.10 53.85 -11.85
N LEU H 386 30.78 53.76 -11.69
CA LEU H 386 29.95 54.96 -11.80
C LEU H 386 30.10 55.85 -10.58
N CYS H 387 30.13 55.26 -9.38
CA CYS H 387 30.36 56.05 -8.17
C CYS H 387 31.81 56.47 -8.01
N ARG H 388 32.74 55.80 -8.69
CA ARG H 388 34.11 56.27 -8.74
C ARG H 388 34.21 57.58 -9.52
N THR H 389 33.52 57.67 -10.65
CA THR H 389 33.50 58.91 -11.42
C THR H 389 32.62 59.96 -10.77
N ARG H 390 31.57 59.54 -10.05
CA ARG H 390 30.69 60.50 -9.38
C ARG H 390 31.39 61.15 -8.19
N ASN H 391 32.30 60.45 -7.54
CA ASN H 391 33.14 61.08 -6.53
C ASN H 391 34.11 62.08 -7.18
N LEU H 392 34.66 61.73 -8.34
CA LEU H 392 35.55 62.63 -9.06
C LEU H 392 34.80 63.79 -9.72
N CYS H 393 33.49 63.68 -9.87
CA CYS H 393 32.70 64.80 -10.37
C CYS H 393 32.63 65.94 -9.36
N ILE H 394 32.52 65.61 -8.07
CA ILE H 394 32.09 66.59 -7.08
C ILE H 394 33.24 67.05 -6.19
N THR H 395 34.28 66.23 -6.03
CA THR H 395 35.39 66.58 -5.15
C THR H 395 36.26 67.77 -5.60
N PRO H 396 36.38 68.11 -6.89
CA PRO H 396 36.89 69.45 -7.22
C PRO H 396 35.88 70.58 -7.08
N TYR H 397 34.74 70.36 -6.44
CA TYR H 397 33.74 71.42 -6.27
C TYR H 397 33.24 71.60 -4.84
N LYS H 398 33.32 70.58 -3.98
CA LYS H 398 33.18 70.83 -2.55
C LYS H 398 34.46 71.38 -1.95
N LEU H 399 35.58 71.26 -2.66
CA LEU H 399 36.80 71.98 -2.34
C LEU H 399 36.74 73.45 -2.73
N ALA H 400 35.75 73.84 -3.53
CA ALA H 400 35.58 75.22 -3.98
C ALA H 400 34.14 75.67 -3.76
N PRO H 401 33.79 76.04 -2.53
CA PRO H 401 32.42 76.53 -2.28
C PRO H 401 32.16 77.93 -2.78
N ASN H 402 33.19 78.66 -3.20
CA ASN H 402 33.04 80.02 -3.70
C ASN H 402 32.99 80.10 -5.23
N ALA H 403 32.99 78.97 -5.92
CA ALA H 403 32.93 78.94 -7.37
C ALA H 403 31.70 78.16 -7.81
N GLN H 404 31.04 78.66 -8.86
CA GLN H 404 29.83 78.04 -9.36
C GLN H 404 30.15 76.95 -10.37
N VAL H 405 29.47 75.82 -10.24
CA VAL H 405 29.66 74.67 -11.11
C VAL H 405 29.10 74.99 -12.50
N PRO H 406 29.64 74.40 -13.56
CA PRO H 406 29.00 74.56 -14.88
C PRO H 406 27.66 73.83 -14.93
N ILE H 407 26.76 74.35 -15.77
CA ILE H 407 25.41 73.81 -15.82
C ILE H 407 25.33 72.49 -16.57
N LEU H 408 26.36 72.14 -17.34
CA LEU H 408 26.37 70.83 -18.00
C LEU H 408 26.61 69.71 -17.00
N LEU H 409 27.57 69.89 -16.10
CA LEU H 409 27.89 68.90 -15.09
C LEU H 409 27.01 69.02 -13.86
N ALA H 410 26.12 70.02 -13.80
CA ALA H 410 25.29 70.20 -12.62
C ALA H 410 24.21 69.12 -12.52
N LEU H 411 23.56 68.80 -13.62
CA LEU H 411 22.45 67.87 -13.62
C LEU H 411 22.65 66.68 -14.54
N LEU H 412 23.20 66.88 -15.74
CA LEU H 412 23.22 65.82 -16.73
C LEU H 412 24.37 64.84 -16.48
N CYS H 413 25.62 65.31 -16.57
CA CYS H 413 26.76 64.42 -16.49
C CYS H 413 27.00 63.94 -15.06
N CYS H 414 26.88 64.84 -14.08
CA CYS H 414 26.99 64.48 -12.68
C CYS H 414 25.66 64.83 -12.00
N ILE H 415 25.32 64.04 -10.97
CA ILE H 415 23.94 64.04 -10.47
C ILE H 415 23.66 65.26 -9.60
N LYS H 416 24.52 65.54 -8.63
CA LYS H 416 24.18 66.51 -7.58
C LYS H 416 24.27 67.94 -8.10
N PRO H 417 23.18 68.71 -8.05
CA PRO H 417 23.22 70.10 -8.53
C PRO H 417 23.68 71.07 -7.45
N THR H 418 23.63 72.36 -7.76
CA THR H 418 23.99 73.40 -6.81
C THR H 418 22.96 73.48 -5.69
N ARG H 419 23.44 73.60 -4.46
CA ARG H 419 22.58 73.72 -3.28
C ARG H 419 22.91 75.03 -2.57
N ALA H 420 21.91 75.91 -2.49
CA ALA H 420 21.99 77.24 -1.86
C ALA H 420 23.14 78.10 -2.39
N ASP I 111 46.45 83.59 13.01
CA ASP I 111 45.68 82.43 12.57
C ASP I 111 45.67 81.34 13.64
N LYS I 112 44.64 80.50 13.61
CA LYS I 112 44.49 79.40 14.57
C LYS I 112 44.27 78.11 13.78
N THR I 113 45.38 77.47 13.39
CA THR I 113 45.36 76.19 12.69
C THR I 113 45.91 75.14 13.65
N PHE I 114 45.05 74.23 14.07
CA PHE I 114 45.45 73.19 15.01
C PHE I 114 46.31 72.15 14.30
N PRO I 115 47.42 71.76 14.94
CA PRO I 115 48.41 70.77 14.45
C PRO I 115 48.10 69.27 14.69
N ILE I 116 48.86 68.39 14.01
CA ILE I 116 48.73 66.95 14.11
C ILE I 116 49.90 66.43 14.94
N MET I 117 49.58 65.77 16.05
CA MET I 117 50.59 65.23 16.96
C MET I 117 50.72 63.74 16.73
N LEU I 118 51.95 63.30 16.44
CA LEU I 118 52.24 61.87 16.26
C LEU I 118 53.44 61.53 17.13
N ASN I 119 53.18 60.73 18.18
CA ASN I 119 54.19 60.26 19.14
C ASN I 119 54.93 61.42 19.81
N GLY I 120 54.18 62.34 20.36
CA GLY I 120 54.74 63.49 21.06
C GLY I 120 55.08 64.68 20.19
N GLN I 121 55.79 64.45 19.08
CA GLN I 121 56.18 65.51 18.18
C GLN I 121 55.05 65.79 17.18
N VAL I 122 55.32 66.70 16.25
CA VAL I 122 54.34 67.06 15.23
C VAL I 122 54.69 66.36 13.93
N ASN I 123 53.66 66.12 13.12
CA ASN I 123 53.85 65.53 11.80
C ASN I 123 53.19 66.34 10.69
N GLY I 124 52.31 67.27 11.02
CA GLY I 124 51.67 68.11 10.03
C GLY I 124 50.78 69.13 10.71
N TYR I 125 50.24 70.03 9.91
CA TYR I 125 49.36 71.09 10.39
C TYR I 125 48.04 70.97 9.64
N ALA I 126 46.99 70.60 10.36
CA ALA I 126 45.64 70.46 9.79
C ALA I 126 44.94 71.80 9.91
N CYS I 127 45.08 72.61 8.86
CA CYS I 127 44.49 73.95 8.88
C CYS I 127 42.97 73.88 8.72
N VAL I 128 42.29 74.88 9.27
CA VAL I 128 40.84 74.94 9.28
C VAL I 128 40.42 76.05 8.33
N VAL I 129 39.80 75.66 7.22
CA VAL I 129 39.22 76.61 6.26
C VAL I 129 37.71 76.43 6.30
N GLY I 130 36.99 77.55 6.22
CA GLY I 130 35.54 77.53 6.20
C GLY I 130 34.98 76.81 4.99
N GLY I 131 34.10 75.84 5.24
CA GLY I 131 33.52 75.04 4.19
C GLY I 131 34.05 73.61 4.22
N ARG I 132 35.33 73.46 4.50
CA ARG I 132 35.95 72.14 4.54
C ARG I 132 37.25 72.23 5.35
N VAL I 133 37.30 71.51 6.47
CA VAL I 133 38.54 71.43 7.24
C VAL I 133 39.55 70.58 6.50
N PHE I 134 40.78 71.06 6.41
CA PHE I 134 41.81 70.41 5.61
C PHE I 134 42.77 69.65 6.51
N LYS I 135 43.10 68.44 6.10
CA LYS I 135 44.10 67.62 6.78
C LYS I 135 44.71 66.67 5.76
N PRO I 136 46.00 66.81 5.46
CA PRO I 136 46.63 65.92 4.46
C PRO I 136 46.76 64.50 4.98
N LEU I 137 46.36 63.53 4.16
CA LEU I 137 46.49 62.13 4.49
C LEU I 137 47.87 61.58 4.17
N HIS I 138 48.72 62.37 3.53
CA HIS I 138 50.12 61.99 3.36
C HIS I 138 50.83 61.90 4.71
N VAL I 139 50.58 62.86 5.58
CA VAL I 139 51.10 62.81 6.93
C VAL I 139 50.13 62.01 7.79
N GLU I 140 50.62 61.53 8.92
CA GLU I 140 49.82 60.69 9.80
C GLU I 140 49.76 61.29 11.20
N GLY I 141 49.16 60.57 12.13
CA GLY I 141 48.97 61.06 13.48
C GLY I 141 47.53 61.44 13.75
N ARG I 142 47.24 61.64 15.03
CA ARG I 142 45.90 61.95 15.49
C ARG I 142 45.78 63.42 15.84
N ILE I 143 44.60 63.98 15.58
CA ILE I 143 44.31 65.35 16.03
C ILE I 143 44.12 65.35 17.55
N ASP I 144 44.35 66.51 18.15
CA ASP I 144 44.29 66.63 19.60
C ASP I 144 43.23 67.62 20.08
N ASN I 145 42.35 68.08 19.19
CA ASN I 145 41.23 68.92 19.58
C ASN I 145 40.01 68.04 19.84
N GLU I 146 39.54 68.02 21.09
CA GLU I 146 38.46 67.14 21.47
C GLU I 146 37.12 67.56 20.85
N GLN I 147 36.95 68.85 20.58
CA GLN I 147 35.76 69.29 19.86
C GLN I 147 35.82 68.90 18.39
N LEU I 148 37.03 68.80 17.83
CA LEU I 148 37.23 68.33 16.47
C LEU I 148 37.54 66.85 16.40
N ALA I 149 37.58 66.15 17.54
CA ALA I 149 37.87 64.72 17.53
C ALA I 149 36.69 63.91 16.99
N ALA I 150 35.48 64.43 17.13
CA ALA I 150 34.29 63.74 16.64
C ALA I 150 34.03 63.97 15.15
N ILE I 151 34.87 64.78 14.49
CA ILE I 151 34.73 64.99 13.05
C ILE I 151 35.10 63.71 12.31
N LYS I 152 34.24 63.29 11.39
CA LYS I 152 34.40 61.99 10.74
C LYS I 152 35.56 62.02 9.76
N LEU I 153 36.52 61.11 9.96
CA LEU I 153 37.66 60.97 9.05
C LEU I 153 37.19 60.32 7.77
N LYS I 154 37.21 61.07 6.67
CA LYS I 154 36.77 60.57 5.37
C LYS I 154 37.92 60.68 4.38
N LYS I 155 38.31 59.55 3.81
CA LYS I 155 39.35 59.52 2.78
C LYS I 155 38.85 60.19 1.51
N ALA I 156 39.77 60.80 0.79
CA ALA I 156 39.44 61.51 -0.44
C ALA I 156 40.52 61.20 -1.47
N SER I 157 40.59 62.02 -2.53
CA SER I 157 41.44 61.76 -3.67
C SER I 157 42.90 62.10 -3.39
N ILE I 158 43.68 62.23 -4.47
CA ILE I 158 45.11 62.55 -4.35
C ILE I 158 45.40 63.95 -3.84
N TYR I 159 44.39 64.78 -3.63
CA TYR I 159 44.56 66.08 -3.00
C TYR I 159 44.76 65.99 -1.49
N ASP I 160 44.60 64.81 -0.89
CA ASP I 160 44.77 64.54 0.54
C ASP I 160 43.84 65.41 1.38
N LEU I 161 42.55 65.15 1.22
CA LEU I 161 41.49 66.01 1.71
C LEU I 161 40.69 65.32 2.82
N GLU I 162 40.33 66.09 3.84
CA GLU I 162 39.47 65.64 4.92
C GLU I 162 38.10 66.29 4.78
N TYR I 163 37.05 65.53 5.13
CA TYR I 163 35.69 66.02 5.02
C TYR I 163 35.40 67.16 6.00
N GLY I 164 34.69 68.17 5.51
CA GLY I 164 34.31 69.33 6.30
C GLY I 164 33.00 69.19 7.04
N ASP I 165 32.99 68.43 8.13
CA ASP I 165 31.83 68.33 9.01
C ASP I 165 31.88 69.33 10.15
N VAL I 166 32.45 70.51 9.90
CA VAL I 166 32.67 71.54 10.92
C VAL I 166 31.33 72.09 11.38
N PRO I 167 31.11 72.31 12.69
CA PRO I 167 29.96 73.09 13.13
C PRO I 167 30.02 74.52 12.60
N GLN I 168 28.85 75.08 12.29
CA GLN I 168 28.79 76.26 11.42
C GLN I 168 29.21 77.54 12.11
N CYS I 169 29.18 77.61 13.44
CA CYS I 169 29.44 78.90 14.09
C CYS I 169 30.92 79.19 14.22
N MET I 170 31.73 78.16 14.45
CA MET I 170 33.18 78.32 14.38
C MET I 170 33.73 77.86 13.03
N LYS I 171 32.92 77.96 11.98
CA LYS I 171 33.35 77.79 10.60
C LYS I 171 33.33 79.16 9.92
N SER I 172 34.08 79.25 8.81
CA SER I 172 34.30 80.48 8.04
C SER I 172 34.98 81.56 8.88
N ASP I 173 35.80 81.15 9.85
CA ASP I 173 36.65 82.10 10.54
C ASP I 173 37.87 82.47 9.70
N THR I 174 38.32 81.57 8.83
CA THR I 174 39.44 81.80 7.93
C THR I 174 38.89 81.88 6.51
N LEU I 175 38.81 83.09 5.98
CA LEU I 175 38.37 83.29 4.60
C LEU I 175 39.44 82.79 3.64
N GLN I 176 39.01 82.47 2.43
CA GLN I 176 39.86 81.85 1.43
C GLN I 176 39.85 82.67 0.15
N TYR I 177 41.05 82.98 -0.35
CA TYR I 177 41.19 83.75 -1.58
C TYR I 177 40.76 82.91 -2.78
N THR I 178 40.08 83.56 -3.73
CA THR I 178 39.58 82.89 -4.93
C THR I 178 40.67 82.75 -5.98
N SER I 179 40.29 82.44 -7.21
CA SER I 179 41.24 82.31 -8.30
C SER I 179 41.60 83.69 -8.86
N ASP I 180 42.26 83.69 -10.03
CA ASP I 180 42.84 84.88 -10.67
C ASP I 180 43.79 85.60 -9.72
N LYS I 181 44.65 84.83 -9.08
CA LYS I 181 45.61 85.33 -8.10
C LYS I 181 46.74 86.07 -8.81
N PRO I 182 47.18 87.22 -8.30
CA PRO I 182 48.17 88.05 -9.02
C PRO I 182 49.56 87.46 -8.94
N PRO I 183 50.57 88.08 -9.57
CA PRO I 183 51.97 87.73 -9.25
C PRO I 183 52.54 88.48 -8.07
N GLY I 184 51.69 89.07 -7.23
CA GLY I 184 52.11 89.94 -6.14
C GLY I 184 52.83 89.31 -4.96
N PHE I 185 52.82 90.00 -3.84
CA PHE I 185 53.62 89.59 -2.68
C PHE I 185 52.76 88.77 -1.73
N TYR I 186 53.26 87.60 -1.33
CA TYR I 186 52.56 86.75 -0.36
C TYR I 186 53.49 86.43 0.79
N ASN I 187 52.91 86.11 1.93
CA ASN I 187 53.66 85.77 3.12
C ASN I 187 53.57 84.26 3.38
N TRP I 188 54.72 83.62 3.49
CA TRP I 188 54.86 82.28 4.02
C TRP I 188 55.13 82.40 5.52
N HIS I 189 54.77 81.34 6.26
CA HIS I 189 54.84 81.39 7.71
C HIS I 189 56.26 81.53 8.25
N HIS I 190 57.27 81.11 7.48
CA HIS I 190 58.67 81.35 7.84
C HIS I 190 59.43 82.06 6.73
N GLY I 191 58.72 82.65 5.77
CA GLY I 191 59.39 83.29 4.66
C GLY I 191 58.50 84.17 3.81
N ALA I 192 58.80 84.26 2.51
CA ALA I 192 58.04 85.09 1.60
C ALA I 192 58.20 84.56 0.19
N VAL I 193 57.12 84.62 -0.59
CA VAL I 193 57.10 84.12 -1.96
C VAL I 193 56.41 85.15 -2.84
N GLN I 194 56.94 85.35 -4.06
CA GLN I 194 56.37 86.29 -5.03
C GLN I 194 56.38 85.66 -6.43
N TYR I 195 55.33 84.88 -6.74
CA TYR I 195 55.12 84.35 -8.09
C TYR I 195 53.68 83.91 -8.23
N GLU I 196 53.25 83.74 -9.49
CA GLU I 196 51.85 83.45 -9.81
C GLU I 196 51.64 82.02 -10.29
N ASN I 197 52.36 81.59 -11.34
CA ASN I 197 52.12 80.28 -11.92
C ASN I 197 52.69 79.18 -11.03
N ASN I 198 53.99 79.16 -10.85
CA ASN I 198 54.64 78.28 -9.89
C ASN I 198 54.99 79.08 -8.65
N ARG I 199 55.73 78.46 -7.73
CA ARG I 199 56.16 79.15 -6.53
C ARG I 199 57.51 79.83 -6.78
N PHE I 200 57.75 80.92 -6.06
CA PHE I 200 58.98 81.68 -6.19
C PHE I 200 60.11 80.99 -5.44
N THR I 201 61.31 81.55 -5.59
CA THR I 201 62.47 81.04 -4.84
C THR I 201 62.35 81.42 -3.37
N VAL I 202 62.53 80.42 -2.50
CA VAL I 202 62.43 80.58 -1.06
C VAL I 202 63.84 80.41 -0.50
N PRO I 203 64.21 81.12 0.56
CA PRO I 203 65.48 80.83 1.24
C PRO I 203 65.52 79.42 1.81
N ARG I 204 66.71 78.84 1.81
CA ARG I 204 66.90 77.44 2.19
C ARG I 204 66.78 77.27 3.71
N GLY I 205 66.87 76.02 4.13
CA GLY I 205 66.73 75.69 5.55
C GLY I 205 65.32 75.36 5.96
N VAL I 206 64.36 76.19 5.55
CA VAL I 206 62.96 75.91 5.80
C VAL I 206 62.50 74.77 4.88
N GLY I 207 61.41 74.11 5.25
CA GLY I 207 60.96 72.96 4.50
C GLY I 207 61.73 71.71 4.85
N GLY I 208 61.58 71.23 6.08
CA GLY I 208 62.30 70.07 6.55
C GLY I 208 61.50 68.80 6.42
N LYS I 209 60.93 68.33 7.53
CA LYS I 209 60.10 67.13 7.52
C LYS I 209 59.04 67.26 8.60
N GLY I 210 57.82 66.82 8.27
CA GLY I 210 56.73 66.83 9.22
C GLY I 210 56.23 68.20 9.63
N ASP I 211 56.20 69.15 8.70
CA ASP I 211 55.73 70.49 9.00
C ASP I 211 54.92 71.06 7.84
N SER I 212 54.26 70.21 7.07
CA SER I 212 53.48 70.65 5.92
C SER I 212 52.04 70.93 6.32
N GLY I 213 51.26 71.40 5.35
CA GLY I 213 49.88 71.76 5.58
C GLY I 213 49.65 73.20 6.00
N ARG I 214 50.70 73.97 6.22
CA ARG I 214 50.54 75.36 6.61
C ARG I 214 50.11 76.18 5.39
N PRO I 215 49.06 76.99 5.51
CA PRO I 215 48.58 77.75 4.35
C PRO I 215 49.53 78.88 3.95
N ILE I 216 49.45 79.25 2.69
CA ILE I 216 50.14 80.41 2.15
C ILE I 216 49.13 81.54 2.05
N LEU I 217 49.34 82.61 2.82
CA LEU I 217 48.35 83.65 2.95
C LEU I 217 48.66 84.81 2.01
N ASP I 218 47.83 85.85 2.08
CA ASP I 218 47.99 87.05 1.27
C ASP I 218 48.01 88.29 2.15
N ASN I 219 47.94 89.47 1.53
CA ASN I 219 47.98 90.71 2.30
C ASN I 219 46.69 90.93 3.08
N LYS I 220 45.57 90.39 2.61
CA LYS I 220 44.30 90.50 3.31
C LYS I 220 44.06 89.34 4.28
N GLY I 221 44.99 88.41 4.39
CA GLY I 221 44.85 87.28 5.29
C GLY I 221 44.07 86.11 4.74
N ARG I 222 43.56 86.20 3.52
CA ARG I 222 42.80 85.11 2.94
C ARG I 222 43.72 83.95 2.57
N VAL I 223 43.21 82.73 2.75
CA VAL I 223 43.98 81.52 2.44
C VAL I 223 43.98 81.35 0.93
N VAL I 224 45.18 81.29 0.35
CA VAL I 224 45.34 81.18 -1.08
C VAL I 224 45.72 79.78 -1.52
N ALA I 225 46.59 79.11 -0.76
CA ALA I 225 47.10 77.80 -1.17
C ALA I 225 47.43 76.99 0.08
N ILE I 226 47.46 75.67 -0.09
CA ILE I 226 47.81 74.73 0.97
C ILE I 226 49.02 73.93 0.52
N VAL I 227 50.10 74.01 1.27
CA VAL I 227 51.35 73.35 0.88
C VAL I 227 51.26 71.86 1.19
N LEU I 228 51.95 71.06 0.38
CA LEU I 228 52.04 69.62 0.56
C LEU I 228 53.46 69.09 0.54
N GLY I 229 54.31 69.66 -0.31
CA GLY I 229 55.69 69.22 -0.44
C GLY I 229 56.64 70.41 -0.45
N GLY I 230 57.76 70.23 -1.11
CA GLY I 230 58.75 71.28 -1.21
C GLY I 230 59.79 71.25 -0.10
N VAL I 231 60.47 70.11 0.04
CA VAL I 231 61.52 69.98 1.04
C VAL I 231 62.78 70.71 0.58
N ASN I 232 63.36 70.26 -0.54
CA ASN I 232 64.58 70.85 -1.07
C ASN I 232 64.65 70.58 -2.56
N GLU I 233 64.88 71.63 -3.34
CA GLU I 233 64.98 71.51 -4.79
C GLU I 233 66.12 72.38 -5.32
N GLY I 234 67.26 72.36 -4.63
CA GLY I 234 68.42 73.10 -5.05
C GLY I 234 68.61 74.41 -4.32
N SER I 235 69.30 75.37 -4.96
CA SER I 235 69.46 76.70 -4.38
C SER I 235 68.13 77.45 -4.37
N ARG I 236 67.41 77.44 -5.49
CA ARG I 236 66.07 78.00 -5.57
C ARG I 236 65.09 76.90 -5.21
N THR I 237 64.23 77.16 -4.22
CA THR I 237 63.31 76.16 -3.72
C THR I 237 61.90 76.43 -4.26
N ALA I 238 61.34 75.44 -4.93
CA ALA I 238 59.96 75.50 -5.42
C ALA I 238 59.17 74.37 -4.77
N LEU I 239 57.94 74.68 -4.35
CA LEU I 239 57.15 73.77 -3.55
C LEU I 239 56.06 73.12 -4.39
N SER I 240 55.69 71.90 -4.00
CA SER I 240 54.52 71.23 -4.54
C SER I 240 53.34 71.60 -3.66
N VAL I 241 52.34 72.24 -4.27
CA VAL I 241 51.32 72.93 -3.50
C VAL I 241 50.02 72.91 -4.29
N VAL I 242 48.90 72.66 -3.60
CA VAL I 242 47.59 72.74 -4.23
C VAL I 242 47.18 74.20 -4.33
N THR I 243 46.35 74.50 -5.33
CA THR I 243 45.98 75.88 -5.64
C THR I 243 44.69 75.89 -6.43
N TRP I 244 44.27 77.09 -6.81
CA TRP I 244 43.09 77.31 -7.65
C TRP I 244 43.57 77.93 -8.95
N ASN I 245 43.25 77.30 -10.08
CA ASN I 245 43.93 77.67 -11.32
C ASN I 245 43.32 78.90 -11.98
N GLN I 246 42.10 78.80 -12.51
CA GLN I 246 41.53 79.96 -13.16
C GLN I 246 40.08 80.24 -12.76
N LYS I 247 39.26 79.20 -12.60
CA LYS I 247 37.82 79.36 -12.44
C LYS I 247 37.33 78.64 -11.20
N GLY I 248 38.14 78.59 -10.15
CA GLY I 248 37.79 77.80 -8.99
C GLY I 248 38.13 76.34 -9.09
N VAL I 249 38.80 75.92 -10.16
CA VAL I 249 39.23 74.53 -10.27
C VAL I 249 40.38 74.29 -9.30
N THR I 250 40.17 73.39 -8.34
CA THR I 250 41.15 73.13 -7.29
C THR I 250 42.15 72.11 -7.82
N VAL I 251 43.28 72.60 -8.31
CA VAL I 251 44.26 71.80 -9.02
C VAL I 251 45.54 71.75 -8.20
N LYS I 252 46.05 70.54 -7.98
CA LYS I 252 47.36 70.41 -7.36
C LYS I 252 48.45 70.55 -8.42
N ASP I 253 49.65 70.92 -7.97
CA ASP I 253 50.77 71.16 -8.88
C ASP I 253 52.07 70.84 -8.16
N THR I 254 52.87 69.96 -8.77
CA THR I 254 54.19 69.60 -8.28
C THR I 254 55.24 69.94 -9.33
N PRO I 255 56.42 70.38 -8.92
CA PRO I 255 57.51 70.59 -9.87
C PRO I 255 58.21 69.27 -10.19
N GLU I 256 59.17 69.34 -11.10
CA GLU I 256 59.92 68.15 -11.49
C GLU I 256 60.87 67.73 -10.38
N GLY I 257 60.87 66.44 -10.07
CA GLY I 257 61.68 65.91 -8.99
C GLY I 257 61.26 66.39 -7.61
N SER I 258 59.97 66.42 -7.33
CA SER I 258 59.48 66.89 -6.06
C SER I 258 59.54 65.79 -5.00
N GLU I 259 59.58 66.21 -3.75
CA GLU I 259 59.65 65.30 -2.61
C GLU I 259 58.56 65.69 -1.61
N PRO I 260 57.81 64.73 -1.08
CA PRO I 260 56.80 65.06 -0.07
C PRO I 260 57.41 65.52 1.23
N TRP I 261 56.67 66.36 1.94
CA TRP I 261 57.14 67.03 3.14
C TRP I 261 56.38 66.57 4.37
N TYR J 1 61.04 -39.52 47.72
CA TYR J 1 61.02 -38.08 47.54
C TYR J 1 59.65 -37.60 47.07
N GLU J 2 59.43 -36.30 47.13
CA GLU J 2 58.15 -35.71 46.79
C GLU J 2 58.36 -34.46 45.94
N HIS J 3 57.67 -34.41 44.80
CA HIS J 3 57.81 -33.33 43.83
C HIS J 3 56.45 -32.71 43.60
N THR J 4 56.30 -31.44 43.97
CA THR J 4 55.04 -30.72 43.82
C THR J 4 55.21 -29.59 42.81
N ALA J 5 54.26 -29.46 41.89
CA ALA J 5 54.29 -28.42 40.87
C ALA J 5 52.87 -28.18 40.40
N VAL J 6 52.73 -27.43 39.31
CA VAL J 6 51.43 -27.17 38.69
C VAL J 6 51.54 -27.43 37.19
N MET J 7 50.57 -28.16 36.66
CA MET J 7 50.47 -28.51 35.25
C MET J 7 49.32 -27.77 34.58
N PRO J 8 49.39 -27.52 33.29
CA PRO J 8 48.25 -26.92 32.58
C PRO J 8 47.15 -27.94 32.34
N ASN J 9 45.96 -27.42 32.06
CA ASN J 9 44.79 -28.26 31.84
C ASN J 9 44.59 -28.49 30.35
N LYS J 10 45.54 -29.21 29.76
CA LYS J 10 45.47 -29.60 28.37
C LYS J 10 45.76 -31.09 28.25
N VAL J 11 45.11 -31.73 27.28
CA VAL J 11 45.01 -33.19 27.27
C VAL J 11 46.15 -33.84 26.50
N GLY J 12 46.37 -33.43 25.26
CA GLY J 12 47.34 -34.14 24.45
C GLY J 12 48.79 -33.80 24.69
N ILE J 13 49.08 -32.85 25.56
CA ILE J 13 50.42 -32.31 25.76
C ILE J 13 50.97 -32.87 27.06
N PRO J 14 52.07 -33.63 27.05
CA PRO J 14 52.63 -34.14 28.30
C PRO J 14 53.31 -33.05 29.11
N TYR J 15 53.35 -33.26 30.41
CA TYR J 15 54.05 -32.36 31.33
C TYR J 15 55.33 -33.05 31.78
N LYS J 16 56.47 -32.47 31.41
CA LYS J 16 57.77 -33.05 31.71
C LYS J 16 58.42 -32.25 32.84
N ALA J 17 58.86 -32.96 33.88
CA ALA J 17 59.54 -32.34 35.00
C ALA J 17 60.69 -33.23 35.43
N LEU J 18 61.73 -32.61 35.96
CA LEU J 18 62.96 -33.28 36.37
C LEU J 18 63.09 -33.12 37.88
N VAL J 19 62.88 -34.22 38.62
CA VAL J 19 63.02 -34.15 40.07
C VAL J 19 64.50 -34.12 40.43
N GLU J 20 64.82 -33.39 41.50
CA GLU J 20 66.20 -33.12 41.86
C GLU J 20 66.39 -33.50 43.33
N ARG J 21 66.84 -34.73 43.57
CA ARG J 21 67.25 -35.14 44.90
C ARG J 21 68.76 -34.96 44.97
N PRO J 22 69.28 -34.05 45.80
CA PRO J 22 70.73 -33.83 45.86
C PRO J 22 71.45 -35.03 46.45
N GLY J 23 72.55 -35.41 45.79
CA GLY J 23 73.26 -36.63 46.09
C GLY J 23 72.85 -37.81 45.25
N TYR J 24 71.76 -37.70 44.50
CA TYR J 24 71.28 -38.77 43.64
C TYR J 24 71.07 -38.23 42.23
N ALA J 25 71.07 -39.14 41.26
CA ALA J 25 70.87 -38.77 39.87
C ALA J 25 69.42 -38.34 39.64
N PRO J 26 69.19 -37.32 38.82
CA PRO J 26 67.82 -36.85 38.61
C PRO J 26 66.98 -37.84 37.81
N VAL J 27 65.67 -37.79 38.04
CA VAL J 27 64.72 -38.71 37.44
C VAL J 27 63.76 -37.90 36.59
N HIS J 28 63.65 -38.25 35.31
CA HIS J 28 62.75 -37.54 34.40
C HIS J 28 61.33 -38.05 34.61
N LEU J 29 60.42 -37.14 34.96
CA LEU J 29 59.04 -37.47 35.25
C LEU J 29 58.13 -36.88 34.17
N GLN J 30 57.18 -37.67 33.70
CA GLN J 30 56.29 -37.26 32.61
C GLN J 30 54.86 -37.61 32.97
N ILE J 31 54.01 -36.59 33.10
CA ILE J 31 52.60 -36.75 33.43
C ILE J 31 51.78 -36.25 32.26
N GLN J 32 50.85 -37.08 31.78
CA GLN J 32 50.03 -36.74 30.63
C GLN J 32 48.59 -37.11 30.92
N LEU J 33 47.69 -36.14 30.80
CA LEU J 33 46.27 -36.40 30.97
C LEU J 33 45.72 -37.13 29.75
N VAL J 34 44.63 -37.87 29.96
CA VAL J 34 43.91 -38.55 28.90
C VAL J 34 42.46 -38.06 28.82
N ASN J 35 41.79 -37.96 29.95
CA ASN J 35 40.42 -37.49 30.03
C ASN J 35 40.34 -36.35 31.05
N THR J 36 39.24 -35.60 31.00
CA THR J 36 38.90 -34.65 32.06
C THR J 36 37.37 -34.50 32.03
N ARG J 37 36.70 -35.17 32.96
CA ARG J 37 35.25 -35.23 32.98
C ARG J 37 34.72 -34.46 34.17
N ILE J 38 33.84 -33.50 33.91
CA ILE J 38 33.15 -32.76 34.96
C ILE J 38 31.77 -33.40 35.12
N ILE J 39 31.55 -34.06 36.24
CA ILE J 39 30.34 -34.86 36.43
C ILE J 39 29.43 -34.22 37.47
N PRO J 40 28.38 -33.51 37.07
CA PRO J 40 27.46 -32.91 38.04
C PRO J 40 26.48 -33.95 38.57
N SER J 41 25.80 -33.57 39.65
CA SER J 41 24.82 -34.43 40.28
C SER J 41 23.43 -34.01 39.81
N THR J 42 22.70 -34.96 39.23
CA THR J 42 21.41 -34.70 38.64
C THR J 42 20.34 -35.55 39.30
N ASN J 43 19.10 -35.04 39.29
CA ASN J 43 17.94 -35.82 39.66
C ASN J 43 16.86 -35.61 38.60
N LEU J 44 16.11 -36.68 38.32
CA LEU J 44 15.12 -36.66 37.25
C LEU J 44 13.78 -36.25 37.84
N GLU J 45 13.29 -35.07 37.48
CA GLU J 45 11.96 -34.68 37.91
C GLU J 45 10.88 -35.37 37.09
N TYR J 46 10.86 -35.13 35.79
CA TYR J 46 9.79 -35.68 34.96
C TYR J 46 10.31 -35.89 33.55
N ILE J 47 9.54 -36.67 32.79
CA ILE J 47 9.78 -36.84 31.36
C ILE J 47 8.61 -36.23 30.60
N THR J 48 8.73 -36.18 29.29
CA THR J 48 7.67 -35.65 28.44
C THR J 48 7.72 -36.32 27.07
N CYS J 49 6.56 -36.43 26.43
CA CYS J 49 6.44 -37.04 25.12
C CYS J 49 5.15 -36.56 24.47
N LYS J 50 4.94 -36.99 23.23
CA LYS J 50 3.71 -36.69 22.52
C LYS J 50 2.55 -37.49 23.10
N TYR J 51 1.38 -36.88 23.16
CA TYR J 51 0.22 -37.54 23.74
C TYR J 51 -0.49 -38.41 22.70
N LYS J 52 -1.55 -39.07 23.14
CA LYS J 52 -2.46 -39.78 22.23
C LYS J 52 -3.82 -39.80 22.89
N THR J 53 -4.74 -38.98 22.39
CA THR J 53 -6.06 -38.86 23.00
C THR J 53 -6.92 -40.02 22.55
N LYS J 54 -7.40 -40.81 23.50
CA LYS J 54 -8.28 -41.92 23.16
C LYS J 54 -9.72 -41.52 23.48
N VAL J 55 -10.63 -41.99 22.63
CA VAL J 55 -12.05 -41.70 22.76
C VAL J 55 -12.80 -43.00 23.01
N PRO J 56 -13.52 -43.12 24.12
CA PRO J 56 -14.39 -44.28 24.31
C PRO J 56 -15.63 -44.17 23.44
N SER J 57 -16.34 -45.28 23.34
CA SER J 57 -17.57 -45.31 22.56
C SER J 57 -18.65 -44.48 23.27
N PRO J 58 -19.34 -43.59 22.56
CA PRO J 58 -20.41 -42.83 23.21
C PRO J 58 -21.63 -43.69 23.45
N VAL J 59 -22.38 -43.33 24.49
CA VAL J 59 -23.67 -43.99 24.72
C VAL J 59 -24.73 -43.20 23.98
N VAL J 60 -25.70 -43.92 23.41
CA VAL J 60 -26.84 -43.30 22.76
C VAL J 60 -28.08 -43.84 23.46
N LYS J 61 -28.49 -43.12 24.49
CA LYS J 61 -29.75 -43.36 25.18
C LYS J 61 -30.44 -42.23 24.43
N CYS J 62 -31.36 -42.56 23.54
CA CYS J 62 -31.89 -41.52 22.67
C CYS J 62 -33.39 -41.30 22.83
N CYS J 63 -33.95 -41.70 23.97
CA CYS J 63 -35.28 -41.24 24.38
C CYS J 63 -35.15 -40.86 25.85
N GLY J 64 -34.74 -39.62 26.10
CA GLY J 64 -34.47 -39.18 27.46
C GLY J 64 -33.19 -38.38 27.59
N ALA J 65 -32.46 -38.56 28.70
CA ALA J 65 -31.24 -37.81 28.94
C ALA J 65 -30.31 -38.59 29.85
N THR J 66 -29.01 -38.35 29.69
CA THR J 66 -27.98 -39.02 30.48
C THR J 66 -26.97 -38.01 31.04
N GLN J 67 -26.41 -38.36 32.20
CA GLN J 67 -25.43 -37.51 32.87
C GLN J 67 -24.24 -38.37 33.27
N CYS J 68 -23.09 -37.71 33.49
CA CYS J 68 -21.87 -38.41 33.85
C CYS J 68 -21.35 -37.95 35.20
N THR J 69 -20.50 -38.78 35.79
CA THR J 69 -19.75 -38.41 36.97
C THR J 69 -18.44 -37.77 36.53
N SER J 70 -17.52 -37.57 37.47
CA SER J 70 -16.20 -37.02 37.19
C SER J 70 -15.19 -38.13 37.44
N LYS J 71 -14.85 -38.86 36.39
CA LYS J 71 -13.86 -39.92 36.50
C LYS J 71 -12.46 -39.31 36.66
N PRO J 72 -11.60 -39.96 37.45
CA PRO J 72 -10.22 -39.45 37.58
C PRO J 72 -9.38 -39.83 36.36
N HIS J 73 -9.15 -38.86 35.49
CA HIS J 73 -8.40 -39.05 34.27
C HIS J 73 -7.73 -37.74 33.92
N PRO J 74 -6.54 -37.78 33.30
CA PRO J 74 -5.88 -36.52 32.90
C PRO J 74 -6.61 -35.89 31.72
N ASP J 75 -7.04 -34.63 31.93
CA ASP J 75 -7.78 -33.82 30.95
C ASP J 75 -9.07 -34.50 30.48
N TYR J 76 -9.83 -35.01 31.45
CA TYR J 76 -11.08 -35.69 31.14
C TYR J 76 -12.17 -34.69 30.73
N GLN J 77 -13.02 -35.11 29.80
CA GLN J 77 -14.05 -34.24 29.24
C GLN J 77 -15.40 -34.95 29.18
N CYS J 78 -16.44 -34.23 29.60
CA CYS J 78 -17.83 -34.66 29.46
C CYS J 78 -18.63 -33.60 28.74
N GLN J 79 -19.62 -34.05 27.98
CA GLN J 79 -20.64 -33.17 27.41
C GLN J 79 -21.88 -34.00 27.14
N VAL J 80 -23.01 -33.31 27.00
CA VAL J 80 -24.27 -33.93 26.60
C VAL J 80 -24.85 -33.08 25.48
N PHE J 81 -25.10 -33.70 24.33
CA PHE J 81 -25.71 -33.03 23.19
C PHE J 81 -27.11 -33.58 22.99
N SER J 82 -28.09 -32.68 22.93
CA SER J 82 -29.49 -33.04 22.93
C SER J 82 -30.09 -32.93 21.55
N GLY J 83 -30.85 -33.95 21.15
CA GLY J 83 -31.54 -33.96 19.88
C GLY J 83 -30.63 -34.09 18.68
N VAL J 84 -29.97 -35.23 18.53
CA VAL J 84 -29.02 -35.45 17.46
C VAL J 84 -29.63 -36.23 16.30
N TYR J 85 -30.43 -37.26 16.60
CA TYR J 85 -31.07 -38.19 15.66
C TYR J 85 -30.07 -38.80 14.67
N PRO J 86 -29.23 -39.73 15.10
CA PRO J 86 -28.19 -40.26 14.22
C PRO J 86 -28.74 -41.25 13.20
N PHE J 87 -27.90 -41.55 12.22
CA PHE J 87 -28.24 -42.46 11.13
C PHE J 87 -27.09 -43.45 10.96
N MET J 88 -27.25 -44.67 11.48
CA MET J 88 -26.28 -45.72 11.24
C MET J 88 -26.56 -46.37 9.89
N TRP J 89 -25.88 -47.48 9.63
CA TRP J 89 -26.15 -48.30 8.46
C TRP J 89 -27.48 -49.04 8.76
N GLY J 90 -28.29 -49.31 7.74
CA GLY J 90 -29.56 -49.97 7.97
C GLY J 90 -30.56 -49.10 8.70
N GLY J 91 -30.70 -47.83 8.31
CA GLY J 91 -31.72 -46.97 8.85
C GLY J 91 -31.26 -46.18 10.06
N ALA J 92 -32.19 -45.36 10.55
CA ALA J 92 -31.92 -44.50 11.70
C ALA J 92 -31.81 -45.33 12.98
N TYR J 93 -31.15 -44.75 13.98
CA TYR J 93 -30.83 -45.51 15.18
C TYR J 93 -32.05 -45.72 16.07
N CYS J 94 -32.90 -44.70 16.23
CA CYS J 94 -34.04 -44.85 17.12
C CYS J 94 -35.18 -43.93 16.67
N PHE J 95 -36.37 -44.23 17.18
CA PHE J 95 -37.60 -43.62 16.69
C PHE J 95 -37.78 -42.19 17.19
N CYS J 96 -37.33 -41.89 18.40
CA CYS J 96 -37.66 -40.64 19.09
C CYS J 96 -37.05 -39.45 18.37
N ASP J 97 -37.89 -38.69 17.66
CA ASP J 97 -37.42 -37.53 16.94
C ASP J 97 -37.22 -36.34 17.88
N THR J 98 -36.27 -35.48 17.51
CA THR J 98 -35.95 -34.14 18.03
C THR J 98 -35.64 -34.06 19.53
N GLU J 99 -35.58 -35.19 20.23
CA GLU J 99 -35.02 -35.20 21.58
C GLU J 99 -34.25 -36.50 21.75
N ASN J 100 -32.94 -36.36 21.91
CA ASN J 100 -31.97 -37.45 21.92
C ASN J 100 -30.88 -37.09 22.93
N THR J 101 -29.86 -37.94 23.03
CA THR J 101 -28.71 -37.67 23.90
C THR J 101 -27.50 -38.43 23.40
N GLN J 102 -26.39 -37.73 23.21
CA GLN J 102 -25.09 -38.35 22.96
C GLN J 102 -24.07 -37.76 23.93
N MET J 103 -23.31 -38.64 24.59
CA MET J 103 -22.30 -38.21 25.57
C MET J 103 -20.99 -37.81 24.90
N SER J 104 -20.32 -38.76 24.25
CA SER J 104 -19.05 -38.57 23.54
C SER J 104 -17.96 -38.00 24.46
N GLU J 105 -17.56 -38.82 25.43
CA GLU J 105 -16.50 -38.43 26.33
C GLU J 105 -15.13 -38.66 25.70
N ALA J 106 -14.10 -38.06 26.29
CA ALA J 106 -12.74 -38.14 25.77
C ALA J 106 -11.75 -38.01 26.92
N TYR J 107 -10.52 -38.45 26.66
CA TYR J 107 -9.52 -38.63 27.71
C TYR J 107 -8.14 -38.71 27.06
N VAL J 108 -7.16 -38.06 27.69
CA VAL J 108 -5.82 -37.87 27.11
C VAL J 108 -4.84 -38.80 27.82
N GLU J 109 -4.04 -39.53 27.05
CA GLU J 109 -3.03 -40.41 27.62
C GLU J 109 -1.78 -40.36 26.76
N ARG J 110 -0.68 -40.89 27.28
CA ARG J 110 0.58 -40.86 26.57
C ARG J 110 0.61 -41.93 25.48
N SER J 111 1.44 -41.68 24.47
CA SER J 111 1.50 -42.52 23.29
C SER J 111 2.39 -43.74 23.56
N GLU J 112 2.51 -44.61 22.54
CA GLU J 112 3.38 -45.77 22.66
C GLU J 112 4.80 -45.49 22.19
N GLU J 113 5.07 -44.31 21.62
CA GLU J 113 6.43 -43.92 21.31
C GLU J 113 7.14 -43.31 22.51
N CYS J 114 6.45 -43.10 23.62
CA CYS J 114 7.04 -42.51 24.82
C CYS J 114 8.09 -43.43 25.46
N SER J 115 8.08 -44.71 25.13
CA SER J 115 9.14 -45.60 25.58
C SER J 115 10.42 -45.42 24.76
N ILE J 116 10.31 -44.96 23.51
CA ILE J 116 11.47 -44.88 22.63
C ILE J 116 12.09 -43.48 22.67
N ASP J 117 11.33 -42.46 22.29
CA ASP J 117 11.85 -41.09 22.35
C ASP J 117 11.05 -40.26 23.34
N HIS J 118 11.75 -39.65 24.28
CA HIS J 118 11.18 -38.76 25.27
C HIS J 118 12.29 -37.83 25.73
N ALA J 119 11.91 -36.75 26.39
CA ALA J 119 12.86 -35.77 26.87
C ALA J 119 12.89 -35.81 28.39
N LYS J 120 14.07 -36.00 28.97
CA LYS J 120 14.22 -36.09 30.41
C LYS J 120 14.61 -34.72 30.96
N ALA J 121 13.93 -34.31 32.03
CA ALA J 121 14.17 -33.01 32.64
C ALA J 121 14.97 -33.20 33.94
N TYR J 122 16.15 -32.57 34.00
CA TYR J 122 17.09 -32.73 35.10
C TYR J 122 17.38 -31.39 35.76
N LYS J 123 17.61 -31.42 37.07
CA LYS J 123 18.20 -30.28 37.77
C LYS J 123 19.58 -30.69 38.24
N VAL J 124 20.59 -29.89 37.91
CA VAL J 124 21.96 -30.24 38.18
C VAL J 124 22.42 -29.52 39.44
N HIS J 125 23.53 -30.01 39.99
CA HIS J 125 24.14 -29.50 41.20
C HIS J 125 25.60 -29.96 41.16
N THR J 126 26.51 -29.09 41.59
CA THR J 126 27.94 -29.27 41.34
C THR J 126 28.49 -30.48 42.08
N GLY J 127 29.21 -31.33 41.34
CA GLY J 127 29.65 -32.62 41.84
C GLY J 127 31.12 -32.86 41.56
N THR J 128 31.45 -34.15 41.48
CA THR J 128 32.84 -34.57 41.39
C THR J 128 33.45 -34.28 40.03
N VAL J 129 34.76 -34.03 40.03
CA VAL J 129 35.57 -33.91 38.82
C VAL J 129 36.65 -34.98 38.90
N GLN J 130 36.78 -35.78 37.85
CA GLN J 130 37.80 -36.81 37.80
C GLN J 130 38.44 -36.85 36.42
N ALA J 131 39.61 -37.48 36.36
CA ALA J 131 40.45 -37.48 35.17
C ALA J 131 41.27 -38.75 35.13
N MET J 132 41.78 -39.08 33.95
CA MET J 132 42.64 -40.24 33.76
C MET J 132 44.02 -39.77 33.33
N VAL J 133 45.05 -40.24 34.04
CA VAL J 133 46.41 -39.77 33.84
C VAL J 133 47.29 -40.93 33.37
N ASN J 134 48.16 -40.64 32.41
CA ASN J 134 49.17 -41.57 31.92
C ASN J 134 50.52 -41.07 32.40
N ILE J 135 51.27 -41.92 33.11
CA ILE J 135 52.46 -41.45 33.82
C ILE J 135 53.63 -42.40 33.56
N THR J 136 54.84 -41.85 33.68
CA THR J 136 56.07 -42.61 33.66
C THR J 136 57.15 -41.81 34.37
N TYR J 137 58.18 -42.51 34.84
CA TYR J 137 59.32 -41.87 35.48
C TYR J 137 60.50 -42.82 35.40
N GLY J 138 61.66 -42.30 34.99
CA GLY J 138 62.88 -43.10 34.97
C GLY J 138 62.81 -44.23 33.95
N SER J 139 63.06 -45.45 34.41
CA SER J 139 62.99 -46.64 33.57
C SER J 139 61.64 -47.33 33.63
N VAL J 140 60.69 -46.80 34.39
CA VAL J 140 59.36 -47.40 34.51
C VAL J 140 58.55 -47.04 33.27
N SER J 141 57.85 -48.03 32.71
CA SER J 141 57.05 -47.82 31.52
C SER J 141 55.75 -47.09 31.86
N TRP J 142 54.93 -46.84 30.84
CA TRP J 142 53.72 -46.04 31.00
C TRP J 142 52.64 -46.86 31.68
N ARG J 143 52.19 -46.42 32.84
CA ARG J 143 51.10 -47.04 33.58
C ARG J 143 50.06 -45.99 33.90
N SER J 144 48.79 -46.33 33.72
CA SER J 144 47.71 -45.36 33.81
C SER J 144 46.57 -45.89 34.66
N ALA J 145 46.04 -45.02 35.51
CA ALA J 145 44.80 -45.27 36.25
C ALA J 145 44.19 -43.93 36.60
N ASP J 146 42.86 -43.86 36.57
CA ASP J 146 42.17 -42.58 36.72
C ASP J 146 42.18 -42.12 38.18
N VAL J 147 42.23 -40.79 38.34
CA VAL J 147 42.32 -40.17 39.65
C VAL J 147 41.08 -39.33 39.90
N TYR J 148 40.98 -38.75 41.09
CA TYR J 148 39.94 -37.79 41.45
C TYR J 148 40.58 -36.41 41.52
N VAL J 149 39.98 -35.44 40.85
CA VAL J 149 40.57 -34.08 40.79
C VAL J 149 40.03 -33.33 42.01
N ASN J 150 40.68 -33.58 43.14
CA ASN J 150 40.52 -32.83 44.37
C ASN J 150 41.77 -33.08 45.20
N GLY J 151 42.18 -32.09 45.98
CA GLY J 151 43.48 -32.16 46.62
C GLY J 151 43.57 -33.01 47.87
N GLU J 152 42.76 -34.06 47.96
CA GLU J 152 42.70 -34.89 49.14
C GLU J 152 43.03 -36.35 48.87
N THR J 153 42.45 -36.94 47.83
CA THR J 153 42.51 -38.39 47.64
C THR J 153 43.74 -38.76 46.84
N PRO J 154 44.66 -39.57 47.38
CA PRO J 154 45.77 -40.08 46.58
C PRO J 154 45.42 -41.36 45.85
N ALA J 155 46.04 -41.53 44.69
CA ALA J 155 45.86 -42.72 43.87
C ALA J 155 47.21 -43.35 43.60
N LYS J 156 47.28 -44.67 43.76
CA LYS J 156 48.52 -45.41 43.56
C LYS J 156 48.59 -45.85 42.11
N ILE J 157 49.51 -45.24 41.35
CA ILE J 157 49.82 -45.65 39.98
C ILE J 157 51.26 -46.14 39.96
N GLY J 158 51.44 -47.40 39.60
CA GLY J 158 52.74 -48.03 39.74
C GLY J 158 53.07 -48.21 41.21
N ASP J 159 54.13 -47.54 41.66
CA ASP J 159 54.50 -47.48 43.07
C ASP J 159 54.49 -46.06 43.60
N ALA J 160 54.00 -45.10 42.82
CA ALA J 160 54.03 -43.69 43.17
C ALA J 160 52.61 -43.19 43.40
N LYS J 161 52.40 -42.47 44.50
CA LYS J 161 51.09 -41.92 44.82
C LYS J 161 51.00 -40.50 44.25
N LEU J 162 49.96 -40.26 43.45
CA LEU J 162 49.73 -38.97 42.83
C LEU J 162 48.50 -38.32 43.43
N ILE J 163 48.63 -37.08 43.86
CA ILE J 163 47.52 -36.30 44.39
C ILE J 163 47.28 -35.15 43.42
N ILE J 164 46.22 -35.25 42.63
CA ILE J 164 45.90 -34.24 41.62
C ILE J 164 45.12 -33.15 42.33
N GLY J 165 45.59 -31.92 42.23
CA GLY J 165 45.02 -30.82 42.99
C GLY J 165 43.74 -30.32 42.36
N PRO J 166 43.06 -29.42 43.08
CA PRO J 166 41.79 -28.88 42.57
C PRO J 166 42.01 -27.97 41.38
N LEU J 167 41.01 -27.92 40.50
CA LEU J 167 41.05 -27.02 39.36
C LEU J 167 40.94 -25.57 39.84
N SER J 168 41.64 -24.69 39.13
CA SER J 168 41.65 -23.27 39.51
C SER J 168 40.39 -22.53 39.12
N SER J 169 39.51 -23.15 38.33
CA SER J 169 38.27 -22.54 37.90
C SER J 169 37.08 -23.39 38.34
N ALA J 170 36.01 -22.72 38.76
CA ALA J 170 34.77 -23.39 39.13
C ALA J 170 33.75 -23.39 37.99
N TRP J 171 34.24 -23.44 36.75
CA TRP J 171 33.39 -23.29 35.58
C TRP J 171 32.85 -24.65 35.15
N SER J 172 31.53 -24.72 34.97
CA SER J 172 30.84 -25.89 34.45
C SER J 172 29.87 -25.43 33.37
N PRO J 173 29.77 -26.16 32.26
CA PRO J 173 28.98 -25.66 31.13
C PRO J 173 27.47 -25.91 31.25
N PHE J 174 27.00 -26.47 32.35
CA PHE J 174 25.59 -26.77 32.52
C PHE J 174 24.91 -25.68 33.33
N ASP J 175 23.79 -25.19 32.84
CA ASP J 175 22.90 -24.38 33.65
C ASP J 175 22.13 -25.29 34.60
N ASN J 176 21.38 -24.67 35.53
CA ASN J 176 20.74 -25.40 36.62
C ASN J 176 19.60 -26.32 36.16
N LYS J 177 19.12 -26.19 34.93
CA LYS J 177 18.07 -27.05 34.40
C LYS J 177 18.44 -27.46 32.99
N VAL J 178 18.58 -28.76 32.76
CA VAL J 178 18.97 -29.28 31.45
C VAL J 178 17.94 -30.30 30.98
N VAL J 179 17.80 -30.41 29.66
CA VAL J 179 16.92 -31.37 29.02
C VAL J 179 17.80 -32.31 28.20
N VAL J 180 17.62 -33.61 28.40
CA VAL J 180 18.40 -34.64 27.70
C VAL J 180 17.45 -35.35 26.75
N TYR J 181 17.53 -35.04 25.47
CA TYR J 181 16.71 -35.67 24.45
C TYR J 181 17.60 -36.51 23.55
N GLY J 182 17.55 -37.82 23.71
CA GLY J 182 18.28 -38.70 22.84
C GLY J 182 19.77 -38.68 23.07
N HIS J 183 20.49 -38.03 22.16
CA HIS J 183 21.95 -38.02 22.15
C HIS J 183 22.53 -36.74 22.73
N GLU J 184 21.84 -35.62 22.58
CA GLU J 184 22.35 -34.32 23.03
C GLU J 184 21.55 -33.64 24.14
N VAL J 185 22.22 -32.77 24.88
CA VAL J 185 21.61 -32.08 26.01
C VAL J 185 21.42 -30.61 25.65
N TYR J 186 20.51 -29.97 26.38
CA TYR J 186 20.13 -28.59 26.12
C TYR J 186 20.16 -27.81 27.43
N ASN J 187 19.94 -26.50 27.32
CA ASN J 187 19.88 -25.61 28.47
C ASN J 187 18.52 -24.92 28.41
N TYR J 188 17.51 -25.56 28.99
CA TYR J 188 16.14 -25.11 28.85
C TYR J 188 15.46 -25.13 30.21
N ASP J 189 14.51 -24.22 30.40
CA ASP J 189 13.79 -24.08 31.66
C ASP J 189 12.57 -25.00 31.69
N PHE J 190 12.14 -25.34 32.90
CA PHE J 190 10.99 -26.20 33.08
C PHE J 190 9.85 -25.43 33.70
N PRO J 191 8.61 -25.91 33.53
CA PRO J 191 7.49 -25.43 34.35
C PRO J 191 7.37 -26.10 35.71
N GLU J 192 8.27 -27.03 36.05
CA GLU J 192 8.42 -27.61 37.40
C GLU J 192 7.19 -28.39 37.87
N TYR J 193 6.62 -29.18 36.94
CA TYR J 193 5.65 -30.24 37.19
C TYR J 193 4.29 -29.77 37.71
N GLY J 194 4.14 -28.50 38.04
CA GLY J 194 2.86 -28.04 38.52
C GLY J 194 2.08 -27.40 37.40
N THR J 195 2.76 -26.62 36.58
CA THR J 195 2.12 -25.88 35.51
C THR J 195 2.47 -26.50 34.16
N GLY J 196 1.62 -26.23 33.18
CA GLY J 196 1.90 -26.58 31.81
C GLY J 196 1.12 -25.66 30.90
N LYS J 197 1.82 -24.97 30.00
CA LYS J 197 1.20 -23.94 29.18
C LYS J 197 0.60 -24.48 27.89
N ALA J 198 0.38 -25.80 27.82
CA ALA J 198 -0.41 -26.49 26.81
C ALA J 198 0.16 -26.47 25.40
N GLY J 199 1.22 -25.72 25.15
CA GLY J 199 1.75 -25.68 23.81
C GLY J 199 3.25 -25.58 23.69
N SER J 200 3.99 -25.57 24.80
CA SER J 200 5.43 -25.32 24.71
C SER J 200 6.29 -26.51 25.13
N PHE J 201 6.26 -26.91 26.39
CA PHE J 201 7.02 -28.10 26.79
C PHE J 201 6.31 -29.02 27.76
N GLY J 202 5.42 -28.51 28.62
CA GLY J 202 4.83 -29.33 29.65
C GLY J 202 3.37 -29.60 29.39
N ASP J 203 3.02 -29.88 28.14
CA ASP J 203 1.67 -30.34 27.84
C ASP J 203 1.41 -31.70 28.49
N LEU J 204 2.42 -32.56 28.50
CA LEU J 204 2.33 -33.88 29.13
C LEU J 204 3.55 -34.04 30.01
N GLN J 205 3.34 -34.26 31.31
CA GLN J 205 4.43 -34.44 32.26
C GLN J 205 4.20 -35.72 33.04
N SER J 206 5.22 -36.57 33.09
CA SER J 206 5.14 -37.84 33.79
C SER J 206 6.43 -38.05 34.57
N ARG J 207 6.30 -38.46 35.84
CA ARG J 207 7.45 -38.54 36.74
C ARG J 207 8.43 -39.63 36.32
N THR J 208 7.92 -40.75 35.81
CA THR J 208 8.74 -41.81 35.27
C THR J 208 8.08 -42.28 33.98
N SER J 209 8.84 -42.97 33.13
CA SER J 209 8.31 -43.48 31.88
C SER J 209 7.26 -44.57 32.09
N THR J 210 7.29 -45.25 33.25
CA THR J 210 6.29 -46.25 33.59
C THR J 210 5.35 -45.79 34.69
N SER J 211 5.33 -44.49 35.00
CA SER J 211 4.55 -43.97 36.10
C SER J 211 3.06 -43.99 35.78
N ASN J 212 2.24 -43.95 36.84
CA ASN J 212 0.80 -44.02 36.70
C ASN J 212 0.10 -42.66 36.81
N ASP J 213 0.74 -41.68 37.44
CA ASP J 213 0.16 -40.35 37.54
C ASP J 213 0.65 -39.48 36.38
N LEU J 214 -0.30 -38.82 35.71
CA LEU J 214 -0.01 -38.04 34.53
C LEU J 214 -0.55 -36.62 34.70
N TYR J 215 0.23 -35.64 34.26
CA TYR J 215 -0.24 -34.27 34.16
C TYR J 215 -0.47 -33.95 32.69
N ALA J 216 -1.64 -33.42 32.37
CA ALA J 216 -1.99 -33.17 30.97
C ALA J 216 -3.01 -32.06 30.89
N ASN J 217 -2.64 -30.94 30.26
CA ASN J 217 -3.59 -29.93 29.84
C ASN J 217 -3.29 -29.60 28.38
N THR J 218 -4.12 -30.11 27.48
CA THR J 218 -3.94 -29.90 26.04
C THR J 218 -5.09 -29.10 25.45
N ASN J 219 -5.86 -28.40 26.29
CA ASN J 219 -7.04 -27.62 25.90
C ASN J 219 -8.06 -28.47 25.13
N LEU J 220 -8.29 -29.68 25.63
CA LEU J 220 -9.20 -30.61 24.96
C LEU J 220 -10.64 -30.15 25.15
N LYS J 221 -11.29 -29.80 24.04
CA LYS J 221 -12.67 -29.33 24.04
C LYS J 221 -13.49 -30.19 23.11
N LEU J 222 -14.63 -30.67 23.60
CA LEU J 222 -15.49 -31.50 22.78
C LEU J 222 -16.30 -30.65 21.81
N GLN J 223 -16.79 -31.30 20.76
CA GLN J 223 -17.55 -30.63 19.72
C GLN J 223 -18.81 -31.42 19.42
N ARG J 224 -19.83 -30.72 18.97
CA ARG J 224 -21.11 -31.32 18.68
C ARG J 224 -21.04 -32.13 17.38
N PRO J 225 -21.46 -33.39 17.38
CA PRO J 225 -21.58 -34.13 16.12
C PRO J 225 -22.71 -33.57 15.26
N GLN J 226 -22.53 -33.65 13.95
CA GLN J 226 -23.42 -32.96 13.03
C GLN J 226 -24.05 -33.93 12.05
N ALA J 227 -25.23 -33.54 11.55
CA ALA J 227 -25.93 -34.15 10.42
C ALA J 227 -26.34 -35.60 10.67
N GLY J 228 -26.44 -36.01 11.91
CA GLY J 228 -26.94 -37.33 12.23
C GLY J 228 -26.01 -38.48 11.91
N ILE J 229 -24.80 -38.46 12.48
CA ILE J 229 -23.88 -39.59 12.45
C ILE J 229 -23.29 -39.76 13.83
N VAL J 230 -22.85 -40.98 14.12
CA VAL J 230 -22.24 -41.30 15.41
C VAL J 230 -20.73 -41.22 15.23
N HIS J 231 -20.15 -40.12 15.72
CA HIS J 231 -18.70 -39.97 15.84
C HIS J 231 -18.46 -38.91 16.89
N THR J 232 -17.29 -38.98 17.53
CA THR J 232 -16.95 -38.00 18.55
C THR J 232 -15.82 -37.08 18.07
N PRO J 233 -16.13 -35.83 17.73
CA PRO J 233 -15.08 -34.88 17.35
C PRO J 233 -14.62 -34.05 18.54
N PHE J 234 -13.43 -33.49 18.39
CA PHE J 234 -12.87 -32.62 19.42
C PHE J 234 -11.88 -31.67 18.76
N THR J 235 -11.51 -30.63 19.49
CA THR J 235 -10.47 -29.71 19.07
C THR J 235 -9.50 -29.49 20.22
N GLN J 236 -8.21 -29.45 19.89
CA GLN J 236 -7.17 -29.25 20.89
C GLN J 236 -5.93 -28.73 20.19
N VAL J 237 -5.07 -28.06 20.97
CA VAL J 237 -3.82 -27.52 20.47
C VAL J 237 -2.86 -28.66 20.23
N PRO J 238 -1.92 -28.55 19.29
CA PRO J 238 -0.96 -29.64 19.06
C PRO J 238 0.02 -29.78 20.21
N SER J 239 0.78 -30.87 20.18
CA SER J 239 1.71 -31.18 21.26
C SER J 239 2.90 -30.24 21.21
N GLY J 240 3.26 -29.68 22.37
CA GLY J 240 4.42 -28.81 22.44
C GLY J 240 5.74 -29.55 22.41
N PHE J 241 5.75 -30.84 22.73
CA PHE J 241 6.97 -31.63 22.57
C PHE J 241 7.31 -31.81 21.10
N GLU J 242 6.30 -31.98 20.25
CA GLU J 242 6.55 -32.00 18.81
C GLU J 242 6.93 -30.62 18.29
N ARG J 243 6.45 -29.57 18.94
CA ARG J 243 6.83 -28.21 18.56
C ARG J 243 8.23 -27.87 19.06
N TRP J 244 8.61 -28.38 20.24
CA TRP J 244 9.95 -28.16 20.76
C TRP J 244 11.00 -28.86 19.91
N LYS J 245 10.67 -30.01 19.32
CA LYS J 245 11.58 -30.69 18.42
C LYS J 245 11.85 -29.92 17.14
N LYS J 246 10.94 -29.03 16.74
CA LYS J 246 11.15 -28.20 15.57
C LYS J 246 11.95 -26.94 15.88
N ASP J 247 11.60 -26.27 16.98
CA ASP J 247 12.26 -25.02 17.34
C ASP J 247 13.48 -25.08 18.26
N LYS J 248 13.86 -26.28 18.70
CA LYS J 248 15.01 -26.37 19.59
C LYS J 248 16.23 -25.78 18.90
N GLY J 249 17.02 -25.01 19.65
CA GLY J 249 18.20 -24.38 19.09
C GLY J 249 19.36 -25.35 18.92
N ALA J 250 20.55 -24.82 18.98
CA ALA J 250 21.71 -25.69 18.95
C ALA J 250 21.87 -26.37 20.31
N PRO J 251 22.31 -27.63 20.33
CA PRO J 251 22.51 -28.32 21.60
C PRO J 251 23.71 -27.77 22.35
N LEU J 252 23.87 -28.24 23.58
CA LEU J 252 24.99 -27.79 24.40
C LEU J 252 26.32 -28.36 23.92
N ASN J 253 26.32 -29.46 23.19
CA ASN J 253 27.56 -30.01 22.67
C ASN J 253 27.98 -29.39 21.34
N ASP J 254 27.30 -28.33 20.89
CA ASP J 254 27.73 -27.55 19.74
C ASP J 254 28.00 -26.09 20.06
N VAL J 255 27.68 -25.62 21.27
CA VAL J 255 27.91 -24.22 21.63
C VAL J 255 28.71 -24.11 22.91
N ALA J 256 29.28 -25.23 23.36
CA ALA J 256 30.05 -25.21 24.61
C ALA J 256 31.38 -24.50 24.41
N PRO J 257 31.76 -23.60 25.31
CA PRO J 257 33.09 -22.98 25.21
C PRO J 257 34.17 -23.95 25.66
N PHE J 258 35.42 -23.55 25.41
CA PHE J 258 36.64 -24.26 25.79
C PHE J 258 36.78 -25.64 25.15
N GLY J 259 36.03 -25.91 24.09
CA GLY J 259 36.12 -27.18 23.40
C GLY J 259 35.64 -28.38 24.19
N CYS J 260 34.61 -28.20 25.00
CA CYS J 260 34.06 -29.32 25.76
C CYS J 260 33.28 -30.25 24.84
N SER J 261 33.43 -31.55 25.07
CA SER J 261 32.66 -32.57 24.38
C SER J 261 31.76 -33.24 25.41
N ILE J 262 30.46 -33.23 25.15
CA ILE J 262 29.46 -33.63 26.13
C ILE J 262 29.07 -35.07 25.86
N ALA J 263 29.24 -35.92 26.86
CA ALA J 263 28.82 -37.31 26.83
C ALA J 263 27.60 -37.47 27.74
N LEU J 264 27.09 -38.69 27.85
CA LEU J 264 25.73 -38.81 28.32
C LEU J 264 25.51 -39.68 29.55
N GLU J 265 26.16 -40.85 29.65
CA GLU J 265 25.66 -41.87 30.57
C GLU J 265 25.85 -41.56 32.06
N PRO J 266 26.93 -40.93 32.51
CA PRO J 266 26.86 -40.17 33.78
C PRO J 266 26.66 -38.68 33.60
N LEU J 267 26.36 -38.22 32.37
CA LEU J 267 26.25 -36.80 31.99
C LEU J 267 27.56 -36.07 32.27
N ARG J 268 28.58 -36.47 31.55
CA ARG J 268 29.88 -35.82 31.65
C ARG J 268 29.95 -34.63 30.71
N ALA J 269 30.97 -33.79 30.93
CA ALA J 269 31.35 -32.73 30.00
C ALA J 269 32.85 -32.89 29.79
N GLU J 270 33.21 -33.74 28.84
CA GLU J 270 34.58 -34.24 28.76
C GLU J 270 35.50 -33.27 28.03
N ASN J 271 36.77 -33.27 28.46
CA ASN J 271 37.91 -32.71 27.71
C ASN J 271 37.83 -31.20 27.55
N CYS J 272 37.32 -30.50 28.55
CA CYS J 272 37.43 -29.05 28.56
C CYS J 272 38.86 -28.64 28.88
N ALA J 273 39.24 -27.43 28.47
CA ALA J 273 40.61 -26.92 28.67
C ALA J 273 40.52 -25.53 29.29
N VAL J 274 40.39 -25.49 30.61
CA VAL J 274 40.26 -24.24 31.35
C VAL J 274 41.07 -24.36 32.65
N GLY J 275 41.85 -23.33 32.96
CA GLY J 275 42.55 -23.28 34.22
C GLY J 275 43.82 -24.12 34.24
N SER J 276 44.24 -24.45 35.46
CA SER J 276 45.44 -25.24 35.67
C SER J 276 45.21 -26.23 36.81
N ILE J 277 46.01 -27.28 36.83
CA ILE J 277 45.87 -28.36 37.80
C ILE J 277 47.18 -28.52 38.56
N PRO J 278 47.22 -28.23 39.87
CA PRO J 278 48.41 -28.55 40.65
C PRO J 278 48.56 -30.05 40.85
N ILE J 279 49.81 -30.48 41.00
CA ILE J 279 50.15 -31.89 41.17
C ILE J 279 51.03 -32.05 42.40
N SER J 280 51.07 -33.27 42.91
CA SER J 280 51.96 -33.63 44.01
C SER J 280 52.17 -35.14 43.94
N ILE J 281 53.36 -35.57 43.54
CA ILE J 281 53.66 -36.98 43.35
C ILE J 281 54.78 -37.39 44.30
N ASP J 282 54.55 -38.47 45.04
CA ASP J 282 55.55 -39.06 45.92
C ASP J 282 56.24 -40.19 45.16
N ILE J 283 57.54 -40.03 44.90
CA ILE J 283 58.33 -40.95 44.11
C ILE J 283 59.02 -41.93 45.07
N PRO J 284 59.03 -43.22 44.78
CA PRO J 284 59.71 -44.18 45.67
C PRO J 284 61.22 -43.96 45.72
N ASP J 285 61.81 -44.34 46.86
CA ASP J 285 63.24 -44.18 47.07
C ASP J 285 64.07 -45.24 46.34
N ALA J 286 63.44 -46.24 45.75
CA ALA J 286 64.15 -47.24 44.98
C ALA J 286 64.35 -46.85 43.52
N ALA J 287 63.80 -45.72 43.10
CA ALA J 287 63.97 -45.22 41.74
C ALA J 287 65.15 -44.25 41.63
N PHE J 288 65.85 -43.99 42.72
CA PHE J 288 66.99 -43.08 42.73
C PHE J 288 68.28 -43.87 42.83
N THR J 289 69.20 -43.63 41.92
CA THR J 289 70.53 -44.22 41.98
C THR J 289 71.54 -43.18 42.47
N ARG J 290 72.64 -43.67 43.01
CA ARG J 290 73.70 -42.79 43.48
C ARG J 290 74.39 -42.12 42.30
N ILE J 291 74.92 -40.91 42.55
CA ILE J 291 75.51 -40.13 41.47
C ILE J 291 76.87 -40.65 41.04
N SER J 292 77.48 -41.55 41.82
CA SER J 292 78.76 -42.12 41.42
C SER J 292 78.63 -43.17 40.32
N GLU J 293 77.41 -43.59 40.00
CA GLU J 293 77.17 -44.60 38.96
C GLU J 293 76.54 -44.01 37.71
N THR J 294 76.58 -42.70 37.55
CA THR J 294 75.92 -42.00 36.45
C THR J 294 76.89 -41.02 35.82
N PRO J 295 76.70 -40.68 34.55
CA PRO J 295 77.55 -39.67 33.92
C PRO J 295 77.37 -38.28 34.54
N THR J 296 78.44 -37.51 34.49
CA THR J 296 78.42 -36.11 34.90
C THR J 296 79.20 -35.31 33.86
N VAL J 297 78.55 -34.31 33.28
CA VAL J 297 79.12 -33.60 32.14
C VAL J 297 79.76 -32.30 32.62
N SER J 298 80.62 -31.76 31.77
CA SER J 298 81.23 -30.45 31.96
C SER J 298 81.65 -29.94 30.59
N ASP J 299 81.93 -28.63 30.53
CA ASP J 299 82.37 -27.91 29.34
C ASP J 299 81.33 -28.07 28.23
N LEU J 300 80.19 -27.43 28.46
CA LEU J 300 79.04 -27.51 27.57
C LEU J 300 78.96 -26.24 26.72
N GLU J 301 78.79 -26.42 25.41
CA GLU J 301 78.63 -25.32 24.47
C GLU J 301 77.47 -25.64 23.54
N CYS J 302 76.47 -24.77 23.52
CA CYS J 302 75.22 -25.02 22.81
C CYS J 302 75.12 -24.14 21.58
N LYS J 303 74.87 -24.75 20.43
CA LYS J 303 74.68 -24.04 19.18
C LYS J 303 73.36 -24.47 18.56
N ILE J 304 72.56 -23.51 18.13
CA ILE J 304 71.29 -23.77 17.46
C ILE J 304 71.52 -23.72 15.96
N THR J 305 71.19 -24.81 15.26
CA THR J 305 71.44 -24.86 13.83
C THR J 305 70.23 -24.40 13.02
N GLU J 306 69.03 -24.77 13.44
CA GLU J 306 67.80 -24.39 12.74
C GLU J 306 66.71 -24.14 13.75
N CYS J 307 65.96 -23.04 13.56
CA CYS J 307 64.80 -22.76 14.39
C CYS J 307 63.66 -22.28 13.52
N THR J 308 62.44 -22.69 13.88
CA THR J 308 61.24 -22.31 13.17
C THR J 308 60.18 -21.90 14.19
N TYR J 309 59.44 -20.84 13.88
CA TYR J 309 58.40 -20.29 14.72
C TYR J 309 57.23 -21.24 14.96
N ALA J 310 57.00 -22.19 14.05
CA ALA J 310 55.77 -22.97 14.03
C ALA J 310 55.67 -23.91 15.22
N PHE J 311 54.44 -24.33 15.53
CA PHE J 311 54.25 -25.15 16.73
C PHE J 311 54.14 -26.63 16.40
N ASP J 312 55.20 -27.02 15.71
CA ASP J 312 55.61 -28.36 15.29
C ASP J 312 57.10 -28.46 15.74
N PHE J 313 57.62 -29.68 15.90
CA PHE J 313 59.00 -29.78 16.40
C PHE J 313 60.04 -29.58 15.30
N GLY J 314 60.19 -28.32 14.91
CA GLY J 314 61.13 -27.93 13.87
C GLY J 314 62.41 -27.26 14.35
N GLY J 315 62.66 -27.25 15.66
CA GLY J 315 63.84 -26.62 16.20
C GLY J 315 64.91 -27.63 16.54
N ILE J 316 66.12 -27.41 16.02
CA ILE J 316 67.24 -28.32 16.26
C ILE J 316 68.48 -27.63 16.81
N ALA J 317 69.09 -28.24 17.83
CA ALA J 317 70.30 -27.70 18.42
C ALA J 317 71.23 -28.84 18.80
N THR J 318 72.54 -28.64 18.59
CA THR J 318 73.56 -29.60 18.94
C THR J 318 74.49 -29.00 19.98
N VAL J 319 74.78 -29.75 21.03
CA VAL J 319 75.70 -29.28 22.07
C VAL J 319 76.90 -30.22 22.13
N ALA J 320 77.97 -29.72 22.74
CA ALA J 320 79.23 -30.45 22.85
C ALA J 320 79.60 -30.59 24.32
N TYR J 321 79.96 -31.81 24.72
CA TYR J 321 80.19 -32.14 26.12
C TYR J 321 81.52 -32.86 26.27
N LYS J 322 81.88 -33.15 27.52
CA LYS J 322 82.93 -34.12 27.85
C LYS J 322 82.55 -34.74 29.19
N SER J 323 81.85 -35.87 29.13
CA SER J 323 81.33 -36.50 30.33
C SER J 323 82.44 -37.24 31.08
N SER J 324 82.15 -37.58 32.33
CA SER J 324 83.09 -38.35 33.14
C SER J 324 83.10 -39.82 32.73
N LYS J 325 81.94 -40.38 32.39
CA LYS J 325 81.85 -41.76 31.95
C LYS J 325 80.65 -41.91 31.04
N ALA J 326 80.63 -43.00 30.28
CA ALA J 326 79.54 -43.26 29.34
C ALA J 326 78.29 -43.72 30.09
N GLY J 327 77.14 -43.46 29.49
CA GLY J 327 75.87 -43.88 30.06
C GLY J 327 74.76 -42.98 29.57
N ASN J 328 73.60 -43.14 30.20
CA ASN J 328 72.38 -42.41 29.85
C ASN J 328 72.03 -41.43 30.95
N CYS J 329 71.64 -40.21 30.56
CA CYS J 329 71.21 -39.23 31.54
C CYS J 329 70.25 -38.25 30.88
N PRO J 330 69.22 -37.78 31.60
CA PRO J 330 68.14 -37.04 30.94
C PRO J 330 68.49 -35.58 30.68
N ILE J 331 67.67 -34.96 29.83
CA ILE J 331 67.76 -33.54 29.54
C ILE J 331 66.40 -32.90 29.81
N HIS J 332 66.42 -31.61 30.13
CA HIS J 332 65.22 -30.87 30.45
C HIS J 332 65.50 -29.39 30.35
N SER J 333 64.53 -28.62 29.87
CA SER J 333 64.61 -27.17 29.85
C SER J 333 63.59 -26.60 30.83
N PRO J 334 64.01 -26.05 31.97
CA PRO J 334 63.02 -25.65 32.99
C PRO J 334 62.25 -24.38 32.66
N SER J 335 62.76 -23.53 31.78
CA SER J 335 62.06 -22.29 31.47
C SER J 335 60.88 -22.55 30.54
N GLY J 336 60.02 -21.55 30.40
CA GLY J 336 58.85 -21.67 29.59
C GLY J 336 59.02 -21.29 28.14
N VAL J 337 60.26 -21.07 27.69
CA VAL J 337 60.50 -20.65 26.31
C VAL J 337 60.28 -21.81 25.35
N ALA J 338 60.97 -22.93 25.57
CA ALA J 338 60.94 -24.04 24.65
C ALA J 338 60.70 -25.34 25.39
N VAL J 339 60.01 -26.26 24.73
CA VAL J 339 59.83 -27.62 25.22
C VAL J 339 60.75 -28.52 24.43
N ILE J 340 61.15 -29.65 25.02
CA ILE J 340 62.15 -30.54 24.44
C ILE J 340 61.47 -31.86 24.08
N LYS J 341 61.75 -32.35 22.87
CA LYS J 341 61.11 -33.58 22.41
C LYS J 341 61.72 -34.82 23.06
N GLU J 342 63.02 -34.80 23.33
CA GLU J 342 63.71 -35.97 23.87
C GLU J 342 63.64 -36.01 25.39
N ASN J 343 63.67 -37.21 25.93
CA ASN J 343 63.68 -37.43 27.37
C ASN J 343 65.08 -37.69 27.91
N ASP J 344 65.86 -38.52 27.24
CA ASP J 344 67.21 -38.83 27.67
C ASP J 344 68.12 -39.00 26.45
N VAL J 345 69.42 -38.92 26.70
CA VAL J 345 70.42 -39.04 25.66
C VAL J 345 71.50 -40.01 26.12
N THR J 346 72.21 -40.58 25.13
CA THR J 346 73.30 -41.50 25.38
C THR J 346 74.61 -40.78 25.18
N LEU J 347 75.48 -40.83 26.18
CA LEU J 347 76.71 -40.06 26.19
C LEU J 347 77.93 -40.97 26.02
N ALA J 348 79.08 -40.32 25.88
CA ALA J 348 80.37 -40.99 25.79
C ALA J 348 81.40 -40.05 26.41
N GLU J 349 82.67 -40.29 26.12
CA GLU J 349 83.73 -39.39 26.57
C GLU J 349 84.04 -38.41 25.43
N SER J 350 83.68 -37.14 25.64
CA SER J 350 83.96 -36.02 24.74
C SER J 350 83.34 -36.25 23.36
N GLY J 351 82.00 -36.27 23.35
CA GLY J 351 81.26 -36.37 22.11
C GLY J 351 80.38 -35.15 21.85
N SER J 352 79.28 -35.37 21.13
CA SER J 352 78.30 -34.33 20.87
C SER J 352 76.98 -34.99 20.48
N PHE J 353 75.88 -34.44 20.98
CA PHE J 353 74.55 -34.94 20.63
C PHE J 353 73.67 -33.79 20.17
N THR J 354 72.50 -34.13 19.64
CA THR J 354 71.54 -33.17 19.14
C THR J 354 70.15 -33.47 19.69
N PHE J 355 69.39 -32.40 19.93
CA PHE J 355 68.03 -32.52 20.42
C PHE J 355 67.11 -31.60 19.62
N HIS J 356 65.85 -32.01 19.51
CA HIS J 356 64.84 -31.23 18.81
C HIS J 356 63.92 -30.56 19.82
N PHE J 357 63.64 -29.28 19.60
CA PHE J 357 62.84 -28.50 20.52
C PHE J 357 61.77 -27.74 19.76
N SER J 358 60.96 -26.97 20.49
CA SER J 358 59.87 -26.21 19.89
C SER J 358 59.65 -24.94 20.70
N THR J 359 59.75 -23.78 20.06
CA THR J 359 59.66 -22.51 20.74
C THR J 359 58.74 -21.57 19.97
N ALA J 360 58.17 -20.62 20.69
CA ALA J 360 57.35 -19.56 20.10
C ALA J 360 58.05 -18.22 20.10
N ASN J 361 59.32 -18.18 20.46
CA ASN J 361 60.08 -16.94 20.52
C ASN J 361 60.83 -16.72 19.21
N ILE J 362 61.01 -15.44 18.86
CA ILE J 362 61.90 -15.11 17.75
C ILE J 362 63.34 -15.43 18.13
N HIS J 363 63.77 -14.95 19.29
CA HIS J 363 65.11 -15.24 19.82
C HIS J 363 64.95 -16.07 21.09
N PRO J 364 65.14 -17.39 21.04
CA PRO J 364 65.02 -18.21 22.25
C PRO J 364 66.24 -18.08 23.14
N ALA J 365 66.05 -17.48 24.31
CA ALA J 365 67.11 -17.36 25.31
C ALA J 365 66.97 -18.39 26.42
N PHE J 366 66.48 -19.58 26.08
CA PHE J 366 66.26 -20.61 27.09
C PHE J 366 67.58 -21.25 27.49
N LYS J 367 67.54 -21.93 28.63
CA LYS J 367 68.64 -22.78 29.08
C LYS J 367 68.08 -24.16 29.38
N LEU J 368 68.93 -25.17 29.26
CA LEU J 368 68.51 -26.53 29.57
C LEU J 368 69.55 -27.19 30.46
N GLN J 369 69.10 -28.16 31.25
CA GLN J 369 69.98 -28.88 32.15
C GLN J 369 70.16 -30.31 31.66
N VAL J 370 71.40 -30.70 31.44
CA VAL J 370 71.78 -32.06 31.11
C VAL J 370 72.77 -32.55 32.17
N CYS J 371 72.46 -33.71 32.77
CA CYS J 371 73.33 -34.42 33.71
C CYS J 371 73.68 -33.56 34.93
N THR J 372 72.64 -32.99 35.55
CA THR J 372 72.65 -31.88 36.54
C THR J 372 73.74 -30.83 36.25
N SER J 373 73.69 -30.30 35.03
CA SER J 373 74.56 -29.21 34.62
C SER J 373 73.82 -28.38 33.57
N ALA J 374 73.87 -27.06 33.70
CA ALA J 374 73.09 -26.17 32.84
C ALA J 374 73.96 -25.53 31.77
N VAL J 375 73.31 -25.13 30.68
CA VAL J 375 73.96 -24.48 29.54
C VAL J 375 72.92 -23.63 28.83
N THR J 376 73.29 -22.40 28.48
CA THR J 376 72.39 -21.44 27.85
C THR J 376 72.50 -21.51 26.34
N CYS J 377 71.36 -21.55 25.66
CA CYS J 377 71.29 -21.61 24.20
C CYS J 377 70.64 -20.34 23.66
N LYS J 378 71.14 -19.86 22.52
CA LYS J 378 70.64 -18.64 21.90
C LYS J 378 70.61 -18.82 20.39
N GLY J 379 69.73 -18.07 19.75
CA GLY J 379 69.63 -18.15 18.29
C GLY J 379 68.51 -17.26 17.79
N ASP J 380 68.28 -17.35 16.48
CA ASP J 380 67.22 -16.63 15.79
C ASP J 380 66.30 -17.61 15.09
N CYS J 381 65.04 -17.22 14.90
CA CYS J 381 64.05 -18.08 14.28
C CYS J 381 63.32 -17.34 13.16
N LYS J 382 62.75 -18.12 12.26
CA LYS J 382 62.05 -17.59 11.09
C LYS J 382 60.59 -18.05 11.09
N PRO J 383 59.67 -17.22 10.59
CA PRO J 383 58.25 -17.58 10.60
C PRO J 383 57.96 -18.71 9.63
N PRO J 384 56.87 -19.45 9.83
CA PRO J 384 56.50 -20.49 8.86
C PRO J 384 55.59 -19.96 7.76
N LYS J 385 55.46 -20.77 6.71
CA LYS J 385 54.66 -20.40 5.56
C LYS J 385 53.27 -21.04 5.55
N ASP J 386 53.05 -22.08 6.35
CA ASP J 386 51.72 -22.67 6.47
C ASP J 386 50.82 -21.75 7.27
N HIS J 387 49.56 -21.68 6.87
CA HIS J 387 48.62 -20.73 7.46
C HIS J 387 47.67 -21.38 8.46
N ILE J 388 47.22 -22.60 8.21
CA ILE J 388 46.29 -23.30 9.08
C ILE J 388 46.71 -24.75 9.16
N VAL J 389 46.82 -25.28 10.38
CA VAL J 389 47.18 -26.67 10.62
C VAL J 389 46.16 -27.29 11.57
N ASP J 390 46.25 -28.61 11.73
CA ASP J 390 45.25 -29.38 12.46
C ASP J 390 45.82 -30.06 13.70
N TYR J 391 46.80 -29.44 14.36
CA TYR J 391 47.30 -29.94 15.63
C TYR J 391 47.51 -28.75 16.56
N PRO J 392 47.30 -28.92 17.86
CA PRO J 392 47.45 -27.80 18.80
C PRO J 392 48.92 -27.45 19.01
N ALA J 393 49.12 -26.29 19.64
CA ALA J 393 50.47 -25.81 19.89
C ALA J 393 51.13 -26.60 21.01
N GLN J 394 52.43 -26.87 20.84
CA GLN J 394 53.18 -27.54 21.89
C GLN J 394 53.75 -26.58 22.92
N HIS J 395 54.06 -25.35 22.52
CA HIS J 395 54.67 -24.38 23.40
C HIS J 395 53.59 -23.51 24.07
N THR J 396 54.02 -22.44 24.72
CA THR J 396 53.12 -21.45 25.30
C THR J 396 53.59 -20.07 24.86
N GLU J 397 52.69 -19.31 24.25
CA GLU J 397 53.03 -17.98 23.76
C GLU J 397 53.05 -16.99 24.93
N SER J 398 54.19 -16.32 25.12
CA SER J 398 54.33 -15.35 26.17
C SER J 398 53.94 -13.97 25.65
N PHE J 399 54.24 -12.93 26.42
CA PHE J 399 53.95 -11.56 26.01
C PHE J 399 55.07 -10.96 25.19
N THR J 400 56.33 -11.27 25.52
CA THR J 400 57.49 -10.74 24.82
C THR J 400 58.06 -11.74 23.82
N SER J 401 57.23 -12.63 23.28
CA SER J 401 57.73 -13.61 22.33
C SER J 401 58.00 -12.98 20.98
N ALA J 402 57.17 -12.03 20.56
CA ALA J 402 57.21 -11.51 19.20
C ALA J 402 58.15 -10.32 19.03
N ILE J 403 58.75 -9.82 20.10
CA ILE J 403 59.62 -8.66 19.98
C ILE J 403 61.00 -9.12 19.54
N SER J 404 61.50 -8.53 18.46
CA SER J 404 62.77 -8.90 17.86
C SER J 404 63.87 -7.96 18.33
N ALA J 405 65.06 -8.13 17.76
CA ALA J 405 66.20 -7.30 18.14
C ALA J 405 66.10 -5.90 17.56
N THR J 406 65.52 -5.77 16.37
CA THR J 406 65.34 -4.44 15.79
C THR J 406 64.21 -3.67 16.46
N ALA J 407 63.18 -4.37 16.95
CA ALA J 407 62.12 -3.68 17.68
C ALA J 407 62.56 -3.28 19.07
N TRP J 408 63.46 -4.04 19.69
CA TRP J 408 64.02 -3.62 20.97
C TRP J 408 64.97 -2.45 20.81
N SER J 409 65.62 -2.33 19.66
CA SER J 409 66.52 -1.20 19.42
C SER J 409 65.74 0.10 19.25
N TRP J 410 64.56 0.03 18.62
CA TRP J 410 63.76 1.22 18.42
C TRP J 410 63.06 1.65 19.70
N ILE J 411 62.76 0.72 20.60
CA ILE J 411 62.17 1.08 21.88
C ILE J 411 63.21 1.77 22.76
N LYS J 412 64.42 1.22 22.82
CA LYS J 412 65.47 1.79 23.65
C LYS J 412 65.98 3.12 23.10
N VAL J 413 65.92 3.31 21.78
CA VAL J 413 66.22 4.61 21.20
C VAL J 413 65.14 5.63 21.58
N LEU J 414 63.87 5.19 21.55
CA LEU J 414 62.77 6.09 21.89
C LEU J 414 62.77 6.40 23.38
N VAL J 415 62.90 5.38 24.23
CA VAL J 415 62.86 5.58 25.68
C VAL J 415 64.13 6.30 26.15
N GLY J 416 65.28 5.91 25.62
CA GLY J 416 66.55 6.50 26.06
C GLY J 416 66.70 7.96 25.69
N GLY J 417 66.33 8.33 24.46
CA GLY J 417 66.48 9.72 24.04
C GLY J 417 65.39 10.63 24.60
N THR J 418 64.23 10.07 24.98
CA THR J 418 63.20 10.88 25.63
C THR J 418 63.64 11.29 27.03
N SER J 419 64.16 10.32 27.80
CA SER J 419 64.63 10.63 29.15
C SER J 419 65.89 11.47 29.13
N ALA J 420 66.75 11.28 28.12
CA ALA J 420 67.96 12.11 28.02
C ALA J 420 67.61 13.54 27.63
N PHE J 421 66.54 13.74 26.86
CA PHE J 421 66.08 15.08 26.56
C PHE J 421 65.53 15.78 27.80
N ILE J 422 64.78 15.05 28.61
CA ILE J 422 64.13 15.66 29.77
C ILE J 422 65.06 15.79 30.96
N VAL J 423 66.20 15.09 30.97
CA VAL J 423 67.17 15.25 32.04
C VAL J 423 68.07 16.45 31.76
N LEU J 424 68.37 16.70 30.48
CA LEU J 424 69.17 17.87 30.08
C LEU J 424 68.45 19.17 30.43
N GLY J 425 67.12 19.18 30.36
CA GLY J 425 66.37 20.32 30.87
C GLY J 425 66.48 20.47 32.38
N LEU J 426 66.51 19.35 33.09
CA LEU J 426 66.67 19.40 34.54
C LEU J 426 68.10 19.76 34.95
N ILE J 427 69.09 19.34 34.16
CA ILE J 427 70.47 19.69 34.46
C ILE J 427 70.72 21.16 34.20
N ALA J 428 70.22 21.68 33.07
CA ALA J 428 70.40 23.09 32.75
C ALA J 428 69.58 24.02 33.65
N THR J 429 68.51 23.52 34.25
CA THR J 429 67.77 24.30 35.23
C THR J 429 68.60 24.50 36.49
N ALA J 430 69.22 23.42 36.99
CA ALA J 430 70.06 23.51 38.17
C ALA J 430 71.41 24.18 37.91
N VAL J 431 71.78 24.40 36.65
CA VAL J 431 73.03 25.08 36.36
C VAL J 431 72.86 26.59 36.48
N VAL J 432 71.78 27.14 35.94
CA VAL J 432 71.55 28.58 36.03
C VAL J 432 71.11 29.01 37.42
N ALA J 433 70.60 28.08 38.23
CA ALA J 433 70.30 28.42 39.62
C ALA J 433 71.56 28.65 40.42
N LEU J 434 72.64 27.94 40.09
CA LEU J 434 73.90 28.13 40.80
C LEU J 434 74.61 29.42 40.36
N VAL J 435 74.56 29.76 39.07
CA VAL J 435 75.25 30.97 38.62
C VAL J 435 74.47 32.23 38.97
N LEU J 436 73.17 32.12 39.20
CA LEU J 436 72.42 33.26 39.73
C LEU J 436 72.67 33.43 41.22
N PHE J 437 72.89 32.33 41.94
CA PHE J 437 73.25 32.41 43.35
C PHE J 437 74.67 32.93 43.53
N PHE J 438 75.58 32.57 42.63
CA PHE J 438 76.96 33.02 42.70
C PHE J 438 77.13 34.47 42.31
N HIS J 439 76.13 35.08 41.65
CA HIS J 439 76.20 36.51 41.34
C HIS J 439 76.07 37.36 42.59
N ARG J 440 75.28 36.91 43.57
CA ARG J 440 75.03 37.71 44.76
C ARG J 440 76.18 37.58 45.77
N HIS J 441 76.40 36.37 46.27
CA HIS J 441 77.43 36.15 47.29
C HIS J 441 77.95 34.72 47.28
N ASP K 1 4.46 -69.84 16.96
CA ASP K 1 3.37 -70.21 16.06
C ASP K 1 2.54 -68.99 15.68
N LEU K 2 1.81 -69.09 14.57
CA LEU K 2 0.92 -68.01 14.14
C LEU K 2 -0.21 -67.81 15.13
N ASP K 3 -0.76 -68.90 15.68
CA ASP K 3 -1.91 -68.81 16.56
C ASP K 3 -1.58 -68.27 17.93
N THR K 4 -0.30 -68.18 18.30
CA THR K 4 0.07 -67.54 19.56
C THR K 4 -0.22 -66.06 19.52
N HIS K 5 0.09 -65.41 18.39
CA HIS K 5 -0.30 -64.01 18.19
C HIS K 5 -1.78 -63.89 17.88
N PHE K 6 -2.31 -64.80 17.07
CA PHE K 6 -3.69 -64.75 16.59
C PHE K 6 -4.69 -65.35 17.57
N THR K 7 -4.34 -65.54 18.83
CA THR K 7 -5.25 -66.19 19.78
C THR K 7 -6.39 -65.25 20.14
N GLN K 8 -6.07 -64.05 20.62
CA GLN K 8 -7.11 -63.11 21.03
C GLN K 8 -7.69 -62.34 19.86
N TYR K 9 -7.10 -62.43 18.67
CA TYR K 9 -7.69 -61.85 17.47
C TYR K 9 -8.70 -62.77 16.81
N LYS K 10 -8.79 -64.03 17.25
CA LYS K 10 -9.87 -64.91 16.80
C LYS K 10 -11.18 -64.61 17.51
N LEU K 11 -11.13 -63.86 18.61
CA LEU K 11 -12.28 -63.60 19.46
C LEU K 11 -12.96 -62.29 19.10
N ALA K 12 -12.59 -61.67 17.99
CA ALA K 12 -13.13 -60.38 17.59
C ALA K 12 -13.53 -60.41 16.12
N ARG K 13 -14.38 -59.47 15.74
CA ARG K 13 -14.98 -59.41 14.42
C ARG K 13 -14.83 -58.02 13.83
N PRO K 14 -14.88 -57.90 12.50
CA PRO K 14 -14.90 -56.57 11.88
C PRO K 14 -16.22 -55.85 12.12
N TYR K 15 -16.24 -54.58 11.74
CA TYR K 15 -17.43 -53.76 11.95
C TYR K 15 -17.52 -52.72 10.84
N ILE K 16 -18.68 -52.11 10.71
CA ILE K 16 -18.94 -51.04 9.75
C ILE K 16 -19.13 -49.74 10.52
N ALA K 17 -18.27 -48.77 10.25
CA ALA K 17 -18.29 -47.49 10.94
C ALA K 17 -18.24 -46.37 9.91
N ASP K 18 -18.34 -45.14 10.40
CA ASP K 18 -18.42 -43.99 9.51
C ASP K 18 -17.06 -43.67 8.91
N CYS K 19 -17.03 -43.44 7.60
CA CYS K 19 -15.83 -43.04 6.88
C CYS K 19 -16.16 -41.82 6.06
N PRO K 20 -15.48 -40.69 6.26
CA PRO K 20 -15.67 -39.55 5.37
C PRO K 20 -15.02 -39.82 4.02
N ASN K 21 -15.68 -39.36 2.95
CA ASN K 21 -15.22 -39.50 1.57
C ASN K 21 -14.96 -40.96 1.19
N CYS K 22 -15.87 -41.84 1.57
CA CYS K 22 -15.78 -43.25 1.18
C CYS K 22 -15.89 -43.40 -0.33
N GLY K 23 -16.93 -42.83 -0.90
CA GLY K 23 -17.04 -42.66 -2.34
C GLY K 23 -16.84 -41.20 -2.66
N HIS K 24 -17.96 -40.49 -2.76
CA HIS K 24 -17.95 -39.04 -2.85
C HIS K 24 -18.86 -38.37 -1.82
N SER K 25 -19.57 -39.14 -1.00
CA SER K 25 -20.62 -38.55 -0.16
C SER K 25 -20.68 -39.15 1.24
N ARG K 26 -19.51 -39.56 1.79
CA ARG K 26 -19.27 -40.04 3.17
C ARG K 26 -20.31 -41.07 3.63
N CYS K 27 -20.26 -42.23 2.98
CA CYS K 27 -21.12 -43.35 3.33
C CYS K 27 -20.55 -44.09 4.54
N ASP K 28 -21.11 -45.26 4.83
CA ASP K 28 -20.58 -46.17 5.83
C ASP K 28 -19.85 -47.31 5.13
N SER K 29 -18.58 -47.50 5.48
CA SER K 29 -17.76 -48.44 4.73
C SER K 29 -17.32 -49.59 5.62
N PRO K 30 -17.15 -50.79 5.04
CA PRO K 30 -16.59 -51.90 5.84
C PRO K 30 -15.17 -51.67 6.30
N ILE K 31 -14.38 -50.88 5.55
CA ILE K 31 -13.03 -50.52 5.94
C ILE K 31 -13.02 -49.03 6.27
N ALA K 32 -12.57 -48.69 7.47
CA ALA K 32 -12.68 -47.32 7.97
C ALA K 32 -11.41 -46.95 8.70
N ILE K 33 -10.73 -45.93 8.22
CA ILE K 33 -9.42 -45.55 8.74
C ILE K 33 -9.61 -44.82 10.07
N GLU K 34 -9.05 -45.39 11.14
CA GLU K 34 -8.97 -44.73 12.44
C GLU K 34 -7.52 -44.75 12.90
N GLU K 35 -7.02 -43.58 13.31
CA GLU K 35 -5.74 -43.41 14.00
C GLU K 35 -4.57 -43.94 13.17
N VAL K 36 -4.24 -43.24 12.09
CA VAL K 36 -3.02 -43.52 11.35
C VAL K 36 -1.86 -42.79 12.02
N ARG K 37 -0.79 -43.51 12.34
CA ARG K 37 0.36 -42.97 13.04
C ARG K 37 1.51 -42.79 12.07
N GLY K 38 2.04 -41.57 12.01
CA GLY K 38 3.04 -41.24 11.02
C GLY K 38 4.26 -40.53 11.55
N ASP K 39 4.78 -40.95 12.71
CA ASP K 39 5.93 -40.27 13.29
C ASP K 39 7.16 -41.18 13.36
N ALA K 40 7.44 -41.90 12.28
CA ALA K 40 8.66 -42.68 12.14
C ALA K 40 9.64 -41.96 11.22
N HIS K 41 10.88 -42.45 11.19
CA HIS K 41 11.99 -41.72 10.60
C HIS K 41 12.30 -42.16 9.17
N ALA K 42 11.40 -42.87 8.51
CA ALA K 42 11.65 -43.20 7.11
C ALA K 42 10.40 -43.15 6.26
N GLY K 43 9.33 -42.52 6.74
CA GLY K 43 8.09 -42.49 6.00
C GLY K 43 7.22 -43.71 6.16
N VAL K 44 7.60 -44.67 7.01
CA VAL K 44 6.74 -45.81 7.30
C VAL K 44 5.66 -45.38 8.27
N ILE K 45 4.43 -45.86 8.03
CA ILE K 45 3.27 -45.54 8.85
C ILE K 45 2.54 -46.82 9.20
N ARG K 46 1.73 -46.75 10.26
CA ARG K 46 0.86 -47.85 10.65
C ARG K 46 -0.57 -47.35 10.65
N ILE K 47 -1.42 -48.01 9.86
CA ILE K 47 -2.81 -47.63 9.69
C ILE K 47 -3.68 -48.68 10.36
N GLN K 48 -4.66 -48.24 11.15
CA GLN K 48 -5.63 -49.13 11.76
C GLN K 48 -6.97 -48.95 11.07
N THR K 49 -7.55 -50.06 10.62
CA THR K 49 -8.83 -50.04 9.92
C THR K 49 -9.86 -50.81 10.74
N SER K 50 -11.03 -51.05 10.15
CA SER K 50 -12.06 -51.85 10.79
C SER K 50 -12.09 -53.29 10.28
N ALA K 51 -11.50 -53.58 9.14
CA ALA K 51 -11.47 -54.93 8.61
C ALA K 51 -10.48 -55.79 9.38
N MET K 52 -10.54 -57.10 9.12
CA MET K 52 -9.63 -58.05 9.74
C MET K 52 -8.80 -58.71 8.64
N PHE K 53 -7.49 -58.65 8.78
CA PHE K 53 -6.57 -59.19 7.80
C PHE K 53 -5.88 -60.42 8.36
N GLY K 54 -5.75 -61.45 7.53
CA GLY K 54 -5.07 -62.67 7.95
C GLY K 54 -5.86 -63.56 8.87
N LEU K 55 -7.19 -63.60 8.71
CA LEU K 55 -8.02 -64.38 9.62
C LEU K 55 -9.28 -64.82 8.91
N LYS K 56 -9.48 -66.13 8.79
CA LYS K 56 -10.68 -66.70 8.20
C LYS K 56 -11.72 -66.97 9.29
N THR K 57 -12.76 -67.71 8.94
CA THR K 57 -13.67 -68.24 9.97
C THR K 57 -13.05 -69.40 10.72
N ASP K 58 -12.24 -70.21 10.05
CA ASP K 58 -11.50 -71.30 10.68
C ASP K 58 -10.02 -71.10 10.40
N GLY K 59 -9.19 -71.30 11.43
CA GLY K 59 -7.76 -71.17 11.29
C GLY K 59 -7.30 -69.75 11.00
N VAL K 60 -6.07 -69.65 10.49
CA VAL K 60 -5.49 -68.39 10.09
C VAL K 60 -4.78 -68.59 8.75
N ASP K 61 -4.95 -67.64 7.85
CA ASP K 61 -4.31 -67.70 6.54
C ASP K 61 -3.91 -66.29 6.13
N LEU K 62 -2.66 -66.11 5.74
CA LEU K 62 -2.09 -64.79 5.53
C LEU K 62 -2.57 -64.09 4.27
N ALA K 63 -3.24 -64.80 3.37
CA ALA K 63 -3.73 -64.20 2.14
C ALA K 63 -5.23 -63.93 2.15
N TYR K 64 -5.91 -64.17 3.26
CA TYR K 64 -7.36 -64.03 3.33
C TYR K 64 -7.71 -62.92 4.32
N MET K 65 -8.73 -62.14 3.99
CA MET K 65 -9.22 -61.07 4.85
C MET K 65 -10.71 -61.25 5.07
N SER K 66 -11.22 -60.61 6.12
CA SER K 66 -12.60 -60.75 6.53
C SER K 66 -13.23 -59.39 6.76
N PHE K 67 -14.46 -59.22 6.29
CA PHE K 67 -15.18 -57.96 6.44
C PHE K 67 -16.67 -58.25 6.54
N MET K 68 -17.45 -57.19 6.74
CA MET K 68 -18.89 -57.32 6.95
C MET K 68 -19.66 -56.56 5.87
N ASN K 69 -20.76 -57.15 5.41
CA ASN K 69 -21.74 -56.48 4.57
C ASN K 69 -23.11 -56.73 5.18
N GLY K 70 -23.49 -55.86 6.12
CA GLY K 70 -24.71 -56.05 6.86
C GLY K 70 -24.47 -56.71 8.20
N LYS K 71 -24.99 -57.93 8.37
CA LYS K 71 -24.75 -58.72 9.55
C LYS K 71 -23.90 -59.95 9.27
N THR K 72 -23.66 -60.28 8.01
CA THR K 72 -22.95 -61.49 7.64
C THR K 72 -21.46 -61.17 7.46
N GLN K 73 -20.62 -61.77 8.29
CA GLN K 73 -19.18 -61.57 8.21
C GLN K 73 -18.65 -62.40 7.04
N LYS K 74 -18.16 -61.72 6.00
CA LYS K 74 -17.78 -62.35 4.75
C LYS K 74 -16.26 -62.38 4.63
N SER K 75 -15.71 -63.54 4.30
CA SER K 75 -14.29 -63.70 4.04
C SER K 75 -14.02 -63.67 2.54
N ILE K 76 -12.89 -63.10 2.16
CA ILE K 76 -12.54 -62.94 0.76
C ILE K 76 -11.01 -62.96 0.64
N LYS K 77 -10.52 -63.56 -0.43
CA LYS K 77 -9.09 -63.58 -0.72
C LYS K 77 -8.59 -62.18 -1.04
N ILE K 78 -7.46 -61.80 -0.45
CA ILE K 78 -6.82 -60.52 -0.75
C ILE K 78 -6.23 -60.58 -2.15
N ASP K 79 -6.71 -59.72 -3.04
CA ASP K 79 -6.19 -59.64 -4.40
C ASP K 79 -5.49 -58.32 -4.67
N ASN K 80 -6.20 -57.20 -4.50
CA ASN K 80 -5.64 -55.87 -4.69
C ASN K 80 -6.01 -55.03 -3.47
N LEU K 81 -5.20 -55.12 -2.43
CA LEU K 81 -5.33 -54.26 -1.26
C LEU K 81 -4.29 -53.16 -1.40
N HIS K 82 -4.73 -51.96 -1.71
CA HIS K 82 -3.84 -50.86 -2.02
C HIS K 82 -3.91 -49.78 -0.95
N VAL K 83 -2.76 -49.20 -0.64
CA VAL K 83 -2.66 -48.04 0.24
C VAL K 83 -1.90 -46.97 -0.53
N ARG K 84 -2.48 -45.77 -0.62
CA ARG K 84 -1.82 -44.70 -1.34
C ARG K 84 -2.03 -43.37 -0.62
N THR K 85 -1.05 -42.49 -0.76
CA THR K 85 -1.09 -41.16 -0.15
C THR K 85 -1.13 -40.06 -1.20
N SER K 86 -0.12 -39.97 -2.05
CA SER K 86 -0.15 -39.21 -3.29
C SER K 86 0.45 -39.99 -4.44
N ALA K 87 1.26 -40.99 -4.16
CA ALA K 87 1.71 -42.04 -5.04
C ALA K 87 1.37 -43.34 -4.34
N PRO K 88 1.23 -44.44 -5.08
CA PRO K 88 0.90 -45.72 -4.43
C PRO K 88 2.02 -46.21 -3.51
N CYS K 89 1.71 -46.32 -2.23
CA CYS K 89 2.65 -46.86 -1.26
C CYS K 89 2.78 -48.37 -1.44
N SER K 90 3.86 -48.90 -0.88
CA SER K 90 4.12 -50.35 -0.90
C SER K 90 3.96 -50.85 0.52
N LEU K 91 2.94 -51.66 0.75
CA LEU K 91 2.65 -52.13 2.10
C LEU K 91 3.63 -53.22 2.53
N VAL K 92 3.79 -53.34 3.84
CA VAL K 92 4.80 -54.20 4.44
C VAL K 92 4.16 -55.47 5.03
N SER K 93 3.19 -55.30 5.91
CA SER K 93 2.55 -56.43 6.56
C SER K 93 1.13 -56.03 6.96
N HIS K 94 0.37 -57.01 7.46
CA HIS K 94 -0.96 -56.76 7.97
C HIS K 94 -1.29 -57.83 9.00
N HIS K 95 -1.91 -57.41 10.10
CA HIS K 95 -2.25 -58.34 11.17
C HIS K 95 -3.44 -57.77 11.94
N GLY K 96 -4.60 -58.39 11.77
CA GLY K 96 -5.79 -57.94 12.47
C GLY K 96 -6.34 -56.64 11.90
N TYR K 97 -6.48 -55.63 12.75
CA TYR K 97 -7.00 -54.34 12.33
C TYR K 97 -5.96 -53.47 11.65
N TYR K 98 -4.68 -53.85 11.68
CA TYR K 98 -3.57 -52.94 11.43
C TYR K 98 -2.88 -53.28 10.12
N ILE K 99 -2.60 -52.24 9.32
CA ILE K 99 -1.78 -52.35 8.12
C ILE K 99 -0.52 -51.53 8.32
N LEU K 100 0.57 -51.96 7.69
CA LEU K 100 1.84 -51.25 7.70
C LEU K 100 2.25 -50.95 6.27
N ALA K 101 2.68 -49.72 6.01
CA ALA K 101 3.06 -49.32 4.66
C ALA K 101 4.11 -48.23 4.73
N GLN K 102 4.84 -48.09 3.62
CA GLN K 102 5.94 -47.12 3.50
C GLN K 102 5.52 -46.08 2.46
N CYS K 103 5.11 -44.89 2.93
CA CYS K 103 4.39 -43.97 2.07
C CYS K 103 5.20 -42.71 1.75
N PRO K 104 5.04 -42.16 0.55
CA PRO K 104 5.57 -40.83 0.24
C PRO K 104 4.76 -39.76 0.96
N PRO K 105 5.30 -38.55 1.12
CA PRO K 105 4.54 -37.49 1.80
C PRO K 105 3.33 -37.04 1.00
N GLY K 106 2.36 -36.50 1.72
CA GLY K 106 1.12 -36.03 1.12
C GLY K 106 0.14 -35.52 2.15
N ASP K 107 -1.16 -35.59 1.86
CA ASP K 107 -2.15 -35.05 2.78
C ASP K 107 -3.34 -35.98 2.97
N THR K 108 -3.51 -37.00 2.13
CA THR K 108 -4.60 -37.94 2.26
C THR K 108 -4.05 -39.32 2.57
N VAL K 109 -4.89 -40.19 3.09
CA VAL K 109 -4.56 -41.60 3.27
C VAL K 109 -5.74 -42.40 2.74
N THR K 110 -5.48 -43.27 1.76
CA THR K 110 -6.51 -44.00 1.04
C THR K 110 -6.25 -45.49 1.12
N VAL K 111 -7.29 -46.28 1.42
CA VAL K 111 -7.22 -47.73 1.41
C VAL K 111 -8.38 -48.26 0.59
N GLY K 112 -8.22 -49.48 0.10
CA GLY K 112 -9.27 -50.10 -0.70
C GLY K 112 -8.95 -51.55 -1.00
N PHE K 113 -9.99 -52.29 -1.37
CA PHE K 113 -9.86 -53.69 -1.71
C PHE K 113 -11.00 -54.12 -2.61
N HIS K 114 -10.71 -54.94 -3.60
CA HIS K 114 -11.72 -55.49 -4.49
C HIS K 114 -12.15 -56.86 -3.99
N ASP K 115 -13.45 -57.16 -4.11
CA ASP K 115 -13.96 -58.50 -3.89
C ASP K 115 -14.52 -59.11 -5.17
N GLY K 116 -15.47 -58.43 -5.81
CA GLY K 116 -15.93 -58.80 -7.12
C GLY K 116 -15.75 -57.63 -8.06
N PRO K 117 -16.87 -56.98 -8.42
CA PRO K 117 -16.80 -55.67 -9.08
C PRO K 117 -16.91 -54.48 -8.14
N ASN K 118 -16.85 -54.69 -6.83
CA ASN K 118 -16.98 -53.60 -5.86
C ASN K 118 -15.62 -52.94 -5.62
N ARG K 119 -15.66 -51.77 -4.99
CA ARG K 119 -14.47 -50.94 -4.83
C ARG K 119 -14.05 -50.78 -3.37
N HIS K 120 -14.96 -50.29 -2.50
CA HIS K 120 -14.80 -50.24 -1.04
C HIS K 120 -13.57 -49.43 -0.63
N THR K 121 -13.64 -48.13 -0.90
CA THR K 121 -12.56 -47.19 -0.67
C THR K 121 -12.88 -46.31 0.54
N CYS K 122 -11.84 -45.83 1.22
CA CYS K 122 -11.99 -44.86 2.30
C CYS K 122 -10.82 -43.90 2.26
N THR K 123 -11.08 -42.61 2.48
CA THR K 123 -10.06 -41.57 2.37
C THR K 123 -10.17 -40.61 3.54
N VAL K 124 -9.19 -40.63 4.43
CA VAL K 124 -9.13 -39.72 5.56
C VAL K 124 -8.08 -38.66 5.27
N ALA K 125 -8.17 -37.53 5.97
CA ALA K 125 -7.31 -36.38 5.74
C ALA K 125 -6.30 -36.29 6.88
N HIS K 126 -5.16 -36.92 6.69
CA HIS K 126 -4.07 -36.92 7.66
C HIS K 126 -2.78 -36.46 6.99
N LYS K 127 -2.12 -35.48 7.59
CA LYS K 127 -0.90 -34.91 7.03
C LYS K 127 0.26 -35.82 7.40
N VAL K 128 0.71 -36.63 6.45
CA VAL K 128 1.85 -37.51 6.62
C VAL K 128 3.05 -36.94 5.89
N GLU K 129 4.19 -36.89 6.58
CA GLU K 129 5.38 -36.25 6.07
C GLU K 129 6.57 -37.21 6.18
N PHE K 130 7.59 -36.95 5.38
CA PHE K 130 8.82 -37.73 5.39
C PHE K 130 9.80 -37.06 6.34
N ARG K 131 10.29 -37.80 7.32
CA ARG K 131 11.21 -37.26 8.31
C ARG K 131 12.59 -37.85 8.12
N PRO K 132 13.58 -37.09 7.63
CA PRO K 132 14.94 -37.63 7.50
C PRO K 132 15.63 -37.73 8.85
N VAL K 133 16.72 -38.48 8.86
CA VAL K 133 17.55 -38.70 10.04
C VAL K 133 18.84 -37.94 9.86
N GLY K 134 19.21 -37.13 10.85
CA GLY K 134 20.49 -36.47 10.82
C GLY K 134 20.44 -35.02 10.39
N ARG K 135 21.56 -34.53 9.83
CA ARG K 135 21.72 -33.12 9.52
C ARG K 135 21.66 -32.86 8.01
N GLU K 136 20.99 -33.73 7.27
CA GLU K 136 20.72 -33.52 5.84
C GLU K 136 19.26 -33.83 5.58
N LYS K 137 18.61 -33.00 4.78
CA LYS K 137 17.19 -33.15 4.51
C LYS K 137 16.99 -33.84 3.15
N TYR K 138 17.24 -35.14 3.13
CA TYR K 138 17.02 -35.91 1.93
C TYR K 138 15.53 -36.22 1.77
N ARG K 139 15.15 -36.65 0.57
CA ARG K 139 13.76 -36.86 0.22
C ARG K 139 13.41 -38.33 -0.01
N HIS K 140 14.40 -39.22 0.02
CA HIS K 140 14.19 -40.66 -0.14
C HIS K 140 15.40 -41.35 0.46
N PRO K 141 15.25 -42.51 1.11
CA PRO K 141 16.40 -43.20 1.69
C PRO K 141 17.37 -43.67 0.63
N PRO K 142 18.66 -43.41 0.82
CA PRO K 142 19.64 -43.62 -0.25
C PRO K 142 20.17 -45.05 -0.29
N GLU K 143 20.96 -45.31 -1.35
CA GLU K 143 21.60 -46.61 -1.49
C GLU K 143 22.72 -46.79 -0.47
N HIS K 144 23.59 -45.79 -0.38
CA HIS K 144 24.71 -45.83 0.55
C HIS K 144 24.75 -44.58 1.42
N GLY K 145 24.78 -44.77 2.73
CA GLY K 145 24.84 -43.65 3.65
C GLY K 145 25.36 -44.06 5.01
N VAL K 146 25.79 -43.09 5.82
CA VAL K 146 26.28 -43.39 7.15
C VAL K 146 25.13 -43.89 8.03
N GLU K 147 25.37 -44.92 8.82
CA GLU K 147 24.34 -45.47 9.71
C GLU K 147 24.06 -44.57 10.91
N LEU K 148 22.79 -44.37 11.23
CA LEU K 148 22.39 -43.55 12.37
C LEU K 148 21.20 -44.19 13.07
N PRO K 149 21.04 -43.92 14.37
CA PRO K 149 19.89 -44.50 15.10
C PRO K 149 18.57 -43.82 14.78
N CYS K 150 17.67 -44.55 14.14
CA CYS K 150 16.34 -44.07 13.81
C CYS K 150 15.30 -44.94 14.49
N ASN K 151 14.16 -44.37 14.81
CA ASN K 151 13.06 -45.11 15.41
C ASN K 151 12.03 -45.44 14.35
N ARG K 152 11.64 -46.71 14.28
CA ARG K 152 10.76 -47.18 13.23
C ARG K 152 9.71 -48.11 13.83
N TYR K 153 8.74 -48.48 13.01
CA TYR K 153 7.76 -49.49 13.37
C TYR K 153 8.28 -50.85 12.93
N THR K 154 8.20 -51.83 13.82
CA THR K 154 8.85 -53.10 13.59
C THR K 154 8.10 -53.92 12.56
N HIS K 155 8.81 -54.87 11.95
CA HIS K 155 8.26 -55.73 10.92
C HIS K 155 7.49 -56.91 11.48
N LYS K 156 7.72 -57.25 12.74
CA LYS K 156 7.09 -58.46 13.28
C LYS K 156 5.98 -58.31 14.29
N ARG K 157 4.90 -59.05 14.03
CA ARG K 157 3.76 -59.06 14.93
C ARG K 157 4.12 -59.87 16.18
N ALA K 158 3.88 -59.28 17.35
CA ALA K 158 4.17 -59.88 18.65
C ALA K 158 3.44 -59.07 19.70
N ASP K 159 3.52 -59.53 20.95
CA ASP K 159 2.86 -58.84 22.06
C ASP K 159 3.56 -57.52 22.38
N GLN K 160 4.82 -57.61 22.83
CA GLN K 160 5.73 -56.48 23.08
C GLN K 160 5.19 -55.45 24.07
N GLY K 161 4.26 -55.84 24.94
CA GLY K 161 3.87 -55.01 26.06
C GLY K 161 2.97 -53.83 25.75
N HIS K 162 2.40 -53.76 24.54
CA HIS K 162 1.47 -52.70 24.19
C HIS K 162 0.10 -53.31 23.93
N TYR K 163 -0.92 -52.77 24.58
CA TYR K 163 -2.25 -53.37 24.58
C TYR K 163 -3.31 -52.38 24.16
N VAL K 164 -4.36 -52.89 23.53
CA VAL K 164 -5.58 -52.16 23.26
C VAL K 164 -6.74 -53.04 23.75
N GLU K 165 -7.87 -52.41 24.03
CA GLU K 165 -8.99 -53.11 24.62
C GLU K 165 -10.11 -53.33 23.62
N MET K 166 -10.72 -54.51 23.67
CA MET K 166 -11.92 -54.82 22.91
C MET K 166 -13.11 -54.81 23.85
N HIS K 167 -14.30 -54.69 23.26
CA HIS K 167 -15.52 -54.53 24.05
C HIS K 167 -16.65 -55.33 23.41
N GLN K 168 -17.63 -55.66 24.24
CA GLN K 168 -18.86 -56.27 23.75
C GLN K 168 -19.64 -55.25 22.92
N PRO K 169 -20.05 -55.60 21.70
CA PRO K 169 -20.72 -54.62 20.85
C PRO K 169 -22.10 -54.25 21.36
N GLY K 170 -22.47 -53.05 21.10
CA GLY K 170 -23.78 -52.58 21.50
C GLY K 170 -24.86 -53.06 20.55
N LEU K 171 -26.03 -52.44 20.66
CA LEU K 171 -27.12 -52.78 19.77
C LEU K 171 -26.84 -52.22 18.39
N VAL K 172 -26.99 -53.07 17.38
CA VAL K 172 -26.85 -52.67 15.98
C VAL K 172 -28.23 -52.66 15.34
N ALA K 173 -28.57 -51.53 14.71
CA ALA K 173 -29.90 -51.33 14.18
C ALA K 173 -29.98 -51.85 12.75
N ASP K 174 -30.91 -52.78 12.50
CA ASP K 174 -31.14 -53.30 11.17
C ASP K 174 -32.63 -53.15 10.85
N HIS K 175 -32.92 -52.61 9.66
CA HIS K 175 -34.29 -52.39 9.24
C HIS K 175 -34.77 -53.41 8.21
N SER K 176 -33.89 -54.26 7.70
CA SER K 176 -34.27 -55.26 6.72
C SER K 176 -34.90 -56.50 7.33
N LEU K 177 -34.95 -56.59 8.66
CA LEU K 177 -35.56 -57.72 9.34
C LEU K 177 -36.99 -57.43 9.79
N LEU K 178 -37.55 -56.28 9.40
CA LEU K 178 -38.92 -55.91 9.73
C LEU K 178 -39.74 -55.97 8.45
N SER K 179 -40.69 -56.90 8.38
CA SER K 179 -41.53 -57.06 7.22
C SER K 179 -42.97 -57.28 7.68
N ILE K 180 -43.90 -56.97 6.78
CA ILE K 180 -45.33 -57.12 7.05
C ILE K 180 -45.75 -58.53 6.66
N HIS K 181 -46.49 -59.19 7.56
CA HIS K 181 -46.86 -60.59 7.34
C HIS K 181 -48.06 -60.70 6.39
N SER K 182 -49.21 -60.23 6.83
CA SER K 182 -50.38 -60.05 5.96
C SER K 182 -50.84 -58.61 5.95
N ALA K 183 -51.12 -58.05 7.11
CA ALA K 183 -51.30 -56.61 7.28
C ALA K 183 -50.65 -56.12 8.56
N LYS K 184 -49.95 -56.98 9.29
CA LYS K 184 -49.29 -56.65 10.54
C LYS K 184 -47.82 -57.03 10.44
N VAL K 185 -46.95 -56.21 11.05
CA VAL K 185 -45.51 -56.35 10.88
C VAL K 185 -45.00 -57.55 11.66
N LYS K 186 -44.00 -58.23 11.09
CA LYS K 186 -43.45 -59.46 11.63
C LYS K 186 -41.94 -59.31 11.76
N ILE K 187 -41.37 -59.90 12.81
CA ILE K 187 -39.95 -59.80 13.11
C ILE K 187 -39.28 -61.11 12.72
N THR K 188 -38.21 -61.03 11.94
CA THR K 188 -37.44 -62.20 11.53
C THR K 188 -36.19 -62.28 12.39
N VAL K 189 -36.12 -63.29 13.24
CA VAL K 189 -35.02 -63.44 14.20
C VAL K 189 -34.15 -64.63 13.81
N PRO K 190 -33.01 -64.41 13.17
CA PRO K 190 -32.18 -65.55 12.75
C PRO K 190 -31.15 -66.02 13.77
N SER K 191 -31.26 -67.29 14.18
CA SER K 191 -30.21 -68.06 14.86
C SER K 191 -29.77 -67.43 16.18
N GLY K 192 -30.72 -67.31 17.11
CA GLY K 192 -30.44 -66.77 18.42
C GLY K 192 -30.05 -65.31 18.43
N ALA K 193 -30.76 -64.47 17.67
CA ALA K 193 -30.32 -63.11 17.45
C ALA K 193 -30.71 -62.16 18.58
N GLN K 194 -31.77 -62.50 19.33
CA GLN K 194 -32.32 -61.68 20.43
C GLN K 194 -32.64 -60.26 19.98
N VAL K 195 -33.57 -60.17 19.03
CA VAL K 195 -33.88 -58.90 18.36
C VAL K 195 -34.73 -58.03 19.29
N LYS K 196 -34.25 -56.82 19.55
CA LYS K 196 -35.02 -55.83 20.30
C LYS K 196 -35.99 -55.10 19.38
N TYR K 197 -36.99 -54.44 19.98
CA TYR K 197 -37.94 -53.68 19.21
C TYR K 197 -38.47 -52.53 20.06
N TYR K 198 -39.04 -51.54 19.38
CA TYR K 198 -39.64 -50.38 20.05
C TYR K 198 -40.72 -49.82 19.13
N CYS K 199 -41.98 -50.04 19.49
CA CYS K 199 -43.11 -49.59 18.71
C CYS K 199 -43.81 -48.44 19.41
N LYS K 200 -44.20 -47.43 18.65
CA LYS K 200 -45.01 -46.33 19.15
C LYS K 200 -46.22 -46.16 18.24
N CYS K 201 -46.89 -47.26 17.94
CA CYS K 201 -48.00 -47.19 16.99
C CYS K 201 -49.29 -46.63 17.62
N PRO K 202 -49.94 -47.19 18.70
CA PRO K 202 -50.70 -46.28 19.57
C PRO K 202 -49.99 -45.85 20.84
N ASP K 203 -48.97 -46.60 21.25
CA ASP K 203 -48.29 -46.40 22.53
C ASP K 203 -47.01 -47.23 22.52
N VAL K 204 -46.28 -47.19 23.64
CA VAL K 204 -45.03 -47.93 23.75
C VAL K 204 -45.32 -49.43 23.83
N ARG K 205 -44.55 -50.21 23.08
CA ARG K 205 -44.68 -51.67 23.04
C ARG K 205 -43.30 -52.31 23.01
N LYS K 206 -42.40 -51.78 23.82
CA LYS K 206 -41.02 -52.26 23.90
C LYS K 206 -40.85 -53.64 24.53
N GLY K 207 -39.85 -54.39 24.06
CA GLY K 207 -39.57 -55.70 24.60
C GLY K 207 -38.45 -56.36 23.84
N ILE K 208 -38.01 -57.51 24.36
CA ILE K 208 -36.96 -58.32 23.76
C ILE K 208 -37.55 -59.68 23.43
N THR K 209 -37.36 -60.13 22.19
CA THR K 209 -37.86 -61.42 21.75
C THR K 209 -36.71 -62.26 21.23
N SER K 210 -36.97 -63.56 21.07
CA SER K 210 -35.97 -64.49 20.58
C SER K 210 -36.38 -65.24 19.32
N SER K 211 -37.67 -65.29 18.99
CA SER K 211 -38.13 -65.89 17.75
C SER K 211 -39.53 -65.36 17.43
N ASP K 212 -39.83 -65.28 16.14
CA ASP K 212 -41.14 -64.92 15.57
C ASP K 212 -41.63 -63.57 16.07
N HIS K 213 -42.62 -63.59 16.98
CA HIS K 213 -43.21 -62.42 17.62
C HIS K 213 -43.80 -61.47 16.55
N THR K 214 -44.85 -61.95 15.90
CA THR K 214 -45.62 -61.14 14.96
C THR K 214 -46.26 -59.96 15.68
N THR K 215 -45.78 -58.76 15.38
CA THR K 215 -46.24 -57.55 16.04
C THR K 215 -47.63 -57.18 15.53
N THR K 216 -48.51 -56.76 16.44
CA THR K 216 -49.91 -56.48 16.11
C THR K 216 -50.14 -55.04 15.66
N CYS K 217 -49.15 -54.40 15.05
CA CYS K 217 -49.29 -53.03 14.56
C CYS K 217 -49.14 -52.99 13.04
N THR K 218 -49.46 -51.82 12.48
CA THR K 218 -49.73 -51.71 11.05
C THR K 218 -48.49 -51.43 10.21
N ASP K 219 -47.80 -50.32 10.46
CA ASP K 219 -46.79 -49.82 9.55
C ASP K 219 -45.38 -50.20 10.01
N VAL K 220 -44.49 -50.36 9.04
CA VAL K 220 -43.09 -50.67 9.32
C VAL K 220 -42.28 -49.42 9.62
N LYS K 221 -42.86 -48.25 9.38
CA LYS K 221 -42.16 -46.99 9.62
C LYS K 221 -42.36 -46.43 11.04
N GLN K 222 -43.16 -47.12 11.85
CA GLN K 222 -43.44 -46.66 13.21
C GLN K 222 -42.92 -47.65 14.24
N CYS K 223 -41.88 -48.40 13.91
CA CYS K 223 -41.31 -49.37 14.84
C CYS K 223 -39.86 -49.61 14.48
N ARG K 224 -38.97 -49.44 15.45
CA ARG K 224 -37.54 -49.66 15.25
C ARG K 224 -37.16 -51.09 15.66
N ALA K 225 -36.02 -51.54 15.13
CA ALA K 225 -35.54 -52.88 15.39
C ALA K 225 -34.05 -52.83 15.66
N TYR K 226 -33.57 -53.80 16.44
CA TYR K 226 -32.15 -53.89 16.75
C TYR K 226 -31.68 -55.34 16.63
N LEU K 227 -30.48 -55.63 17.10
CA LEU K 227 -29.89 -56.95 16.96
C LEU K 227 -28.80 -57.11 18.00
N ILE K 228 -28.90 -58.14 18.82
CA ILE K 228 -27.93 -58.36 19.90
C ILE K 228 -27.08 -59.59 19.59
N ASP K 229 -25.94 -59.38 18.96
CA ASP K 229 -24.95 -60.42 18.74
C ASP K 229 -23.83 -60.26 19.75
N ASN K 230 -23.61 -61.17 20.74
CA ASN K 230 -22.55 -61.08 21.73
C ASN K 230 -21.50 -62.18 21.58
N LYS K 231 -21.47 -62.87 20.44
CA LYS K 231 -20.52 -63.96 20.27
C LYS K 231 -19.10 -63.42 20.08
N LYS K 232 -18.95 -62.40 19.26
CA LYS K 232 -17.65 -61.79 18.98
C LYS K 232 -17.65 -60.34 19.49
N TRP K 233 -16.45 -59.85 19.79
CA TRP K 233 -16.26 -58.53 20.36
C TRP K 233 -15.66 -57.59 19.33
N VAL K 234 -15.65 -56.30 19.66
CA VAL K 234 -15.09 -55.28 18.77
C VAL K 234 -14.26 -54.30 19.60
N TYR K 235 -13.30 -53.67 18.92
CA TYR K 235 -12.57 -52.57 19.52
C TYR K 235 -13.49 -51.38 19.68
N ASN K 236 -13.44 -50.73 20.85
CA ASN K 236 -14.38 -49.67 21.17
C ASN K 236 -14.00 -48.41 20.41
N SER K 237 -14.51 -48.30 19.19
CA SER K 237 -14.25 -47.11 18.39
C SER K 237 -15.04 -45.93 18.94
N GLY K 238 -14.64 -44.74 18.51
CA GLY K 238 -15.46 -43.58 18.79
C GLY K 238 -16.62 -43.40 17.85
N ARG K 239 -16.74 -44.27 16.85
CA ARG K 239 -17.80 -44.20 15.85
C ARG K 239 -18.83 -45.31 16.01
N LEU K 240 -18.89 -45.94 17.18
CA LEU K 240 -19.85 -46.99 17.45
C LEU K 240 -20.57 -46.69 18.76
N PRO K 241 -21.88 -46.94 18.85
CA PRO K 241 -22.58 -46.72 20.11
C PRO K 241 -22.23 -47.78 21.14
N ARG K 242 -22.16 -47.34 22.39
CA ARG K 242 -21.73 -48.19 23.48
C ARG K 242 -22.84 -49.16 23.89
N GLY K 243 -22.46 -50.15 24.70
CA GLY K 243 -23.42 -51.07 25.25
C GLY K 243 -24.21 -50.46 26.39
N GLU K 244 -25.19 -51.22 26.88
CA GLU K 244 -26.08 -50.70 27.90
C GLU K 244 -25.45 -50.76 29.29
N GLY K 245 -25.13 -51.97 29.74
CA GLY K 245 -24.59 -52.18 31.07
C GLY K 245 -23.08 -52.09 31.10
N ASP K 246 -22.49 -52.78 32.07
CA ASP K 246 -21.04 -52.84 32.18
C ASP K 246 -20.45 -53.65 31.03
N THR K 247 -19.37 -53.15 30.45
CA THR K 247 -18.68 -53.82 29.37
C THR K 247 -17.29 -54.21 29.83
N PHE K 248 -16.88 -55.43 29.52
CA PHE K 248 -15.64 -55.97 30.06
C PHE K 248 -14.43 -55.34 29.40
N LYS K 249 -13.37 -55.16 30.19
CA LYS K 249 -12.12 -54.57 29.73
C LYS K 249 -11.26 -55.69 29.15
N GLY K 250 -11.37 -55.89 27.84
CA GLY K 250 -10.57 -56.88 27.16
C GLY K 250 -9.17 -56.39 26.89
N LYS K 251 -8.38 -57.26 26.28
CA LYS K 251 -7.01 -56.93 25.93
C LYS K 251 -6.71 -57.44 24.53
N LEU K 252 -5.91 -56.67 23.80
CA LEU K 252 -5.50 -57.03 22.46
C LEU K 252 -4.18 -56.33 22.17
N HIS K 253 -3.17 -57.11 21.79
CA HIS K 253 -1.85 -56.55 21.52
C HIS K 253 -1.85 -55.75 20.23
N VAL K 254 -0.95 -54.79 20.16
CA VAL K 254 -0.69 -54.03 18.94
C VAL K 254 0.49 -54.69 18.23
N PRO K 255 0.33 -55.12 16.98
CA PRO K 255 1.38 -55.92 16.33
C PRO K 255 2.66 -55.17 16.02
N PHE K 256 2.59 -54.02 15.35
CA PHE K 256 3.77 -53.30 14.90
C PHE K 256 4.06 -52.16 15.86
N VAL K 257 4.74 -52.48 16.95
CA VAL K 257 5.09 -51.53 17.99
C VAL K 257 6.27 -50.70 17.51
N PRO K 258 6.49 -49.48 18.04
CA PRO K 258 7.70 -48.73 17.69
C PRO K 258 8.93 -49.31 18.36
N VAL K 259 9.98 -49.51 17.56
CA VAL K 259 11.27 -49.95 18.06
C VAL K 259 12.33 -48.96 17.64
N LYS K 260 13.59 -49.23 17.96
CA LYS K 260 14.72 -48.40 17.56
C LYS K 260 15.61 -49.19 16.62
N ALA K 261 15.94 -48.60 15.47
CA ALA K 261 16.67 -49.31 14.44
C ALA K 261 17.80 -48.44 13.87
N LYS K 262 18.39 -48.88 12.77
CA LYS K 262 19.45 -48.14 12.09
C LYS K 262 18.98 -47.75 10.70
N CYS K 263 19.18 -46.47 10.36
CA CYS K 263 18.77 -45.93 9.07
C CYS K 263 19.98 -45.37 8.35
N ILE K 264 19.97 -45.51 7.02
CA ILE K 264 21.04 -44.97 6.19
C ILE K 264 20.70 -43.52 5.84
N ALA K 265 21.63 -42.62 6.14
CA ALA K 265 21.47 -41.21 5.84
C ALA K 265 22.54 -40.77 4.85
N THR K 266 22.25 -39.74 4.07
CA THR K 266 23.15 -39.32 3.01
C THR K 266 24.40 -38.66 3.57
N LEU K 267 25.48 -38.76 2.82
CA LEU K 267 26.75 -38.14 3.16
C LEU K 267 27.04 -37.01 2.17
N ALA K 268 27.41 -35.85 2.69
CA ALA K 268 27.62 -34.68 1.87
C ALA K 268 28.92 -34.81 1.07
N PRO K 269 29.03 -34.11 -0.06
CA PRO K 269 30.33 -34.03 -0.74
C PRO K 269 31.33 -33.25 0.08
N GLU K 270 32.60 -33.60 -0.11
CA GLU K 270 33.67 -32.98 0.67
C GLU K 270 33.87 -31.53 0.23
N PRO K 271 34.01 -30.60 1.17
CA PRO K 271 34.30 -29.21 0.80
C PRO K 271 35.74 -29.03 0.35
N LEU K 272 35.96 -27.97 -0.42
CA LEU K 272 37.30 -27.57 -0.83
C LEU K 272 37.79 -26.52 0.15
N VAL K 273 38.79 -26.86 0.95
CA VAL K 273 39.30 -25.98 1.98
C VAL K 273 40.48 -25.19 1.43
N GLU K 274 40.48 -23.88 1.67
CA GLU K 274 41.54 -22.99 1.25
C GLU K 274 41.98 -22.16 2.44
N HIS K 275 43.29 -21.99 2.61
CA HIS K 275 43.87 -21.37 3.79
C HIS K 275 44.40 -20.00 3.45
N LYS K 276 44.06 -19.00 4.27
CA LYS K 276 44.67 -17.68 4.21
C LYS K 276 45.17 -17.33 5.61
N HIS K 277 45.64 -16.10 5.79
CA HIS K 277 46.13 -15.67 7.09
C HIS K 277 44.96 -15.50 8.04
N ARG K 278 44.84 -16.44 9.00
CA ARG K 278 43.77 -16.47 10.00
C ARG K 278 42.39 -16.50 9.37
N THR K 279 42.23 -17.30 8.31
CA THR K 279 40.94 -17.41 7.63
C THR K 279 40.86 -18.76 6.95
N LEU K 280 39.76 -19.49 7.20
CA LEU K 280 39.48 -20.76 6.54
C LEU K 280 38.32 -20.54 5.59
N ILE K 281 38.53 -20.86 4.31
CA ILE K 281 37.52 -20.68 3.27
C ILE K 281 37.00 -22.05 2.86
N LEU K 282 35.69 -22.21 2.85
CA LEU K 282 35.04 -23.48 2.55
C LEU K 282 34.17 -23.33 1.33
N HIS K 283 34.50 -24.06 0.27
CA HIS K 283 33.66 -24.11 -0.93
C HIS K 283 32.73 -25.31 -0.79
N LEU K 284 31.44 -25.04 -0.54
CA LEU K 284 30.46 -26.07 -0.28
C LEU K 284 29.53 -26.20 -1.49
N HIS K 285 29.41 -27.42 -2.00
CA HIS K 285 28.53 -27.71 -3.15
C HIS K 285 27.61 -28.86 -2.78
N PRO K 286 26.51 -28.57 -2.09
CA PRO K 286 25.59 -29.64 -1.67
C PRO K 286 24.57 -29.96 -2.76
N ASP K 287 23.86 -31.06 -2.51
CA ASP K 287 22.73 -31.46 -3.34
C ASP K 287 21.43 -31.59 -2.55
N HIS K 288 21.48 -31.45 -1.23
CA HIS K 288 20.33 -31.40 -0.35
C HIS K 288 20.58 -30.25 0.62
N PRO K 289 19.52 -29.70 1.23
CA PRO K 289 19.73 -28.72 2.30
C PRO K 289 20.49 -29.31 3.47
N THR K 290 21.68 -28.77 3.72
CA THR K 290 22.70 -29.37 4.56
C THR K 290 23.12 -28.39 5.64
N LEU K 291 23.33 -28.90 6.85
CA LEU K 291 23.62 -28.06 8.01
C LEU K 291 25.12 -27.92 8.22
N LEU K 292 25.57 -26.68 8.45
CA LEU K 292 26.97 -26.39 8.70
C LEU K 292 27.06 -25.58 9.99
N THR K 293 27.61 -26.18 11.04
CA THR K 293 27.73 -25.54 12.34
C THR K 293 29.20 -25.46 12.74
N THR K 294 29.64 -24.28 13.13
CA THR K 294 31.00 -24.07 13.61
C THR K 294 30.98 -23.48 15.02
N ARG K 295 32.11 -23.64 15.71
CA ARG K 295 32.33 -23.00 17.00
C ARG K 295 33.83 -22.80 17.18
N SER K 296 34.19 -21.90 18.08
CA SER K 296 35.59 -21.64 18.39
C SER K 296 35.93 -22.26 19.74
N LEU K 297 37.17 -22.74 19.85
CA LEU K 297 37.61 -23.47 21.03
C LEU K 297 38.23 -22.57 22.09
N GLY K 298 37.86 -21.29 22.13
CA GLY K 298 38.35 -20.36 23.11
C GLY K 298 37.41 -20.21 24.28
N SER K 299 37.53 -19.08 24.98
CA SER K 299 36.67 -18.82 26.13
C SER K 299 35.25 -18.50 25.69
N ASP K 300 35.08 -17.96 24.48
CA ASP K 300 33.76 -17.71 23.91
C ASP K 300 33.56 -18.58 22.68
N ALA K 301 32.40 -19.24 22.61
CA ALA K 301 32.16 -20.18 21.54
C ALA K 301 32.00 -19.47 20.20
N ASN K 302 31.20 -18.40 20.18
CA ASN K 302 30.78 -17.61 19.02
C ASN K 302 30.24 -18.56 17.95
N PRO K 303 29.05 -19.13 18.15
CA PRO K 303 28.60 -20.19 17.26
C PRO K 303 27.77 -19.71 16.08
N THR K 304 27.99 -20.35 14.94
CA THR K 304 27.21 -20.10 13.74
C THR K 304 26.48 -21.38 13.35
N ARG K 305 25.31 -21.23 12.74
CA ARG K 305 24.50 -22.36 12.32
C ARG K 305 23.65 -21.93 11.14
N GLN K 306 23.74 -22.65 10.03
CA GLN K 306 23.00 -22.28 8.83
C GLN K 306 22.80 -23.51 7.97
N TRP K 307 21.73 -23.48 7.19
CA TRP K 307 21.40 -24.55 6.24
C TRP K 307 21.83 -24.09 4.86
N ILE K 308 22.67 -24.89 4.20
CA ILE K 308 23.18 -24.58 2.87
C ILE K 308 22.35 -25.35 1.85
N GLU K 309 21.72 -24.63 0.93
CA GLU K 309 20.92 -25.23 -0.14
C GLU K 309 21.56 -25.11 -1.51
N ARG K 310 22.12 -23.95 -1.83
CA ARG K 310 22.81 -23.64 -3.06
C ARG K 310 24.31 -23.65 -2.84
N PRO K 311 25.13 -23.83 -3.90
CA PRO K 311 26.57 -23.77 -3.72
C PRO K 311 27.10 -22.39 -3.36
N THR K 312 27.54 -22.23 -2.11
CA THR K 312 28.07 -20.98 -1.58
C THR K 312 29.48 -21.21 -1.02
N THR K 313 30.18 -20.12 -0.75
CA THR K 313 31.45 -20.13 -0.06
C THR K 313 31.33 -19.31 1.21
N VAL K 314 31.97 -19.77 2.29
CA VAL K 314 31.93 -19.09 3.58
C VAL K 314 33.36 -18.95 4.10
N ASN K 315 33.68 -17.77 4.60
CA ASN K 315 34.99 -17.50 5.20
C ASN K 315 34.84 -17.42 6.71
N PHE K 316 35.64 -18.20 7.43
CA PHE K 316 35.58 -18.28 8.88
C PHE K 316 36.91 -17.85 9.47
N THR K 317 36.86 -16.98 10.47
CA THR K 317 38.05 -16.46 11.12
C THR K 317 38.52 -17.45 12.17
N VAL K 318 39.74 -17.96 12.01
CA VAL K 318 40.35 -18.90 12.94
C VAL K 318 41.46 -18.18 13.68
N THR K 319 41.40 -18.19 15.00
CA THR K 319 42.44 -17.61 15.83
C THR K 319 43.40 -18.71 16.28
N GLY K 320 44.32 -18.36 17.18
CA GLY K 320 45.29 -19.32 17.65
C GLY K 320 44.73 -20.35 18.60
N GLU K 321 43.56 -20.07 19.20
CA GLU K 321 42.93 -21.04 20.08
C GLU K 321 42.32 -22.19 19.30
N GLY K 322 41.73 -21.90 18.13
CA GLY K 322 41.20 -22.96 17.30
C GLY K 322 39.85 -22.66 16.70
N LEU K 323 39.32 -23.64 15.96
CA LEU K 323 38.00 -23.57 15.36
C LEU K 323 37.60 -24.99 15.02
N GLU K 324 36.32 -25.31 15.17
CA GLU K 324 35.81 -26.65 14.88
C GLU K 324 34.54 -26.53 14.08
N TYR K 325 34.50 -27.15 12.91
CA TYR K 325 33.34 -27.05 12.02
C TYR K 325 32.81 -28.44 11.69
N THR K 326 31.49 -28.56 11.72
CA THR K 326 30.79 -29.78 11.32
C THR K 326 29.98 -29.49 10.07
N TRP K 327 30.17 -30.30 9.03
CA TRP K 327 29.49 -30.11 7.76
C TRP K 327 28.79 -31.41 7.38
N GLY K 328 27.46 -31.37 7.33
CA GLY K 328 26.72 -32.56 6.95
C GLY K 328 26.72 -33.59 8.06
N ASN K 329 26.80 -34.85 7.66
CA ASN K 329 26.92 -35.97 8.59
C ASN K 329 28.36 -36.40 8.79
N HIS K 330 29.32 -35.62 8.31
CA HIS K 330 30.72 -35.91 8.51
C HIS K 330 31.11 -35.72 9.97
N PRO K 331 32.16 -36.40 10.43
CA PRO K 331 32.70 -36.11 11.77
C PRO K 331 33.30 -34.72 11.83
N PRO K 332 33.31 -34.09 13.00
CA PRO K 332 33.85 -32.74 13.11
C PRO K 332 35.35 -32.68 12.93
N LYS K 333 35.82 -31.58 12.35
CA LYS K 333 37.23 -31.34 12.12
C LYS K 333 37.66 -30.06 12.84
N ARG K 334 38.88 -30.07 13.38
CA ARG K 334 39.41 -28.95 14.14
C ARG K 334 40.64 -28.41 13.45
N VAL K 335 40.74 -27.08 13.37
CA VAL K 335 41.85 -26.40 12.71
C VAL K 335 42.40 -25.32 13.61
N TRP K 336 43.72 -25.14 13.59
CA TRP K 336 44.40 -24.12 14.36
C TRP K 336 45.22 -23.24 13.42
N ALA K 337 45.33 -21.96 13.78
CA ALA K 337 46.02 -20.99 12.93
C ALA K 337 47.40 -20.68 13.50
N GLN K 338 48.41 -20.67 12.64
CA GLN K 338 49.78 -20.43 13.05
C GLN K 338 50.05 -18.93 13.09
N GLU K 339 51.31 -18.55 13.22
CA GLU K 339 51.71 -17.17 13.39
C GLU K 339 52.53 -16.70 12.19
N SER K 340 52.03 -16.97 10.98
CA SER K 340 52.77 -16.71 9.75
C SER K 340 53.02 -15.22 9.52
N GLY K 341 51.96 -14.44 9.38
CA GLY K 341 52.10 -13.02 9.18
C GLY K 341 52.48 -12.65 7.75
N GLU K 342 52.72 -11.36 7.54
CA GLU K 342 53.03 -10.87 6.20
C GLU K 342 54.35 -10.14 6.10
N GLY K 343 54.67 -9.25 7.03
CA GLY K 343 55.89 -8.47 6.97
C GLY K 343 57.07 -9.22 7.56
N ASN K 344 58.15 -8.47 7.79
CA ASN K 344 59.28 -9.03 8.51
C ASN K 344 59.68 -8.11 9.65
N PRO K 345 60.07 -8.67 10.81
CA PRO K 345 60.38 -7.80 11.95
C PRO K 345 61.73 -7.11 11.85
N HIS K 346 62.68 -7.68 11.11
CA HIS K 346 64.00 -7.08 10.95
C HIS K 346 64.03 -6.27 9.67
N GLY K 347 64.39 -5.02 9.76
CA GLY K 347 64.49 -4.21 8.57
C GLY K 347 64.12 -2.76 8.87
N TRP K 348 63.70 -2.08 7.81
CA TRP K 348 63.39 -0.66 7.89
C TRP K 348 62.10 -0.44 8.69
N PRO K 349 61.92 0.74 9.28
CA PRO K 349 60.72 0.99 10.10
C PRO K 349 59.40 0.90 9.36
N HIS K 350 59.38 0.99 8.04
CA HIS K 350 58.13 0.75 7.32
C HIS K 350 57.86 -0.73 7.11
N GLU K 351 58.79 -1.60 7.52
CA GLU K 351 58.56 -3.04 7.54
C GLU K 351 58.29 -3.60 8.92
N VAL K 352 58.84 -2.97 9.96
CA VAL K 352 58.58 -3.41 11.33
C VAL K 352 57.14 -3.07 11.73
N VAL K 353 56.66 -1.90 11.33
CA VAL K 353 55.31 -1.47 11.69
C VAL K 353 54.26 -2.32 10.99
N VAL K 354 54.53 -2.68 9.73
CA VAL K 354 53.60 -3.50 8.95
C VAL K 354 53.49 -4.92 9.52
N TYR K 355 54.63 -5.49 9.95
CA TYR K 355 54.64 -6.85 10.46
C TYR K 355 53.85 -6.98 11.77
N TYR K 356 53.99 -6.01 12.67
CA TYR K 356 53.27 -6.08 13.92
C TYR K 356 51.81 -5.67 13.78
N TYR K 357 51.44 -5.00 12.69
CA TYR K 357 50.03 -4.71 12.46
C TYR K 357 49.27 -5.94 11.97
N ASN K 358 49.92 -6.79 11.18
CA ASN K 358 49.27 -8.01 10.74
C ASN K 358 49.20 -9.06 11.85
N ARG K 359 50.04 -8.93 12.87
CA ARG K 359 50.06 -9.88 13.97
C ARG K 359 49.19 -9.42 15.13
N TYR K 360 49.42 -8.21 15.64
CA TYR K 360 48.58 -7.59 16.65
C TYR K 360 47.93 -6.35 16.04
N PRO K 361 46.70 -6.44 15.54
CA PRO K 361 46.12 -5.30 14.82
C PRO K 361 45.67 -4.16 15.69
N LEU K 362 45.34 -4.41 16.96
CA LEU K 362 44.85 -3.35 17.85
C LEU K 362 45.91 -2.82 18.79
N THR K 363 46.84 -3.68 19.23
CA THR K 363 47.82 -3.27 20.22
C THR K 363 48.82 -2.26 19.67
N THR K 364 49.23 -2.41 18.41
CA THR K 364 50.15 -1.46 17.82
C THR K 364 49.48 -0.19 17.34
N ILE K 365 48.15 -0.17 17.22
CA ILE K 365 47.46 1.07 16.92
C ILE K 365 47.51 2.02 18.11
N ILE K 366 47.22 1.50 19.31
CA ILE K 366 47.37 2.29 20.53
C ILE K 366 48.78 2.24 21.08
N GLY K 367 49.64 1.36 20.57
CA GLY K 367 51.03 1.37 20.97
C GLY K 367 51.88 2.38 20.23
N LEU K 368 51.43 2.85 19.07
CA LEU K 368 52.14 3.88 18.34
C LEU K 368 51.67 5.28 18.68
N CYS K 369 50.37 5.44 19.00
CA CYS K 369 49.87 6.75 19.38
C CYS K 369 50.30 7.13 20.79
N THR K 370 50.51 6.14 21.65
CA THR K 370 51.01 6.40 23.00
C THR K 370 52.46 6.89 22.96
N CYS K 371 53.30 6.23 22.15
CA CYS K 371 54.70 6.61 22.06
C CYS K 371 54.88 7.94 21.34
N VAL K 372 53.95 8.29 20.44
CA VAL K 372 53.98 9.61 19.82
C VAL K 372 53.62 10.68 20.86
N ALA K 373 52.59 10.44 21.66
CA ALA K 373 52.19 11.39 22.69
C ALA K 373 53.19 11.43 23.84
N ILE K 374 53.93 10.34 24.07
CA ILE K 374 55.03 10.38 25.02
C ILE K 374 56.17 11.24 24.48
N ILE K 375 56.45 11.11 23.18
CA ILE K 375 57.45 11.95 22.52
C ILE K 375 57.01 13.40 22.50
N MET K 376 55.73 13.65 22.18
CA MET K 376 55.24 15.01 22.00
C MET K 376 55.17 15.78 23.32
N VAL K 377 54.80 15.10 24.40
CA VAL K 377 54.77 15.75 25.71
C VAL K 377 56.19 16.04 26.20
N SER K 378 57.09 15.07 26.06
CA SER K 378 58.45 15.23 26.55
C SER K 378 59.26 16.21 25.71
N CYS K 379 58.88 16.41 24.44
CA CYS K 379 59.59 17.37 23.60
C CYS K 379 59.29 18.79 24.01
N VAL K 380 58.00 19.10 24.26
CA VAL K 380 57.64 20.47 24.61
C VAL K 380 57.93 20.79 26.07
N THR K 381 58.05 19.78 26.94
CA THR K 381 58.43 20.03 28.32
C THR K 381 59.93 20.33 28.43
N SER K 382 60.75 19.59 27.70
CA SER K 382 62.19 19.80 27.76
C SER K 382 62.66 20.97 26.90
N VAL K 383 61.82 21.48 26.00
CA VAL K 383 62.19 22.67 25.24
C VAL K 383 61.59 23.93 25.89
N TRP K 384 60.59 23.79 26.76
CA TRP K 384 60.19 24.92 27.57
C TRP K 384 61.21 25.17 28.67
N LEU K 385 61.80 24.11 29.22
CA LEU K 385 62.82 24.26 30.24
C LEU K 385 64.11 24.84 29.68
N LEU K 386 64.44 24.53 28.43
CA LEU K 386 65.63 25.10 27.82
C LEU K 386 65.42 26.57 27.46
N CYS K 387 64.21 26.92 27.00
CA CYS K 387 63.91 28.31 26.69
C CYS K 387 63.78 29.16 27.95
N ARG K 388 63.27 28.57 29.03
CA ARG K 388 63.21 29.28 30.31
C ARG K 388 64.61 29.51 30.88
N THR K 389 65.51 28.55 30.66
CA THR K 389 66.92 28.72 31.02
C THR K 389 67.57 29.80 30.17
N ARG K 390 67.26 29.84 28.88
CA ARG K 390 67.75 30.90 28.00
C ARG K 390 67.19 32.27 28.38
N ASN K 391 65.98 32.31 28.93
CA ASN K 391 65.44 33.58 29.45
C ASN K 391 66.26 34.08 30.62
N LEU K 392 66.74 33.17 31.47
CA LEU K 392 67.62 33.53 32.58
C LEU K 392 69.09 33.62 32.16
N CYS K 393 69.43 33.21 30.93
CA CYS K 393 70.79 33.34 30.44
C CYS K 393 71.19 34.80 30.28
N ILE K 394 70.32 35.60 29.68
CA ILE K 394 70.69 36.93 29.20
C ILE K 394 69.89 38.05 29.84
N THR K 395 68.90 37.74 30.70
CA THR K 395 68.19 38.80 31.41
C THR K 395 69.08 39.63 32.34
N PRO K 396 69.98 39.07 33.17
CA PRO K 396 70.90 39.97 33.89
C PRO K 396 72.00 40.56 33.02
N TYR K 397 72.10 40.20 31.75
CA TYR K 397 73.00 40.86 30.81
C TYR K 397 72.28 41.85 29.90
N LYS K 398 70.97 41.70 29.71
CA LYS K 398 70.22 42.65 28.89
C LYS K 398 69.99 43.96 29.63
N LEU K 399 69.96 43.92 30.96
CA LEU K 399 69.71 45.12 31.75
C LEU K 399 70.94 46.00 31.89
N ALA K 400 72.13 45.48 31.57
CA ALA K 400 73.39 46.20 31.70
C ALA K 400 74.09 46.18 30.36
N PRO K 401 73.76 47.10 29.45
CA PRO K 401 74.33 47.05 28.09
C PRO K 401 75.78 47.49 28.02
N ASN K 402 76.35 48.07 29.07
CA ASN K 402 77.75 48.47 29.07
C ASN K 402 78.64 47.44 29.75
N ALA K 403 78.14 46.23 29.97
CA ALA K 403 78.91 45.18 30.61
C ALA K 403 79.78 44.46 29.58
N GLN K 404 80.37 43.33 29.98
CA GLN K 404 81.19 42.52 29.10
C GLN K 404 80.65 41.10 29.13
N VAL K 405 80.04 40.68 28.03
CA VAL K 405 79.53 39.31 27.94
C VAL K 405 80.69 38.35 27.74
N PRO K 406 80.84 37.32 28.57
CA PRO K 406 81.94 36.36 28.37
C PRO K 406 81.73 35.53 27.12
N ILE K 407 82.85 35.09 26.53
CA ILE K 407 82.80 34.41 25.24
C ILE K 407 82.30 32.97 25.38
N LEU K 408 82.30 32.40 26.58
CA LEU K 408 81.71 31.07 26.76
C LEU K 408 80.19 31.15 26.82
N LEU K 409 79.65 32.21 27.42
CA LEU K 409 78.21 32.34 27.59
C LEU K 409 77.51 32.70 26.30
N ALA K 410 78.14 33.51 25.46
CA ALA K 410 77.54 33.99 24.23
C ALA K 410 77.73 33.04 23.05
N LEU K 411 78.43 31.92 23.24
CA LEU K 411 78.71 31.01 22.15
C LEU K 411 78.09 29.64 22.34
N LEU K 412 78.35 28.97 23.46
CA LEU K 412 78.06 27.56 23.62
C LEU K 412 76.85 27.28 24.52
N CYS K 413 76.85 27.79 25.75
CA CYS K 413 75.78 27.45 26.69
C CYS K 413 74.48 28.15 26.32
N CYS K 414 74.55 29.42 25.99
CA CYS K 414 73.40 30.18 25.50
C CYS K 414 73.70 30.59 24.07
N ILE K 415 72.74 31.27 23.43
CA ILE K 415 72.80 31.55 22.00
C ILE K 415 73.11 33.01 21.72
N LYS K 416 72.55 33.94 22.51
CA LYS K 416 72.57 35.36 22.15
C LYS K 416 73.97 35.95 22.29
N PRO K 417 74.53 36.51 21.22
CA PRO K 417 75.88 37.08 21.30
C PRO K 417 75.88 38.51 21.85
N THR K 418 77.04 39.16 21.79
CA THR K 418 77.16 40.54 22.26
C THR K 418 76.38 41.49 21.36
N ARG K 419 75.79 42.51 21.98
CA ARG K 419 74.98 43.50 21.29
C ARG K 419 75.45 44.89 21.67
N ALA K 420 75.47 45.79 20.68
CA ALA K 420 75.83 47.22 20.82
C ALA K 420 77.22 47.43 21.42
N ASP L 111 65.50 65.90 36.02
CA ASP L 111 65.57 64.51 35.56
C ASP L 111 64.24 64.09 34.94
N LYS L 112 64.03 62.78 34.84
CA LYS L 112 62.79 62.23 34.29
C LYS L 112 62.47 60.93 35.00
N THR L 113 61.33 60.90 35.70
CA THR L 113 60.85 59.71 36.39
C THR L 113 59.33 59.83 36.44
N PHE L 114 58.64 59.15 35.53
CA PHE L 114 57.20 59.38 35.54
C PHE L 114 56.50 58.45 36.54
N PRO L 115 55.50 58.94 37.26
CA PRO L 115 54.84 58.11 38.28
C PRO L 115 53.85 57.12 37.68
N ILE L 116 53.48 56.15 38.51
CA ILE L 116 52.46 55.15 38.19
C ILE L 116 51.29 55.36 39.14
N MET L 117 50.10 55.53 38.57
CA MET L 117 48.91 55.84 39.36
C MET L 117 47.87 54.75 39.19
N LEU L 118 47.43 54.18 40.32
CA LEU L 118 46.33 53.23 40.36
C LEU L 118 45.22 53.82 41.22
N ASN L 119 44.01 53.86 40.67
CA ASN L 119 42.82 54.48 41.29
C ASN L 119 43.07 55.93 41.68
N GLY L 120 43.77 56.66 40.80
CA GLY L 120 44.04 58.07 41.00
C GLY L 120 45.24 58.43 41.85
N GLN L 121 45.43 57.72 42.97
CA GLN L 121 46.53 58.02 43.86
C GLN L 121 47.83 57.41 43.33
N VAL L 122 48.95 57.86 43.89
CA VAL L 122 50.27 57.48 43.46
C VAL L 122 50.82 56.42 44.41
N ASN L 123 51.23 55.27 43.87
CA ASN L 123 51.78 54.20 44.67
C ASN L 123 53.18 53.77 44.25
N GLY L 124 53.71 54.33 43.17
CA GLY L 124 55.05 53.95 42.72
C GLY L 124 55.52 54.86 41.61
N TYR L 125 56.81 54.75 41.32
CA TYR L 125 57.44 55.56 40.29
C TYR L 125 58.24 54.67 39.35
N ALA L 126 58.22 55.00 38.07
CA ALA L 126 58.95 54.26 37.04
C ALA L 126 60.11 55.11 36.54
N CYS L 127 61.32 54.59 36.65
CA CYS L 127 62.51 55.29 36.20
C CYS L 127 62.88 54.86 34.78
N VAL L 128 63.57 55.73 34.07
CA VAL L 128 64.02 55.47 32.71
C VAL L 128 65.54 55.52 32.70
N VAL L 129 66.16 54.37 32.47
CA VAL L 129 67.60 54.27 32.30
C VAL L 129 67.85 54.26 30.80
N GLY L 130 69.09 54.53 30.39
CA GLY L 130 69.46 54.58 29.00
C GLY L 130 69.21 53.31 28.23
N GLY L 131 68.20 53.34 27.36
CA GLY L 131 67.82 52.19 26.57
C GLY L 131 66.54 51.51 27.03
N ARG L 132 66.39 51.34 28.34
CA ARG L 132 65.29 50.56 28.90
C ARG L 132 64.64 51.30 30.06
N VAL L 133 63.31 51.28 30.09
CA VAL L 133 62.56 51.85 31.20
C VAL L 133 62.33 50.77 32.26
N PHE L 134 62.65 51.09 33.50
CA PHE L 134 62.58 50.15 34.61
C PHE L 134 61.43 50.52 35.51
N LYS L 135 60.47 49.61 35.67
CA LYS L 135 59.31 49.84 36.52
C LYS L 135 59.15 48.64 37.45
N PRO L 136 59.03 48.86 38.76
CA PRO L 136 58.77 47.73 39.68
C PRO L 136 57.42 47.09 39.42
N LEU L 137 57.36 45.78 39.57
CA LEU L 137 56.12 45.05 39.36
C LEU L 137 55.43 44.63 40.66
N HIS L 138 56.05 44.90 41.82
CA HIS L 138 55.33 44.71 43.07
C HIS L 138 54.29 45.80 43.27
N VAL L 139 54.45 46.95 42.62
CA VAL L 139 53.37 47.91 42.48
C VAL L 139 52.54 47.55 41.26
N GLU L 140 51.34 48.12 41.18
CA GLU L 140 50.49 47.93 40.02
C GLU L 140 49.81 49.25 39.68
N GLY L 141 49.49 49.42 38.41
CA GLY L 141 48.86 50.63 37.94
C GLY L 141 49.21 50.88 36.49
N ARG L 142 49.03 52.11 36.06
CA ARG L 142 49.34 52.53 34.70
C ARG L 142 50.17 53.80 34.73
N ILE L 143 51.19 53.84 33.87
CA ILE L 143 51.98 55.06 33.71
C ILE L 143 51.15 56.11 33.00
N ASP L 144 51.19 57.34 33.52
CA ASP L 144 50.33 58.39 33.00
C ASP L 144 50.77 58.92 31.64
N ASN L 145 52.00 58.63 31.21
CA ASN L 145 52.48 59.10 29.92
C ASN L 145 51.87 58.28 28.80
N GLU L 146 51.37 58.98 27.77
CA GLU L 146 50.83 58.30 26.60
C GLU L 146 51.94 57.70 25.74
N GLN L 147 53.16 58.25 25.81
CA GLN L 147 54.30 57.67 25.11
C GLN L 147 54.88 56.47 25.82
N LEU L 148 54.51 56.24 27.09
CA LEU L 148 55.02 55.12 27.86
C LEU L 148 53.98 54.04 28.14
N ALA L 149 52.69 54.38 28.08
CA ALA L 149 51.65 53.37 28.28
C ALA L 149 51.48 52.47 27.06
N ALA L 150 51.95 52.89 25.89
CA ALA L 150 51.93 52.05 24.71
C ALA L 150 53.07 51.06 24.66
N ILE L 151 54.03 51.15 25.58
CA ILE L 151 55.14 50.21 25.63
C ILE L 151 54.66 48.89 26.19
N LYS L 152 55.10 47.79 25.58
CA LYS L 152 54.76 46.46 26.06
C LYS L 152 55.41 46.18 27.41
N LEU L 153 54.72 45.41 28.24
CA LEU L 153 55.21 45.02 29.55
C LEU L 153 55.75 43.60 29.48
N LYS L 154 57.02 43.43 29.83
CA LYS L 154 57.66 42.12 29.83
C LYS L 154 58.09 41.76 31.25
N LYS L 155 57.57 40.65 31.75
CA LYS L 155 57.82 40.24 33.12
C LYS L 155 59.22 39.65 33.25
N ALA L 156 59.69 39.60 34.49
CA ALA L 156 61.02 39.10 34.82
C ALA L 156 60.96 38.54 36.23
N SER L 157 62.14 38.41 36.86
CA SER L 157 62.25 38.15 38.29
C SER L 157 62.02 39.44 39.06
N ILE L 158 62.44 39.50 40.32
CA ILE L 158 62.21 40.71 41.13
C ILE L 158 63.13 41.85 40.72
N TYR L 159 64.00 41.65 39.72
CA TYR L 159 64.70 42.75 39.06
C TYR L 159 63.75 43.73 38.38
N ASP L 160 62.56 43.25 37.96
CA ASP L 160 61.45 44.04 37.43
C ASP L 160 61.83 44.79 36.14
N LEU L 161 62.10 43.98 35.12
CA LEU L 161 62.38 44.49 33.78
C LEU L 161 61.10 45.01 33.13
N GLU L 162 61.26 45.95 32.19
CA GLU L 162 60.23 46.25 31.22
C GLU L 162 60.89 46.60 29.90
N TYR L 163 60.10 46.49 28.82
CA TYR L 163 60.62 46.59 27.46
C TYR L 163 61.16 47.98 27.17
N GLY L 164 62.33 48.04 26.56
CA GLY L 164 62.90 49.30 26.13
C GLY L 164 62.49 49.66 24.72
N ASP L 165 61.19 49.93 24.54
CA ASP L 165 60.65 50.40 23.28
C ASP L 165 60.62 51.91 23.19
N VAL L 166 61.55 52.58 23.86
CA VAL L 166 61.66 54.04 23.86
C VAL L 166 61.95 54.53 22.43
N PRO L 167 61.21 55.52 21.93
CA PRO L 167 61.45 56.00 20.56
C PRO L 167 62.75 56.77 20.46
N GLN L 168 63.25 56.87 19.23
CA GLN L 168 64.56 57.46 18.98
C GLN L 168 64.61 58.96 19.18
N CYS L 169 63.46 59.63 19.36
CA CYS L 169 63.46 61.08 19.56
C CYS L 169 64.03 61.46 20.91
N MET L 170 63.77 60.65 21.94
CA MET L 170 64.16 60.96 23.31
C MET L 170 64.82 59.76 24.00
N LYS L 171 65.76 59.15 23.30
CA LYS L 171 66.56 58.07 23.87
C LYS L 171 67.60 58.62 24.85
N SER L 172 68.07 57.71 25.72
CA SER L 172 69.15 57.94 26.69
C SER L 172 68.80 59.06 27.67
N ASP L 173 67.79 58.79 28.50
CA ASP L 173 67.40 59.75 29.52
C ASP L 173 68.46 59.88 30.61
N THR L 174 68.92 58.75 31.15
CA THR L 174 69.90 58.75 32.23
C THR L 174 70.99 57.72 31.95
N LEU L 175 72.16 57.97 32.52
CA LEU L 175 73.33 57.11 32.35
C LEU L 175 73.50 56.26 33.60
N GLN L 176 73.58 54.95 33.42
CA GLN L 176 73.83 54.07 34.55
C GLN L 176 75.30 54.11 34.95
N TYR L 177 75.59 53.58 36.13
CA TYR L 177 76.93 53.60 36.68
C TYR L 177 77.41 52.17 36.90
N THR L 178 78.59 51.87 36.38
CA THR L 178 79.23 50.55 36.49
C THR L 178 79.92 50.39 37.84
N SER L 179 80.84 49.43 37.91
CA SER L 179 81.59 49.14 39.14
C SER L 179 82.70 50.16 39.39
N ASP L 180 83.62 49.80 40.29
CA ASP L 180 84.56 50.71 40.94
C ASP L 180 83.77 51.83 41.63
N LYS L 181 82.98 51.42 42.62
CA LYS L 181 82.06 52.27 43.35
C LYS L 181 82.58 52.48 44.76
N PRO L 182 83.07 53.67 45.12
CA PRO L 182 83.52 53.93 46.49
C PRO L 182 82.37 53.92 47.47
N PRO L 183 82.64 53.77 48.77
CA PRO L 183 81.59 54.00 49.78
C PRO L 183 80.99 55.39 49.72
N GLY L 184 81.83 56.42 49.61
CA GLY L 184 81.49 57.77 49.17
C GLY L 184 80.32 58.48 49.82
N PHE L 185 79.73 59.42 49.08
CA PHE L 185 78.50 60.10 49.48
C PHE L 185 77.62 60.19 48.24
N TYR L 186 76.43 59.59 48.29
CA TYR L 186 75.56 59.51 47.12
C TYR L 186 74.20 60.11 47.45
N ASN L 187 73.71 60.94 46.54
CA ASN L 187 72.49 61.70 46.78
C ASN L 187 71.26 60.81 46.68
N TRP L 188 70.13 61.36 47.12
CA TRP L 188 68.88 60.64 47.27
C TRP L 188 67.78 61.69 47.32
N HIS L 189 66.57 61.28 46.92
CA HIS L 189 65.49 62.26 46.71
C HIS L 189 65.03 62.90 48.01
N HIS L 190 65.17 62.21 49.13
CA HIS L 190 64.80 62.76 50.43
C HIS L 190 66.00 62.85 51.36
N GLY L 191 67.20 62.98 50.81
CA GLY L 191 68.38 63.06 51.65
C GLY L 191 69.65 62.60 50.95
N ALA L 192 70.41 61.72 51.61
CA ALA L 192 71.66 61.21 51.06
C ALA L 192 71.96 59.85 51.66
N VAL L 193 72.63 59.01 50.89
CA VAL L 193 73.05 57.68 51.33
C VAL L 193 74.55 57.53 51.09
N GLN L 194 75.28 57.11 52.12
CA GLN L 194 76.74 57.01 52.05
C GLN L 194 77.20 55.61 52.42
N TYR L 195 77.10 54.66 51.48
CA TYR L 195 77.53 53.28 51.66
C TYR L 195 77.45 52.60 50.30
N GLU L 196 78.34 51.65 50.04
CA GLU L 196 78.42 50.96 48.77
C GLU L 196 77.82 49.56 48.79
N ASN L 197 78.15 48.73 49.80
CA ASN L 197 77.73 47.33 49.81
C ASN L 197 76.22 47.19 49.98
N ASN L 198 75.64 47.94 50.90
CA ASN L 198 74.23 48.25 50.89
C ASN L 198 74.08 49.77 50.87
N ARG L 199 72.86 50.25 51.03
CA ARG L 199 72.68 51.69 51.18
C ARG L 199 72.80 52.07 52.64
N PHE L 200 72.87 53.38 52.88
CA PHE L 200 72.94 53.89 54.24
C PHE L 200 71.64 53.63 54.98
N THR L 201 71.76 53.29 56.25
CA THR L 201 70.60 53.15 57.11
C THR L 201 70.02 54.54 57.38
N VAL L 202 69.14 54.99 56.50
CA VAL L 202 68.51 56.30 56.57
C VAL L 202 67.61 56.35 57.80
N PRO L 203 67.44 57.51 58.45
CA PRO L 203 66.60 57.56 59.66
C PRO L 203 65.11 57.39 59.38
N ARG L 204 64.30 57.47 60.43
CA ARG L 204 62.87 57.29 60.27
C ARG L 204 62.24 58.53 59.63
N GLY L 205 60.97 58.40 59.26
CA GLY L 205 60.29 59.44 58.53
C GLY L 205 60.44 59.25 57.03
N VAL L 206 61.66 59.42 56.54
CA VAL L 206 61.97 59.02 55.17
C VAL L 206 61.92 57.50 55.06
N GLY L 207 61.27 57.00 54.02
CA GLY L 207 61.03 55.57 53.93
C GLY L 207 59.59 55.21 54.21
N GLY L 208 58.65 55.97 53.64
CA GLY L 208 57.25 55.75 53.86
C GLY L 208 56.67 54.70 52.93
N LYS L 209 55.65 55.06 52.17
CA LYS L 209 55.04 54.16 51.19
C LYS L 209 54.80 54.94 49.91
N GLY L 210 54.73 54.20 48.80
CA GLY L 210 54.60 54.85 47.50
C GLY L 210 55.85 55.59 47.07
N ASP L 211 57.01 54.98 47.26
CA ASP L 211 58.29 55.62 46.99
C ASP L 211 59.22 54.75 46.15
N SER L 212 58.99 53.43 46.11
CA SER L 212 59.91 52.50 45.45
C SER L 212 59.96 52.71 43.95
N GLY L 213 61.18 52.80 43.41
CA GLY L 213 61.42 53.17 42.03
C GLY L 213 62.31 54.38 41.85
N ARG L 214 62.74 55.03 42.93
CA ARG L 214 63.59 56.21 42.82
C ARG L 214 65.01 55.81 42.40
N PRO L 215 65.59 56.52 41.43
CA PRO L 215 67.03 56.39 41.20
C PRO L 215 67.84 56.87 42.40
N ILE L 216 69.00 56.26 42.59
CA ILE L 216 70.00 56.75 43.54
C ILE L 216 71.20 57.16 42.71
N LEU L 217 71.51 58.45 42.71
CA LEU L 217 72.49 59.00 41.80
C LEU L 217 73.79 59.35 42.52
N ASP L 218 74.85 59.50 41.75
CA ASP L 218 76.15 59.93 42.25
C ASP L 218 76.20 61.46 42.22
N ASN L 219 77.39 62.02 42.45
CA ASN L 219 77.57 63.46 42.30
C ASN L 219 77.52 63.90 40.84
N LYS L 220 77.80 62.99 39.91
CA LYS L 220 77.72 63.29 38.49
C LYS L 220 76.34 63.02 37.89
N GLY L 221 75.43 62.46 38.66
CA GLY L 221 74.11 62.14 38.16
C GLY L 221 73.97 60.76 37.54
N ARG L 222 74.87 59.84 37.83
CA ARG L 222 74.80 58.48 37.32
C ARG L 222 74.04 57.61 38.32
N VAL L 223 72.97 56.97 37.85
CA VAL L 223 72.14 56.14 38.73
C VAL L 223 72.87 54.86 39.08
N VAL L 224 72.91 54.54 40.38
CA VAL L 224 73.60 53.34 40.85
C VAL L 224 72.67 52.30 41.46
N ALA L 225 71.40 52.64 41.73
CA ALA L 225 70.50 51.72 42.40
C ALA L 225 69.06 52.14 42.12
N ILE L 226 68.15 51.21 42.40
CA ILE L 226 66.70 51.46 42.34
C ILE L 226 66.09 50.88 43.61
N VAL L 227 65.43 51.73 44.39
CA VAL L 227 64.92 51.33 45.70
C VAL L 227 63.66 50.49 45.52
N LEU L 228 63.60 49.36 46.22
CA LEU L 228 62.42 48.52 46.24
C LEU L 228 61.81 48.37 47.63
N GLY L 229 62.60 47.99 48.63
CA GLY L 229 62.04 47.64 49.93
C GLY L 229 62.80 48.12 51.15
N GLY L 230 62.51 47.54 52.30
CA GLY L 230 63.15 47.93 53.55
C GLY L 230 62.43 49.04 54.29
N VAL L 231 61.18 48.81 54.71
CA VAL L 231 60.37 49.85 55.32
C VAL L 231 60.92 50.23 56.70
N ASN L 232 61.20 49.25 57.54
CA ASN L 232 61.69 49.50 58.90
C ASN L 232 62.73 48.46 59.25
N GLU L 233 63.89 48.92 59.72
CA GLU L 233 65.01 48.04 60.05
C GLU L 233 65.60 48.41 61.40
N GLY L 234 64.74 48.59 62.39
CA GLY L 234 65.18 48.84 63.75
C GLY L 234 65.33 50.33 64.04
N SER L 235 66.53 50.73 64.45
CA SER L 235 66.80 52.14 64.73
C SER L 235 66.71 52.99 63.47
N ARG L 236 67.28 52.50 62.38
CA ARG L 236 67.21 53.17 61.09
C ARG L 236 66.88 52.16 60.01
N THR L 237 66.11 52.58 59.01
CA THR L 237 65.67 51.67 57.97
C THR L 237 66.74 51.49 56.91
N ALA L 238 66.90 50.25 56.46
CA ALA L 238 67.93 49.88 55.48
C ALA L 238 67.28 49.57 54.14
N LEU L 239 67.83 50.13 53.08
CA LEU L 239 67.23 50.05 51.76
C LEU L 239 67.46 48.69 51.13
N SER L 240 66.47 48.22 50.38
CA SER L 240 66.55 47.00 49.60
C SER L 240 66.51 47.39 48.11
N VAL L 241 67.69 47.46 47.50
CA VAL L 241 67.84 47.99 46.15
C VAL L 241 68.36 46.91 45.22
N VAL L 242 68.27 47.18 43.91
CA VAL L 242 68.97 46.41 42.89
C VAL L 242 70.29 47.11 42.58
N THR L 243 71.32 46.32 42.28
CA THR L 243 72.66 46.86 42.15
C THR L 243 73.38 46.06 41.06
N TRP L 244 74.38 46.68 40.46
CA TRP L 244 75.30 46.00 39.55
C TRP L 244 76.54 45.57 40.34
N ASN L 245 76.95 44.31 40.13
CA ASN L 245 78.01 43.72 40.95
C ASN L 245 79.40 44.14 40.52
N GLN L 246 80.42 43.38 40.97
CA GLN L 246 81.81 43.74 40.76
C GLN L 246 82.21 43.79 39.28
N LYS L 247 81.57 42.99 38.43
CA LYS L 247 81.72 43.12 36.98
C LYS L 247 80.33 43.19 36.33
N GLY L 248 79.69 44.35 36.43
CA GLY L 248 78.49 44.73 35.72
C GLY L 248 77.33 43.77 35.45
N VAL L 249 76.96 42.94 36.42
CA VAL L 249 75.77 42.11 36.31
C VAL L 249 74.79 42.54 37.40
N THR L 250 73.51 42.62 37.03
CA THR L 250 72.51 43.12 37.96
C THR L 250 72.18 42.09 39.02
N VAL L 251 72.28 42.49 40.29
CA VAL L 251 71.90 41.66 41.41
C VAL L 251 70.78 42.35 42.17
N LYS L 252 70.20 41.64 43.12
CA LYS L 252 69.21 42.19 44.03
C LYS L 252 69.70 41.96 45.45
N ASP L 253 69.80 43.04 46.22
CA ASP L 253 70.32 42.99 47.58
C ASP L 253 69.19 43.32 48.55
N THR L 254 68.94 42.42 49.50
CA THR L 254 67.90 42.61 50.49
C THR L 254 68.43 42.33 51.89
N PRO L 255 67.95 43.06 52.88
CA PRO L 255 68.17 42.67 54.27
C PRO L 255 67.13 41.67 54.72
N GLU L 256 67.38 41.06 55.88
CA GLU L 256 66.49 40.03 56.39
C GLU L 256 65.22 40.66 56.96
N GLY L 257 64.08 40.11 56.55
CA GLY L 257 62.78 40.59 57.00
C GLY L 257 62.42 41.98 56.54
N SER L 258 62.68 42.30 55.28
CA SER L 258 62.37 43.61 54.71
C SER L 258 61.06 43.51 53.94
N GLU L 259 60.01 44.12 54.48
CA GLU L 259 58.73 44.17 53.78
C GLU L 259 58.83 45.08 52.58
N PRO L 260 58.22 44.73 51.45
CA PRO L 260 58.28 45.58 50.27
C PRO L 260 57.33 46.77 50.41
N TRP L 261 57.48 47.72 49.49
CA TRP L 261 56.69 48.94 49.50
C TRP L 261 55.26 48.70 49.04
N PRO M 1 -49.58 -12.88 -33.26
CA PRO M 1 -48.82 -13.50 -32.19
C PRO M 1 -49.70 -14.36 -31.27
N THR M 2 -49.12 -14.88 -30.20
CA THR M 2 -49.83 -15.71 -29.24
C THR M 2 -49.96 -14.95 -27.93
N CYS M 3 -51.19 -14.77 -27.47
CA CYS M 3 -51.46 -14.24 -26.13
C CYS M 3 -51.48 -15.41 -25.15
N GLY M 4 -51.96 -15.17 -23.94
CA GLY M 4 -52.02 -16.21 -22.93
C GLY M 4 -53.07 -17.26 -23.24
N ALA M 5 -52.98 -18.38 -22.51
CA ALA M 5 -53.94 -19.46 -22.66
C ALA M 5 -55.33 -19.08 -22.12
N HIS M 6 -55.40 -18.09 -21.25
CA HIS M 6 -56.66 -17.56 -20.75
C HIS M 6 -57.07 -16.28 -21.46
N GLU M 7 -56.43 -15.97 -22.58
CA GLU M 7 -56.74 -14.78 -23.37
C GLU M 7 -57.07 -15.21 -24.80
N PHE M 8 -58.18 -14.70 -25.32
CA PHE M 8 -58.66 -15.04 -26.65
C PHE M 8 -58.36 -13.88 -27.59
N GLN M 9 -57.56 -14.14 -28.63
CA GLN M 9 -57.17 -13.10 -29.57
C GLN M 9 -58.23 -12.95 -30.65
N CYS M 10 -58.72 -11.72 -30.84
CA CYS M 10 -59.70 -11.47 -31.90
C CYS M 10 -59.00 -11.27 -33.24
N SER M 11 -58.22 -10.19 -33.36
CA SER M 11 -57.49 -9.81 -34.56
C SER M 11 -56.55 -8.66 -34.22
N THR M 12 -55.45 -8.57 -34.99
CA THR M 12 -54.48 -7.46 -34.95
C THR M 12 -53.91 -7.21 -33.55
N SER M 13 -53.39 -8.29 -32.94
CA SER M 13 -52.69 -8.28 -31.65
C SER M 13 -53.57 -7.74 -30.52
N SER M 14 -54.86 -8.07 -30.56
CA SER M 14 -55.81 -7.69 -29.52
C SER M 14 -56.41 -8.96 -28.93
N CYS M 15 -56.22 -9.15 -27.63
CA CYS M 15 -56.73 -10.33 -26.96
C CYS M 15 -57.49 -9.95 -25.69
N ILE M 16 -58.57 -10.67 -25.43
CA ILE M 16 -59.47 -10.44 -24.30
C ILE M 16 -59.60 -11.77 -23.55
N PRO M 17 -59.94 -11.78 -22.27
CA PRO M 17 -60.09 -13.06 -21.55
C PRO M 17 -61.28 -13.89 -22.04
N ILE M 18 -61.28 -15.15 -21.62
CA ILE M 18 -62.25 -16.13 -22.10
C ILE M 18 -63.65 -15.82 -21.60
N SER M 19 -63.78 -15.18 -20.43
CA SER M 19 -65.08 -14.81 -19.92
C SER M 19 -65.72 -13.65 -20.68
N TRP M 20 -64.96 -12.97 -21.54
CA TRP M 20 -65.45 -11.84 -22.31
C TRP M 20 -66.01 -12.26 -23.67
N VAL M 21 -66.30 -13.54 -23.87
CA VAL M 21 -66.76 -14.06 -25.15
C VAL M 21 -68.22 -14.45 -25.04
N CYS M 22 -69.01 -14.08 -26.06
CA CYS M 22 -70.45 -14.38 -26.17
C CYS M 22 -71.24 -13.81 -25.00
N ASP M 23 -70.95 -12.56 -24.64
CA ASP M 23 -71.65 -11.90 -23.55
C ASP M 23 -72.38 -10.63 -24.01
N ASP M 24 -72.75 -10.58 -25.30
CA ASP M 24 -73.47 -9.46 -25.93
C ASP M 24 -72.74 -8.13 -25.76
N ASP M 25 -71.42 -8.16 -25.88
CA ASP M 25 -70.60 -6.95 -25.72
C ASP M 25 -69.43 -7.05 -26.68
N ALA M 26 -69.39 -6.16 -27.67
CA ALA M 26 -68.35 -6.17 -28.69
C ALA M 26 -67.08 -5.57 -28.09
N ASP M 27 -66.24 -6.42 -27.52
CA ASP M 27 -64.99 -5.99 -26.91
C ASP M 27 -63.84 -5.93 -27.90
N CYS M 28 -64.08 -6.25 -29.16
CA CYS M 28 -63.05 -6.22 -30.20
C CYS M 28 -63.58 -5.50 -31.42
N SER M 29 -62.65 -4.92 -32.19
CA SER M 29 -63.05 -4.28 -33.45
C SER M 29 -63.41 -5.31 -34.50
N ASP M 30 -62.82 -6.51 -34.43
CA ASP M 30 -63.16 -7.59 -35.35
C ASP M 30 -64.50 -8.21 -35.04
N GLN M 31 -65.03 -7.99 -33.83
CA GLN M 31 -66.28 -8.58 -33.32
C GLN M 31 -66.23 -10.10 -33.39
N SER M 32 -65.07 -10.67 -33.03
CA SER M 32 -64.91 -12.12 -33.06
C SER M 32 -65.68 -12.80 -31.94
N ASP M 33 -65.86 -12.12 -30.81
CA ASP M 33 -66.51 -12.70 -29.65
C ASP M 33 -68.03 -12.56 -29.68
N GLU M 34 -68.59 -12.02 -30.78
CA GLU M 34 -70.02 -12.04 -31.00
C GLU M 34 -70.34 -12.35 -32.47
N SER M 35 -69.46 -13.09 -33.13
CA SER M 35 -69.65 -13.42 -34.54
C SER M 35 -70.72 -14.50 -34.69
N LEU M 36 -71.12 -14.71 -35.95
CA LEU M 36 -72.12 -15.73 -36.24
C LEU M 36 -71.55 -17.15 -36.13
N GLU M 37 -70.23 -17.30 -36.16
CA GLU M 37 -69.59 -18.61 -36.12
C GLU M 37 -69.24 -19.04 -34.69
N GLN M 38 -68.55 -18.18 -33.94
CA GLN M 38 -68.10 -18.54 -32.60
C GLN M 38 -69.28 -18.61 -31.63
N CYS M 39 -70.12 -17.59 -31.62
CA CYS M 39 -71.27 -17.58 -30.71
C CYS M 39 -72.38 -18.49 -31.19
N GLY M 40 -72.63 -18.52 -32.50
CA GLY M 40 -73.71 -19.32 -33.03
C GLY M 40 -75.09 -18.77 -32.78
N ARG M 41 -75.21 -17.48 -32.51
CA ARG M 41 -76.51 -16.86 -32.26
C ARG M 41 -77.19 -16.47 -33.55
N PRO N 1 -49.08 -26.42 1.46
CA PRO N 1 -48.07 -26.20 0.42
C PRO N 1 -48.49 -26.74 -0.94
N THR N 2 -49.37 -26.00 -1.62
CA THR N 2 -49.85 -26.39 -2.94
C THR N 2 -48.93 -25.80 -4.00
N CYS N 3 -48.22 -26.67 -4.72
CA CYS N 3 -47.32 -26.24 -5.77
C CYS N 3 -48.05 -26.17 -7.10
N GLY N 4 -47.34 -25.73 -8.13
CA GLY N 4 -47.93 -25.49 -9.43
C GLY N 4 -48.18 -26.76 -10.23
N ALA N 5 -48.50 -26.55 -11.50
CA ALA N 5 -48.84 -27.65 -12.39
C ALA N 5 -47.62 -28.38 -12.95
N HIS N 6 -46.42 -27.82 -12.79
CA HIS N 6 -45.20 -28.45 -13.28
C HIS N 6 -44.27 -28.89 -12.15
N GLU N 7 -44.76 -28.93 -10.91
CA GLU N 7 -43.95 -29.31 -9.76
C GLU N 7 -44.61 -30.46 -9.03
N PHE N 8 -43.80 -31.40 -8.55
CA PHE N 8 -44.27 -32.55 -7.79
C PHE N 8 -43.84 -32.38 -6.33
N GLN N 9 -44.79 -32.56 -5.42
CA GLN N 9 -44.56 -32.37 -3.99
C GLN N 9 -44.34 -33.72 -3.32
N CYS N 10 -43.21 -33.86 -2.63
CA CYS N 10 -42.89 -35.14 -1.99
C CYS N 10 -43.63 -35.30 -0.66
N SER N 11 -43.28 -34.47 0.32
CA SER N 11 -43.89 -34.41 1.64
C SER N 11 -43.32 -33.20 2.38
N THR N 12 -44.20 -32.49 3.10
CA THR N 12 -43.86 -31.39 4.01
C THR N 12 -43.07 -30.28 3.33
N SER N 13 -43.71 -29.66 2.33
CA SER N 13 -43.22 -28.51 1.58
C SER N 13 -41.86 -28.78 0.92
N SER N 14 -41.87 -29.75 -0.01
CA SER N 14 -40.70 -30.09 -0.80
C SER N 14 -41.15 -30.36 -2.22
N CYS N 15 -40.89 -29.42 -3.12
CA CYS N 15 -41.38 -29.49 -4.50
C CYS N 15 -40.22 -29.64 -5.47
N ILE N 16 -40.35 -30.57 -6.40
CA ILE N 16 -39.38 -30.80 -7.47
C ILE N 16 -40.16 -30.91 -8.78
N PRO N 17 -39.55 -30.63 -9.94
CA PRO N 17 -40.29 -30.75 -11.20
C PRO N 17 -40.63 -32.18 -11.55
N ILE N 18 -41.57 -32.30 -12.51
CA ILE N 18 -42.10 -33.61 -12.91
C ILE N 18 -41.04 -34.43 -13.63
N SER N 19 -40.08 -33.76 -14.29
CA SER N 19 -38.99 -34.48 -14.94
C SER N 19 -38.01 -35.11 -13.95
N TRP N 20 -38.07 -34.70 -12.68
CA TRP N 20 -37.21 -35.25 -11.65
C TRP N 20 -37.83 -36.47 -10.96
N VAL N 21 -38.98 -36.93 -11.43
CA VAL N 21 -39.69 -38.05 -10.84
C VAL N 21 -39.35 -39.32 -11.61
N CYS N 22 -38.95 -40.37 -10.88
CA CYS N 22 -38.55 -41.68 -11.42
C CYS N 22 -37.40 -41.56 -12.42
N ASP N 23 -36.25 -41.07 -11.92
CA ASP N 23 -35.07 -40.92 -12.77
C ASP N 23 -33.81 -41.41 -12.07
N ASP N 24 -33.94 -42.42 -11.21
CA ASP N 24 -32.83 -43.09 -10.50
C ASP N 24 -31.99 -42.11 -9.67
N ASP N 25 -32.67 -41.19 -9.00
CA ASP N 25 -32.01 -40.21 -8.13
C ASP N 25 -32.99 -39.78 -7.06
N ALA N 26 -32.54 -39.79 -5.81
CA ALA N 26 -33.38 -39.41 -4.68
C ALA N 26 -33.22 -37.92 -4.43
N ASP N 27 -34.22 -37.15 -4.86
CA ASP N 27 -34.23 -35.70 -4.64
C ASP N 27 -34.99 -35.31 -3.37
N CYS N 28 -35.58 -36.26 -2.67
CA CYS N 28 -36.33 -35.99 -1.45
C CYS N 28 -35.89 -36.95 -0.36
N SER N 29 -35.93 -36.46 0.89
CA SER N 29 -35.66 -37.34 2.02
C SER N 29 -36.80 -38.30 2.28
N ASP N 30 -38.01 -37.97 1.82
CA ASP N 30 -39.13 -38.91 1.88
C ASP N 30 -38.95 -40.05 0.89
N GLN N 31 -38.21 -39.81 -0.20
CA GLN N 31 -37.95 -40.76 -1.29
C GLN N 31 -39.24 -41.26 -1.92
N SER N 32 -40.25 -40.39 -2.00
CA SER N 32 -41.53 -40.76 -2.58
C SER N 32 -41.49 -40.79 -4.10
N ASP N 33 -40.63 -39.98 -4.72
CA ASP N 33 -40.58 -39.93 -6.18
C ASP N 33 -39.93 -41.16 -6.79
N GLU N 34 -39.15 -41.91 -6.01
CA GLU N 34 -38.51 -43.14 -6.47
C GLU N 34 -38.96 -44.33 -5.64
N SER N 35 -40.21 -44.32 -5.18
CA SER N 35 -40.73 -45.38 -4.33
C SER N 35 -41.16 -46.57 -5.18
N LEU N 36 -41.65 -47.62 -4.50
CA LEU N 36 -42.09 -48.82 -5.20
C LEU N 36 -43.44 -48.62 -5.90
N GLU N 37 -44.30 -47.78 -5.33
CA GLU N 37 -45.64 -47.58 -5.88
C GLU N 37 -45.70 -46.44 -6.90
N GLN N 38 -44.99 -45.35 -6.64
CA GLN N 38 -45.03 -44.19 -7.54
C GLN N 38 -44.32 -44.49 -8.85
N CYS N 39 -43.18 -45.19 -8.79
CA CYS N 39 -42.46 -45.53 -10.01
C CYS N 39 -43.11 -46.68 -10.77
N GLY N 40 -43.79 -47.57 -10.06
CA GLY N 40 -44.37 -48.75 -10.67
C GLY N 40 -43.42 -49.90 -10.88
N ARG N 41 -42.17 -49.78 -10.43
CA ARG N 41 -41.20 -50.87 -10.54
C ARG N 41 -41.14 -51.66 -9.24
N PRO O 1 18.90 -35.36 -57.56
CA PRO O 1 20.19 -36.05 -57.58
C PRO O 1 20.16 -37.36 -56.81
N THR O 2 21.32 -38.01 -56.69
CA THR O 2 21.46 -39.27 -55.96
C THR O 2 22.30 -39.05 -54.71
N CYS O 3 22.06 -39.88 -53.70
CA CYS O 3 22.83 -39.84 -52.46
C CYS O 3 24.00 -40.81 -52.57
N GLY O 4 24.77 -40.94 -51.49
CA GLY O 4 25.98 -41.73 -51.49
C GLY O 4 25.71 -43.21 -51.42
N ALA O 5 26.82 -43.97 -51.35
CA ALA O 5 26.72 -45.43 -51.32
C ALA O 5 26.22 -45.95 -49.98
N HIS O 6 26.35 -45.18 -48.91
CA HIS O 6 25.87 -45.57 -47.60
C HIS O 6 24.50 -45.01 -47.27
N GLU O 7 23.84 -44.37 -48.23
CA GLU O 7 22.53 -43.76 -48.04
C GLU O 7 21.56 -44.25 -49.09
N PHE O 8 20.34 -44.53 -48.67
CA PHE O 8 19.27 -44.97 -49.56
C PHE O 8 18.27 -43.81 -49.71
N GLN O 9 18.10 -43.34 -50.94
CA GLN O 9 17.22 -42.22 -51.20
C GLN O 9 15.77 -42.68 -51.27
N CYS O 10 14.91 -42.04 -50.48
CA CYS O 10 13.48 -42.35 -50.54
C CYS O 10 12.80 -41.59 -51.68
N SER O 11 12.76 -40.26 -51.57
CA SER O 11 12.13 -39.36 -52.52
C SER O 11 12.50 -37.94 -52.12
N THR O 12 12.50 -37.04 -53.13
CA THR O 12 12.68 -35.59 -52.96
C THR O 12 13.97 -35.24 -52.22
N SER O 13 15.06 -35.91 -52.63
CA SER O 13 16.44 -35.62 -52.16
C SER O 13 16.59 -35.75 -50.65
N SER O 14 15.96 -36.77 -50.07
CA SER O 14 16.07 -37.08 -48.65
C SER O 14 16.42 -38.55 -48.52
N CYS O 15 17.61 -38.84 -48.01
CA CYS O 15 18.12 -40.21 -47.95
C CYS O 15 18.38 -40.64 -46.52
N ILE O 16 18.28 -41.95 -46.29
CA ILE O 16 18.47 -42.57 -44.99
C ILE O 16 19.51 -43.68 -45.15
N PRO O 17 20.17 -44.09 -44.05
CA PRO O 17 21.13 -45.19 -44.13
C PRO O 17 20.51 -46.52 -44.55
N ILE O 18 21.39 -47.44 -44.95
CA ILE O 18 20.98 -48.70 -45.56
C ILE O 18 20.30 -49.60 -44.55
N SER O 19 20.73 -49.59 -43.29
CA SER O 19 20.07 -50.37 -42.26
C SER O 19 18.74 -49.78 -41.82
N TRP O 20 18.42 -48.56 -42.25
CA TRP O 20 17.20 -47.87 -41.85
C TRP O 20 16.02 -48.17 -42.77
N VAL O 21 16.11 -49.24 -43.58
CA VAL O 21 15.07 -49.62 -44.51
C VAL O 21 14.45 -50.92 -44.03
N CYS O 22 13.10 -50.97 -44.04
CA CYS O 22 12.30 -52.09 -43.55
C CYS O 22 12.63 -52.43 -42.09
N ASP O 23 12.63 -51.40 -41.25
CA ASP O 23 12.95 -51.55 -39.84
C ASP O 23 11.84 -50.98 -38.97
N ASP O 24 10.59 -51.13 -39.44
CA ASP O 24 9.35 -50.76 -38.73
C ASP O 24 9.30 -49.27 -38.39
N ASP O 25 9.92 -48.43 -39.23
CA ASP O 25 9.96 -47.00 -38.98
C ASP O 25 9.89 -46.26 -40.31
N ALA O 26 8.86 -45.44 -40.48
CA ALA O 26 8.72 -44.61 -41.67
C ALA O 26 9.49 -43.31 -41.44
N ASP O 27 10.80 -43.41 -41.59
CA ASP O 27 11.68 -42.27 -41.40
C ASP O 27 11.53 -41.18 -42.47
N CYS O 28 11.11 -41.57 -43.66
CA CYS O 28 11.09 -40.67 -44.81
C CYS O 28 9.75 -39.96 -44.87
N SER O 29 9.75 -38.79 -45.52
CA SER O 29 8.53 -37.98 -45.62
C SER O 29 7.52 -38.64 -46.54
N ASP O 30 7.98 -39.32 -47.59
CA ASP O 30 7.08 -40.00 -48.52
C ASP O 30 6.79 -41.44 -48.06
N GLN O 31 7.44 -41.86 -46.99
CA GLN O 31 7.30 -43.21 -46.42
C GLN O 31 7.49 -44.29 -47.49
N SER O 32 8.47 -44.08 -48.38
CA SER O 32 8.71 -45.02 -49.46
C SER O 32 9.38 -46.30 -48.99
N ASP O 33 10.08 -46.23 -47.86
CA ASP O 33 10.81 -47.40 -47.34
C ASP O 33 9.98 -48.63 -46.95
N GLU O 34 8.84 -48.43 -46.29
CA GLU O 34 8.00 -49.55 -45.85
C GLU O 34 6.88 -49.96 -46.80
N SER O 35 6.93 -49.39 -48.00
CA SER O 35 5.95 -49.66 -49.02
C SER O 35 5.99 -51.16 -49.28
N LEU O 36 4.86 -51.68 -49.71
CA LEU O 36 4.72 -53.11 -49.93
C LEU O 36 5.75 -53.60 -50.91
N GLU O 37 6.23 -52.75 -51.80
CA GLU O 37 7.20 -53.26 -52.76
C GLU O 37 8.59 -53.41 -52.16
N GLN O 38 9.10 -52.37 -51.51
CA GLN O 38 10.43 -52.45 -50.92
C GLN O 38 10.46 -53.32 -49.68
N CYS O 39 9.37 -53.34 -48.92
CA CYS O 39 9.29 -54.17 -47.72
C CYS O 39 8.58 -55.49 -47.97
N GLY O 40 7.57 -55.51 -48.84
CA GLY O 40 6.86 -56.73 -49.17
C GLY O 40 5.76 -57.11 -48.21
N ARG O 41 5.54 -56.34 -47.15
CA ARG O 41 4.52 -56.67 -46.16
C ARG O 41 3.15 -56.12 -46.57
N PRO P 1 26.47 -70.54 27.16
CA PRO P 1 25.53 -69.52 27.65
C PRO P 1 24.07 -70.00 27.59
N THR P 2 23.37 -69.88 28.72
CA THR P 2 21.98 -70.31 28.83
C THR P 2 21.09 -69.10 29.09
N CYS P 3 20.02 -68.98 28.32
CA CYS P 3 19.02 -67.93 28.52
C CYS P 3 17.98 -68.41 29.55
N GLY P 4 16.88 -67.67 29.65
CA GLY P 4 15.83 -68.02 30.58
C GLY P 4 14.97 -69.17 30.08
N ALA P 5 13.96 -69.50 30.89
CA ALA P 5 13.07 -70.60 30.54
C ALA P 5 12.08 -70.22 29.44
N HIS P 6 11.87 -68.93 29.21
CA HIS P 6 10.94 -68.46 28.19
C HIS P 6 11.68 -67.93 26.96
N GLU P 7 12.85 -68.48 26.64
CA GLU P 7 13.64 -68.06 25.51
C GLU P 7 14.24 -69.26 24.80
N PHE P 8 14.14 -69.28 23.48
CA PHE P 8 14.70 -70.33 22.65
C PHE P 8 15.99 -69.82 22.03
N GLN P 9 17.07 -70.57 22.20
CA GLN P 9 18.41 -70.09 21.89
C GLN P 9 18.84 -70.74 20.58
N CYS P 10 19.03 -69.93 19.54
CA CYS P 10 19.34 -70.49 18.22
C CYS P 10 20.82 -70.87 18.10
N SER P 11 21.70 -69.88 18.12
CA SER P 11 23.15 -70.01 18.01
C SER P 11 23.75 -68.64 18.28
N THR P 12 25.05 -68.64 18.58
CA THR P 12 25.88 -67.44 18.78
C THR P 12 25.32 -66.52 19.87
N SER P 13 24.80 -67.13 20.94
CA SER P 13 24.43 -66.46 22.20
C SER P 13 23.34 -65.41 22.03
N SER P 14 22.47 -65.58 21.04
CA SER P 14 21.29 -64.74 20.84
C SER P 14 20.05 -65.60 20.89
N CYS P 15 19.14 -65.28 21.79
CA CYS P 15 17.97 -66.12 22.05
C CYS P 15 16.69 -65.32 21.90
N ILE P 16 15.67 -65.96 21.33
CA ILE P 16 14.37 -65.37 21.04
C ILE P 16 13.32 -66.11 21.87
N PRO P 17 12.18 -65.51 22.21
CA PRO P 17 11.21 -66.19 23.07
C PRO P 17 10.51 -67.36 22.39
N ILE P 18 9.88 -68.19 23.23
CA ILE P 18 9.16 -69.38 22.77
C ILE P 18 7.93 -69.04 21.96
N SER P 19 7.40 -67.82 22.10
CA SER P 19 6.29 -67.40 21.25
C SER P 19 6.72 -67.01 19.85
N TRP P 20 8.02 -66.96 19.57
CA TRP P 20 8.54 -66.45 18.31
C TRP P 20 9.10 -67.55 17.40
N VAL P 21 8.91 -68.82 17.74
CA VAL P 21 9.47 -69.91 16.96
C VAL P 21 8.34 -70.55 16.16
N CYS P 22 8.67 -71.01 14.94
CA CYS P 22 7.76 -71.71 14.01
C CYS P 22 6.60 -70.80 13.59
N ASP P 23 6.95 -69.58 13.17
CA ASP P 23 5.92 -68.59 12.83
C ASP P 23 6.21 -67.84 11.54
N ASP P 24 7.04 -68.41 10.65
CA ASP P 24 7.38 -67.86 9.33
C ASP P 24 8.02 -66.47 9.45
N ASP P 25 9.09 -66.40 10.24
CA ASP P 25 9.85 -65.17 10.41
C ASP P 25 11.31 -65.51 10.66
N ALA P 26 12.18 -64.55 10.36
CA ALA P 26 13.62 -64.71 10.57
C ALA P 26 14.02 -63.89 11.79
N ASP P 27 13.88 -64.50 12.96
CA ASP P 27 14.24 -63.85 14.22
C ASP P 27 15.64 -64.23 14.71
N CYS P 28 16.35 -65.10 13.97
CA CYS P 28 17.73 -65.41 14.25
C CYS P 28 18.51 -65.38 12.94
N SER P 29 19.83 -65.16 13.06
CA SER P 29 20.66 -64.99 11.87
C SER P 29 20.93 -66.30 11.16
N ASP P 30 20.68 -67.42 11.84
CA ASP P 30 20.89 -68.76 11.27
C ASP P 30 19.63 -69.51 10.80
N GLN P 31 18.47 -68.92 11.04
CA GLN P 31 17.17 -69.49 10.67
C GLN P 31 16.91 -70.83 11.33
N SER P 32 17.32 -70.96 12.58
CA SER P 32 17.07 -72.21 13.31
C SER P 32 15.64 -72.31 13.83
N ASP P 33 14.93 -71.19 13.93
CA ASP P 33 13.57 -71.23 14.45
C ASP P 33 12.56 -71.75 13.44
N GLU P 34 12.91 -71.79 12.15
CA GLU P 34 12.04 -72.34 11.12
C GLU P 34 12.70 -73.50 10.38
N SER P 35 13.59 -74.21 11.06
CA SER P 35 14.26 -75.34 10.45
C SER P 35 13.37 -76.57 10.45
N LEU P 36 13.83 -77.62 9.75
CA LEU P 36 13.03 -78.83 9.58
C LEU P 36 12.96 -79.67 10.84
N GLU P 37 13.87 -79.47 11.80
CA GLU P 37 13.89 -80.26 13.01
C GLU P 37 12.97 -79.73 14.10
N GLN P 38 12.42 -78.53 13.95
CA GLN P 38 11.50 -77.96 14.92
C GLN P 38 10.08 -77.86 14.40
N CYS P 39 9.88 -77.18 13.26
CA CYS P 39 8.55 -77.09 12.67
C CYS P 39 8.11 -78.39 12.02
N GLY P 40 9.05 -79.14 11.43
CA GLY P 40 8.72 -80.36 10.73
C GLY P 40 7.94 -80.15 9.45
N ARG P 41 8.28 -79.13 8.67
CA ARG P 41 7.59 -78.86 7.43
C ARG P 41 8.15 -79.71 6.30
N ARG Q 1 -13.37 -20.98 -78.63
CA ARG Q 1 -14.81 -21.00 -78.45
C ARG Q 1 -15.44 -22.12 -79.27
N THR Q 2 -16.75 -21.96 -79.53
CA THR Q 2 -17.58 -22.91 -80.30
C THR Q 2 -17.52 -24.32 -79.73
N CYS Q 3 -17.66 -24.42 -78.40
CA CYS Q 3 -17.67 -25.69 -77.71
C CYS Q 3 -19.12 -26.20 -77.60
N ARG Q 4 -19.33 -27.19 -76.75
CA ARG Q 4 -20.66 -27.77 -76.54
C ARG Q 4 -21.57 -26.78 -75.83
N ILE Q 5 -22.88 -27.02 -75.93
CA ILE Q 5 -23.86 -26.19 -75.24
C ILE Q 5 -23.80 -26.38 -73.73
N HIS Q 6 -23.30 -27.52 -73.27
CA HIS Q 6 -23.13 -27.78 -71.85
C HIS Q 6 -21.72 -27.46 -71.35
N GLU Q 7 -20.84 -26.96 -72.22
CA GLU Q 7 -19.44 -26.73 -71.88
C GLU Q 7 -19.03 -25.35 -72.37
N ILE Q 8 -18.86 -24.41 -71.46
CA ILE Q 8 -18.42 -23.06 -71.83
C ILE Q 8 -16.92 -23.03 -72.00
N SER Q 9 -16.45 -22.04 -72.75
CA SER Q 9 -15.03 -21.81 -72.96
C SER Q 9 -14.51 -20.79 -71.95
N CYS Q 10 -13.25 -20.96 -71.55
CA CYS Q 10 -12.68 -20.21 -70.44
C CYS Q 10 -11.40 -19.52 -70.90
N GLY Q 11 -11.37 -18.18 -70.75
CA GLY Q 11 -10.19 -17.38 -70.96
C GLY Q 11 -10.05 -16.79 -72.35
N ALA Q 12 -10.70 -17.40 -73.35
CA ALA Q 12 -10.69 -17.00 -74.77
C ALA Q 12 -9.28 -16.99 -75.38
N HIS Q 13 -8.33 -17.69 -74.77
CA HIS Q 13 -7.00 -17.87 -75.32
C HIS Q 13 -6.67 -19.34 -75.55
N SER Q 14 -6.92 -20.19 -74.55
CA SER Q 14 -6.83 -21.64 -74.71
C SER Q 14 -8.19 -22.30 -74.84
N THR Q 15 -9.23 -21.66 -74.29
CA THR Q 15 -10.64 -22.07 -74.38
C THR Q 15 -10.85 -23.50 -73.87
N GLN Q 16 -10.57 -23.69 -72.58
CA GLN Q 16 -10.81 -24.97 -71.94
C GLN Q 16 -12.31 -25.16 -71.69
N CYS Q 17 -12.83 -26.31 -72.08
CA CYS Q 17 -14.26 -26.60 -72.00
C CYS Q 17 -14.55 -27.26 -70.66
N ILE Q 18 -15.30 -26.56 -69.81
CA ILE Q 18 -15.71 -27.06 -68.49
C ILE Q 18 -17.22 -26.91 -68.39
N PRO Q 19 -17.91 -27.74 -67.59
CA PRO Q 19 -19.37 -27.59 -67.47
C PRO Q 19 -19.77 -26.27 -66.83
N VAL Q 20 -20.94 -25.77 -67.23
CA VAL Q 20 -21.39 -24.43 -66.86
C VAL Q 20 -21.88 -24.33 -65.42
N SER Q 21 -22.04 -25.47 -64.73
CA SER Q 21 -22.48 -25.45 -63.34
C SER Q 21 -21.37 -25.10 -62.36
N TRP Q 22 -20.12 -25.03 -62.81
CA TRP Q 22 -18.99 -24.72 -61.95
C TRP Q 22 -18.68 -23.22 -62.00
N ARG Q 23 -19.66 -22.42 -61.60
CA ARG Q 23 -19.53 -20.98 -61.50
C ARG Q 23 -20.00 -20.53 -60.12
N CYS Q 24 -19.28 -19.54 -59.57
CA CYS Q 24 -19.49 -19.02 -58.21
C CYS Q 24 -19.42 -20.13 -57.16
N ASP Q 25 -18.49 -21.07 -57.35
CA ASP Q 25 -18.29 -22.16 -56.42
C ASP Q 25 -17.24 -21.87 -55.37
N GLY Q 26 -16.35 -20.90 -55.61
CA GLY Q 26 -15.32 -20.54 -54.66
C GLY Q 26 -13.94 -21.05 -55.00
N GLU Q 27 -13.81 -21.93 -55.99
CA GLU Q 27 -12.52 -22.49 -56.37
C GLU Q 27 -12.27 -22.26 -57.85
N ASN Q 28 -11.00 -22.12 -58.19
CA ASN Q 28 -10.60 -21.99 -59.59
C ASN Q 28 -10.60 -23.36 -60.27
N ASP Q 29 -11.14 -23.40 -61.49
CA ASP Q 29 -11.20 -24.64 -62.25
C ASP Q 29 -10.59 -24.48 -63.64
N CYS Q 30 -9.89 -23.38 -63.88
CA CYS Q 30 -9.22 -23.12 -65.14
C CYS Q 30 -7.71 -23.05 -64.92
N ASP Q 31 -6.98 -22.97 -66.02
CA ASP Q 31 -5.54 -22.70 -65.93
C ASP Q 31 -5.28 -21.25 -65.57
N SER Q 32 -6.20 -20.35 -65.91
CA SER Q 32 -6.08 -18.93 -65.58
C SER Q 32 -6.84 -18.63 -64.29
N GLY Q 33 -6.95 -17.34 -63.98
CA GLY Q 33 -7.60 -16.90 -62.76
C GLY Q 33 -8.84 -16.05 -62.98
N GLU Q 34 -9.67 -16.45 -63.95
CA GLU Q 34 -10.88 -15.72 -64.28
C GLU Q 34 -12.15 -16.45 -63.85
N ASP Q 35 -12.04 -17.38 -62.91
CA ASP Q 35 -13.15 -18.26 -62.59
C ASP Q 35 -14.15 -17.63 -61.61
N GLU Q 36 -13.72 -16.66 -60.81
CA GLU Q 36 -14.51 -16.18 -59.68
C GLU Q 36 -14.83 -14.69 -59.76
N GLU Q 37 -15.28 -14.23 -60.92
CA GLU Q 37 -15.76 -12.86 -61.07
C GLU Q 37 -16.91 -12.85 -62.09
N ASN Q 38 -17.54 -11.68 -62.22
CA ASN Q 38 -18.71 -11.45 -63.08
C ASN Q 38 -19.86 -12.41 -62.76
N CYS Q 39 -20.05 -12.67 -61.48
CA CYS Q 39 -21.11 -13.57 -61.02
C CYS Q 39 -21.99 -12.90 -59.99
N GLY Q 40 -23.30 -13.07 -60.13
CA GLY Q 40 -24.26 -12.48 -59.21
C GLY Q 40 -24.15 -13.05 -57.81
N ASN Q 41 -24.32 -12.20 -56.81
CA ASN Q 41 -24.23 -12.61 -55.42
C ASN Q 41 -25.39 -13.53 -55.02
N ARG R 1 -87.40 -24.52 43.31
CA ARG R 1 -86.88 -25.87 43.47
C ARG R 1 -88.03 -26.88 43.55
N THR R 2 -87.65 -28.17 43.52
CA THR R 2 -88.56 -29.32 43.46
C THR R 2 -89.54 -29.20 42.28
N CYS R 3 -89.03 -28.71 41.16
CA CYS R 3 -89.80 -28.61 39.92
C CYS R 3 -89.55 -29.86 39.07
N ARG R 4 -89.92 -29.80 37.80
CA ARG R 4 -89.64 -30.89 36.87
C ARG R 4 -88.14 -30.99 36.59
N ILE R 5 -87.75 -32.13 36.03
CA ILE R 5 -86.33 -32.38 35.78
C ILE R 5 -85.80 -31.52 34.64
N HIS R 6 -86.66 -31.20 33.65
CA HIS R 6 -86.21 -30.46 32.48
C HIS R 6 -85.97 -28.99 32.76
N GLU R 7 -86.74 -28.39 33.67
CA GLU R 7 -86.67 -26.96 33.93
C GLU R 7 -86.35 -26.68 35.40
N ILE R 8 -85.49 -25.69 35.63
CA ILE R 8 -85.02 -25.39 36.99
C ILE R 8 -85.56 -24.03 37.44
N SER R 9 -85.25 -23.65 38.67
CA SER R 9 -85.77 -22.41 39.25
C SER R 9 -84.75 -21.28 39.15
N CYS R 10 -85.27 -20.06 39.12
CA CYS R 10 -84.46 -18.85 39.09
C CYS R 10 -85.00 -17.86 40.13
N GLY R 11 -84.12 -16.99 40.61
CA GLY R 11 -84.46 -16.02 41.62
C GLY R 11 -84.29 -16.51 43.05
N ALA R 12 -84.26 -17.83 43.26
CA ALA R 12 -84.00 -18.55 44.51
C ALA R 12 -85.08 -18.38 45.58
N HIS R 13 -86.10 -17.54 45.34
CA HIS R 13 -87.21 -17.40 46.27
C HIS R 13 -88.56 -17.69 45.63
N SER R 14 -88.84 -17.10 44.47
CA SER R 14 -90.13 -17.28 43.82
C SER R 14 -90.25 -18.63 43.10
N THR R 15 -89.10 -19.25 42.76
CA THR R 15 -89.01 -20.57 42.12
C THR R 15 -89.81 -20.62 40.81
N GLN R 16 -89.37 -19.81 39.85
CA GLN R 16 -89.98 -19.80 38.52
C GLN R 16 -89.28 -20.83 37.64
N CYS R 17 -90.06 -21.79 37.13
CA CYS R 17 -89.51 -22.96 36.45
C CYS R 17 -89.11 -22.58 35.02
N ILE R 18 -87.82 -22.29 34.82
CA ILE R 18 -87.29 -21.98 33.49
C ILE R 18 -86.37 -23.12 33.05
N PRO R 19 -86.25 -23.39 31.76
CA PRO R 19 -85.37 -24.47 31.30
C PRO R 19 -83.89 -24.18 31.52
N VAL R 20 -83.11 -25.26 31.59
CA VAL R 20 -81.67 -25.15 31.78
C VAL R 20 -80.98 -24.63 30.53
N SER R 21 -81.60 -24.83 29.36
CA SER R 21 -80.98 -24.42 28.10
C SER R 21 -80.96 -22.91 27.93
N TRP R 22 -81.82 -22.19 28.64
CA TRP R 22 -81.87 -20.72 28.55
C TRP R 22 -80.92 -20.14 29.59
N ARG R 23 -79.62 -20.35 29.37
CA ARG R 23 -78.62 -19.84 30.30
C ARG R 23 -77.52 -19.12 29.53
N CYS R 24 -77.18 -17.92 29.97
CA CYS R 24 -76.08 -17.16 29.37
C CYS R 24 -76.23 -16.89 27.88
N ASP R 25 -77.46 -16.70 27.42
CA ASP R 25 -77.70 -16.36 26.03
C ASP R 25 -77.60 -14.87 25.75
N GLY R 26 -77.33 -14.05 26.77
CA GLY R 26 -77.17 -12.63 26.61
C GLY R 26 -78.34 -11.79 27.07
N GLU R 27 -79.46 -12.42 27.43
CA GLU R 27 -80.67 -11.70 27.82
C GLU R 27 -81.21 -12.24 29.14
N ASN R 28 -81.83 -11.36 29.90
CA ASN R 28 -82.50 -11.77 31.13
C ASN R 28 -83.84 -12.41 30.82
N ASP R 29 -84.16 -13.50 31.52
CA ASP R 29 -85.40 -14.22 31.28
C ASP R 29 -86.16 -14.51 32.58
N CYS R 30 -85.96 -13.69 33.61
CA CYS R 30 -86.66 -13.83 34.88
C CYS R 30 -87.09 -12.46 35.37
N ASP R 31 -87.91 -12.47 36.42
CA ASP R 31 -88.28 -11.23 37.09
C ASP R 31 -87.08 -10.59 37.77
N SER R 32 -86.19 -11.38 38.33
CA SER R 32 -84.96 -10.89 38.93
C SER R 32 -83.88 -10.76 37.85
N GLY R 33 -82.67 -10.40 38.28
CA GLY R 33 -81.57 -10.19 37.37
C GLY R 33 -80.39 -11.11 37.60
N GLU R 34 -80.65 -12.38 37.88
CA GLU R 34 -79.59 -13.36 38.12
C GLU R 34 -79.49 -14.39 36.99
N ASP R 35 -79.71 -13.97 35.74
CA ASP R 35 -79.68 -14.90 34.62
C ASP R 35 -78.33 -14.93 33.92
N GLU R 36 -77.51 -13.89 34.08
CA GLU R 36 -76.35 -13.65 33.24
C GLU R 36 -75.05 -13.50 34.03
N GLU R 37 -74.78 -14.43 34.95
CA GLU R 37 -73.53 -14.40 35.71
C GLU R 37 -72.85 -15.76 35.72
N ASN R 38 -71.52 -15.72 35.81
CA ASN R 38 -70.58 -16.86 35.87
C ASN R 38 -70.83 -17.94 34.80
N CYS R 39 -71.27 -17.51 33.62
CA CYS R 39 -71.35 -18.40 32.46
C CYS R 39 -70.38 -17.90 31.39
N GLY R 40 -69.50 -18.78 30.94
CA GLY R 40 -68.55 -18.45 29.90
C GLY R 40 -68.91 -19.07 28.57
N ASN R 41 -68.47 -18.44 27.48
CA ASN R 41 -68.78 -18.93 26.14
C ASN R 41 -67.91 -20.13 25.78
N ARG S 1 58.34 -84.50 6.01
CA ARG S 1 58.60 -84.40 4.58
C ARG S 1 58.54 -85.77 3.91
N THR S 2 59.34 -85.94 2.84
CA THR S 2 59.34 -87.10 1.96
C THR S 2 57.93 -87.40 1.45
N CYS S 3 57.39 -86.41 0.73
CA CYS S 3 55.99 -86.38 0.34
C CYS S 3 55.82 -87.04 -1.04
N ARG S 4 54.64 -86.90 -1.63
CA ARG S 4 54.42 -87.32 -3.00
C ARG S 4 55.19 -86.41 -3.96
N ILE S 5 55.58 -86.96 -5.11
CA ILE S 5 56.38 -86.22 -6.07
C ILE S 5 55.57 -85.13 -6.78
N HIS S 6 54.24 -85.22 -6.76
CA HIS S 6 53.38 -84.21 -7.34
C HIS S 6 52.94 -83.16 -6.33
N GLU S 7 53.39 -83.26 -5.08
CA GLU S 7 53.07 -82.30 -4.03
C GLU S 7 54.36 -81.76 -3.41
N ILE S 8 54.22 -80.65 -2.70
CA ILE S 8 55.33 -80.03 -1.98
C ILE S 8 54.91 -79.77 -0.55
N SER S 9 55.82 -80.05 0.39
CA SER S 9 55.56 -79.78 1.80
C SER S 9 55.76 -78.29 2.09
N CYS S 10 54.80 -77.70 2.82
CA CYS S 10 54.89 -76.31 3.22
C CYS S 10 55.21 -76.22 4.71
N GLY S 11 56.04 -75.26 5.08
CA GLY S 11 56.40 -75.05 6.48
C GLY S 11 57.48 -75.95 7.06
N ALA S 12 57.43 -77.25 6.76
CA ALA S 12 58.35 -78.29 7.25
C ALA S 12 58.38 -78.35 8.78
N HIS S 13 57.25 -78.06 9.42
CA HIS S 13 57.10 -78.18 10.87
C HIS S 13 55.99 -79.13 11.25
N SER S 14 54.80 -78.99 10.65
CA SER S 14 53.65 -79.82 10.97
C SER S 14 53.48 -80.98 10.00
N THR S 15 54.39 -81.14 9.04
CA THR S 15 54.38 -82.18 7.99
C THR S 15 53.05 -82.17 7.20
N GLN S 16 52.79 -81.04 6.54
CA GLN S 16 51.59 -80.84 5.75
C GLN S 16 51.98 -80.52 4.32
N CYS S 17 51.31 -81.14 3.37
CA CYS S 17 51.67 -81.05 1.96
C CYS S 17 50.59 -80.33 1.16
N ILE S 18 51.01 -79.61 0.12
CA ILE S 18 50.11 -79.02 -0.86
C ILE S 18 50.59 -79.42 -2.24
N PRO S 19 49.71 -79.50 -3.24
CA PRO S 19 50.18 -79.74 -4.61
C PRO S 19 50.99 -78.57 -5.14
N VAL S 20 51.93 -78.88 -6.05
CA VAL S 20 52.80 -77.87 -6.64
C VAL S 20 51.99 -76.95 -7.55
N SER S 21 50.93 -77.45 -8.17
CA SER S 21 50.07 -76.64 -9.03
C SER S 21 49.24 -75.63 -8.25
N TRP S 22 49.12 -75.77 -6.93
CA TRP S 22 48.37 -74.81 -6.12
C TRP S 22 49.28 -73.71 -5.57
N ARG S 23 50.02 -73.08 -6.47
CA ARG S 23 50.93 -72.00 -6.13
C ARG S 23 50.62 -70.81 -7.01
N CYS S 24 50.73 -69.61 -6.41
CA CYS S 24 50.33 -68.33 -7.03
C CYS S 24 48.88 -68.35 -7.50
N ASP S 25 48.02 -69.01 -6.71
CA ASP S 25 46.60 -69.08 -7.01
C ASP S 25 45.80 -67.94 -6.39
N GLY S 26 46.42 -67.12 -5.54
CA GLY S 26 45.76 -66.00 -4.93
C GLY S 26 45.18 -66.26 -3.56
N GLU S 27 45.46 -67.40 -2.95
CA GLU S 27 44.94 -67.70 -1.62
C GLU S 27 45.93 -68.56 -0.86
N ASN S 28 45.81 -68.54 0.47
CA ASN S 28 46.61 -69.39 1.33
C ASN S 28 46.00 -70.78 1.40
N ASP S 29 46.86 -71.81 1.38
CA ASP S 29 46.40 -73.19 1.34
C ASP S 29 47.07 -74.06 2.40
N CYS S 30 47.69 -73.46 3.41
CA CYS S 30 48.29 -74.19 4.51
C CYS S 30 47.77 -73.65 5.83
N ASP S 31 48.17 -74.31 6.92
CA ASP S 31 47.94 -73.76 8.25
C ASP S 31 48.83 -72.53 8.48
N SER S 32 50.01 -72.50 7.85
CA SER S 32 50.90 -71.36 7.92
C SER S 32 50.50 -70.31 6.88
N GLY S 33 51.28 -69.24 6.81
CA GLY S 33 51.01 -68.17 5.85
C GLY S 33 52.13 -67.94 4.87
N GLU S 34 52.84 -69.01 4.51
CA GLU S 34 53.97 -68.92 3.58
C GLU S 34 53.61 -69.35 2.17
N ASP S 35 52.32 -69.34 1.83
CA ASP S 35 51.86 -69.87 0.55
C ASP S 35 52.13 -68.93 -0.62
N GLU S 36 52.08 -67.62 -0.41
CA GLU S 36 52.05 -66.68 -1.52
C GLU S 36 53.28 -65.79 -1.60
N GLU S 37 54.46 -66.38 -1.42
CA GLU S 37 55.72 -65.66 -1.64
C GLU S 37 56.71 -66.61 -2.28
N ASN S 38 57.79 -66.02 -2.83
CA ASN S 38 58.85 -66.72 -3.56
C ASN S 38 58.29 -67.53 -4.74
N CYS S 39 57.37 -66.93 -5.46
CA CYS S 39 56.69 -67.57 -6.58
C CYS S 39 56.76 -66.68 -7.81
N GLY S 40 56.82 -67.31 -8.98
CA GLY S 40 56.99 -66.56 -10.21
C GLY S 40 55.70 -65.86 -10.62
N ASN S 41 55.86 -64.76 -11.35
CA ASN S 41 54.72 -63.96 -11.80
C ASN S 41 54.01 -64.65 -12.96
N ARG T 1 -57.85 -46.77 36.40
CA ARG T 1 -56.99 -47.85 36.87
C ARG T 1 -57.73 -49.18 36.86
N THR T 2 -57.73 -49.86 38.01
CA THR T 2 -58.30 -51.20 38.21
C THR T 2 -57.75 -52.20 37.19
N CYS T 3 -56.42 -52.29 37.13
CA CYS T 3 -55.74 -53.19 36.21
C CYS T 3 -55.64 -54.58 36.81
N ARG T 4 -54.90 -55.46 36.14
CA ARG T 4 -54.56 -56.75 36.72
C ARG T 4 -53.49 -56.58 37.78
N ILE T 5 -53.32 -57.62 38.61
CA ILE T 5 -52.40 -57.54 39.73
C ILE T 5 -50.93 -57.60 39.32
N HIS T 6 -50.64 -57.98 38.09
CA HIS T 6 -49.27 -58.04 37.59
C HIS T 6 -48.83 -56.76 36.88
N GLU T 7 -49.68 -55.73 36.85
CA GLU T 7 -49.37 -54.48 36.20
C GLU T 7 -49.70 -53.32 37.13
N ILE T 8 -49.00 -52.20 36.96
CA ILE T 8 -49.18 -51.01 37.79
C ILE T 8 -49.45 -49.82 36.87
N SER T 9 -50.46 -49.02 37.22
CA SER T 9 -50.80 -47.85 36.43
C SER T 9 -49.72 -46.77 36.58
N CYS T 10 -49.68 -45.88 35.58
CA CYS T 10 -48.70 -44.81 35.55
C CYS T 10 -49.41 -43.47 35.37
N GLY T 11 -48.80 -42.42 35.89
CA GLY T 11 -49.30 -41.06 35.70
C GLY T 11 -50.51 -40.63 36.50
N ALA T 12 -51.55 -41.48 36.57
CA ALA T 12 -52.85 -41.21 37.19
C ALA T 12 -53.52 -39.97 36.60
N HIS T 13 -53.33 -39.74 35.31
CA HIS T 13 -53.98 -38.65 34.59
C HIS T 13 -54.83 -39.15 33.44
N SER T 14 -54.30 -40.04 32.61
CA SER T 14 -55.05 -40.66 31.53
C SER T 14 -55.44 -42.11 31.83
N THR T 15 -55.06 -42.61 33.01
CA THR T 15 -55.29 -43.99 33.47
C THR T 15 -54.74 -45.01 32.48
N GLN T 16 -53.44 -44.91 32.25
CA GLN T 16 -52.72 -45.82 31.35
C GLN T 16 -51.94 -46.84 32.18
N CYS T 17 -51.88 -48.07 31.69
CA CYS T 17 -51.35 -49.20 32.44
C CYS T 17 -50.09 -49.72 31.78
N ILE T 18 -49.07 -50.01 32.59
CA ILE T 18 -47.81 -50.57 32.11
C ILE T 18 -47.43 -51.74 33.01
N PRO T 19 -46.62 -52.67 32.50
CA PRO T 19 -46.04 -53.69 33.38
C PRO T 19 -45.05 -53.08 34.37
N VAL T 20 -44.85 -53.79 35.49
CA VAL T 20 -44.04 -53.30 36.59
C VAL T 20 -42.56 -53.25 36.24
N SER T 21 -42.11 -54.11 35.31
CA SER T 21 -40.69 -54.28 35.02
C SER T 21 -40.05 -53.08 34.34
N TRP T 22 -40.84 -52.12 33.85
CA TRP T 22 -40.29 -50.94 33.18
C TRP T 22 -40.06 -49.81 34.18
N ARG T 23 -39.17 -50.07 35.14
CA ARG T 23 -38.83 -49.13 36.19
C ARG T 23 -37.41 -48.60 35.99
N CYS T 24 -37.29 -47.27 36.00
CA CYS T 24 -36.04 -46.50 35.86
C CYS T 24 -35.21 -46.95 34.64
N ASP T 25 -35.90 -47.23 33.53
CA ASP T 25 -35.26 -47.70 32.32
C ASP T 25 -34.59 -46.58 31.53
N GLY T 26 -34.82 -45.33 31.89
CA GLY T 26 -34.25 -44.20 31.18
C GLY T 26 -35.04 -43.71 30.00
N GLU T 27 -36.19 -44.31 29.71
CA GLU T 27 -37.03 -43.90 28.59
C GLU T 27 -38.33 -43.31 29.11
N ASN T 28 -38.66 -42.11 28.64
CA ASN T 28 -39.88 -41.41 29.06
C ASN T 28 -41.05 -42.05 28.35
N ASP T 29 -41.70 -43.01 29.02
CA ASP T 29 -42.79 -43.75 28.42
C ASP T 29 -44.11 -43.00 28.56
N CYS T 30 -44.53 -42.73 29.79
CA CYS T 30 -45.80 -42.07 30.02
C CYS T 30 -45.67 -40.56 29.83
N ASP T 31 -46.80 -39.87 29.87
CA ASP T 31 -46.81 -38.41 29.75
C ASP T 31 -46.20 -37.77 30.99
N SER T 32 -46.50 -38.30 32.17
CA SER T 32 -45.90 -37.83 33.40
C SER T 32 -44.61 -38.58 33.70
N GLY T 33 -43.67 -37.90 34.33
CA GLY T 33 -42.37 -38.47 34.62
C GLY T 33 -42.27 -39.19 35.95
N GLU T 34 -43.34 -39.88 36.34
CA GLU T 34 -43.33 -40.65 37.58
C GLU T 34 -42.77 -42.05 37.39
N ASP T 35 -42.60 -42.51 36.15
CA ASP T 35 -42.12 -43.86 35.89
C ASP T 35 -40.59 -43.98 35.95
N GLU T 36 -39.88 -42.86 35.92
CA GLU T 36 -38.42 -42.87 36.01
C GLU T 36 -37.92 -42.55 37.42
N GLU T 37 -38.83 -42.40 38.38
CA GLU T 37 -38.48 -42.03 39.74
C GLU T 37 -38.77 -43.19 40.68
N ASN T 38 -38.20 -43.09 41.90
CA ASN T 38 -38.38 -44.05 42.99
C ASN T 38 -37.94 -45.46 42.60
N CYS T 39 -36.82 -45.55 41.87
CA CYS T 39 -36.25 -46.83 41.51
C CYS T 39 -35.23 -47.28 42.56
N GLY T 40 -34.70 -48.49 42.36
CA GLY T 40 -33.74 -49.01 43.31
C GLY T 40 -32.39 -48.33 43.18
N ASN T 41 -31.62 -48.33 44.27
CA ASN T 41 -30.31 -47.69 44.29
C ASN T 41 -29.27 -48.62 43.67
#